data_7R4Q
#
_entry.id   7R4Q
#
_cell.length_a   1.00
_cell.length_b   1.00
_cell.length_c   1.00
_cell.angle_alpha   90.00
_cell.angle_beta   90.00
_cell.angle_gamma   90.00
#
_symmetry.space_group_name_H-M   'P 1'
#
loop_
_entity.id
_entity.type
_entity.pdbx_description
1 polymer 'Spike glycoprotein'
2 polymer 'Camel-derived nanobody 1.29'
3 branched 2-acetamido-2-deoxy-beta-D-glucopyranose-(1-4)-2-acetamido-2-deoxy-beta-D-glucopyranose
4 non-polymer 2-acetamido-2-deoxy-beta-D-glucopyranose
#
loop_
_entity_poly.entity_id
_entity_poly.type
_entity_poly.pdbx_seq_one_letter_code
_entity_poly.pdbx_strand_id
1 'polypeptide(L)'
;MFVFLVLLPLVSSQCVNLTTRTQLPPAYTNSFTRGVYYPDKVFRSSVLHSTQDLFLPFFSNVTWFHAIHVSGTNGTKRFD
NPVLPFNDGVYFASTEKSNIIRGWIFGTTLDSKTQSLLIVNNATNVVIKVCEFQFCNDPFLGVYYHKNNKSWMESEFRVY
SSANNCTFEYVSQPFLMDLEGKQGNFKNLREFVFKNIDGYFKIYSKHTPINLVRDLPQGFSALEPLVDLPIGINITRFQT
LLALHRSYLTPGDSSSGWTAGAAAYYVGYLQPRTFLLKYNENGTITDAVDCALDPLSETKCTLKSFTVEKGIYQTSNFRV
QPTESIVRFPNITNLCPFGEVFNATRFASVYAWNRKRISNCVADYSVLYNSASFSTFKCYGVSPTKLNDLCFTNVYADSF
VIRGDEVRQIAPGQTGKIADYNYKLPDDFTGCVIAWNSNNLDSKVGGNYNYLYRLFRKSNLKPFERDISTEIYQAGSTPC
NGVEGFNCYFPLQSYGFQPTNGVGYQPYRVVVLSFELLHAPATVCGPKKSTNLVKNKCVNFNFNGLTGTGVLTESNKKFL
PFQQFGRDIADTTDAVRDPQTLEILDITPCSFGGVSVITPGTNTSNQVAVLYQDVNCTEVPVAIHADQLTPTWRVYSTGS
NVFQTRAGCLIGAEHVNNSYECDIPIGAGICASYQTQTNSPGSASSVASQSIIAYTMSLGAENSVAYSNNSIAIPTNFTI
SVTTEILPVSMTKTSVDCTMYICGDSTECSNLLLQYGSFCTQLNRALTGIAVEQDKNTQEVFAQVKQIYKTPPIKDFGGF
NFSQILPDPSKPSKRSFIEDLLFNKVTLADAGFIKQYGDCLGDIAARDLICAQKFNGLTVLPPLLTDEMIAQYTSALLAG
TITSGWTFGAGAALQIPFAMQMAYRFNGIGVTQNVLYENQKLIANQFNSAIGKIQDSLSSTPSALGKLQDVVNQNAQALN
TLVKQLSSNFGAISSVLNDILSRLDPPEAEVQIDRLITGRLQSLQTYVTQQLIRAAEIRASANLAATKMSECVLGQSKRV
DFCGKGYHLMSFPQSAPHGVVFLHVTYVPAQEKNFTTAPAICHDGKAHFPREGVFVSNGTHWFVTQRNFYEPQIITTDNT
FVSGNCDVVIGIVNNTVYDPLQPELDSFKEELDKYFKNHTSPDVDLGDISGINASVVNIQKEIDRLNEVAKNLNESLIDL
QELGKYEQGSGSGYIPEAPRDGQAYVRKDGEWVLLSTFLGTENLYFQGDYKDDDDKGSHHHHHH
;
A,B,C
2 'polypeptide(L)'
;QVQLVESGGGSVQAGGSLRLSCAASGYTINTDAVAWFRQAPGKGDERVAVIYTGSGNTNYADSVKGRFTISQDNAKNTVY
LQMNSLKPEDTALYYCASGYYGASGYDFNNWGQGTQVTVSSALVPR
;
D,E
#
# COMPACT_ATOMS: atom_id res chain seq x y z
N GLN A 14 38.72 -47.30 33.04
CA GLN A 14 40.09 -46.79 32.98
C GLN A 14 40.39 -46.43 31.52
N CYS A 15 41.22 -45.41 31.34
CA CYS A 15 41.71 -44.98 30.04
C CYS A 15 43.23 -44.91 30.00
N VAL A 16 43.78 -45.22 28.84
CA VAL A 16 45.19 -45.07 28.52
C VAL A 16 45.31 -44.18 27.28
N ASN A 17 46.19 -43.22 27.37
CA ASN A 17 46.57 -42.32 26.28
C ASN A 17 47.65 -42.99 25.49
N LEU A 18 47.42 -43.23 24.19
CA LEU A 18 48.17 -44.17 23.42
C LEU A 18 49.38 -43.42 23.13
N THR A 19 50.48 -44.06 23.03
CA THR A 19 51.55 -43.38 22.38
C THR A 19 51.96 -44.11 21.08
N THR A 20 53.14 -43.77 20.57
CA THR A 20 53.56 -44.16 19.24
C THR A 20 52.58 -43.58 18.23
N ARG A 21 52.60 -42.25 18.10
CA ARG A 21 51.77 -41.50 17.15
C ARG A 21 52.60 -40.31 16.63
N THR A 22 52.89 -40.36 15.34
CA THR A 22 53.69 -39.33 14.71
C THR A 22 52.82 -38.11 14.53
N GLN A 23 53.45 -36.95 14.63
CA GLN A 23 52.83 -35.66 14.41
C GLN A 23 53.14 -35.13 13.02
N LEU A 24 52.09 -34.77 12.31
CA LEU A 24 52.15 -34.18 11.04
C LEU A 24 51.41 -32.85 11.22
N PRO A 25 51.47 -31.98 10.23
CA PRO A 25 50.66 -30.76 10.30
C PRO A 25 49.18 -31.04 10.49
N PRO A 26 48.31 -30.08 10.20
CA PRO A 26 47.05 -30.51 9.60
C PRO A 26 47.06 -30.54 8.08
N ALA A 27 46.21 -31.41 7.54
CA ALA A 27 45.89 -31.47 6.14
C ALA A 27 44.52 -30.89 5.86
N TYR A 28 44.33 -30.55 4.58
CA TYR A 28 43.07 -30.06 4.05
C TYR A 28 42.83 -30.59 2.62
N THR A 29 41.56 -30.65 2.25
CA THR A 29 41.15 -31.00 0.90
C THR A 29 39.98 -30.11 0.47
N ASN A 30 39.57 -30.28 -0.79
CA ASN A 30 38.47 -29.56 -1.43
C ASN A 30 37.24 -30.48 -1.49
N SER A 31 36.09 -29.92 -1.16
CA SER A 31 34.83 -30.64 -1.20
C SER A 31 34.05 -30.08 -2.39
N PHE A 32 33.72 -30.95 -3.33
CA PHE A 32 33.06 -30.58 -4.57
C PHE A 32 31.58 -30.91 -4.44
N THR A 33 30.75 -29.87 -4.38
CA THR A 33 29.31 -30.02 -4.30
C THR A 33 28.93 -31.16 -3.35
N ARG A 34 29.32 -31.03 -2.09
CA ARG A 34 29.04 -32.01 -1.06
C ARG A 34 28.43 -31.31 0.14
N GLY A 35 27.66 -32.09 0.90
CA GLY A 35 26.97 -31.53 2.04
C GLY A 35 25.67 -30.85 1.65
N VAL A 36 24.82 -31.56 0.90
CA VAL A 36 23.49 -31.11 0.56
C VAL A 36 22.49 -32.13 1.09
N TYR A 37 21.49 -31.64 1.80
CA TYR A 37 20.45 -32.48 2.36
C TYR A 37 19.10 -31.90 1.99
N TYR A 38 18.06 -32.51 2.51
CA TYR A 38 16.70 -32.02 2.35
C TYR A 38 16.43 -31.03 3.48
N PRO A 39 16.30 -29.73 3.20
CA PRO A 39 16.12 -28.78 4.31
C PRO A 39 14.89 -29.07 5.13
N ASP A 40 13.84 -29.55 4.51
CA ASP A 40 12.50 -29.75 5.03
C ASP A 40 11.98 -31.11 4.58
N LYS A 41 10.85 -31.47 5.17
CA LYS A 41 10.24 -32.76 5.00
C LYS A 41 9.11 -32.76 4.00
N VAL A 42 9.15 -31.79 3.09
CA VAL A 42 8.05 -31.45 2.20
C VAL A 42 8.44 -31.94 0.81
N PHE A 43 7.58 -32.82 0.22
CA PHE A 43 7.97 -33.54 -0.97
C PHE A 43 7.64 -32.48 -2.08
N ARG A 44 8.62 -32.25 -2.98
CA ARG A 44 8.54 -31.44 -4.20
C ARG A 44 9.18 -32.21 -5.37
N SER A 45 8.50 -32.15 -6.55
CA SER A 45 8.70 -33.00 -7.71
C SER A 45 8.75 -32.11 -8.95
N SER A 46 9.94 -32.04 -9.57
CA SER A 46 10.20 -31.35 -10.83
C SER A 46 10.31 -29.83 -10.69
N VAL A 47 10.80 -29.40 -9.54
CA VAL A 47 10.68 -28.02 -9.11
C VAL A 47 12.09 -27.49 -8.87
N LEU A 48 12.24 -26.16 -9.07
CA LEU A 48 13.49 -25.42 -8.81
C LEU A 48 13.30 -24.52 -7.58
N HIS A 49 13.55 -25.10 -6.42
CA HIS A 49 13.27 -24.47 -5.15
C HIS A 49 14.49 -23.72 -4.66
N SER A 50 14.27 -22.48 -4.24
CA SER A 50 15.22 -21.71 -3.45
C SER A 50 14.96 -21.94 -1.96
N THR A 51 16.02 -22.16 -1.21
CA THR A 51 15.90 -22.36 0.23
C THR A 51 17.13 -21.73 0.87
N GLN A 52 16.92 -20.99 1.95
CA GLN A 52 18.00 -20.45 2.76
C GLN A 52 18.12 -21.31 4.00
N ASP A 53 19.28 -21.93 4.20
CA ASP A 53 19.54 -22.70 5.40
C ASP A 53 21.04 -22.97 5.49
N LEU A 54 21.42 -23.64 6.57
CA LEU A 54 22.81 -23.94 6.87
C LEU A 54 23.28 -25.07 5.95
N PHE A 55 24.16 -24.74 5.01
CA PHE A 55 24.71 -25.70 4.07
C PHE A 55 26.22 -25.65 4.09
N LEU A 56 26.83 -26.61 3.40
CA LEU A 56 28.28 -26.67 3.21
C LEU A 56 28.63 -26.07 1.84
N PRO A 57 29.36 -24.95 1.78
CA PRO A 57 29.40 -24.22 0.51
C PRO A 57 30.05 -25.14 -0.53
N PHE A 58 29.66 -24.96 -1.78
CA PHE A 58 30.29 -25.73 -2.84
C PHE A 58 31.75 -25.34 -2.96
N PHE A 59 32.57 -26.32 -3.35
CA PHE A 59 33.99 -26.12 -3.59
C PHE A 59 34.65 -25.50 -2.37
N SER A 60 34.27 -26.05 -1.21
CA SER A 60 34.78 -25.64 0.07
C SER A 60 35.99 -26.50 0.44
N ASN A 61 36.75 -26.03 1.43
CA ASN A 61 37.86 -26.77 1.99
C ASN A 61 37.52 -27.38 3.35
N VAL A 62 37.75 -28.68 3.46
CA VAL A 62 37.31 -29.50 4.57
C VAL A 62 38.56 -30.13 5.16
N THR A 63 38.56 -30.35 6.49
CA THR A 63 39.78 -30.81 7.16
C THR A 63 39.90 -32.32 7.03
N TRP A 64 41.09 -32.78 6.63
CA TRP A 64 41.33 -34.16 6.27
C TRP A 64 42.08 -34.84 7.43
N PHE A 65 41.57 -36.01 7.87
CA PHE A 65 42.15 -36.81 8.96
C PHE A 65 42.41 -38.28 8.63
N HIS A 66 43.58 -38.83 9.00
CA HIS A 66 43.73 -39.91 8.09
C HIS A 66 43.76 -40.95 9.21
N ALA A 67 43.77 -42.32 8.90
CA ALA A 67 44.05 -43.47 9.81
C ALA A 67 44.60 -44.56 8.89
N ILE A 68 45.92 -44.63 8.77
CA ILE A 68 46.65 -45.46 7.83
C ILE A 68 47.68 -46.26 8.61
N HIS A 69 47.87 -47.53 8.21
CA HIS A 69 48.81 -48.47 8.81
C HIS A 69 50.26 -48.06 8.55
N VAL A 70 50.64 -48.06 7.28
CA VAL A 70 51.98 -47.90 6.70
C VAL A 70 52.97 -48.79 7.46
N THR A 76 54.30 -44.40 12.63
CA THR A 76 53.33 -43.32 12.47
C THR A 76 51.95 -43.74 12.98
N LYS A 77 51.18 -44.42 12.13
CA LYS A 77 49.89 -45.00 12.48
C LYS A 77 48.83 -43.92 12.58
N ARG A 78 49.26 -42.68 12.31
CA ARG A 78 48.42 -41.57 11.90
C ARG A 78 47.04 -41.57 12.52
N PHE A 79 47.00 -41.80 13.85
CA PHE A 79 45.74 -41.96 14.57
C PHE A 79 45.16 -40.60 14.92
N ASP A 80 44.20 -40.15 14.11
CA ASP A 80 43.63 -38.82 14.22
C ASP A 80 42.30 -38.91 14.93
N ASN A 81 42.19 -38.20 16.05
CA ASN A 81 40.91 -38.04 16.72
C ASN A 81 40.95 -36.76 17.55
N PRO A 82 41.24 -35.62 16.95
CA PRO A 82 41.36 -34.39 17.71
C PRO A 82 39.99 -33.86 18.12
N VAL A 83 40.01 -32.83 18.98
CA VAL A 83 38.81 -32.23 19.53
C VAL A 83 38.41 -31.00 18.71
N LEU A 84 37.50 -31.18 17.84
CA LEU A 84 37.18 -30.14 16.89
C LEU A 84 36.05 -29.26 17.39
N PRO A 85 36.04 -27.99 17.02
CA PRO A 85 34.92 -27.13 17.39
C PRO A 85 33.64 -27.61 16.73
N PHE A 86 32.50 -27.02 17.16
CA PHE A 86 31.17 -27.26 16.60
C PHE A 86 30.43 -25.92 16.56
N ASN A 87 30.59 -25.18 15.46
CA ASN A 87 30.10 -23.81 15.44
C ASN A 87 28.59 -23.78 15.28
N ASP A 88 28.10 -24.24 14.12
CA ASP A 88 26.68 -24.20 13.81
C ASP A 88 26.20 -25.48 13.12
N GLY A 89 27.01 -26.53 13.13
CA GLY A 89 26.76 -27.72 12.33
C GLY A 89 28.03 -28.24 11.69
N VAL A 90 28.06 -29.54 11.45
CA VAL A 90 29.22 -30.20 10.87
C VAL A 90 28.77 -31.18 9.81
N TYR A 91 29.47 -31.18 8.68
CA TYR A 91 29.35 -32.21 7.67
C TYR A 91 30.54 -33.16 7.84
N PHE A 92 30.25 -34.45 7.96
CA PHE A 92 31.26 -35.44 8.31
C PHE A 92 31.21 -36.56 7.28
N ALA A 93 32.26 -36.66 6.47
CA ALA A 93 32.38 -37.72 5.48
C ALA A 93 33.49 -38.69 5.88
N SER A 94 33.26 -39.96 5.56
CA SER A 94 34.16 -41.04 5.94
C SER A 94 34.31 -41.98 4.75
N THR A 95 35.53 -42.12 4.23
CA THR A 95 35.82 -43.16 3.25
C THR A 95 36.44 -44.34 3.99
N GLU A 96 35.68 -45.42 4.13
CA GLU A 96 36.09 -46.55 4.97
C GLU A 96 35.94 -47.86 4.23
N LYS A 97 36.57 -48.87 4.81
CA LYS A 97 36.76 -50.19 4.24
C LYS A 97 36.46 -51.28 5.26
N SER A 98 36.79 -51.02 6.52
CA SER A 98 36.73 -51.98 7.61
C SER A 98 36.02 -51.40 8.82
N ASN A 99 35.24 -50.34 8.63
CA ASN A 99 34.46 -49.72 9.69
C ASN A 99 35.36 -49.33 10.85
N ILE A 100 36.29 -48.42 10.56
CA ILE A 100 37.22 -47.93 11.56
C ILE A 100 36.56 -46.86 12.42
N ILE A 101 35.93 -45.86 11.78
CA ILE A 101 35.19 -44.85 12.53
C ILE A 101 33.92 -45.47 13.07
N ARG A 102 33.65 -45.26 14.35
CA ARG A 102 32.56 -45.92 15.05
C ARG A 102 31.47 -44.98 15.53
N GLY A 103 31.80 -43.73 15.85
CA GLY A 103 30.80 -42.84 16.42
C GLY A 103 31.36 -41.45 16.67
N TRP A 104 30.64 -40.70 17.51
CA TRP A 104 30.98 -39.32 17.78
C TRP A 104 30.58 -38.97 19.21
N ILE A 105 31.20 -37.91 19.70
CA ILE A 105 30.89 -37.34 21.01
C ILE A 105 30.81 -35.84 20.85
N PHE A 106 29.84 -35.23 21.53
CA PHE A 106 29.52 -33.82 21.46
C PHE A 106 29.22 -33.32 22.87
N GLY A 107 29.58 -32.07 23.10
CA GLY A 107 29.56 -31.53 24.44
C GLY A 107 29.95 -30.06 24.51
N THR A 108 30.35 -29.67 25.71
CA THR A 108 31.03 -28.41 25.95
C THR A 108 32.37 -28.63 26.64
N THR A 109 32.44 -29.41 27.71
CA THR A 109 33.62 -29.68 28.52
C THR A 109 34.07 -31.13 28.50
N LEU A 110 33.19 -32.09 28.23
CA LEU A 110 33.43 -33.52 28.04
C LEU A 110 33.90 -34.24 29.31
N ASP A 111 33.76 -33.60 30.47
CA ASP A 111 34.28 -34.13 31.73
C ASP A 111 33.22 -34.28 32.80
N SER A 112 31.99 -34.60 32.38
CA SER A 112 30.84 -34.79 33.28
C SER A 112 30.42 -33.55 34.05
N LYS A 113 31.05 -32.41 33.78
CA LYS A 113 30.63 -31.18 34.42
C LYS A 113 29.35 -30.65 33.79
N THR A 114 29.22 -30.91 32.47
CA THR A 114 28.20 -30.44 31.54
C THR A 114 27.76 -31.66 30.78
N GLN A 115 26.50 -31.64 30.36
CA GLN A 115 25.86 -32.76 29.68
C GLN A 115 26.38 -32.93 28.26
N SER A 116 26.90 -34.12 27.98
CA SER A 116 27.45 -34.46 26.68
C SER A 116 26.54 -35.46 26.02
N LEU A 117 26.84 -35.68 24.72
CA LEU A 117 26.21 -36.69 23.89
C LEU A 117 27.22 -37.65 23.28
N LEU A 118 26.85 -38.93 23.19
CA LEU A 118 27.71 -39.82 22.41
C LEU A 118 26.82 -40.73 21.57
N ILE A 119 27.27 -40.97 20.34
CA ILE A 119 26.66 -41.89 19.41
C ILE A 119 27.71 -42.91 19.01
N VAL A 120 27.51 -44.17 19.40
CA VAL A 120 28.49 -45.22 19.14
C VAL A 120 27.83 -46.36 18.40
N ASN A 121 28.63 -47.08 17.60
CA ASN A 121 28.21 -48.27 16.86
C ASN A 121 29.22 -49.38 17.16
N ASN A 122 29.02 -50.05 18.28
CA ASN A 122 29.88 -51.14 18.66
C ASN A 122 29.53 -52.37 17.83
N ALA A 123 30.18 -53.49 18.15
CA ALA A 123 30.05 -54.69 17.33
C ALA A 123 28.63 -55.25 17.31
N THR A 124 27.79 -54.87 18.27
CA THR A 124 26.48 -55.46 18.44
C THR A 124 25.32 -54.50 18.23
N ASN A 125 25.42 -53.30 18.79
CA ASN A 125 24.32 -52.36 18.97
C ASN A 125 24.73 -51.00 18.43
N VAL A 126 23.74 -50.11 18.31
CA VAL A 126 23.96 -48.69 18.13
C VAL A 126 23.44 -47.98 19.38
N VAL A 127 24.36 -47.41 20.11
CA VAL A 127 24.08 -46.72 21.35
C VAL A 127 23.98 -45.24 21.04
N ILE A 128 23.01 -44.59 21.65
CA ILE A 128 22.92 -43.13 21.63
C ILE A 128 22.53 -42.70 23.04
N LYS A 129 23.48 -42.07 23.71
CA LYS A 129 23.29 -41.67 25.09
C LYS A 129 23.43 -40.16 25.12
N VAL A 130 22.62 -39.49 25.91
CA VAL A 130 22.90 -38.12 26.33
C VAL A 130 23.04 -38.19 27.83
N CYS A 131 24.30 -38.17 28.22
CA CYS A 131 24.67 -38.44 29.58
C CYS A 131 25.92 -37.64 29.95
N GLU A 132 26.15 -37.56 31.25
CA GLU A 132 27.23 -36.80 31.83
C GLU A 132 28.37 -37.81 31.92
N PHE A 133 29.09 -37.91 30.82
CA PHE A 133 30.26 -38.77 30.73
C PHE A 133 31.51 -38.00 31.16
N GLN A 134 32.40 -38.73 31.83
CA GLN A 134 33.70 -38.23 32.14
C GLN A 134 34.58 -38.72 31.01
N PHE A 135 34.47 -38.02 29.88
CA PHE A 135 35.21 -38.38 28.69
C PHE A 135 36.70 -38.14 28.95
N CYS A 136 37.49 -39.12 28.60
CA CYS A 136 38.92 -39.08 28.81
C CYS A 136 39.53 -38.46 27.56
N ASN A 137 40.85 -38.30 27.58
CA ASN A 137 41.48 -37.52 26.53
C ASN A 137 41.45 -38.27 25.20
N ASP A 138 41.60 -39.59 25.24
CA ASP A 138 41.67 -40.41 24.05
C ASP A 138 40.60 -41.48 24.10
N PRO A 139 39.35 -41.12 23.83
CA PRO A 139 38.31 -42.13 23.66
C PRO A 139 38.51 -42.94 22.38
N PHE A 140 38.28 -44.24 22.48
CA PHE A 140 38.37 -45.08 21.29
C PHE A 140 37.77 -46.45 21.50
N LEU A 141 37.91 -47.37 20.44
CA LEU A 141 37.28 -48.65 20.86
C LEU A 141 38.53 -49.53 20.39
N GLY A 142 38.58 -50.78 20.86
CA GLY A 142 39.61 -51.68 20.46
C GLY A 142 39.16 -53.06 20.01
N VAL A 143 39.54 -53.47 18.79
CA VAL A 143 39.20 -54.77 18.22
C VAL A 143 40.40 -55.70 18.38
N TYR A 144 40.12 -56.96 18.73
CA TYR A 144 41.15 -57.97 18.90
C TYR A 144 41.03 -59.03 17.81
N TYR A 145 42.15 -59.34 17.17
CA TYR A 145 42.22 -60.31 16.08
C TYR A 145 42.92 -61.56 16.58
N HIS A 146 42.35 -62.72 16.27
CA HIS A 146 42.85 -64.00 16.75
C HIS A 146 43.49 -64.76 15.59
N LYS A 147 44.76 -65.10 15.75
CA LYS A 147 45.45 -65.89 14.72
C LYS A 147 45.10 -67.37 14.85
N ASN A 148 44.88 -67.84 16.08
CA ASN A 148 44.54 -69.24 16.28
C ASN A 148 43.34 -69.62 15.43
N ASN A 149 42.29 -68.82 15.50
CA ASN A 149 41.23 -68.82 14.51
C ASN A 149 40.98 -67.38 14.12
N LYS A 150 41.16 -67.08 12.84
CA LYS A 150 40.99 -65.72 12.33
C LYS A 150 39.58 -65.23 12.59
N SER A 151 39.49 -64.26 13.49
CA SER A 151 38.22 -63.68 13.88
C SER A 151 38.51 -62.33 14.52
N TRP A 152 37.71 -61.33 14.17
CA TRP A 152 37.80 -60.00 14.74
C TRP A 152 36.53 -59.69 15.53
N MET A 153 36.71 -59.12 16.71
CA MET A 153 35.55 -58.71 17.49
C MET A 153 35.97 -57.69 18.54
N GLU A 154 35.03 -56.86 18.94
CA GLU A 154 35.30 -55.80 19.89
C GLU A 154 35.82 -56.38 21.21
N SER A 155 36.91 -55.81 21.70
CA SER A 155 37.58 -56.24 22.92
C SER A 155 37.53 -55.17 23.99
N GLU A 156 37.79 -53.92 23.61
CA GLU A 156 37.89 -52.80 24.55
C GLU A 156 36.93 -51.71 24.13
N PHE A 157 36.46 -50.95 25.13
CA PHE A 157 35.58 -49.80 24.94
C PHE A 157 36.05 -48.74 25.95
N ARG A 158 37.03 -47.93 25.55
CA ARG A 158 37.62 -46.88 26.40
C ARG A 158 37.15 -45.56 25.86
N VAL A 159 36.14 -44.98 26.49
CA VAL A 159 35.67 -43.64 26.17
C VAL A 159 35.49 -42.77 27.41
N TYR A 160 34.97 -43.33 28.51
CA TYR A 160 34.18 -42.51 29.42
C TYR A 160 34.42 -43.19 30.77
N SER A 161 34.49 -42.43 31.85
CA SER A 161 34.80 -43.05 33.12
C SER A 161 33.58 -43.31 33.96
N SER A 162 32.66 -42.35 33.99
CA SER A 162 31.61 -42.27 34.98
C SER A 162 30.48 -41.44 34.41
N ALA A 163 29.27 -41.74 34.91
CA ALA A 163 28.01 -41.19 34.40
C ALA A 163 26.86 -41.46 35.37
N ASN A 164 26.39 -40.37 36.02
CA ASN A 164 25.58 -40.40 37.22
C ASN A 164 24.17 -39.91 36.94
N ASN A 165 24.06 -38.70 36.41
CA ASN A 165 22.83 -38.03 36.05
C ASN A 165 22.74 -38.07 34.55
N CYS A 166 21.64 -38.64 34.07
CA CYS A 166 21.26 -38.49 32.67
C CYS A 166 19.86 -39.03 32.35
N THR A 167 19.35 -38.59 31.18
CA THR A 167 17.93 -38.51 30.94
C THR A 167 17.53 -39.32 29.69
N PHE A 168 18.38 -39.29 28.63
CA PHE A 168 18.08 -39.86 27.31
C PHE A 168 19.06 -40.95 26.92
N GLU A 169 18.52 -42.12 26.68
CA GLU A 169 19.27 -43.26 26.19
C GLU A 169 18.48 -43.85 25.04
N TYR A 170 19.19 -44.54 24.15
CA TYR A 170 18.60 -45.36 23.11
C TYR A 170 19.51 -46.46 22.70
N VAL A 171 18.97 -47.67 22.64
CA VAL A 171 19.78 -48.76 22.17
C VAL A 171 18.99 -49.57 21.13
N SER A 172 19.66 -49.83 19.98
CA SER A 172 19.11 -50.48 18.81
C SER A 172 19.27 -51.99 18.90
N GLN A 173 18.38 -52.67 18.19
CA GLN A 173 18.21 -54.11 18.26
C GLN A 173 19.51 -54.82 17.87
N PRO A 174 20.04 -55.72 18.70
CA PRO A 174 21.38 -56.22 18.48
C PRO A 174 21.52 -56.83 17.10
N PHE A 175 22.70 -56.59 16.51
CA PHE A 175 23.11 -57.11 15.23
C PHE A 175 24.54 -57.64 15.38
N LEU A 176 25.03 -58.22 14.27
CA LEU A 176 26.40 -58.76 14.17
C LEU A 176 27.18 -58.02 13.09
N MET A 177 28.35 -57.49 13.47
CA MET A 177 29.02 -56.47 12.69
C MET A 177 30.36 -57.07 12.27
N ASP A 178 30.87 -56.62 11.11
CA ASP A 178 32.03 -57.28 10.50
C ASP A 178 33.26 -57.22 11.40
N LEU A 179 33.77 -56.01 11.63
CA LEU A 179 34.95 -55.69 12.43
C LEU A 179 36.25 -56.18 11.84
N GLU A 180 36.23 -56.91 10.71
CA GLU A 180 37.45 -57.48 10.17
C GLU A 180 38.13 -56.46 9.27
N GLY A 181 39.46 -56.47 9.31
CA GLY A 181 40.27 -55.54 8.56
C GLY A 181 40.65 -56.03 7.17
N LYS A 182 39.98 -55.50 6.16
CA LYS A 182 40.27 -55.87 4.79
C LYS A 182 41.47 -55.08 4.32
N GLN A 183 42.00 -55.55 3.19
CA GLN A 183 43.02 -54.90 2.37
C GLN A 183 42.50 -54.46 1.01
N GLY A 184 42.96 -53.33 0.51
CA GLY A 184 42.59 -52.64 -0.70
C GLY A 184 42.33 -51.15 -0.48
N ASN A 185 41.69 -50.58 -1.48
CA ASN A 185 41.21 -49.22 -1.39
C ASN A 185 39.87 -49.11 -0.65
N PHE A 186 39.55 -47.89 -0.23
CA PHE A 186 38.29 -47.57 0.44
C PHE A 186 37.10 -47.87 -0.48
N LYS A 187 36.00 -48.29 0.15
CA LYS A 187 34.81 -48.71 -0.59
C LYS A 187 33.57 -47.96 -0.16
N ASN A 188 33.43 -47.63 1.11
CA ASN A 188 32.18 -47.12 1.60
C ASN A 188 32.35 -45.64 1.97
N LEU A 189 31.46 -44.82 1.42
CA LEU A 189 31.37 -43.42 1.77
C LEU A 189 30.17 -43.20 2.67
N ARG A 190 30.43 -42.67 3.85
CA ARG A 190 29.40 -42.37 4.82
C ARG A 190 29.38 -40.85 5.01
N GLU A 191 28.29 -40.18 4.61
CA GLU A 191 28.15 -38.73 4.75
C GLU A 191 27.15 -38.35 5.79
N PHE A 192 27.61 -37.40 6.70
CA PHE A 192 26.60 -37.35 7.80
C PHE A 192 26.54 -35.83 7.95
N VAL A 193 25.38 -35.31 8.39
CA VAL A 193 25.24 -33.86 8.71
C VAL A 193 24.64 -33.74 10.12
N PHE A 194 25.38 -33.12 11.01
CA PHE A 194 24.98 -32.76 12.36
C PHE A 194 24.63 -31.29 12.48
N LYS A 195 23.47 -31.04 13.09
CA LYS A 195 22.99 -29.71 13.39
C LYS A 195 22.29 -29.73 14.75
N ASN A 196 22.33 -28.58 15.40
CA ASN A 196 21.84 -28.42 16.77
C ASN A 196 21.08 -27.09 16.76
N ILE A 197 19.75 -27.15 16.77
CA ILE A 197 18.89 -26.00 16.52
C ILE A 197 17.50 -26.28 17.11
N ASP A 198 16.90 -25.22 17.65
CA ASP A 198 15.63 -25.29 18.37
C ASP A 198 15.66 -26.41 19.44
N GLY A 199 16.84 -26.71 19.96
CA GLY A 199 16.96 -27.77 20.94
C GLY A 199 16.76 -29.13 20.36
N TYR A 200 16.93 -29.24 19.04
CA TYR A 200 16.90 -30.48 18.30
C TYR A 200 18.24 -30.80 17.63
N PHE A 201 18.76 -31.99 17.92
CA PHE A 201 19.97 -32.49 17.29
C PHE A 201 19.53 -33.31 16.08
N LYS A 202 19.82 -32.76 14.90
CA LYS A 202 19.34 -33.27 13.63
C LYS A 202 20.49 -33.95 12.88
N ILE A 203 20.32 -35.24 12.61
CA ILE A 203 21.35 -36.06 11.97
C ILE A 203 20.82 -36.54 10.63
N TYR A 204 21.45 -36.07 9.55
CA TYR A 204 21.18 -36.52 8.19
C TYR A 204 22.36 -37.33 7.68
N SER A 205 22.05 -38.44 7.00
CA SER A 205 23.06 -39.46 6.70
C SER A 205 22.79 -39.99 5.28
N LYS A 206 23.85 -40.54 4.65
CA LYS A 206 23.66 -41.31 3.41
C LYS A 206 24.98 -41.80 2.83
N HIS A 207 24.85 -42.75 1.91
CA HIS A 207 25.83 -43.77 1.90
C HIS A 207 25.89 -44.52 0.59
N THR A 208 27.14 -44.70 0.13
CA THR A 208 27.44 -44.78 -1.30
C THR A 208 28.70 -45.58 -1.54
N PRO A 209 28.63 -46.58 -2.41
CA PRO A 209 29.80 -47.39 -2.70
C PRO A 209 30.70 -46.56 -3.60
N ILE A 210 32.00 -46.58 -3.27
CA ILE A 210 33.02 -45.83 -3.99
C ILE A 210 34.15 -46.78 -4.38
N ASN A 211 34.82 -46.43 -5.48
CA ASN A 211 36.01 -47.10 -5.96
C ASN A 211 37.18 -46.17 -6.13
N LEU A 212 37.45 -45.35 -5.13
CA LEU A 212 38.60 -44.49 -5.17
C LEU A 212 39.67 -45.18 -4.34
N VAL A 213 40.85 -44.54 -4.34
CA VAL A 213 42.02 -44.95 -3.54
C VAL A 213 42.29 -43.96 -2.36
N ARG A 214 42.38 -42.64 -2.63
CA ARG A 214 42.58 -41.64 -1.57
C ARG A 214 42.07 -40.26 -2.01
N ASP A 215 40.83 -39.95 -1.63
CA ASP A 215 40.20 -38.66 -1.92
C ASP A 215 38.75 -38.71 -1.47
N LEU A 216 37.96 -37.64 -1.71
CA LEU A 216 36.65 -37.77 -1.13
C LEU A 216 35.90 -37.49 -2.43
N PRO A 217 35.11 -38.39 -3.00
CA PRO A 217 34.71 -38.22 -4.40
C PRO A 217 34.17 -36.82 -4.70
N GLN A 218 34.02 -36.53 -6.00
CA GLN A 218 33.21 -35.40 -6.44
C GLN A 218 31.76 -35.91 -6.52
N GLY A 219 30.90 -35.17 -7.18
CA GLY A 219 29.61 -35.67 -7.50
C GLY A 219 28.58 -35.02 -6.61
N PHE A 220 27.36 -35.43 -6.85
CA PHE A 220 26.23 -34.93 -6.12
C PHE A 220 25.61 -36.12 -5.39
N SER A 221 25.12 -35.89 -4.18
CA SER A 221 24.27 -36.85 -3.50
C SER A 221 23.60 -36.10 -2.35
N ALA A 222 22.28 -36.07 -2.36
CA ALA A 222 21.52 -35.37 -1.35
C ALA A 222 21.37 -36.27 -0.14
N LEU A 223 21.76 -35.77 1.02
CA LEU A 223 21.56 -36.52 2.26
C LEU A 223 20.12 -36.44 2.69
N GLU A 224 19.62 -37.54 3.19
CA GLU A 224 18.29 -37.54 3.71
C GLU A 224 18.31 -37.56 5.23
N PRO A 225 17.33 -36.97 5.90
CA PRO A 225 17.38 -36.98 7.36
C PRO A 225 17.25 -38.41 7.89
N LEU A 226 17.95 -38.66 9.00
CA LEU A 226 17.92 -39.96 9.70
C LEU A 226 17.25 -39.94 11.06
N VAL A 227 17.49 -38.90 11.86
CA VAL A 227 16.89 -38.82 13.19
C VAL A 227 16.88 -37.36 13.60
N ASP A 228 16.07 -37.06 14.62
CA ASP A 228 15.89 -35.73 15.17
C ASP A 228 15.74 -35.99 16.68
N LEU A 229 16.85 -35.87 17.40
CA LEU A 229 16.86 -36.20 18.83
C LEU A 229 16.39 -35.07 19.76
N PRO A 230 15.35 -35.27 20.66
CA PRO A 230 14.99 -33.99 21.09
C PRO A 230 15.88 -33.78 22.32
N ILE A 231 17.13 -33.35 22.20
CA ILE A 231 17.99 -33.29 23.38
C ILE A 231 18.03 -31.89 24.00
N GLY A 232 18.34 -30.89 23.23
CA GLY A 232 18.35 -29.56 23.71
C GLY A 232 19.46 -29.42 24.72
N ILE A 233 20.69 -29.60 24.28
CA ILE A 233 21.86 -29.30 25.07
C ILE A 233 22.66 -28.26 24.31
N ASN A 234 23.79 -27.92 24.87
CA ASN A 234 24.59 -26.83 24.40
C ASN A 234 25.89 -27.46 23.88
N ILE A 235 25.99 -27.62 22.56
CA ILE A 235 27.13 -28.27 21.92
C ILE A 235 28.01 -27.18 21.30
N THR A 236 29.30 -27.24 21.65
CA THR A 236 30.27 -26.34 21.04
C THR A 236 31.45 -27.10 20.45
N ARG A 237 31.83 -28.24 21.03
CA ARG A 237 32.89 -29.06 20.49
C ARG A 237 32.44 -30.52 20.42
N PHE A 238 33.15 -31.27 19.57
CA PHE A 238 32.88 -32.67 19.34
C PHE A 238 34.17 -33.41 18.99
N GLN A 239 34.12 -34.73 19.07
CA GLN A 239 35.20 -35.59 18.63
C GLN A 239 34.62 -36.85 17.98
N THR A 240 35.44 -37.44 17.10
CA THR A 240 35.10 -38.70 16.45
C THR A 240 35.69 -39.82 17.27
N LEU A 241 35.13 -41.02 17.12
CA LEU A 241 35.74 -42.16 17.80
C LEU A 241 35.61 -43.44 17.00
N LEU A 242 36.78 -44.05 16.81
CA LEU A 242 37.12 -44.97 15.75
C LEU A 242 37.87 -46.12 16.40
N ALA A 243 37.92 -47.25 15.70
CA ALA A 243 38.44 -48.47 16.29
C ALA A 243 39.89 -48.68 15.89
N LEU A 244 40.63 -49.37 16.76
CA LEU A 244 42.00 -49.77 16.48
C LEU A 244 42.09 -51.28 16.51
N HIS A 245 43.12 -51.80 15.86
CA HIS A 245 43.34 -53.22 15.72
C HIS A 245 44.44 -53.67 16.67
N ARG A 246 44.25 -54.84 17.27
CA ARG A 246 45.25 -55.45 18.13
C ARG A 246 45.23 -56.97 17.93
N SER A 247 46.42 -57.56 18.04
CA SER A 247 46.54 -59.00 17.96
C SER A 247 47.86 -59.47 18.58
N GLY A 252 52.45 -55.34 21.95
CA GLY A 252 53.17 -54.25 22.55
C GLY A 252 52.57 -54.00 23.90
N ASP A 253 52.81 -52.83 24.48
CA ASP A 253 52.30 -52.45 25.78
C ASP A 253 50.85 -51.98 25.61
N SER A 254 50.33 -51.33 26.66
CA SER A 254 48.95 -50.85 26.66
C SER A 254 48.78 -49.64 25.75
N SER A 255 49.85 -48.85 25.60
CA SER A 255 49.85 -47.65 24.78
C SER A 255 50.72 -47.78 23.51
N SER A 256 51.25 -48.97 23.20
CA SER A 256 52.04 -49.11 22.00
C SER A 256 51.52 -50.23 21.11
N GLY A 257 51.07 -51.33 21.71
CA GLY A 257 50.50 -52.42 20.98
C GLY A 257 49.10 -52.20 20.41
N TRP A 258 49.05 -51.47 19.30
CA TRP A 258 47.82 -51.25 18.56
C TRP A 258 48.13 -50.81 17.12
N THR A 259 47.30 -51.24 16.20
CA THR A 259 47.37 -50.84 14.80
C THR A 259 46.20 -49.90 14.49
N ALA A 260 46.33 -49.13 13.40
CA ALA A 260 45.31 -48.17 13.00
C ALA A 260 44.23 -48.80 12.10
N GLY A 261 44.64 -49.30 10.95
CA GLY A 261 43.72 -49.73 9.95
C GLY A 261 43.38 -48.60 8.98
N ALA A 262 43.42 -48.91 7.69
CA ALA A 262 43.08 -47.93 6.65
C ALA A 262 41.74 -47.27 6.93
N ALA A 263 41.72 -45.93 6.82
CA ALA A 263 40.51 -45.14 7.02
C ALA A 263 40.81 -43.65 6.89
N ALA A 264 39.80 -42.90 6.44
CA ALA A 264 39.95 -41.46 6.23
C ALA A 264 38.60 -40.79 6.47
N TYR A 265 38.65 -39.57 6.98
CA TYR A 265 37.43 -38.82 7.27
C TYR A 265 37.75 -37.32 7.20
N TYR A 266 36.74 -36.56 6.77
CA TYR A 266 36.78 -35.19 6.31
C TYR A 266 35.76 -34.42 7.10
N VAL A 267 36.06 -33.20 7.54
CA VAL A 267 35.18 -32.44 8.41
C VAL A 267 34.93 -31.06 7.84
N GLY A 268 33.65 -30.71 7.71
CA GLY A 268 33.25 -29.39 7.26
C GLY A 268 32.21 -28.78 8.18
N TYR A 269 31.97 -27.50 7.93
CA TYR A 269 31.52 -26.49 8.90
C TYR A 269 30.48 -25.60 8.29
N LEU A 270 29.23 -25.88 8.65
CA LEU A 270 28.09 -25.35 7.92
C LEU A 270 27.89 -23.88 8.21
N GLN A 271 27.45 -23.17 7.17
CA GLN A 271 27.18 -21.74 7.23
C GLN A 271 25.90 -21.41 6.50
N PRO A 272 25.23 -20.33 6.92
CA PRO A 272 23.91 -19.97 6.36
C PRO A 272 24.04 -19.53 4.91
N ARG A 273 23.44 -20.30 4.01
CA ARG A 273 23.55 -20.04 2.59
C ARG A 273 22.21 -20.26 1.89
N THR A 274 21.97 -19.44 0.87
CA THR A 274 21.04 -19.76 -0.21
C THR A 274 21.59 -20.74 -1.23
N PHE A 275 20.82 -21.80 -1.44
CA PHE A 275 21.01 -22.85 -2.42
C PHE A 275 19.74 -22.94 -3.25
N LEU A 276 19.85 -23.26 -4.53
CA LEU A 276 18.67 -23.36 -5.36
C LEU A 276 18.73 -24.84 -5.76
N LEU A 277 17.84 -25.63 -5.16
CA LEU A 277 17.78 -27.07 -5.37
C LEU A 277 16.91 -27.38 -6.58
N LYS A 278 17.18 -28.55 -7.18
CA LYS A 278 16.41 -29.14 -8.28
C LYS A 278 15.96 -30.52 -7.82
N TYR A 279 14.69 -30.76 -7.94
CA TYR A 279 14.16 -32.07 -7.73
C TYR A 279 14.03 -32.70 -9.12
N ASN A 280 13.82 -34.01 -9.10
CA ASN A 280 13.52 -34.83 -10.27
C ASN A 280 12.01 -34.72 -10.61
N GLU A 281 11.50 -35.60 -11.48
CA GLU A 281 10.09 -36.02 -11.50
C GLU A 281 9.76 -36.79 -10.23
N ASN A 282 10.75 -37.29 -9.51
CA ASN A 282 10.70 -37.87 -8.18
C ASN A 282 10.82 -36.72 -7.16
N GLY A 283 11.01 -37.05 -5.90
CA GLY A 283 11.29 -36.20 -4.77
C GLY A 283 12.72 -36.02 -4.39
N THR A 284 13.60 -36.73 -5.05
CA THR A 284 15.03 -36.75 -4.79
C THR A 284 15.79 -35.63 -5.48
N ILE A 285 16.65 -35.00 -4.68
CA ILE A 285 17.33 -33.77 -5.04
C ILE A 285 18.52 -34.19 -5.89
N THR A 286 18.41 -33.88 -7.19
CA THR A 286 19.33 -34.20 -8.27
C THR A 286 20.22 -33.08 -8.78
N ASP A 287 20.08 -31.84 -8.33
CA ASP A 287 21.17 -30.88 -8.50
C ASP A 287 20.91 -29.63 -7.68
N ALA A 288 21.99 -29.03 -7.21
CA ALA A 288 21.91 -27.78 -6.46
C ALA A 288 23.01 -26.82 -6.88
N VAL A 289 22.75 -25.53 -6.63
CA VAL A 289 23.67 -24.45 -6.95
C VAL A 289 23.72 -23.47 -5.79
N ASP A 290 24.92 -23.10 -5.36
CA ASP A 290 25.13 -22.12 -4.29
C ASP A 290 25.12 -20.71 -4.86
N CYS A 291 24.14 -19.91 -4.44
CA CYS A 291 23.94 -18.58 -4.99
C CYS A 291 25.09 -17.64 -4.69
N ALA A 292 25.85 -17.89 -3.62
CA ALA A 292 26.93 -17.01 -3.21
C ALA A 292 28.29 -17.51 -3.69
N LEU A 293 28.30 -18.47 -4.61
CA LEU A 293 29.56 -19.04 -5.08
C LEU A 293 30.18 -18.22 -6.21
N ASP A 294 29.50 -18.16 -7.36
CA ASP A 294 30.00 -17.38 -8.50
C ASP A 294 28.87 -16.71 -9.24
N PRO A 295 29.17 -15.72 -10.09
CA PRO A 295 28.12 -14.95 -10.75
C PRO A 295 27.18 -15.80 -11.59
N LEU A 296 27.66 -16.91 -12.18
CA LEU A 296 26.80 -17.64 -13.10
C LEU A 296 25.72 -18.33 -12.30
N SER A 297 26.10 -18.87 -11.13
CA SER A 297 25.12 -19.45 -10.23
C SER A 297 24.18 -18.37 -9.70
N GLU A 298 24.70 -17.18 -9.40
CA GLU A 298 23.86 -16.15 -8.83
C GLU A 298 22.76 -15.77 -9.82
N THR A 299 23.14 -15.44 -11.06
CA THR A 299 22.22 -15.47 -12.20
C THR A 299 21.30 -16.70 -12.29
N LYS A 300 21.81 -17.91 -12.10
CA LYS A 300 20.93 -19.06 -12.25
C LYS A 300 19.78 -18.98 -11.25
N CYS A 301 20.12 -18.60 -10.01
CA CYS A 301 19.07 -18.47 -9.02
C CYS A 301 18.19 -17.27 -9.31
N THR A 302 18.78 -16.17 -9.73
CA THR A 302 17.97 -14.99 -10.03
C THR A 302 16.90 -15.34 -11.05
N LEU A 303 17.21 -16.20 -12.01
CA LEU A 303 16.22 -16.60 -13.01
C LEU A 303 15.39 -17.80 -12.59
N LYS A 304 15.74 -18.43 -11.48
CA LYS A 304 15.21 -19.75 -11.17
C LYS A 304 15.09 -20.61 -12.43
N SER A 305 16.26 -20.93 -12.99
CA SER A 305 16.41 -21.88 -14.09
C SER A 305 17.89 -22.18 -14.29
N PHE A 306 18.21 -23.47 -14.45
CA PHE A 306 19.59 -23.93 -14.56
C PHE A 306 20.16 -23.69 -15.94
N THR A 307 19.34 -23.23 -16.88
CA THR A 307 19.76 -22.96 -18.24
C THR A 307 19.43 -21.51 -18.58
N VAL A 308 20.52 -20.79 -18.73
CA VAL A 308 20.72 -19.38 -19.05
C VAL A 308 20.78 -19.01 -20.52
N GLU A 309 19.85 -18.13 -20.92
CA GLU A 309 19.86 -17.61 -22.26
C GLU A 309 20.93 -16.55 -22.37
N LYS A 310 21.52 -16.48 -23.56
CA LYS A 310 22.52 -15.47 -23.88
C LYS A 310 21.95 -14.07 -23.75
N GLY A 311 22.59 -13.27 -22.91
CA GLY A 311 22.18 -11.89 -22.68
C GLY A 311 22.89 -11.31 -21.48
N ILE A 312 22.31 -10.24 -20.96
CA ILE A 312 22.75 -9.59 -19.73
C ILE A 312 21.57 -9.54 -18.76
N TYR A 313 21.79 -10.01 -17.54
CA TYR A 313 20.78 -10.02 -16.51
C TYR A 313 21.28 -9.27 -15.28
N GLN A 314 20.39 -8.53 -14.64
CA GLN A 314 20.77 -7.65 -13.55
C GLN A 314 20.45 -8.43 -12.27
N THR A 315 21.48 -8.96 -11.60
CA THR A 315 21.30 -9.97 -10.57
C THR A 315 21.16 -9.39 -9.18
N SER A 316 22.08 -8.52 -8.80
CA SER A 316 22.16 -7.98 -7.47
C SER A 316 22.68 -6.57 -7.58
N ASN A 317 22.89 -5.96 -6.42
CA ASN A 317 23.38 -4.60 -6.28
C ASN A 317 24.53 -4.59 -5.28
N PHE A 318 25.67 -4.04 -5.70
CA PHE A 318 26.81 -3.87 -4.82
C PHE A 318 26.87 -2.52 -4.15
N ARG A 319 27.00 -2.65 -2.84
CA ARG A 319 27.10 -1.62 -1.84
C ARG A 319 28.46 -1.70 -1.17
N VAL A 320 28.84 -0.56 -0.61
CA VAL A 320 30.07 -0.38 0.14
C VAL A 320 29.69 -0.16 1.59
N GLN A 321 30.20 -1.00 2.48
CA GLN A 321 30.03 -0.78 3.91
C GLN A 321 31.06 0.26 4.36
N PRO A 322 30.60 1.39 4.94
CA PRO A 322 31.54 2.48 5.29
C PRO A 322 32.72 2.05 6.15
N THR A 323 33.79 2.83 6.16
CA THR A 323 34.95 2.55 7.00
C THR A 323 35.39 3.82 7.73
N GLU A 324 36.06 3.61 8.87
CA GLU A 324 36.65 4.69 9.67
C GLU A 324 35.57 5.70 10.10
N SER A 325 34.64 5.22 10.91
CA SER A 325 33.59 6.08 11.44
C SER A 325 34.18 7.20 12.28
N ILE A 326 33.61 8.40 12.18
CA ILE A 326 34.12 9.59 12.84
C ILE A 326 32.97 10.37 13.45
N VAL A 327 33.23 10.96 14.63
CA VAL A 327 32.30 11.87 15.29
C VAL A 327 33.06 13.15 15.60
N ARG A 328 32.49 14.30 15.23
CA ARG A 328 33.14 15.61 15.39
C ARG A 328 32.13 16.57 16.05
N PHE A 329 32.22 16.71 17.39
CA PHE A 329 31.22 17.41 18.20
C PHE A 329 31.61 18.84 18.58
N PRO A 330 30.70 19.64 19.15
CA PRO A 330 31.04 21.03 19.46
C PRO A 330 31.88 21.18 20.73
N ASN A 331 32.66 22.26 20.76
CA ASN A 331 33.67 22.47 21.79
C ASN A 331 33.05 22.74 23.15
N ILE A 332 33.92 22.88 24.16
CA ILE A 332 33.45 23.09 25.53
C ILE A 332 34.27 24.06 26.42
N THR A 333 33.79 25.34 26.60
CA THR A 333 34.53 26.38 27.35
C THR A 333 33.73 27.18 28.43
N ASN A 334 32.53 26.80 28.88
CA ASN A 334 31.89 27.61 29.96
C ASN A 334 31.53 26.65 31.10
N LEU A 335 32.41 26.56 32.09
CA LEU A 335 32.39 25.47 33.05
C LEU A 335 31.76 25.91 34.38
N CYS A 336 31.00 24.99 34.97
CA CYS A 336 30.36 25.26 36.24
C CYS A 336 31.41 25.39 37.33
N PRO A 337 31.16 26.22 38.35
CA PRO A 337 32.16 26.45 39.41
C PRO A 337 32.11 25.39 40.51
N PHE A 338 32.34 24.13 40.13
CA PHE A 338 32.40 23.07 41.13
C PHE A 338 33.58 23.27 42.08
N GLY A 339 34.70 23.75 41.55
CA GLY A 339 35.85 24.02 42.40
C GLY A 339 35.55 25.03 43.49
N GLU A 340 34.76 26.06 43.14
CA GLU A 340 34.39 27.06 44.14
C GLU A 340 33.59 26.47 45.29
N VAL A 341 33.00 25.29 45.10
CA VAL A 341 32.23 24.62 46.15
C VAL A 341 33.08 23.60 46.89
N PHE A 342 33.87 22.81 46.17
CA PHE A 342 34.64 21.74 46.78
C PHE A 342 35.86 22.27 47.51
N ASN A 343 36.73 22.96 46.77
CA ASN A 343 37.95 23.50 47.32
C ASN A 343 37.69 24.71 48.23
N ALA A 344 36.42 25.12 48.41
CA ALA A 344 36.10 26.26 49.28
C ALA A 344 36.67 26.08 50.68
N THR A 345 37.29 27.15 51.20
CA THR A 345 37.94 27.06 52.50
C THR A 345 36.92 26.91 53.64
N ARG A 346 35.84 27.68 53.58
CA ARG A 346 34.88 27.75 54.69
C ARG A 346 33.62 26.95 54.35
N PHE A 347 33.25 26.04 55.24
CA PHE A 347 31.99 25.32 55.17
C PHE A 347 31.17 25.62 56.41
N ALA A 348 29.85 25.66 56.24
CA ALA A 348 28.96 25.94 57.35
C ALA A 348 28.73 24.68 58.18
N SER A 349 28.04 24.85 59.30
CA SER A 349 27.76 23.73 60.19
C SER A 349 26.78 22.76 59.54
N VAL A 350 26.71 21.55 60.11
CA VAL A 350 25.80 20.55 59.58
C VAL A 350 24.36 21.03 59.66
N TYR A 351 23.97 21.64 60.78
CA TYR A 351 22.64 22.21 60.90
C TYR A 351 22.48 23.47 60.06
N ALA A 352 23.58 24.12 59.67
CA ALA A 352 23.56 25.31 58.85
C ALA A 352 24.13 25.03 57.46
N TRP A 353 23.81 23.85 56.92
CA TRP A 353 24.33 23.46 55.61
C TRP A 353 24.09 24.55 54.58
N ASN A 354 25.14 24.86 53.83
CA ASN A 354 25.12 25.95 52.85
C ASN A 354 24.63 25.42 51.52
N ARG A 355 23.72 26.15 50.88
CA ARG A 355 23.11 25.76 49.61
C ARG A 355 23.54 26.73 48.52
N LYS A 356 23.91 26.17 47.36
CA LYS A 356 24.27 26.96 46.20
C LYS A 356 23.52 26.42 44.98
N ARG A 357 23.26 27.32 44.03
CA ARG A 357 22.56 26.99 42.81
C ARG A 357 23.49 27.12 41.62
N ILE A 358 23.45 26.12 40.73
CA ILE A 358 24.30 26.09 39.54
C ILE A 358 23.41 25.93 38.32
N SER A 359 23.60 26.80 37.34
CA SER A 359 22.86 26.73 36.08
C SER A 359 23.59 27.54 35.03
N ASN A 360 23.22 27.32 33.78
CA ASN A 360 23.81 28.04 32.64
C ASN A 360 25.32 27.87 32.62
N CYS A 361 25.75 26.63 32.54
CA CYS A 361 27.16 26.27 32.46
C CYS A 361 27.22 24.83 31.99
N VAL A 362 28.42 24.25 32.01
CA VAL A 362 28.62 22.87 31.64
C VAL A 362 29.40 22.18 32.74
N ALA A 363 28.95 20.98 33.13
CA ALA A 363 29.53 20.24 34.25
C ALA A 363 30.24 19.01 33.71
N ASP A 364 31.49 18.84 34.11
CA ASP A 364 32.30 17.67 33.76
C ASP A 364 32.48 16.85 35.04
N TYR A 365 31.60 15.87 35.24
CA TYR A 365 31.67 15.03 36.42
C TYR A 365 32.73 13.94 36.32
N SER A 366 33.33 13.75 35.13
CA SER A 366 34.36 12.74 34.98
C SER A 366 35.57 13.06 35.86
N VAL A 367 35.96 14.33 35.91
CA VAL A 367 37.12 14.71 36.73
C VAL A 367 36.84 14.42 38.19
N LEU A 368 35.65 14.75 38.67
CA LEU A 368 35.30 14.47 40.06
C LEU A 368 35.29 12.97 40.34
N TYR A 369 34.63 12.20 39.48
CA TYR A 369 34.52 10.76 39.72
C TYR A 369 35.89 10.09 39.70
N ASN A 370 36.74 10.46 38.73
CA ASN A 370 38.07 9.89 38.63
C ASN A 370 39.08 10.85 39.25
N SER A 371 39.07 10.89 40.58
CA SER A 371 39.96 11.74 41.36
C SER A 371 40.74 10.97 42.41
N ALA A 372 40.12 9.97 43.04
CA ALA A 372 40.73 9.12 44.06
C ALA A 372 40.95 9.85 45.38
N SER A 373 40.67 11.13 45.46
CA SER A 373 40.85 11.91 46.68
C SER A 373 39.60 11.94 47.56
N PHE A 374 38.51 11.36 47.10
CA PHE A 374 37.25 11.34 47.84
C PHE A 374 36.91 9.91 48.20
N SER A 375 36.54 9.68 49.45
CA SER A 375 36.21 8.36 49.96
C SER A 375 34.71 8.07 49.93
N THR A 376 33.91 8.98 49.36
CA THR A 376 32.46 8.84 49.36
C THR A 376 31.93 9.26 48.00
N PHE A 377 31.43 8.29 47.23
CA PHE A 377 30.87 8.52 45.89
C PHE A 377 29.60 7.66 45.78
N LYS A 378 28.45 8.25 46.08
CA LYS A 378 27.18 7.54 46.07
C LYS A 378 26.18 8.33 45.23
N CYS A 379 25.93 7.87 44.01
CA CYS A 379 24.97 8.49 43.11
C CYS A 379 23.71 7.63 43.07
N TYR A 380 22.57 8.25 43.38
CA TYR A 380 21.28 7.57 43.39
C TYR A 380 20.35 8.23 42.39
N GLY A 381 19.65 7.42 41.61
CA GLY A 381 18.78 7.93 40.57
C GLY A 381 19.40 7.80 39.20
N VAL A 382 20.72 8.06 39.12
CA VAL A 382 21.47 7.92 37.89
C VAL A 382 22.79 7.23 38.20
N SER A 383 23.39 6.64 37.18
CA SER A 383 24.64 5.94 37.36
C SER A 383 25.76 6.94 37.68
N PRO A 384 26.73 6.55 38.53
CA PRO A 384 27.86 7.46 38.78
C PRO A 384 28.59 7.86 37.51
N THR A 385 28.73 6.94 36.57
CA THR A 385 29.34 7.24 35.28
C THR A 385 28.25 7.75 34.33
N LYS A 386 28.61 7.93 33.06
CA LYS A 386 27.68 8.37 32.02
C LYS A 386 26.84 9.56 32.47
N LEU A 387 27.38 10.36 33.40
CA LEU A 387 26.72 11.60 33.81
C LEU A 387 26.93 12.71 32.80
N ASN A 388 27.88 12.53 31.87
CA ASN A 388 28.15 13.52 30.84
C ASN A 388 27.11 13.54 29.74
N ASP A 389 26.21 12.56 29.72
CA ASP A 389 25.15 12.49 28.72
C ASP A 389 23.82 13.03 29.21
N LEU A 390 23.77 13.58 30.42
CA LEU A 390 22.53 14.08 31.02
C LEU A 390 22.61 15.59 31.18
N CYS A 391 21.52 16.26 30.82
CA CYS A 391 21.41 17.72 30.95
C CYS A 391 20.17 18.03 31.77
N PHE A 392 20.32 18.89 32.77
CA PHE A 392 19.25 19.24 33.69
C PHE A 392 19.05 20.75 33.71
N THR A 393 17.91 21.17 34.28
CA THR A 393 17.61 22.60 34.35
C THR A 393 18.45 23.29 35.42
N ASN A 394 18.59 22.67 36.59
CA ASN A 394 19.30 23.29 37.70
C ASN A 394 20.01 22.22 38.51
N VAL A 395 21.01 22.67 39.26
CA VAL A 395 21.76 21.82 40.19
C VAL A 395 21.81 22.54 41.53
N TYR A 396 21.52 21.82 42.61
CA TYR A 396 21.56 22.36 43.96
C TYR A 396 22.67 21.63 44.73
N ALA A 397 23.63 22.39 45.24
CA ALA A 397 24.75 21.85 46.00
C ALA A 397 24.58 22.23 47.46
N ASP A 398 24.39 21.22 48.31
CA ASP A 398 24.25 21.39 49.75
C ASP A 398 25.52 20.86 50.40
N SER A 399 26.32 21.75 50.95
CA SER A 399 27.63 21.42 51.51
C SER A 399 27.63 21.66 53.02
N PHE A 400 28.35 20.80 53.74
CA PHE A 400 28.48 20.91 55.19
C PHE A 400 29.61 19.99 55.62
N VAL A 401 29.85 19.95 56.93
CA VAL A 401 30.92 19.15 57.52
C VAL A 401 30.35 18.37 58.70
N ILE A 402 30.74 17.09 58.79
CA ILE A 402 30.34 16.22 59.87
C ILE A 402 31.56 15.44 60.34
N ARG A 403 31.38 14.53 61.29
CA ARG A 403 32.44 13.61 61.67
C ARG A 403 32.23 12.27 60.96
N GLY A 404 33.33 11.53 60.84
CA GLY A 404 33.31 10.34 59.98
C GLY A 404 32.25 9.33 60.36
N ASP A 405 32.04 9.14 61.66
CA ASP A 405 31.07 8.14 62.12
C ASP A 405 29.66 8.42 61.60
N GLU A 406 29.36 9.66 61.24
CA GLU A 406 28.02 10.05 60.79
C GLU A 406 27.90 10.11 59.28
N VAL A 407 28.91 9.68 58.54
CA VAL A 407 28.82 9.69 57.08
C VAL A 407 27.81 8.68 56.57
N ARG A 408 27.41 7.71 57.40
CA ARG A 408 26.52 6.65 56.94
C ARG A 408 25.09 7.15 56.77
N GLN A 409 24.63 8.03 57.66
CA GLN A 409 23.21 8.38 57.71
C GLN A 409 22.74 9.19 56.51
N ILE A 410 23.65 9.68 55.67
CA ILE A 410 23.27 10.49 54.51
C ILE A 410 22.97 9.51 53.39
N ALA A 411 21.71 9.07 53.32
CA ALA A 411 21.22 8.19 52.27
C ALA A 411 19.72 8.03 52.43
N PRO A 412 18.98 7.74 51.35
CA PRO A 412 17.53 7.62 51.48
C PRO A 412 17.13 6.45 52.35
N GLY A 413 16.04 6.64 53.09
CA GLY A 413 15.47 5.58 53.91
C GLY A 413 16.18 5.33 55.22
N GLN A 414 17.17 6.13 55.58
CA GLN A 414 17.92 5.93 56.80
C GLN A 414 17.43 6.88 57.90
N THR A 415 17.77 6.55 59.13
CA THR A 415 17.42 7.34 60.30
C THR A 415 18.65 7.54 61.17
N GLY A 416 18.68 8.68 61.86
CA GLY A 416 19.80 8.99 62.73
C GLY A 416 19.66 10.38 63.28
N LYS A 417 20.58 10.71 64.20
CA LYS A 417 20.55 12.02 64.83
C LYS A 417 20.76 13.12 63.81
N ILE A 418 21.82 13.02 63.01
CA ILE A 418 22.13 14.07 62.04
C ILE A 418 21.01 14.18 61.01
N ALA A 419 20.57 13.05 60.47
CA ALA A 419 19.54 13.08 59.44
C ALA A 419 18.24 13.66 59.96
N ASP A 420 17.83 13.25 61.17
CA ASP A 420 16.52 13.64 61.69
C ASP A 420 16.52 15.08 62.20
N TYR A 421 17.62 15.53 62.79
CA TYR A 421 17.64 16.81 63.49
C TYR A 421 18.46 17.90 62.80
N ASN A 422 19.39 17.54 61.93
CA ASN A 422 20.29 18.51 61.32
C ASN A 422 20.08 18.66 59.82
N TYR A 423 20.00 17.55 59.08
CA TYR A 423 19.89 17.62 57.62
C TYR A 423 19.13 16.39 57.14
N LYS A 424 17.85 16.56 56.84
CA LYS A 424 17.01 15.51 56.30
C LYS A 424 16.87 15.70 54.79
N LEU A 425 17.03 14.60 54.04
CA LEU A 425 16.98 14.64 52.59
C LEU A 425 15.77 13.88 52.07
N PRO A 426 15.28 14.19 50.88
CA PRO A 426 14.12 13.47 50.35
C PRO A 426 14.43 12.00 50.11
N ASP A 427 13.41 11.17 50.28
CA ASP A 427 13.61 9.72 50.14
C ASP A 427 13.89 9.33 48.70
N ASP A 428 13.23 9.99 47.74
CA ASP A 428 13.33 9.65 46.32
C ASP A 428 14.05 10.73 45.52
N PHE A 429 15.10 11.32 46.10
CA PHE A 429 15.87 12.32 45.40
C PHE A 429 16.67 11.70 44.27
N THR A 430 16.90 12.48 43.22
CA THR A 430 17.71 12.08 42.07
C THR A 430 18.96 12.96 42.06
N GLY A 431 20.07 12.39 42.56
CA GLY A 431 21.31 13.14 42.64
C GLY A 431 22.48 12.27 43.05
N CYS A 432 23.46 12.87 43.71
CA CYS A 432 24.65 12.14 44.13
C CYS A 432 25.28 12.85 45.32
N VAL A 433 25.76 12.06 46.27
CA VAL A 433 26.44 12.58 47.46
C VAL A 433 27.92 12.29 47.34
N ILE A 434 28.74 13.33 47.49
CA ILE A 434 30.19 13.21 47.50
C ILE A 434 30.69 13.66 48.87
N ALA A 435 31.74 13.02 49.35
CA ALA A 435 32.32 13.41 50.62
C ALA A 435 33.73 12.83 50.73
N TRP A 436 34.52 13.44 51.61
CA TRP A 436 35.91 13.07 51.78
C TRP A 436 36.40 13.54 53.14
N ASN A 437 37.36 12.80 53.69
CA ASN A 437 37.97 13.20 54.95
C ASN A 437 38.67 14.55 54.79
N SER A 438 38.54 15.40 55.81
CA SER A 438 39.11 16.74 55.80
C SER A 438 39.83 17.02 57.12
N ASN A 439 40.63 16.05 57.56
CA ASN A 439 41.36 16.22 58.82
C ASN A 439 42.32 17.40 58.74
N ASN A 440 43.14 17.44 57.70
CA ASN A 440 44.17 18.47 57.60
C ASN A 440 43.57 19.86 57.42
N LEU A 441 42.30 19.97 57.04
CA LEU A 441 41.66 21.25 56.78
C LEU A 441 40.67 21.66 57.85
N ASP A 442 40.21 20.73 58.68
CA ASP A 442 39.20 21.02 59.69
C ASP A 442 39.64 20.69 61.11
N SER A 443 40.84 20.16 61.30
CA SER A 443 41.35 19.83 62.63
C SER A 443 42.30 20.92 63.10
N LYS A 444 42.09 21.39 64.33
CA LYS A 444 42.91 22.43 64.92
C LYS A 444 43.35 22.01 66.31
N VAL A 445 44.57 22.40 66.69
CA VAL A 445 45.09 22.06 68.01
C VAL A 445 44.21 22.71 69.07
N GLY A 446 43.88 21.94 70.10
CA GLY A 446 43.01 22.41 71.17
C GLY A 446 41.53 22.27 70.90
N GLY A 447 41.14 21.78 69.72
CA GLY A 447 39.75 21.57 69.41
C GLY A 447 39.17 22.65 68.52
N ASN A 448 38.70 22.26 67.33
CA ASN A 448 38.04 23.18 66.41
C ASN A 448 36.53 23.12 66.69
N TYR A 449 36.06 24.07 67.50
CA TYR A 449 34.68 24.07 67.97
C TYR A 449 33.76 24.93 67.11
N ASN A 450 34.25 25.49 66.01
CA ASN A 450 33.40 26.30 65.14
C ASN A 450 32.27 25.48 64.54
N TYR A 451 32.46 24.17 64.41
CA TYR A 451 31.43 23.30 63.85
C TYR A 451 30.43 22.92 64.94
N LEU A 452 29.14 23.11 64.64
CA LEU A 452 28.08 22.82 65.58
C LEU A 452 27.07 21.88 64.93
N TYR A 453 26.33 21.16 65.78
CA TYR A 453 25.30 20.25 65.29
C TYR A 453 24.17 20.19 66.31
N ARG A 454 22.94 20.28 65.82
CA ARG A 454 21.78 20.27 66.71
C ARG A 454 21.52 18.86 67.24
N LEU A 455 21.23 18.78 68.54
CA LEU A 455 20.95 17.51 69.19
C LEU A 455 19.46 17.30 69.41
N PHE A 456 18.80 18.22 70.11
CA PHE A 456 17.43 18.05 70.56
C PHE A 456 16.50 18.98 69.79
N ARG A 457 15.41 18.41 69.28
CA ARG A 457 14.33 19.19 68.68
C ARG A 457 13.09 18.32 68.65
N LYS A 458 11.94 18.93 68.93
CA LYS A 458 10.70 18.19 69.12
C LYS A 458 10.32 17.42 67.85
N SER A 459 8.70 19.07 65.75
N SER A 459 8.72 19.03 65.77
CA SER A 459 8.37 18.41 64.49
CA SER A 459 8.39 18.39 64.50
C SER A 459 9.65 18.17 63.68
C SER A 459 9.65 18.17 63.69
N ASN A 460 9.75 16.99 63.05
CA ASN A 460 10.97 16.62 62.33
C ASN A 460 11.25 17.61 61.21
N LEU A 461 12.40 17.49 60.56
CA LEU A 461 12.75 18.34 59.43
C LEU A 461 12.17 17.75 58.17
N LYS A 462 11.24 18.47 57.55
CA LYS A 462 10.67 18.05 56.28
C LYS A 462 11.70 18.24 55.17
N PRO A 463 11.50 17.61 54.02
CA PRO A 463 12.51 17.67 52.97
C PRO A 463 12.85 19.10 52.59
N PHE A 464 14.15 19.36 52.44
CA PHE A 464 14.67 20.67 52.04
C PHE A 464 14.18 21.77 52.98
N GLU A 465 14.46 21.58 54.27
CA GLU A 465 14.14 22.55 55.30
C GLU A 465 15.42 23.03 55.96
N ARG A 466 15.57 24.35 56.07
CA ARG A 466 16.72 24.98 56.72
C ARG A 466 16.22 25.71 57.96
N ASP A 467 16.60 25.20 59.14
CA ASP A 467 16.17 25.76 60.41
C ASP A 467 17.38 26.34 61.14
N ILE A 468 17.27 27.60 61.55
CA ILE A 468 18.32 28.30 62.28
C ILE A 468 17.90 28.68 63.69
N SER A 469 16.71 28.30 64.11
CA SER A 469 16.22 28.68 65.44
C SER A 469 17.19 28.20 66.52
N THR A 470 17.45 29.08 67.49
CA THR A 470 18.36 28.78 68.59
C THR A 470 17.64 28.76 69.93
N GLU A 471 16.31 28.58 69.93
CA GLU A 471 15.56 28.54 71.17
C GLU A 471 16.01 27.37 72.03
N ILE A 472 16.08 27.60 73.34
CA ILE A 472 16.55 26.56 74.27
C ILE A 472 15.56 25.41 74.27
N TYR A 473 16.08 24.19 74.11
CA TYR A 473 15.24 23.01 74.09
C TYR A 473 14.64 22.76 75.48
N GLN A 474 13.36 22.37 75.50
CA GLN A 474 12.60 22.19 76.73
C GLN A 474 12.44 20.70 77.05
N ALA A 475 12.29 20.39 78.34
CA ALA A 475 12.03 19.02 78.77
C ALA A 475 10.92 18.91 79.81
N GLY A 476 9.81 19.64 79.62
CA GLY A 476 8.57 19.37 80.34
C GLY A 476 7.58 20.46 80.00
N SER A 477 6.60 20.61 80.89
CA SER A 477 6.23 21.96 81.31
CA SER A 477 6.21 21.95 81.33
C SER A 477 7.25 22.13 82.43
N THR A 478 7.41 23.28 83.07
CA THR A 478 7.38 24.69 82.75
C THR A 478 8.16 25.06 81.48
N PRO A 479 7.68 25.99 80.64
CA PRO A 479 8.49 26.40 79.49
C PRO A 479 9.75 27.16 79.91
N CYS A 480 10.78 27.05 79.08
CA CYS A 480 12.03 27.77 79.35
C CYS A 480 11.80 29.28 79.36
N ASN A 481 10.99 29.78 78.41
CA ASN A 481 10.70 31.20 78.33
C ASN A 481 11.98 32.04 78.23
N GLY A 482 12.93 31.54 77.44
CA GLY A 482 14.23 32.19 77.36
C GLY A 482 15.00 32.15 78.65
N VAL A 483 14.80 31.11 79.45
CA VAL A 483 15.52 30.92 80.71
C VAL A 483 15.91 29.46 80.84
N GLU A 484 17.15 29.22 81.24
CA GLU A 484 17.70 27.87 81.35
C GLU A 484 17.66 27.43 82.81
N GLY A 485 18.06 26.19 83.05
CA GLY A 485 18.11 25.63 84.39
C GLY A 485 17.73 24.17 84.38
N PHE A 486 16.74 23.80 85.18
CA PHE A 486 16.24 22.44 85.19
C PHE A 486 15.33 22.22 83.99
N ASN A 487 15.53 21.11 83.28
CA ASN A 487 14.71 20.74 82.13
C ASN A 487 14.75 21.80 81.04
N CYS A 488 15.92 22.41 80.84
CA CYS A 488 16.13 23.36 79.75
C CYS A 488 17.57 23.22 79.30
N TYR A 489 17.78 22.66 78.11
CA TYR A 489 19.10 22.35 77.61
C TYR A 489 19.33 23.02 76.25
N PHE A 490 20.57 23.41 76.00
CA PHE A 490 20.91 24.05 74.74
C PHE A 490 20.79 23.03 73.60
N PRO A 491 20.06 23.35 72.52
CA PRO A 491 19.78 22.32 71.51
C PRO A 491 21.01 21.74 70.84
N LEU A 492 22.06 22.52 70.62
CA LEU A 492 23.15 22.12 69.75
C LEU A 492 24.46 22.00 70.53
N GLN A 493 25.36 21.18 70.00
CA GLN A 493 26.63 20.85 70.64
C GLN A 493 27.75 20.97 69.62
N SER A 494 28.96 21.19 70.11
CA SER A 494 30.14 21.38 69.28
C SER A 494 30.91 20.07 69.11
N TYR A 495 31.35 19.81 67.89
CA TYR A 495 32.15 18.62 67.62
C TYR A 495 33.53 18.73 68.29
N GLY A 496 34.20 19.87 68.11
CA GLY A 496 35.52 20.07 68.67
C GLY A 496 36.56 19.15 68.08
N PHE A 497 36.87 19.34 66.80
CA PHE A 497 37.82 18.48 66.12
C PHE A 497 39.26 18.81 66.53
N GLN A 498 40.08 17.77 66.64
CA GLN A 498 41.47 17.87 67.03
C GLN A 498 42.33 17.15 66.00
N PRO A 499 43.62 17.50 65.91
CA PRO A 499 44.48 16.80 64.94
C PRO A 499 44.59 15.31 65.18
N THR A 500 44.50 14.86 66.43
CA THR A 500 44.63 13.45 66.78
C THR A 500 43.30 12.70 66.74
N ASN A 501 42.35 13.17 65.94
CA ASN A 501 41.05 12.52 65.86
C ASN A 501 41.18 11.11 65.29
N GLY A 502 40.30 10.22 65.76
CA GLY A 502 40.20 8.91 65.17
C GLY A 502 39.50 8.96 63.81
N VAL A 503 39.62 7.85 63.09
CA VAL A 503 39.06 7.79 61.74
C VAL A 503 37.55 8.07 61.78
N GLY A 504 36.85 7.47 62.75
CA GLY A 504 35.42 7.73 62.87
C GLY A 504 35.11 9.16 63.28
N TYR A 505 35.88 9.71 64.20
CA TYR A 505 35.65 11.05 64.72
C TYR A 505 36.34 12.13 63.89
N GLN A 506 37.17 11.77 62.92
CA GLN A 506 37.83 12.76 62.10
C GLN A 506 36.82 13.51 61.24
N PRO A 507 37.06 14.78 60.95
CA PRO A 507 36.09 15.55 60.17
C PRO A 507 35.97 15.04 58.73
N TYR A 508 34.79 15.21 58.16
CA TYR A 508 34.51 14.81 56.79
C TYR A 508 33.66 15.90 56.13
N ARG A 509 34.08 16.34 54.95
CA ARG A 509 33.32 17.31 54.17
C ARG A 509 32.35 16.56 53.26
N VAL A 510 31.09 17.00 53.26
CA VAL A 510 30.03 16.34 52.51
C VAL A 510 29.34 17.37 51.62
N VAL A 511 29.13 17.02 50.36
CA VAL A 511 28.41 17.85 49.42
C VAL A 511 27.41 16.97 48.67
N VAL A 512 26.14 17.35 48.70
CA VAL A 512 25.08 16.64 48.00
C VAL A 512 24.65 17.47 46.80
N LEU A 513 24.74 16.87 45.61
CA LEU A 513 24.37 17.53 44.36
C LEU A 513 23.05 16.94 43.89
N SER A 514 22.00 17.75 43.89
CA SER A 514 20.68 17.35 43.45
C SER A 514 20.38 17.99 42.10
N PHE A 515 19.93 17.18 41.15
CA PHE A 515 19.63 17.64 39.80
C PHE A 515 18.13 17.83 39.66
N GLU A 516 17.73 19.04 39.26
CA GLU A 516 16.33 19.39 39.09
C GLU A 516 16.05 19.58 37.60
N LEU A 517 15.06 18.84 37.09
CA LEU A 517 14.64 18.94 35.70
C LEU A 517 13.11 19.03 35.66
N LEU A 518 12.61 19.94 34.83
CA LEU A 518 11.17 20.11 34.67
C LEU A 518 10.80 20.18 33.19
N PRO A 521 13.35 24.24 29.97
CA PRO A 521 14.54 24.01 29.13
C PRO A 521 15.80 23.77 29.95
N ALA A 522 16.42 22.60 29.78
CA ALA A 522 17.63 22.29 30.51
C ALA A 522 18.72 23.31 30.21
N THR A 523 19.41 23.76 31.25
CA THR A 523 20.42 24.80 31.13
C THR A 523 21.85 24.30 31.30
N VAL A 524 22.08 23.29 32.14
CA VAL A 524 23.41 22.76 32.38
C VAL A 524 23.49 21.37 31.75
N CYS A 525 24.35 21.23 30.74
CA CYS A 525 24.51 20.00 29.98
C CYS A 525 25.89 19.40 30.24
N GLY A 526 26.22 18.34 29.51
CA GLY A 526 27.42 17.57 29.75
C GLY A 526 28.56 17.99 28.86
N PRO A 527 29.68 17.28 28.98
CA PRO A 527 30.81 17.70 28.16
C PRO A 527 30.68 17.40 26.67
N LYS A 528 30.09 14.33 25.80
CA LYS A 528 29.87 14.42 24.36
C LYS A 528 31.27 14.65 23.60
N LYS A 529 32.26 13.69 23.65
CA LYS A 529 33.62 13.79 23.07
C LYS A 529 33.69 13.81 21.54
N SER A 530 34.92 13.86 20.94
CA SER A 530 35.13 13.98 19.48
C SER A 530 36.29 13.10 18.99
N THR A 531 36.48 13.10 17.65
CA THR A 531 37.55 12.37 16.95
C THR A 531 38.20 13.20 15.84
N ASN A 532 39.00 12.56 14.98
CA ASN A 532 39.69 13.22 13.87
C ASN A 532 38.90 13.09 12.57
N LEU A 533 39.24 13.95 11.60
CA LEU A 533 38.57 14.02 10.31
C LEU A 533 39.38 13.30 9.25
N VAL A 534 38.71 12.45 8.47
CA VAL A 534 39.32 11.73 7.35
C VAL A 534 38.48 11.99 6.10
N LYS A 535 39.15 12.19 4.98
CA LYS A 535 38.52 12.58 3.73
C LYS A 535 38.80 11.55 2.64
N ASN A 536 37.95 11.55 1.62
CA ASN A 536 38.14 10.75 0.41
C ASN A 536 37.91 9.26 0.66
N LYS A 537 37.06 8.92 1.61
CA LYS A 537 36.71 7.53 1.87
C LYS A 537 35.27 7.46 2.32
N CYS A 538 34.62 6.33 2.01
CA CYS A 538 33.26 6.07 2.48
C CYS A 538 33.29 5.95 4.00
N VAL A 539 32.76 6.96 4.69
CA VAL A 539 32.88 7.07 6.14
C VAL A 539 31.50 7.32 6.72
N ASN A 540 31.25 6.73 7.89
CA ASN A 540 30.07 7.02 8.68
C ASN A 540 30.41 8.16 9.62
N PHE A 541 29.79 9.32 9.40
CA PHE A 541 30.15 10.55 10.09
C PHE A 541 29.00 11.05 10.95
N ASN A 542 29.35 11.73 12.04
CA ASN A 542 28.39 12.35 12.94
C ASN A 542 28.87 13.76 13.26
N PHE A 543 28.22 14.76 12.69
CA PHE A 543 28.55 16.17 12.90
C PHE A 543 27.42 16.81 13.70
N ASN A 544 27.65 17.00 15.00
CA ASN A 544 26.71 17.68 15.88
C ASN A 544 25.30 17.11 15.71
N GLY A 545 25.16 15.82 15.99
CA GLY A 545 23.90 15.14 15.90
C GLY A 545 23.47 14.75 14.51
N LEU A 546 24.04 15.37 13.48
CA LEU A 546 23.71 15.03 12.10
C LEU A 546 24.53 13.80 11.70
N THR A 547 23.86 12.65 11.60
CA THR A 547 24.51 11.39 11.28
C THR A 547 24.27 11.06 9.81
N GLY A 548 25.29 10.53 9.15
CA GLY A 548 25.18 10.17 7.76
C GLY A 548 26.34 9.28 7.34
N THR A 549 26.27 8.84 6.09
CA THR A 549 27.31 8.02 5.48
C THR A 549 27.69 8.61 4.14
N GLY A 550 28.99 8.63 3.85
CA GLY A 550 29.47 9.18 2.60
C GLY A 550 30.92 9.59 2.73
N VAL A 551 31.43 10.18 1.65
CA VAL A 551 32.82 10.63 1.58
C VAL A 551 32.84 12.15 1.70
N LEU A 552 33.73 12.64 2.55
CA LEU A 552 33.90 14.07 2.77
C LEU A 552 35.07 14.57 1.93
N THR A 553 34.84 15.67 1.21
CA THR A 553 35.86 16.25 0.34
C THR A 553 35.88 17.76 0.55
N GLU A 554 37.02 18.36 0.20
CA GLU A 554 37.13 19.82 0.27
C GLU A 554 36.11 20.44 -0.68
N SER A 555 35.49 21.54 -0.23
CA SER A 555 34.40 22.17 -0.95
C SER A 555 34.72 23.64 -1.21
N ASN A 556 34.28 24.12 -2.37
CA ASN A 556 34.40 25.53 -2.72
C ASN A 556 33.24 26.38 -2.21
N LYS A 557 32.19 25.74 -1.68
CA LYS A 557 31.05 26.49 -1.17
C LYS A 557 31.45 27.33 0.02
N LYS A 558 30.84 28.50 0.14
CA LYS A 558 31.11 29.45 1.22
C LYS A 558 29.86 29.57 2.08
N PHE A 559 29.94 29.06 3.31
CA PHE A 559 28.83 29.14 4.25
C PHE A 559 28.89 30.45 5.01
N LEU A 560 27.71 30.92 5.43
CA LEU A 560 27.65 32.09 6.30
C LEU A 560 28.11 31.71 7.70
N PRO A 561 28.51 32.71 8.50
CA PRO A 561 29.01 32.40 9.85
C PRO A 561 28.02 31.62 10.69
N PHE A 562 26.72 31.86 10.53
CA PHE A 562 25.70 31.24 11.37
C PHE A 562 25.12 29.96 10.76
N GLN A 563 25.60 29.53 9.60
CA GLN A 563 25.08 28.34 8.94
C GLN A 563 26.04 27.18 9.16
N GLN A 564 25.49 26.03 9.57
CA GLN A 564 26.30 24.85 9.87
C GLN A 564 26.41 23.93 8.65
N PHE A 565 25.27 23.43 8.18
CA PHE A 565 25.25 22.46 7.08
C PHE A 565 24.32 22.94 5.98
N GLY A 566 24.63 22.53 4.76
CA GLY A 566 23.88 22.94 3.58
C GLY A 566 23.17 21.76 2.93
N ARG A 567 21.92 21.98 2.55
CA ARG A 567 21.09 20.95 1.95
C ARG A 567 20.86 21.25 0.47
N ASP A 568 21.10 20.26 -0.37
CA ASP A 568 20.75 20.38 -1.78
C ASP A 568 19.23 20.36 -1.93
N ILE A 569 18.77 20.64 -3.16
CA ILE A 569 17.35 20.52 -3.45
C ILE A 569 16.86 19.17 -2.96
N ALA A 570 15.62 19.15 -2.47
CA ALA A 570 14.98 17.99 -1.84
C ALA A 570 15.42 17.79 -0.40
N ASP A 571 16.11 18.78 0.19
CA ASP A 571 16.44 18.77 1.61
C ASP A 571 17.37 17.61 1.98
N THR A 572 18.13 17.11 1.02
CA THR A 572 19.14 16.11 1.29
C THR A 572 20.46 16.79 1.63
N THR A 573 21.08 16.38 2.72
CA THR A 573 22.32 17.01 3.16
C THR A 573 23.36 16.95 2.05
N ASP A 574 24.01 18.07 1.79
CA ASP A 574 25.00 18.19 0.73
C ASP A 574 26.37 18.62 1.22
N ALA A 575 26.43 19.47 2.24
CA ALA A 575 27.70 19.90 2.81
C ALA A 575 27.50 20.13 4.30
N VAL A 576 28.61 20.04 5.04
CA VAL A 576 28.60 20.20 6.49
C VAL A 576 29.85 20.94 6.91
N ARG A 577 29.71 21.82 7.90
CA ARG A 577 30.84 22.55 8.48
C ARG A 577 31.25 21.85 9.76
N ASP A 578 32.49 21.38 9.81
CA ASP A 578 32.98 20.70 10.99
C ASP A 578 33.18 21.73 12.11
N PRO A 579 32.50 21.61 13.24
CA PRO A 579 32.57 22.69 14.24
C PRO A 579 33.97 22.95 14.78
N GLN A 580 34.81 21.92 14.86
CA GLN A 580 36.09 22.08 15.55
C GLN A 580 36.97 23.12 14.88
N THR A 581 37.04 23.10 13.54
CA THR A 581 37.85 24.06 12.80
C THR A 581 37.05 24.83 11.75
N LEU A 582 35.73 24.68 11.73
CA LEU A 582 34.87 25.48 10.86
C LEU A 582 35.18 25.26 9.39
N GLU A 583 35.69 24.08 9.03
CA GLU A 583 35.95 23.75 7.65
C GLU A 583 34.69 23.22 6.99
N ILE A 584 34.37 23.72 5.80
CA ILE A 584 33.19 23.30 5.07
C ILE A 584 33.59 22.14 4.16
N LEU A 585 32.90 21.02 4.30
CA LEU A 585 33.22 19.79 3.58
C LEU A 585 31.99 19.35 2.80
N ASP A 586 32.18 19.05 1.51
CA ASP A 586 31.11 18.50 0.70
C ASP A 586 30.95 17.02 0.98
N ILE A 587 29.73 16.59 1.23
CA ILE A 587 29.43 15.18 1.48
C ILE A 587 28.95 14.57 0.18
N THR A 588 29.66 13.54 -0.28
CA THR A 588 29.22 12.76 -1.41
C THR A 588 29.00 11.32 -0.98
N PRO A 589 27.88 10.71 -1.33
CA PRO A 589 27.69 9.30 -1.01
C PRO A 589 28.75 8.47 -1.71
N CYS A 590 29.31 7.53 -0.98
CA CYS A 590 30.24 6.60 -1.60
C CYS A 590 29.45 5.63 -2.46
N SER A 591 30.13 4.61 -2.97
CA SER A 591 29.66 3.92 -4.16
C SER A 591 28.74 2.76 -3.86
N PHE A 592 27.72 2.67 -4.70
CA PHE A 592 26.83 1.53 -4.79
C PHE A 592 26.25 1.55 -6.18
N GLY A 593 25.74 0.39 -6.60
CA GLY A 593 25.15 0.30 -7.91
C GLY A 593 24.95 -1.14 -8.30
N GLY A 594 24.31 -1.33 -9.45
CA GLY A 594 23.92 -2.65 -9.89
C GLY A 594 25.06 -3.47 -10.51
N VAL A 595 25.06 -4.73 -10.09
CA VAL A 595 25.57 -5.90 -10.83
C VAL A 595 24.60 -6.59 -11.77
N SER A 596 25.00 -6.48 -13.05
CA SER A 596 24.56 -7.20 -14.21
C SER A 596 25.61 -8.26 -14.59
N VAL A 597 25.12 -9.42 -15.01
CA VAL A 597 25.97 -10.55 -15.32
C VAL A 597 25.78 -10.80 -16.81
N ILE A 598 26.88 -10.82 -17.57
CA ILE A 598 26.82 -11.03 -19.02
C ILE A 598 27.26 -12.47 -19.33
N THR A 599 26.33 -13.23 -19.87
CA THR A 599 26.58 -14.62 -20.17
C THR A 599 26.34 -14.83 -21.66
N PRO A 600 27.19 -15.61 -22.34
CA PRO A 600 26.88 -16.07 -23.71
C PRO A 600 25.89 -17.22 -23.78
N GLY A 601 25.39 -17.68 -22.63
CA GLY A 601 24.55 -18.85 -22.52
C GLY A 601 25.28 -20.06 -21.94
N THR A 602 24.77 -20.59 -20.83
CA THR A 602 25.25 -21.89 -20.39
C THR A 602 25.42 -22.82 -21.55
N ASN A 603 24.46 -22.85 -22.48
CA ASN A 603 24.56 -23.74 -23.61
C ASN A 603 25.90 -23.68 -24.30
N THR A 604 26.44 -22.46 -24.46
CA THR A 604 27.66 -22.21 -25.23
C THR A 604 28.92 -22.31 -24.39
N SER A 605 28.92 -21.70 -23.21
CA SER A 605 30.05 -21.70 -22.31
C SER A 605 29.64 -21.13 -20.96
N ASN A 606 30.33 -21.60 -19.92
CA ASN A 606 30.07 -21.21 -18.56
C ASN A 606 30.81 -19.94 -18.17
N GLN A 607 31.59 -19.36 -19.09
CA GLN A 607 32.33 -18.12 -18.81
C GLN A 607 31.37 -16.93 -18.78
N VAL A 608 31.61 -16.03 -17.82
CA VAL A 608 30.71 -14.94 -17.51
C VAL A 608 31.48 -13.63 -17.52
N ALA A 609 30.73 -12.52 -17.56
CA ALA A 609 31.25 -11.20 -17.24
C ALA A 609 30.31 -10.35 -16.37
N VAL A 610 30.91 -9.82 -15.32
CA VAL A 610 30.41 -8.68 -14.53
C VAL A 610 30.73 -7.27 -15.01
N LEU A 611 29.61 -6.51 -15.00
CA LEU A 611 29.46 -5.09 -15.22
C LEU A 611 28.96 -4.45 -13.93
N TYR A 612 29.82 -3.67 -13.28
CA TYR A 612 29.42 -2.86 -12.13
C TYR A 612 28.99 -1.49 -12.63
N GLN A 613 27.70 -1.17 -12.44
CA GLN A 613 27.08 -0.04 -13.14
C GLN A 613 27.20 1.25 -12.34
N ASP A 614 27.70 2.29 -13.02
CA ASP A 614 27.91 3.61 -12.42
C ASP A 614 28.78 3.50 -11.17
N VAL A 615 29.75 2.60 -11.23
CA VAL A 615 30.73 2.40 -10.16
C VAL A 615 32.13 2.57 -10.74
N ASN A 616 32.91 3.44 -10.12
CA ASN A 616 34.35 3.50 -10.35
C ASN A 616 34.99 2.32 -9.64
N CYS A 617 35.38 1.32 -10.41
CA CYS A 617 35.83 0.04 -9.88
C CYS A 617 37.27 0.05 -9.46
N THR A 618 37.89 1.22 -9.31
CA THR A 618 39.05 1.29 -8.45
C THR A 618 38.68 0.96 -7.01
N GLU A 619 37.39 1.11 -6.67
CA GLU A 619 36.86 0.76 -5.36
C GLU A 619 36.12 -0.59 -5.41
N VAL A 620 36.85 -1.66 -5.67
CA VAL A 620 36.29 -3.01 -5.60
C VAL A 620 37.30 -3.96 -4.95
N ASN A 641 41.28 -7.95 -16.37
CA ASN A 641 40.76 -7.35 -17.59
C ASN A 641 39.72 -6.26 -17.31
N VAL A 642 39.91 -5.53 -16.21
CA VAL A 642 39.00 -4.47 -15.80
C VAL A 642 39.00 -3.40 -16.87
N PHE A 643 37.82 -3.07 -17.43
CA PHE A 643 37.85 -2.15 -18.55
C PHE A 643 36.74 -1.17 -18.21
N GLN A 644 37.00 0.13 -18.38
CA GLN A 644 36.11 1.18 -17.92
C GLN A 644 35.24 1.69 -19.05
N THR A 645 33.93 1.79 -18.77
CA THR A 645 32.96 2.27 -19.73
C THR A 645 32.02 3.26 -19.07
N ARG A 646 31.30 4.00 -19.91
CA ARG A 646 30.37 5.01 -19.41
C ARG A 646 29.20 4.40 -18.65
N ALA A 647 28.98 3.09 -18.81
CA ALA A 647 27.94 2.38 -18.09
C ALA A 647 28.44 1.82 -16.76
N GLY A 648 29.73 2.00 -16.44
CA GLY A 648 30.34 1.44 -15.26
C GLY A 648 31.73 0.90 -15.57
N CYS A 649 32.03 -0.29 -15.09
CA CYS A 649 33.19 -1.04 -15.54
C CYS A 649 32.76 -2.45 -15.88
N LEU A 650 33.50 -3.09 -16.76
CA LEU A 650 33.32 -4.51 -17.07
C LEU A 650 34.55 -5.29 -16.62
N ILE A 651 34.31 -6.41 -15.97
CA ILE A 651 35.36 -7.32 -15.53
C ILE A 651 35.12 -8.67 -16.21
N GLY A 652 36.21 -9.35 -16.53
CA GLY A 652 36.14 -10.63 -17.20
C GLY A 652 36.04 -10.59 -18.71
N ALA A 653 35.86 -9.42 -19.31
CA ALA A 653 35.67 -9.28 -20.75
C ALA A 653 36.79 -8.47 -21.38
N GLU A 654 37.44 -9.08 -22.39
CA GLU A 654 38.59 -8.47 -23.02
C GLU A 654 38.15 -7.35 -23.93
N HIS A 655 38.72 -6.15 -23.71
CA HIS A 655 38.64 -5.10 -24.69
C HIS A 655 39.25 -5.29 -26.04
N VAL A 656 38.40 -5.04 -27.07
CA VAL A 656 38.95 -5.10 -28.40
C VAL A 656 38.48 -3.82 -29.07
N ASN A 657 39.26 -3.39 -30.05
CA ASN A 657 39.07 -2.22 -30.92
C ASN A 657 38.36 -2.48 -32.23
N ASN A 658 37.77 -3.64 -32.41
CA ASN A 658 37.42 -4.10 -33.73
C ASN A 658 36.11 -3.29 -33.88
N SER A 659 35.13 -3.68 -34.72
CA SER A 659 33.74 -3.32 -34.45
C SER A 659 32.77 -4.25 -35.21
N TYR A 660 31.98 -5.00 -34.45
CA TYR A 660 31.01 -5.95 -34.97
C TYR A 660 29.60 -5.40 -34.79
N GLU A 661 28.61 -6.16 -35.26
CA GLU A 661 27.22 -5.95 -34.83
C GLU A 661 27.06 -6.24 -33.35
N CYS A 662 26.19 -5.47 -32.69
CA CYS A 662 25.94 -5.67 -31.27
C CYS A 662 25.30 -7.04 -31.01
N ASP A 663 25.86 -7.76 -30.04
CA ASP A 663 25.31 -9.05 -29.66
C ASP A 663 24.60 -8.92 -28.32
N ILE A 664 25.34 -8.62 -27.27
CA ILE A 664 24.78 -8.40 -25.94
C ILE A 664 24.98 -6.91 -25.65
N PRO A 665 23.89 -6.14 -25.55
CA PRO A 665 24.04 -4.68 -25.37
C PRO A 665 24.39 -4.33 -23.93
N ILE A 666 25.61 -3.79 -23.72
CA ILE A 666 25.91 -3.24 -22.41
C ILE A 666 25.48 -1.80 -22.22
N GLY A 667 25.69 -0.89 -23.18
CA GLY A 667 25.27 0.47 -22.93
C GLY A 667 26.32 1.49 -23.30
N ALA A 668 25.90 2.73 -23.51
CA ALA A 668 26.82 3.80 -23.87
C ALA A 668 27.55 3.47 -25.15
N GLY A 669 26.95 2.63 -25.98
CA GLY A 669 27.61 2.22 -27.20
C GLY A 669 28.62 1.13 -27.06
N ILE A 670 28.66 0.44 -25.96
CA ILE A 670 29.38 -0.81 -25.94
C ILE A 670 28.51 -2.02 -25.71
N CYS A 671 28.92 -3.08 -26.37
CA CYS A 671 28.29 -4.36 -26.47
C CYS A 671 29.35 -5.42 -26.22
N ALA A 672 28.88 -6.62 -25.92
CA ALA A 672 29.74 -7.75 -25.66
C ALA A 672 29.35 -8.88 -26.61
N SER A 673 30.26 -9.84 -26.74
CA SER A 673 30.09 -10.99 -27.62
C SER A 673 31.13 -12.05 -27.28
N TYR A 674 30.88 -13.25 -27.76
CA TYR A 674 31.69 -14.40 -27.42
C TYR A 674 32.52 -14.82 -28.61
N SER A 691 36.45 -16.64 -25.38
CA SER A 691 36.56 -15.54 -24.43
C SER A 691 35.58 -14.44 -24.75
N ILE A 692 35.08 -13.76 -23.72
CA ILE A 692 34.04 -12.75 -23.87
C ILE A 692 34.72 -11.43 -24.17
N ILE A 693 34.35 -10.83 -25.31
CA ILE A 693 34.98 -9.63 -25.82
C ILE A 693 34.01 -8.46 -25.78
N ALA A 694 34.50 -7.30 -25.33
CA ALA A 694 33.75 -6.06 -25.27
C ALA A 694 34.29 -5.04 -26.26
N TYR A 695 33.45 -4.63 -27.22
CA TYR A 695 33.81 -3.72 -28.30
C TYR A 695 32.83 -2.57 -28.37
N THR A 696 32.86 -1.81 -29.48
CA THR A 696 32.05 -0.63 -29.68
C THR A 696 31.18 -0.86 -30.90
N MET A 697 29.88 -1.03 -30.70
CA MET A 697 29.07 -1.65 -31.74
C MET A 697 29.28 -0.88 -33.07
N SER A 698 29.23 -1.60 -34.20
CA SER A 698 29.27 -1.02 -35.52
C SER A 698 27.88 -0.97 -36.05
N LEU A 699 27.50 0.22 -36.31
CA LEU A 699 26.43 0.75 -37.09
C LEU A 699 25.95 0.19 -38.38
N GLY A 700 26.89 -0.52 -39.07
CA GLY A 700 26.65 -1.31 -40.24
C GLY A 700 27.63 -1.00 -41.31
N ALA A 701 27.63 -1.93 -42.23
CA ALA A 701 28.50 -1.82 -43.37
C ALA A 701 28.35 -0.42 -43.95
N GLU A 702 29.41 0.37 -43.83
CA GLU A 702 29.41 1.76 -44.27
C GLU A 702 29.78 1.77 -45.74
N ASN A 703 28.83 2.15 -46.58
CA ASN A 703 28.99 2.14 -48.02
C ASN A 703 28.54 3.51 -48.52
N SER A 704 29.30 4.08 -49.44
CA SER A 704 28.95 5.35 -50.05
C SER A 704 28.29 5.08 -51.39
N VAL A 705 27.11 5.66 -51.61
CA VAL A 705 26.38 5.47 -52.85
C VAL A 705 27.08 6.28 -53.94
N ALA A 706 27.27 5.66 -55.10
CA ALA A 706 27.96 6.30 -56.22
C ALA A 706 27.03 7.33 -56.85
N TYR A 707 26.91 8.47 -56.18
CA TYR A 707 26.05 9.55 -56.66
C TYR A 707 26.74 10.39 -57.72
N SER A 708 25.96 10.83 -58.71
CA SER A 708 26.40 11.80 -59.71
C SER A 708 25.17 12.49 -60.30
N ASN A 709 25.28 13.79 -60.56
CA ASN A 709 24.15 14.61 -61.02
C ASN A 709 23.61 14.17 -62.36
N ASN A 710 24.25 13.22 -63.01
CA ASN A 710 23.74 12.63 -64.24
C ASN A 710 23.97 11.12 -64.23
N SER A 711 23.70 10.48 -63.09
CA SER A 711 23.88 9.04 -62.97
C SER A 711 22.71 8.46 -62.19
N ILE A 712 22.14 7.37 -62.70
CA ILE A 712 21.09 6.64 -62.03
C ILE A 712 21.47 5.17 -61.99
N ALA A 713 20.89 4.46 -61.02
CA ALA A 713 21.10 3.02 -60.87
C ALA A 713 19.73 2.37 -60.99
N ILE A 714 19.59 1.42 -61.92
CA ILE A 714 18.30 0.75 -62.15
C ILE A 714 18.45 -0.75 -61.95
N PRO A 715 17.53 -1.41 -61.24
CA PRO A 715 17.64 -2.86 -61.05
C PRO A 715 17.23 -3.65 -62.29
N THR A 716 17.97 -4.75 -62.54
CA THR A 716 17.79 -5.59 -63.73
C THR A 716 17.15 -6.95 -63.41
N ASN A 717 17.24 -7.38 -62.15
CA ASN A 717 16.55 -8.43 -61.41
C ASN A 717 15.78 -8.00 -60.17
N PHE A 718 14.98 -8.97 -59.73
CA PHE A 718 14.15 -8.83 -58.56
C PHE A 718 14.16 -10.13 -57.78
N THR A 719 13.63 -10.03 -56.57
CA THR A 719 13.49 -11.10 -55.61
C THR A 719 12.17 -11.03 -54.87
N ILE A 720 11.54 -12.19 -54.74
CA ILE A 720 10.26 -12.34 -54.06
C ILE A 720 10.57 -12.81 -52.65
N SER A 721 10.54 -11.86 -51.72
CA SER A 721 10.93 -12.10 -50.34
C SER A 721 9.67 -12.29 -49.50
N VAL A 722 9.66 -13.35 -48.70
CA VAL A 722 8.55 -13.64 -47.80
C VAL A 722 9.05 -13.47 -46.37
N THR A 723 8.45 -12.54 -45.64
CA THR A 723 8.77 -12.30 -44.24
C THR A 723 7.59 -12.72 -43.38
N THR A 724 7.86 -12.87 -42.08
CA THR A 724 6.86 -13.23 -41.09
C THR A 724 6.77 -12.11 -40.07
N GLU A 725 5.57 -11.62 -39.82
CA GLU A 725 5.34 -10.64 -38.77
C GLU A 725 4.39 -11.23 -37.74
N ILE A 726 4.82 -11.33 -36.48
CA ILE A 726 3.92 -11.92 -35.48
C ILE A 726 3.39 -10.75 -34.65
N LEU A 727 2.10 -10.78 -34.34
CA LEU A 727 1.44 -9.72 -33.59
C LEU A 727 0.52 -10.36 -32.54
N PRO A 728 0.70 -10.11 -31.25
CA PRO A 728 -0.27 -10.60 -30.29
C PRO A 728 -1.64 -9.97 -30.50
N VAL A 729 -2.65 -10.82 -30.42
CA VAL A 729 -4.06 -10.44 -30.33
C VAL A 729 -4.63 -10.52 -28.93
N SER A 730 -4.40 -11.58 -28.15
CA SER A 730 -5.31 -11.87 -27.06
C SER A 730 -4.51 -12.46 -25.92
N MET A 731 -5.06 -12.31 -24.71
CA MET A 731 -4.43 -12.81 -23.51
C MET A 731 -5.38 -13.77 -22.83
N THR A 732 -4.84 -14.53 -21.90
CA THR A 732 -5.66 -15.43 -21.12
C THR A 732 -6.75 -14.66 -20.38
N LYS A 733 -7.98 -15.16 -20.47
CA LYS A 733 -9.10 -14.57 -19.76
C LYS A 733 -9.15 -15.16 -18.35
N THR A 734 -8.75 -14.36 -17.36
CA THR A 734 -8.81 -14.75 -15.95
C THR A 734 -9.84 -13.94 -15.17
N SER A 735 -10.51 -14.65 -14.28
CA SER A 735 -11.52 -14.23 -13.32
C SER A 735 -11.08 -14.65 -11.94
N VAL A 736 -11.28 -13.81 -10.93
CA VAL A 736 -10.76 -14.09 -9.61
C VAL A 736 -11.90 -13.89 -8.63
N ASP A 737 -12.21 -14.90 -7.84
CA ASP A 737 -13.23 -14.76 -6.81
C ASP A 737 -12.55 -14.06 -5.65
N CYS A 738 -12.82 -12.74 -5.53
CA CYS A 738 -12.15 -11.93 -4.52
C CYS A 738 -12.42 -12.45 -3.11
N THR A 739 -13.69 -12.74 -2.81
CA THR A 739 -14.03 -13.29 -1.50
C THR A 739 -13.17 -14.51 -1.19
N MET A 740 -13.12 -15.48 -2.09
CA MET A 740 -12.60 -16.76 -1.68
C MET A 740 -11.06 -16.61 -1.57
N TYR A 741 -10.48 -15.75 -2.42
CA TYR A 741 -9.10 -15.76 -2.72
C TYR A 741 -8.52 -15.11 -1.47
N ILE A 742 -9.24 -13.98 -0.92
CA ILE A 742 -8.93 -13.23 0.32
C ILE A 742 -9.18 -14.07 1.55
N CYS A 743 -10.34 -14.70 1.63
CA CYS A 743 -10.73 -15.52 2.77
C CYS A 743 -10.51 -17.00 2.50
N GLY A 744 -11.16 -17.55 1.48
CA GLY A 744 -11.07 -18.97 1.25
C GLY A 744 -11.94 -19.75 2.21
N ASP A 745 -13.25 -19.56 2.11
CA ASP A 745 -14.21 -20.28 2.94
C ASP A 745 -14.02 -19.94 4.41
N SER A 746 -14.13 -18.65 4.72
CA SER A 746 -14.10 -18.16 6.10
C SER A 746 -15.19 -17.12 6.27
N THR A 747 -16.25 -17.48 6.97
CA THR A 747 -17.36 -16.55 7.12
C THR A 747 -16.95 -15.26 7.81
N GLU A 748 -16.14 -15.34 8.89
CA GLU A 748 -15.79 -14.12 9.61
C GLU A 748 -14.86 -13.22 8.81
N CYS A 749 -13.96 -13.82 8.00
CA CYS A 749 -13.22 -12.99 7.05
C CYS A 749 -14.17 -12.35 6.04
N SER A 750 -15.22 -13.06 5.69
CA SER A 750 -16.15 -12.50 4.71
C SER A 750 -16.87 -11.29 5.29
N ASN A 751 -17.33 -11.39 6.55
CA ASN A 751 -18.03 -10.27 7.17
C ASN A 751 -17.09 -9.09 7.36
N LEU A 752 -15.85 -9.34 7.79
CA LEU A 752 -14.84 -8.27 7.73
C LEU A 752 -14.69 -7.63 6.34
N LEU A 753 -14.59 -8.40 5.29
CA LEU A 753 -14.32 -7.72 4.03
C LEU A 753 -15.55 -7.02 3.48
N LEU A 754 -16.74 -7.58 3.66
CA LEU A 754 -17.92 -6.85 3.24
C LEU A 754 -18.06 -5.59 4.05
N GLN A 755 -17.73 -5.66 5.33
CA GLN A 755 -17.65 -4.49 6.18
C GLN A 755 -16.52 -3.57 5.76
N TYR A 756 -15.68 -3.96 4.79
CA TYR A 756 -14.54 -3.12 4.48
C TYR A 756 -14.86 -2.22 3.28
N GLY A 757 -15.95 -2.50 2.55
CA GLY A 757 -16.35 -1.80 1.34
C GLY A 757 -16.79 -2.72 0.22
N SER A 758 -16.78 -2.23 -1.02
CA SER A 758 -17.21 -3.01 -2.18
C SER A 758 -16.12 -3.12 -3.24
N PHE A 759 -14.90 -3.45 -2.83
CA PHE A 759 -13.77 -3.60 -3.76
C PHE A 759 -13.91 -4.84 -4.65
N CYS A 760 -14.59 -5.87 -4.15
CA CYS A 760 -14.72 -7.09 -4.92
C CYS A 760 -15.50 -6.87 -6.22
N THR A 761 -16.67 -6.23 -6.16
CA THR A 761 -17.26 -5.73 -7.40
C THR A 761 -16.29 -5.06 -8.32
N GLN A 762 -15.62 -3.99 -7.94
CA GLN A 762 -14.82 -3.34 -8.97
C GLN A 762 -13.85 -4.32 -9.60
N LEU A 763 -13.16 -5.13 -8.79
CA LEU A 763 -12.11 -6.00 -9.34
C LEU A 763 -12.72 -7.01 -10.28
N ASN A 764 -13.81 -7.63 -9.84
CA ASN A 764 -14.50 -8.53 -10.71
C ASN A 764 -14.83 -7.81 -11.99
N ARG A 765 -15.20 -6.53 -11.96
CA ARG A 765 -16.16 -6.29 -13.00
C ARG A 765 -15.22 -5.74 -14.09
N ALA A 766 -14.02 -5.24 -13.66
CA ALA A 766 -12.85 -4.96 -14.53
C ALA A 766 -12.30 -6.22 -15.19
N LEU A 767 -12.11 -7.28 -14.39
CA LEU A 767 -11.83 -8.63 -14.88
C LEU A 767 -12.75 -9.11 -16.01
N THR A 768 -14.05 -9.13 -15.78
CA THR A 768 -14.97 -9.13 -16.93
C THR A 768 -14.59 -8.17 -18.03
N GLY A 769 -14.68 -6.85 -17.82
CA GLY A 769 -14.43 -5.95 -18.92
C GLY A 769 -13.25 -6.39 -19.74
N ILE A 770 -12.29 -7.06 -19.11
CA ILE A 770 -10.98 -7.12 -19.72
C ILE A 770 -11.01 -8.38 -20.57
N ALA A 771 -11.80 -9.38 -20.10
CA ALA A 771 -12.07 -10.60 -20.87
C ALA A 771 -12.87 -10.26 -22.10
N VAL A 772 -13.90 -9.45 -21.94
CA VAL A 772 -14.90 -9.45 -22.99
C VAL A 772 -14.22 -8.62 -24.07
N GLU A 773 -13.24 -7.75 -23.61
CA GLU A 773 -12.29 -7.06 -24.49
C GLU A 773 -11.34 -8.01 -25.20
N GLN A 774 -10.93 -9.11 -24.55
CA GLN A 774 -10.11 -10.11 -25.26
C GLN A 774 -10.90 -10.77 -26.38
N ASP A 775 -12.13 -11.16 -26.07
CA ASP A 775 -13.00 -11.77 -27.05
C ASP A 775 -13.21 -10.84 -28.24
N LYS A 776 -13.44 -9.56 -27.93
CA LYS A 776 -13.52 -8.51 -28.95
C LYS A 776 -12.14 -8.27 -29.79
N ASN A 777 -10.98 -8.47 -29.17
CA ASN A 777 -9.83 -8.37 -30.04
C ASN A 777 -9.90 -9.46 -31.06
N THR A 778 -10.16 -10.68 -30.62
CA THR A 778 -10.11 -11.79 -31.56
C THR A 778 -11.16 -11.62 -32.65
N GLN A 779 -12.40 -11.35 -32.24
CA GLN A 779 -13.48 -11.21 -33.20
C GLN A 779 -13.16 -10.13 -34.20
N GLU A 780 -12.63 -9.00 -33.74
CA GLU A 780 -12.27 -7.98 -34.70
C GLU A 780 -11.22 -8.50 -35.67
N VAL A 781 -10.20 -9.25 -35.19
CA VAL A 781 -9.00 -9.14 -36.01
C VAL A 781 -9.25 -10.09 -37.14
N PHE A 782 -9.93 -11.23 -36.80
CA PHE A 782 -10.08 -12.43 -37.62
C PHE A 782 -11.41 -12.52 -38.36
N ALA A 783 -12.49 -11.95 -37.83
CA ALA A 783 -13.83 -12.15 -38.37
C ALA A 783 -14.24 -11.05 -39.33
N GLN A 784 -13.29 -10.60 -40.15
CA GLN A 784 -13.58 -9.52 -41.09
C GLN A 784 -14.54 -9.98 -42.18
N VAL A 785 -14.41 -11.22 -42.64
CA VAL A 785 -15.21 -11.70 -43.74
C VAL A 785 -16.32 -12.53 -43.11
N LYS A 786 -17.55 -12.40 -43.62
CA LYS A 786 -18.71 -13.13 -43.09
C LYS A 786 -19.07 -14.36 -43.93
N GLN A 787 -18.29 -14.66 -44.96
CA GLN A 787 -18.53 -15.80 -45.83
C GLN A 787 -17.28 -16.66 -45.85
N ILE A 788 -17.46 -17.97 -45.68
CA ILE A 788 -16.35 -18.90 -45.61
C ILE A 788 -16.09 -19.40 -47.01
N TYR A 789 -14.99 -18.96 -47.59
CA TYR A 789 -14.61 -19.36 -48.93
C TYR A 789 -13.79 -20.64 -48.87
N LYS A 790 -13.98 -21.49 -49.88
CA LYS A 790 -13.36 -22.79 -49.97
C LYS A 790 -12.39 -22.82 -51.15
N THR A 791 -11.23 -23.43 -50.96
CA THR A 791 -10.25 -23.32 -52.02
C THR A 791 -10.76 -24.32 -53.05
N PRO A 792 -10.36 -24.26 -54.33
CA PRO A 792 -10.93 -25.23 -55.24
C PRO A 792 -10.40 -26.59 -54.82
N PRO A 793 -10.96 -27.71 -55.31
CA PRO A 793 -10.22 -28.97 -55.22
C PRO A 793 -9.01 -28.99 -56.12
N ILE A 794 -9.11 -28.36 -57.27
CA ILE A 794 -8.04 -28.14 -58.22
C ILE A 794 -7.21 -26.87 -57.97
N LYS A 795 -5.94 -27.13 -57.68
CA LYS A 795 -4.92 -26.17 -57.26
C LYS A 795 -4.05 -25.90 -58.47
N ASP A 796 -4.49 -24.99 -59.33
CA ASP A 796 -3.74 -24.56 -60.49
C ASP A 796 -3.65 -23.05 -60.36
N PHE A 797 -2.60 -22.60 -59.67
CA PHE A 797 -2.36 -21.19 -59.40
C PHE A 797 -1.15 -20.65 -60.15
N GLY A 798 -0.89 -21.17 -61.34
CA GLY A 798 0.19 -20.65 -62.15
C GLY A 798 1.56 -21.02 -61.65
N GLY A 799 1.69 -22.17 -60.99
CA GLY A 799 2.93 -22.61 -60.43
C GLY A 799 3.10 -22.33 -58.95
N PHE A 800 2.41 -21.35 -58.41
CA PHE A 800 2.51 -21.04 -57.01
C PHE A 800 1.90 -22.19 -56.21
N ASN A 801 2.62 -22.61 -55.18
CA ASN A 801 2.30 -23.79 -54.41
C ASN A 801 1.80 -23.29 -53.08
N PHE A 802 0.52 -23.50 -52.73
CA PHE A 802 0.23 -23.14 -51.36
C PHE A 802 -0.45 -24.28 -50.62
N SER A 803 0.18 -25.45 -50.70
CA SER A 803 -0.07 -26.58 -49.81
C SER A 803 0.38 -26.31 -48.37
N GLN A 804 1.43 -25.50 -48.18
CA GLN A 804 1.99 -25.30 -46.85
C GLN A 804 1.17 -24.36 -45.98
N ILE A 805 0.34 -23.51 -46.59
CA ILE A 805 -0.48 -22.57 -45.85
C ILE A 805 -1.95 -22.89 -45.95
N LEU A 806 -2.34 -23.84 -46.80
CA LEU A 806 -3.72 -24.09 -47.11
C LEU A 806 -4.16 -25.22 -46.17
N PRO A 807 -5.45 -25.35 -45.85
CA PRO A 807 -5.84 -26.34 -44.84
C PRO A 807 -5.41 -27.74 -45.23
N ASP A 808 -4.91 -28.48 -44.23
CA ASP A 808 -4.49 -29.84 -44.45
C ASP A 808 -5.69 -30.77 -44.37
N PRO A 809 -6.00 -31.53 -45.42
CA PRO A 809 -7.11 -32.48 -45.32
C PRO A 809 -6.90 -33.54 -44.27
N SER A 810 -5.66 -33.74 -43.84
CA SER A 810 -5.39 -34.71 -42.81
C SER A 810 -5.96 -34.31 -41.46
N LYS A 811 -6.55 -33.10 -41.31
CA LYS A 811 -7.18 -32.91 -40.01
C LYS A 811 -6.23 -33.02 -38.83
N PRO A 812 -5.14 -32.25 -38.83
CA PRO A 812 -4.46 -31.91 -37.57
C PRO A 812 -5.10 -30.70 -36.92
N SER A 813 -6.38 -30.85 -36.57
CA SER A 813 -7.26 -29.73 -36.33
C SER A 813 -7.47 -28.90 -37.57
N LYS A 814 -7.36 -29.43 -38.82
CA LYS A 814 -7.61 -28.46 -39.93
C LYS A 814 -6.69 -27.21 -39.92
N ARG A 815 -5.45 -27.41 -39.54
CA ARG A 815 -4.52 -26.29 -39.56
C ARG A 815 -3.39 -26.53 -40.58
N SER A 816 -2.98 -25.47 -41.27
CA SER A 816 -1.90 -25.59 -42.23
C SER A 816 -0.59 -25.95 -41.53
N PHE A 817 0.41 -26.33 -42.33
CA PHE A 817 1.57 -26.93 -41.68
C PHE A 817 2.48 -25.89 -41.03
N ILE A 818 2.55 -24.71 -41.61
CA ILE A 818 2.85 -23.48 -40.89
C ILE A 818 2.09 -23.34 -39.58
N GLU A 819 0.76 -23.48 -39.59
CA GLU A 819 0.01 -23.24 -38.36
C GLU A 819 0.31 -24.28 -37.29
N ASP A 820 0.42 -25.55 -37.68
CA ASP A 820 0.80 -26.59 -36.72
C ASP A 820 2.14 -26.30 -36.07
N LEU A 821 3.15 -26.08 -36.90
CA LEU A 821 4.42 -25.49 -36.55
C LEU A 821 4.36 -24.35 -35.55
N LEU A 822 3.60 -23.29 -35.85
CA LEU A 822 3.48 -22.20 -34.91
C LEU A 822 2.86 -22.65 -33.59
N PHE A 823 1.83 -23.49 -33.65
CA PHE A 823 1.14 -23.90 -32.42
C PHE A 823 2.03 -24.76 -31.54
N ASN A 824 2.90 -25.58 -32.14
CA ASN A 824 3.70 -26.48 -31.32
C ASN A 824 5.06 -25.86 -31.01
N LYS A 825 5.28 -24.63 -31.48
CA LYS A 825 6.45 -23.85 -31.12
C LYS A 825 6.23 -22.97 -29.89
N VAL A 826 5.01 -22.94 -29.35
CA VAL A 826 4.69 -22.15 -28.18
C VAL A 826 4.18 -23.10 -27.10
N THR A 827 4.81 -23.07 -25.93
CA THR A 827 4.51 -23.98 -24.83
C THR A 827 3.68 -23.26 -23.79
N LEU A 828 2.38 -23.58 -23.72
CA LEU A 828 1.52 -23.07 -22.67
C LEU A 828 1.87 -23.72 -21.34
N PHE A 855 -7.96 -22.63 -8.06
CA PHE A 855 -7.72 -23.28 -6.77
C PHE A 855 -7.95 -22.35 -5.57
N ASN A 856 -7.51 -21.10 -5.72
CA ASN A 856 -7.73 -20.05 -4.75
C ASN A 856 -8.65 -18.97 -5.33
N GLY A 857 -9.64 -19.40 -6.10
CA GLY A 857 -10.55 -18.49 -6.76
C GLY A 857 -10.08 -17.95 -8.09
N LEU A 858 -8.95 -18.40 -8.60
CA LEU A 858 -8.41 -17.98 -9.90
C LEU A 858 -8.75 -19.07 -10.91
N THR A 859 -9.57 -18.77 -11.91
CA THR A 859 -10.00 -19.84 -12.77
C THR A 859 -9.29 -19.32 -14.01
N VAL A 860 -9.58 -19.92 -15.15
CA VAL A 860 -9.34 -19.41 -16.47
C VAL A 860 -10.58 -19.59 -17.33
N LEU A 861 -11.07 -18.52 -17.93
CA LEU A 861 -12.18 -18.75 -18.83
C LEU A 861 -11.69 -19.16 -20.22
N PRO A 862 -12.49 -19.94 -20.94
CA PRO A 862 -12.11 -20.31 -22.29
C PRO A 862 -12.45 -19.20 -23.27
N PRO A 863 -11.68 -19.05 -24.35
CA PRO A 863 -12.03 -18.05 -25.36
C PRO A 863 -13.31 -18.42 -26.08
N LEU A 864 -14.00 -17.39 -26.60
CA LEU A 864 -15.22 -17.64 -27.35
C LEU A 864 -14.93 -18.40 -28.63
N LEU A 865 -13.91 -17.97 -29.37
CA LEU A 865 -13.57 -18.58 -30.64
C LEU A 865 -12.50 -19.64 -30.38
N THR A 866 -12.82 -20.89 -30.71
CA THR A 866 -11.87 -21.97 -30.53
C THR A 866 -10.75 -21.85 -31.55
N ASP A 867 -9.68 -22.60 -31.30
CA ASP A 867 -8.58 -22.63 -32.25
C ASP A 867 -9.06 -23.16 -33.59
N GLU A 868 -9.98 -24.14 -33.57
CA GLU A 868 -10.49 -24.71 -34.82
C GLU A 868 -11.23 -23.64 -35.63
N MET A 869 -12.11 -22.79 -34.98
CA MET A 869 -12.91 -21.99 -35.94
C MET A 869 -11.92 -20.78 -36.32
N ILE A 870 -10.90 -20.36 -35.45
CA ILE A 870 -9.92 -19.35 -35.88
C ILE A 870 -9.18 -19.86 -37.11
N ALA A 871 -8.77 -21.12 -37.10
CA ALA A 871 -8.11 -21.68 -38.25
C ALA A 871 -9.02 -21.64 -39.46
N GLN A 872 -10.28 -21.97 -39.27
CA GLN A 872 -11.24 -21.89 -40.37
C GLN A 872 -11.38 -20.46 -40.90
N TYR A 873 -11.40 -19.46 -40.01
CA TYR A 873 -11.44 -18.06 -40.44
C TYR A 873 -10.24 -17.73 -41.30
N THR A 874 -9.05 -18.08 -40.82
CA THR A 874 -7.84 -17.83 -41.60
C THR A 874 -7.90 -18.54 -42.93
N SER A 875 -8.45 -19.75 -42.96
CA SER A 875 -8.57 -20.49 -44.21
C SER A 875 -9.51 -19.80 -45.18
N ALA A 876 -10.67 -19.33 -44.70
CA ALA A 876 -11.57 -18.60 -45.59
C ALA A 876 -10.86 -17.37 -46.10
N LEU A 877 -10.29 -16.60 -45.19
CA LEU A 877 -9.49 -15.46 -45.63
C LEU A 877 -8.43 -15.82 -46.67
N LEU A 878 -7.72 -16.89 -46.46
CA LEU A 878 -6.55 -17.09 -47.30
C LEU A 878 -7.01 -17.55 -48.68
N ALA A 879 -8.06 -18.38 -48.72
CA ALA A 879 -8.68 -18.82 -49.98
C ALA A 879 -9.29 -17.66 -50.73
N GLY A 880 -9.98 -16.76 -50.04
CA GLY A 880 -10.53 -15.59 -50.69
C GLY A 880 -9.44 -14.70 -51.28
N THR A 881 -8.30 -14.65 -50.61
CA THR A 881 -7.15 -13.97 -51.21
C THR A 881 -6.66 -14.68 -52.47
N ILE A 882 -6.52 -16.00 -52.43
CA ILE A 882 -5.96 -16.66 -53.61
C ILE A 882 -6.91 -16.52 -54.79
N THR A 883 -8.17 -16.95 -54.65
CA THR A 883 -9.17 -16.67 -55.69
C THR A 883 -9.37 -15.21 -56.08
N SER A 884 -9.61 -14.29 -55.17
CA SER A 884 -10.22 -13.04 -55.63
C SER A 884 -9.35 -11.83 -55.37
N GLY A 885 -8.30 -11.99 -54.59
CA GLY A 885 -7.41 -10.88 -54.32
C GLY A 885 -8.03 -9.91 -53.36
N TRP A 886 -8.51 -8.75 -53.84
CA TRP A 886 -8.83 -7.78 -52.83
C TRP A 886 -10.34 -7.54 -52.89
N THR A 887 -10.94 -7.90 -54.05
CA THR A 887 -12.38 -7.78 -54.32
C THR A 887 -13.27 -8.73 -53.50
N PHE A 888 -12.72 -9.67 -52.72
CA PHE A 888 -13.58 -10.28 -51.71
C PHE A 888 -13.69 -9.42 -50.45
N GLY A 889 -12.87 -8.39 -50.33
CA GLY A 889 -12.92 -7.50 -49.18
C GLY A 889 -13.77 -6.26 -49.41
N ALA A 890 -14.06 -5.94 -50.67
CA ALA A 890 -14.85 -4.77 -51.03
C ALA A 890 -16.31 -5.12 -51.34
N GLY A 891 -16.70 -6.38 -51.14
CA GLY A 891 -18.02 -6.84 -51.53
C GLY A 891 -18.05 -8.34 -51.77
N ALA A 892 -18.53 -8.74 -52.94
CA ALA A 892 -18.60 -10.13 -53.31
C ALA A 892 -17.31 -10.55 -53.99
N ALA A 893 -16.86 -11.76 -53.68
CA ALA A 893 -15.62 -12.24 -54.26
C ALA A 893 -15.80 -12.46 -55.76
N LEU A 894 -14.79 -12.05 -56.51
CA LEU A 894 -14.72 -12.26 -57.96
C LEU A 894 -13.49 -13.12 -58.25
N GLN A 895 -13.68 -14.20 -58.98
CA GLN A 895 -12.56 -15.06 -59.30
C GLN A 895 -11.61 -14.35 -60.26
N ILE A 896 -10.36 -14.80 -60.24
CA ILE A 896 -9.34 -14.34 -61.17
C ILE A 896 -8.19 -15.35 -61.18
N PRO A 897 -7.59 -15.63 -62.34
CA PRO A 897 -6.68 -16.79 -62.45
C PRO A 897 -5.47 -16.79 -61.51
N PHE A 898 -5.21 -15.68 -60.82
CA PHE A 898 -4.14 -15.45 -59.85
C PHE A 898 -2.82 -15.13 -60.55
N ALA A 899 -2.70 -15.44 -61.84
CA ALA A 899 -1.58 -14.91 -62.60
C ALA A 899 -1.78 -13.46 -63.04
N MET A 900 -2.89 -13.17 -63.69
CA MET A 900 -3.48 -11.86 -63.60
C MET A 900 -3.55 -11.20 -62.26
N GLN A 901 -3.94 -11.83 -61.24
CA GLN A 901 -3.90 -11.08 -60.03
C GLN A 901 -2.60 -10.63 -59.62
N MET A 902 -1.57 -11.49 -59.85
CA MET A 902 -0.26 -11.06 -59.56
C MET A 902 0.25 -10.00 -60.57
N ALA A 903 -0.21 -10.03 -61.82
CA ALA A 903 0.08 -8.97 -62.76
C ALA A 903 -0.50 -7.65 -62.25
N TYR A 904 -1.73 -7.67 -61.74
CA TYR A 904 -2.32 -6.46 -61.17
C TYR A 904 -1.53 -5.94 -59.96
N ARG A 905 -1.13 -6.86 -59.06
CA ARG A 905 -0.27 -6.43 -57.99
C ARG A 905 0.99 -5.76 -58.48
N PHE A 906 1.67 -6.41 -59.44
CA PHE A 906 2.89 -5.84 -59.98
C PHE A 906 2.58 -4.46 -60.51
N ASN A 907 1.44 -4.31 -61.19
CA ASN A 907 1.05 -3.04 -61.79
C ASN A 907 0.99 -1.99 -60.69
N GLY A 908 0.39 -2.40 -59.57
CA GLY A 908 0.22 -1.52 -58.44
C GLY A 908 1.56 -1.11 -57.87
N ILE A 909 2.56 -1.97 -58.04
CA ILE A 909 3.70 -1.82 -57.19
C ILE A 909 4.33 -0.61 -57.87
N GLY A 910 4.25 -0.63 -59.22
CA GLY A 910 4.98 0.16 -60.22
C GLY A 910 5.83 -0.65 -61.22
N VAL A 911 5.47 -1.90 -61.47
CA VAL A 911 5.79 -2.78 -62.62
C VAL A 911 4.68 -3.19 -63.56
N THR A 912 5.09 -3.19 -64.84
CA THR A 912 4.27 -3.54 -65.95
C THR A 912 4.01 -5.05 -65.91
N GLN A 913 2.92 -5.46 -66.54
CA GLN A 913 2.47 -6.84 -66.46
C GLN A 913 3.43 -7.80 -67.18
N ASN A 914 4.03 -7.33 -68.27
CA ASN A 914 4.95 -8.18 -69.01
C ASN A 914 6.07 -8.69 -68.13
N VAL A 915 6.48 -7.89 -67.16
CA VAL A 915 7.55 -8.33 -66.27
C VAL A 915 7.15 -9.62 -65.57
N LEU A 916 5.90 -9.72 -65.13
CA LEU A 916 5.42 -10.96 -64.52
C LEU A 916 5.25 -12.05 -65.56
N TYR A 917 4.47 -11.79 -66.61
CA TYR A 917 4.08 -12.85 -67.53
C TYR A 917 5.29 -13.45 -68.24
N GLU A 918 6.32 -12.66 -68.42
CA GLU A 918 7.54 -13.19 -68.99
C GLU A 918 8.34 -13.93 -67.96
N ASN A 919 7.97 -13.88 -66.69
CA ASN A 919 9.01 -14.19 -65.76
C ASN A 919 8.39 -15.23 -64.82
N GLN A 920 7.19 -15.72 -65.22
CA GLN A 920 6.19 -16.31 -64.30
C GLN A 920 6.73 -17.54 -63.58
N LYS A 921 7.35 -18.45 -64.33
CA LYS A 921 8.11 -19.49 -63.65
C LYS A 921 9.05 -18.90 -62.61
N LEU A 922 10.00 -18.08 -63.03
CA LEU A 922 11.01 -17.67 -62.07
C LEU A 922 10.36 -17.18 -60.77
N ILE A 923 9.38 -16.28 -60.88
CA ILE A 923 8.68 -15.75 -59.71
C ILE A 923 8.05 -16.87 -58.91
N ALA A 924 7.48 -17.88 -59.58
CA ALA A 924 6.86 -18.98 -58.87
C ALA A 924 7.89 -19.82 -58.11
N ASN A 925 8.96 -20.23 -58.80
CA ASN A 925 10.06 -20.93 -58.14
C ASN A 925 10.43 -20.20 -56.88
N GLN A 926 10.51 -18.90 -57.02
CA GLN A 926 11.12 -18.02 -56.06
C GLN A 926 10.27 -17.93 -54.79
N PHE A 927 8.94 -17.93 -54.98
CA PHE A 927 7.99 -17.61 -53.91
C PHE A 927 7.85 -18.98 -53.16
N ASN A 928 7.92 -20.13 -53.94
CA ASN A 928 8.00 -21.50 -53.33
C ASN A 928 9.20 -21.59 -52.41
N SER A 929 10.33 -21.17 -52.92
CA SER A 929 11.55 -21.26 -52.15
C SER A 929 11.46 -20.43 -50.89
N ALA A 930 10.92 -19.23 -51.00
CA ALA A 930 10.76 -18.37 -49.83
C ALA A 930 9.84 -19.02 -48.82
N ILE A 931 8.75 -19.66 -49.28
CA ILE A 931 7.87 -20.37 -48.35
C ILE A 931 8.61 -21.51 -47.66
N GLY A 932 9.44 -22.23 -48.41
CA GLY A 932 10.25 -23.28 -47.80
C GLY A 932 11.25 -22.75 -46.78
N LYS A 933 11.81 -21.58 -47.06
CA LYS A 933 12.73 -20.96 -46.10
C LYS A 933 12.00 -20.51 -44.85
N ILE A 934 10.79 -20.00 -44.99
CA ILE A 934 10.00 -19.76 -43.78
C ILE A 934 9.77 -21.06 -43.05
N GLN A 935 9.59 -22.16 -43.80
CA GLN A 935 9.32 -23.46 -43.19
C GLN A 935 10.51 -23.96 -42.35
N ASP A 936 11.73 -23.89 -42.91
CA ASP A 936 12.88 -24.27 -42.07
C ASP A 936 13.02 -23.32 -40.89
N SER A 937 12.96 -22.01 -41.13
CA SER A 937 13.24 -21.08 -40.05
C SER A 937 12.30 -21.30 -38.88
N LEU A 938 11.01 -21.51 -39.15
CA LEU A 938 10.08 -21.79 -38.07
C LEU A 938 10.18 -23.22 -37.55
N SER A 939 10.82 -24.12 -38.29
CA SER A 939 10.95 -25.50 -37.84
C SER A 939 12.16 -25.71 -36.92
N SER A 940 13.31 -25.16 -37.29
CA SER A 940 14.55 -25.38 -36.54
C SER A 940 14.88 -24.20 -35.63
N THR A 941 15.04 -23.02 -36.21
CA THR A 941 15.39 -21.87 -35.41
C THR A 941 14.30 -21.60 -34.37
N PRO A 942 14.72 -21.40 -33.13
CA PRO A 942 13.83 -21.14 -32.01
C PRO A 942 13.71 -19.63 -31.80
N SER A 943 12.94 -19.25 -30.78
CA SER A 943 12.74 -17.86 -30.40
C SER A 943 12.06 -17.03 -31.49
N ALA A 944 11.44 -17.70 -32.45
CA ALA A 944 10.75 -16.99 -33.52
C ALA A 944 9.42 -16.39 -33.07
N LEU A 945 8.80 -16.94 -32.03
CA LEU A 945 7.52 -16.44 -31.51
C LEU A 945 7.73 -15.76 -30.16
N GLY A 946 8.79 -14.96 -30.08
CA GLY A 946 9.15 -14.36 -28.81
C GLY A 946 8.08 -13.44 -28.26
N LYS A 947 7.37 -12.74 -29.13
CA LYS A 947 6.31 -11.83 -28.66
C LYS A 947 5.20 -12.60 -27.96
N LEU A 948 4.65 -13.62 -28.63
CA LEU A 948 3.55 -14.38 -28.05
C LEU A 948 4.02 -15.10 -26.79
N GLN A 949 5.21 -15.69 -26.85
CA GLN A 949 5.75 -16.30 -25.66
C GLN A 949 5.83 -15.27 -24.55
N ASP A 950 6.34 -14.08 -24.84
CA ASP A 950 6.57 -13.11 -23.78
C ASP A 950 5.23 -12.78 -23.12
N VAL A 951 4.19 -12.61 -23.93
CA VAL A 951 2.86 -12.33 -23.39
C VAL A 951 2.44 -13.44 -22.44
N VAL A 952 2.57 -14.69 -22.90
CA VAL A 952 2.16 -15.83 -22.08
C VAL A 952 2.93 -15.89 -20.78
N ASN A 953 4.26 -15.76 -20.88
CA ASN A 953 5.11 -15.64 -19.70
C ASN A 953 4.61 -14.56 -18.75
N GLN A 954 4.25 -13.40 -19.27
CA GLN A 954 4.19 -12.25 -18.38
C GLN A 954 2.88 -12.40 -17.60
N ASN A 955 1.86 -12.96 -18.29
CA ASN A 955 0.60 -13.33 -17.63
C ASN A 955 0.78 -14.43 -16.60
N ALA A 956 1.41 -15.55 -17.00
CA ALA A 956 1.59 -16.67 -16.09
C ALA A 956 2.34 -16.22 -14.85
N GLN A 957 3.24 -15.27 -15.02
CA GLN A 957 4.09 -14.85 -13.92
C GLN A 957 3.38 -13.85 -13.02
N ALA A 958 2.49 -13.03 -13.58
CA ALA A 958 1.62 -12.23 -12.73
C ALA A 958 0.78 -13.13 -11.81
N LEU A 959 0.10 -14.14 -12.37
CA LEU A 959 -0.53 -15.16 -11.52
C LEU A 959 0.42 -15.82 -10.53
N ASN A 960 1.56 -16.30 -10.94
CA ASN A 960 2.37 -17.00 -9.95
C ASN A 960 2.74 -16.07 -8.82
N THR A 961 3.07 -14.81 -9.13
CA THR A 961 3.03 -13.82 -8.06
C THR A 961 1.76 -13.89 -7.23
N LEU A 962 0.56 -13.85 -7.81
CA LEU A 962 -0.38 -13.10 -6.99
C LEU A 962 -0.74 -14.20 -5.95
N VAL A 963 -0.82 -15.48 -6.44
CA VAL A 963 -0.74 -16.74 -5.66
C VAL A 963 0.30 -16.73 -4.58
N LYS A 964 1.52 -16.43 -4.94
CA LYS A 964 2.64 -16.45 -4.02
C LYS A 964 2.60 -15.32 -3.01
N GLN A 965 1.95 -14.25 -3.36
CA GLN A 965 1.53 -13.26 -2.40
C GLN A 965 0.49 -13.82 -1.44
N LEU A 966 -0.35 -14.75 -1.90
CA LEU A 966 -1.47 -15.15 -1.06
C LEU A 966 -0.99 -15.79 0.23
N SER A 967 0.33 -16.04 0.36
CA SER A 967 0.94 -16.72 1.50
C SER A 967 1.95 -15.83 2.22
N SER A 968 1.56 -14.57 2.49
CA SER A 968 2.38 -13.60 3.20
C SER A 968 1.66 -13.12 4.44
N ASN A 969 2.45 -12.62 5.39
CA ASN A 969 1.94 -12.58 6.74
C ASN A 969 1.42 -11.16 7.00
N PHE A 970 1.95 -10.20 6.24
CA PHE A 970 1.56 -8.80 6.24
C PHE A 970 1.53 -8.20 7.64
N GLY A 971 2.28 -8.79 8.57
CA GLY A 971 2.31 -8.34 9.95
C GLY A 971 1.57 -9.27 10.90
N ALA A 972 0.80 -10.21 10.37
CA ALA A 972 -0.02 -11.06 11.21
C ALA A 972 0.84 -12.13 11.86
N ILE A 973 0.22 -12.91 12.75
CA ILE A 973 0.95 -14.00 13.39
C ILE A 973 1.29 -15.10 12.40
N SER A 974 0.38 -15.38 11.47
CA SER A 974 0.57 -16.42 10.47
C SER A 974 -0.22 -16.08 9.20
N SER A 975 0.15 -16.74 8.09
CA SER A 975 -0.46 -16.48 6.80
C SER A 975 -1.62 -17.40 6.46
N VAL A 976 -2.00 -18.29 7.39
CA VAL A 976 -3.08 -19.24 7.19
C VAL A 976 -4.23 -18.81 8.10
N LEU A 977 -5.40 -18.49 7.53
CA LEU A 977 -6.24 -17.71 8.40
C LEU A 977 -6.91 -18.72 9.33
N ASN A 978 -6.86 -20.05 8.96
CA ASN A 978 -7.36 -21.12 9.80
C ASN A 978 -6.59 -21.21 11.11
N ASP A 979 -5.25 -21.00 11.09
CA ASP A 979 -4.51 -21.17 12.36
C ASP A 979 -4.75 -20.00 13.31
N ILE A 980 -4.88 -18.80 12.77
CA ILE A 980 -5.48 -17.64 13.46
C ILE A 980 -6.94 -17.78 13.88
N LEU A 981 -7.79 -18.46 13.13
CA LEU A 981 -9.09 -18.74 13.73
C LEU A 981 -8.96 -19.75 14.85
N SER A 982 -8.11 -20.76 14.68
CA SER A 982 -7.99 -21.86 15.64
C SER A 982 -7.10 -21.55 16.83
N ARG A 983 -6.39 -20.41 16.82
CA ARG A 983 -5.46 -20.06 17.89
C ARG A 983 -5.92 -18.87 18.73
N LEU A 984 -6.80 -18.03 18.20
CA LEU A 984 -7.21 -16.79 18.84
C LEU A 984 -8.73 -16.66 18.90
N ASP A 985 -9.16 -15.86 19.85
CA ASP A 985 -10.54 -15.53 20.13
C ASP A 985 -10.94 -14.22 19.44
N PRO A 986 -12.23 -13.97 19.32
CA PRO A 986 -12.70 -13.06 18.27
C PRO A 986 -11.88 -11.80 18.15
N PRO A 987 -11.71 -10.98 19.22
CA PRO A 987 -11.16 -9.62 19.01
C PRO A 987 -9.82 -9.60 18.28
N GLU A 988 -8.81 -10.28 18.83
CA GLU A 988 -7.50 -10.28 18.18
C GLU A 988 -7.50 -11.14 16.91
N ALA A 989 -8.43 -12.10 16.83
CA ALA A 989 -8.63 -12.79 15.58
C ALA A 989 -8.96 -11.80 14.45
N GLU A 990 -9.96 -10.96 14.67
CA GLU A 990 -10.39 -10.01 13.67
C GLU A 990 -9.31 -9.01 13.36
N VAL A 991 -8.65 -8.46 14.38
CA VAL A 991 -7.36 -7.77 14.20
C VAL A 991 -6.42 -8.45 13.20
N GLN A 992 -5.98 -9.66 13.49
CA GLN A 992 -5.00 -10.26 12.58
C GLN A 992 -5.60 -10.48 11.17
N ILE A 993 -6.87 -10.87 11.14
CA ILE A 993 -7.52 -11.11 9.88
C ILE A 993 -7.60 -9.82 9.09
N ASP A 994 -7.93 -8.72 9.76
CA ASP A 994 -7.98 -7.40 9.13
C ASP A 994 -6.66 -7.10 8.48
N ARG A 995 -5.56 -7.38 9.16
CA ARG A 995 -4.26 -7.16 8.54
C ARG A 995 -4.09 -8.00 7.27
N LEU A 996 -4.51 -9.26 7.34
CA LEU A 996 -4.35 -10.12 6.17
C LEU A 996 -5.13 -9.63 4.95
N ILE A 997 -6.37 -9.36 5.19
CA ILE A 997 -7.23 -8.69 4.25
C ILE A 997 -6.75 -7.33 3.74
N THR A 998 -6.16 -6.46 4.57
CA THR A 998 -5.52 -5.29 3.97
C THR A 998 -4.45 -5.72 2.98
N GLY A 999 -3.59 -6.67 3.36
CA GLY A 999 -2.48 -7.07 2.50
C GLY A 999 -2.91 -7.73 1.20
N ARG A 1000 -3.86 -8.64 1.31
CA ARG A 1000 -4.37 -9.40 0.19
C ARG A 1000 -5.11 -8.48 -0.77
N LEU A 1001 -5.78 -7.47 -0.20
CA LEU A 1001 -6.63 -6.62 -1.01
C LEU A 1001 -5.72 -5.75 -1.86
N GLN A 1002 -4.66 -5.21 -1.21
CA GLN A 1002 -3.56 -4.54 -1.89
C GLN A 1002 -2.99 -5.37 -3.03
N SER A 1003 -2.66 -6.64 -2.76
CA SER A 1003 -2.13 -7.51 -3.80
C SER A 1003 -3.10 -7.74 -4.95
N LEU A 1004 -4.37 -7.99 -4.66
CA LEU A 1004 -5.30 -8.22 -5.75
C LEU A 1004 -5.33 -7.01 -6.66
N GLN A 1005 -5.26 -5.84 -6.05
CA GLN A 1005 -5.62 -4.58 -6.69
C GLN A 1005 -4.47 -4.13 -7.57
N THR A 1006 -3.24 -4.19 -7.04
CA THR A 1006 -2.04 -4.37 -7.89
C THR A 1006 -2.24 -5.31 -9.05
N TYR A 1007 -2.61 -6.55 -8.79
CA TYR A 1007 -2.69 -7.45 -9.91
C TYR A 1007 -3.65 -6.88 -10.95
N VAL A 1008 -4.73 -6.23 -10.52
CA VAL A 1008 -5.84 -6.19 -11.46
C VAL A 1008 -5.50 -5.05 -12.38
N THR A 1009 -5.03 -3.94 -11.76
CA THR A 1009 -4.36 -2.83 -12.43
C THR A 1009 -3.23 -3.22 -13.38
N GLN A 1010 -2.31 -4.07 -12.98
CA GLN A 1010 -1.29 -4.44 -13.94
C GLN A 1010 -1.92 -5.15 -15.15
N GLN A 1011 -2.92 -5.98 -14.86
CA GLN A 1011 -3.62 -6.71 -15.91
C GLN A 1011 -4.32 -5.79 -16.88
N LEU A 1012 -5.13 -4.91 -16.34
CA LEU A 1012 -5.50 -3.71 -17.08
C LEU A 1012 -4.43 -3.09 -17.92
N ILE A 1013 -3.29 -2.70 -17.33
CA ILE A 1013 -2.38 -1.95 -18.22
C ILE A 1013 -2.04 -2.78 -19.44
N ARG A 1014 -1.62 -3.99 -19.23
CA ARG A 1014 -1.45 -4.94 -20.30
C ARG A 1014 -2.65 -5.07 -21.23
N ALA A 1015 -3.85 -5.14 -20.69
CA ALA A 1015 -4.99 -5.35 -21.58
C ALA A 1015 -5.10 -4.19 -22.55
N ALA A 1016 -4.80 -2.98 -22.08
CA ALA A 1016 -4.71 -1.84 -22.99
C ALA A 1016 -3.60 -2.03 -24.02
N GLU A 1017 -2.43 -2.50 -23.59
CA GLU A 1017 -1.33 -2.73 -24.54
C GLU A 1017 -1.72 -3.72 -25.65
N ILE A 1018 -2.28 -4.87 -25.24
CA ILE A 1018 -2.71 -5.95 -26.12
C ILE A 1018 -3.84 -5.44 -27.04
N ARG A 1019 -4.74 -4.61 -26.52
CA ARG A 1019 -5.79 -4.06 -27.37
C ARG A 1019 -5.19 -3.19 -28.45
N ALA A 1020 -4.20 -2.37 -28.09
CA ALA A 1020 -3.47 -1.63 -29.12
C ALA A 1020 -2.84 -2.57 -30.14
N SER A 1021 -2.22 -3.65 -29.66
CA SER A 1021 -1.52 -4.54 -30.59
C SER A 1021 -2.52 -5.24 -31.49
N ALA A 1022 -3.66 -5.62 -30.92
CA ALA A 1022 -4.71 -6.27 -31.68
C ALA A 1022 -5.31 -5.32 -32.71
N ASN A 1023 -5.46 -4.02 -32.40
CA ASN A 1023 -6.04 -3.18 -33.43
C ASN A 1023 -5.01 -2.88 -34.50
N LEU A 1024 -3.73 -2.87 -34.15
CA LEU A 1024 -2.72 -2.87 -35.21
C LEU A 1024 -2.85 -4.11 -36.09
N ALA A 1025 -3.08 -5.26 -35.47
CA ALA A 1025 -3.21 -6.50 -36.23
C ALA A 1025 -4.44 -6.49 -37.12
N ALA A 1026 -5.54 -5.92 -36.62
CA ALA A 1026 -6.74 -5.80 -37.44
C ALA A 1026 -6.49 -4.89 -38.62
N THR A 1027 -5.80 -3.78 -38.40
CA THR A 1027 -5.45 -2.92 -39.53
C THR A 1027 -4.59 -3.67 -40.54
N LYS A 1028 -3.62 -4.44 -40.06
CA LYS A 1028 -2.79 -5.25 -40.93
C LYS A 1028 -3.59 -6.26 -41.75
N MET A 1029 -4.46 -7.09 -41.12
CA MET A 1029 -5.42 -7.80 -41.97
C MET A 1029 -5.92 -6.91 -43.03
N SER A 1030 -6.56 -5.85 -42.57
CA SER A 1030 -7.60 -5.25 -43.38
C SER A 1030 -6.97 -4.73 -44.65
N GLU A 1031 -5.79 -4.13 -44.51
CA GLU A 1031 -5.05 -3.50 -45.59
C GLU A 1031 -4.10 -4.45 -46.31
N CYS A 1032 -3.25 -5.18 -45.58
CA CYS A 1032 -2.27 -6.02 -46.25
C CYS A 1032 -2.91 -7.25 -46.89
N VAL A 1033 -3.92 -7.84 -46.26
CA VAL A 1033 -4.38 -9.16 -46.67
C VAL A 1033 -5.53 -8.98 -47.65
N LEU A 1034 -6.55 -8.22 -47.24
CA LEU A 1034 -7.67 -7.88 -48.11
C LEU A 1034 -7.34 -6.79 -49.11
N GLY A 1035 -6.09 -6.38 -49.22
CA GLY A 1035 -5.71 -5.44 -50.25
C GLY A 1035 -4.21 -5.30 -50.33
N GLN A 1036 -3.78 -4.46 -51.26
CA GLN A 1036 -2.36 -4.19 -51.47
C GLN A 1036 -2.02 -2.85 -50.84
N SER A 1037 -1.01 -2.83 -49.98
CA SER A 1037 -0.68 -1.64 -49.19
C SER A 1037 0.41 -0.80 -49.84
N LYS A 1038 0.17 0.51 -49.89
CA LYS A 1038 1.13 1.50 -50.39
C LYS A 1038 2.04 2.00 -49.28
N ARG A 1039 1.86 1.51 -48.07
CA ARG A 1039 2.48 2.02 -46.85
C ARG A 1039 3.81 1.39 -46.48
N VAL A 1040 4.86 2.22 -46.42
CA VAL A 1040 6.10 1.66 -46.93
C VAL A 1040 6.51 0.87 -45.71
N ASP A 1041 6.95 -0.36 -45.86
CA ASP A 1041 7.33 -1.16 -44.69
C ASP A 1041 6.16 -1.51 -43.78
N PHE A 1042 4.93 -1.07 -44.07
CA PHE A 1042 3.81 -1.44 -43.22
C PHE A 1042 3.55 -2.93 -43.28
N CYS A 1043 3.60 -3.50 -44.48
CA CYS A 1043 3.28 -4.89 -44.70
C CYS A 1043 4.55 -5.60 -45.17
N GLY A 1044 5.63 -5.36 -44.47
CA GLY A 1044 6.89 -6.00 -44.78
C GLY A 1044 7.85 -5.07 -45.50
N LYS A 1045 9.11 -5.44 -45.43
CA LYS A 1045 10.16 -4.80 -46.21
C LYS A 1045 10.08 -5.07 -47.70
N GLY A 1046 10.19 -3.98 -48.45
CA GLY A 1046 10.15 -3.98 -49.90
C GLY A 1046 8.82 -3.45 -50.38
N TYR A 1047 8.60 -3.59 -51.69
CA TYR A 1047 7.34 -3.22 -52.29
C TYR A 1047 6.34 -4.34 -52.04
N HIS A 1048 5.36 -4.08 -51.17
CA HIS A 1048 4.34 -5.06 -50.86
C HIS A 1048 3.76 -5.66 -52.14
N LEU A 1049 3.61 -6.98 -52.15
CA LEU A 1049 2.82 -7.68 -53.15
C LEU A 1049 1.58 -8.32 -52.52
N MET A 1050 1.76 -9.16 -51.48
CA MET A 1050 0.57 -9.58 -50.74
C MET A 1050 1.05 -10.06 -49.39
N SER A 1051 0.10 -10.63 -48.64
CA SER A 1051 0.29 -11.19 -47.31
C SER A 1051 -0.72 -12.30 -47.12
N PHE A 1052 -0.34 -13.29 -46.29
CA PHE A 1052 -1.21 -14.41 -45.93
C PHE A 1052 -1.32 -14.47 -44.41
N PRO A 1053 -2.51 -14.63 -43.86
CA PRO A 1053 -2.64 -14.76 -42.40
C PRO A 1053 -2.60 -16.19 -41.91
N GLN A 1054 -1.94 -16.36 -40.78
CA GLN A 1054 -1.88 -17.66 -40.11
C GLN A 1054 -2.17 -17.45 -38.63
N SER A 1055 -2.89 -18.40 -38.04
CA SER A 1055 -3.25 -18.31 -36.65
C SER A 1055 -2.08 -18.75 -35.76
N ALA A 1056 -2.14 -18.32 -34.52
CA ALA A 1056 -1.16 -18.70 -33.52
C ALA A 1056 -1.88 -18.84 -32.19
N PRO A 1057 -1.22 -19.36 -31.14
CA PRO A 1057 -1.90 -19.57 -29.87
C PRO A 1057 -2.56 -18.29 -29.46
N HIS A 1058 -1.85 -17.18 -29.47
CA HIS A 1058 -2.59 -16.07 -28.92
C HIS A 1058 -2.23 -14.83 -29.71
N GLY A 1059 -2.27 -14.96 -31.03
CA GLY A 1059 -1.91 -13.91 -31.96
C GLY A 1059 -2.03 -14.39 -33.38
N VAL A 1060 -1.53 -13.56 -34.31
CA VAL A 1060 -1.58 -13.83 -35.73
C VAL A 1060 -0.19 -13.70 -36.31
N VAL A 1061 0.07 -14.45 -37.38
CA VAL A 1061 1.34 -14.38 -38.11
C VAL A 1061 1.01 -14.04 -39.56
N PHE A 1062 1.57 -12.94 -40.05
CA PHE A 1062 1.40 -12.54 -41.43
C PHE A 1062 2.68 -12.90 -42.18
N LEU A 1063 2.54 -13.68 -43.25
CA LEU A 1063 3.64 -14.00 -44.15
C LEU A 1063 3.61 -12.98 -45.28
N HIS A 1064 4.47 -11.97 -45.31
CA HIS A 1064 4.19 -11.01 -46.37
C HIS A 1064 5.24 -11.24 -47.46
N VAL A 1065 4.75 -11.63 -48.65
CA VAL A 1065 5.34 -11.22 -49.95
C VAL A 1065 5.43 -9.72 -50.20
N THR A 1066 6.66 -9.42 -50.63
CA THR A 1066 7.12 -8.15 -51.13
C THR A 1066 8.10 -8.41 -52.27
N TYR A 1067 8.23 -7.41 -53.12
CA TYR A 1067 9.12 -7.43 -54.27
C TYR A 1067 10.34 -6.59 -53.92
N VAL A 1068 11.52 -7.17 -54.08
CA VAL A 1068 12.76 -6.47 -53.73
C VAL A 1068 13.63 -6.42 -54.98
N PRO A 1069 13.93 -5.24 -55.52
CA PRO A 1069 14.83 -5.17 -56.67
C PRO A 1069 16.22 -5.65 -56.31
N ALA A 1070 16.96 -6.08 -57.33
CA ALA A 1070 18.32 -6.57 -57.14
C ALA A 1070 19.05 -6.54 -58.48
N GLN A 1071 20.36 -6.74 -58.41
CA GLN A 1071 21.25 -6.74 -59.57
C GLN A 1071 21.23 -5.40 -60.31
N GLU A 1072 21.75 -4.40 -59.60
CA GLU A 1072 21.72 -3.03 -60.07
C GLU A 1072 22.66 -2.85 -61.28
N LYS A 1073 22.53 -1.68 -61.88
CA LYS A 1073 23.11 -1.18 -63.13
C LYS A 1073 22.82 0.29 -63.39
N ASN A 1074 23.91 1.02 -63.53
CA ASN A 1074 23.90 2.46 -63.74
C ASN A 1074 23.70 2.81 -65.18
N PHE A 1075 23.52 4.11 -65.38
CA PHE A 1075 23.06 4.60 -66.63
C PHE A 1075 23.18 6.10 -66.52
N THR A 1076 23.54 6.76 -67.60
CA THR A 1076 23.53 8.21 -67.58
C THR A 1076 22.12 8.65 -67.93
N THR A 1077 21.60 9.62 -67.18
CA THR A 1077 20.24 10.10 -67.31
C THR A 1077 20.24 11.54 -67.83
N ALA A 1078 19.04 12.04 -68.16
CA ALA A 1078 18.83 13.39 -68.68
C ALA A 1078 17.38 13.78 -68.39
N PRO A 1079 17.12 14.93 -67.77
CA PRO A 1079 15.77 15.07 -67.27
C PRO A 1079 14.80 15.00 -68.44
N ALA A 1080 15.27 15.47 -69.61
CA ALA A 1080 14.49 15.58 -70.84
C ALA A 1080 15.37 15.32 -72.06
N ILE A 1081 14.79 15.54 -73.24
CA ILE A 1081 15.45 15.39 -74.53
C ILE A 1081 15.07 16.54 -75.45
N CYS A 1082 16.09 17.19 -76.02
CA CYS A 1082 15.88 18.21 -77.05
C CYS A 1082 15.65 17.51 -78.39
N HIS A 1083 14.53 17.81 -79.03
CA HIS A 1083 14.29 17.36 -80.39
C HIS A 1083 13.44 18.39 -81.11
N ASP A 1084 13.91 18.86 -82.26
CA ASP A 1084 13.22 19.89 -83.01
C ASP A 1084 13.03 21.13 -82.14
N GLY A 1085 14.02 21.41 -81.30
CA GLY A 1085 13.98 22.56 -80.42
C GLY A 1085 12.97 22.46 -79.30
N LYS A 1086 12.58 21.25 -78.92
CA LYS A 1086 11.45 21.09 -78.03
C LYS A 1086 11.87 20.07 -76.98
N ALA A 1087 11.38 20.22 -75.74
CA ALA A 1087 11.81 19.36 -74.64
C ALA A 1087 10.87 18.18 -74.46
N HIS A 1088 11.43 16.97 -74.37
CA HIS A 1088 10.66 15.74 -74.15
C HIS A 1088 11.14 15.07 -72.85
N PHE A 1089 10.18 14.54 -72.10
CA PHE A 1089 9.86 14.22 -70.72
C PHE A 1089 9.15 12.86 -70.62
N PRO A 1090 9.71 11.88 -69.91
CA PRO A 1090 9.10 10.53 -69.93
C PRO A 1090 7.70 10.55 -69.37
N ARG A 1091 6.83 9.87 -70.08
CA ARG A 1091 5.40 10.01 -69.91
C ARG A 1091 5.10 9.22 -68.62
N GLU A 1092 5.81 8.08 -68.51
CA GLU A 1092 6.03 7.21 -67.35
C GLU A 1092 7.33 6.45 -67.59
N GLY A 1093 8.44 6.89 -66.98
CA GLY A 1093 9.71 6.19 -67.09
C GLY A 1093 10.87 7.14 -66.93
N VAL A 1094 12.07 6.69 -67.29
CA VAL A 1094 13.28 7.50 -67.18
C VAL A 1094 14.11 7.33 -68.46
N PHE A 1095 14.77 8.41 -68.84
CA PHE A 1095 15.73 8.39 -69.94
C PHE A 1095 17.07 7.88 -69.43
N VAL A 1096 17.59 6.82 -70.05
CA VAL A 1096 18.86 6.22 -69.68
C VAL A 1096 19.65 5.88 -70.93
N SER A 1097 20.97 5.86 -70.77
CA SER A 1097 21.86 5.57 -71.88
C SER A 1097 22.84 4.50 -71.44
N ASN A 1098 23.07 3.49 -72.29
CA ASN A 1098 24.02 2.44 -71.93
C ASN A 1098 25.45 2.93 -72.10
N GLY A 1099 25.85 3.30 -73.31
CA GLY A 1099 27.02 4.12 -73.47
C GLY A 1099 26.89 5.23 -74.50
N THR A 1100 25.98 5.03 -75.48
CA THR A 1100 25.92 5.92 -76.64
C THR A 1100 24.48 6.24 -77.00
N HIS A 1101 23.58 5.29 -76.73
CA HIS A 1101 22.16 5.20 -77.04
C HIS A 1101 21.22 5.49 -75.87
N TRP A 1102 20.11 6.16 -76.21
CA TRP A 1102 19.23 6.78 -75.24
C TRP A 1102 17.91 6.05 -75.35
N PHE A 1103 17.59 5.31 -74.30
CA PHE A 1103 16.36 4.57 -74.06
C PHE A 1103 15.54 5.20 -72.94
N VAL A 1104 14.24 4.94 -73.00
CA VAL A 1104 13.33 5.30 -71.95
C VAL A 1104 12.81 4.01 -71.35
N THR A 1105 13.16 3.83 -70.09
CA THR A 1105 12.74 2.74 -69.21
C THR A 1105 11.87 3.30 -68.17
N GLN A 1106 11.23 2.30 -67.64
CA GLN A 1106 10.59 2.31 -66.40
C GLN A 1106 11.55 2.19 -65.12
N ARG A 1107 11.04 2.67 -64.02
CA ARG A 1107 11.93 3.07 -62.90
C ARG A 1107 12.43 1.85 -62.16
N ASN A 1108 11.57 0.86 -61.94
CA ASN A 1108 11.81 -0.24 -61.01
C ASN A 1108 12.29 -1.51 -61.68
N PHE A 1109 12.60 -1.44 -62.97
CA PHE A 1109 13.05 -2.61 -63.73
C PHE A 1109 13.64 -2.15 -65.04
N TYR A 1110 14.89 -2.54 -65.30
CA TYR A 1110 15.58 -2.17 -66.54
C TYR A 1110 14.81 -2.82 -67.68
N GLU A 1111 14.10 -2.03 -68.49
CA GLU A 1111 13.49 -2.56 -69.71
C GLU A 1111 13.59 -1.45 -70.76
N PRO A 1112 14.73 -1.32 -71.43
CA PRO A 1112 14.95 -0.15 -72.29
C PRO A 1112 14.15 -0.22 -73.57
N GLN A 1113 13.89 0.96 -74.16
CA GLN A 1113 12.85 0.81 -75.16
C GLN A 1113 13.03 2.10 -75.97
N ILE A 1114 13.03 2.05 -77.32
CA ILE A 1114 13.37 3.26 -78.12
C ILE A 1114 12.55 4.47 -77.67
N ILE A 1115 13.17 5.65 -77.73
CA ILE A 1115 12.43 6.88 -77.44
C ILE A 1115 11.49 7.18 -78.60
N THR A 1116 10.24 7.45 -78.26
CA THR A 1116 9.04 7.55 -79.08
C THR A 1116 8.08 8.62 -78.56
N THR A 1117 7.40 9.25 -79.52
CA THR A 1117 6.40 10.27 -79.23
C THR A 1117 5.20 9.71 -78.47
N ASP A 1118 5.04 8.39 -78.47
CA ASP A 1118 3.98 7.71 -77.74
C ASP A 1118 4.25 7.65 -76.25
N ASN A 1119 5.52 7.59 -75.88
CA ASN A 1119 6.03 7.30 -74.56
C ASN A 1119 6.90 8.46 -74.05
N THR A 1120 6.76 9.62 -74.67
CA THR A 1120 7.25 10.91 -74.17
C THR A 1120 6.19 11.97 -74.49
N PHE A 1121 6.21 13.07 -73.75
CA PHE A 1121 5.30 14.19 -73.99
C PHE A 1121 6.09 15.49 -74.03
N VAL A 1122 5.68 16.44 -74.89
CA VAL A 1122 6.56 17.56 -75.18
C VAL A 1122 6.06 18.66 -74.26
N SER A 1123 6.95 19.50 -73.75
CA SER A 1123 6.51 20.67 -73.00
C SER A 1123 7.51 21.80 -73.23
N GLY A 1124 7.23 22.61 -74.24
CA GLY A 1124 7.99 23.81 -74.48
C GLY A 1124 9.34 23.52 -75.11
N ASN A 1125 10.14 24.59 -75.23
CA ASN A 1125 11.48 24.56 -75.74
C ASN A 1125 12.43 24.02 -74.68
N CYS A 1126 13.72 23.90 -75.02
CA CYS A 1126 14.72 23.39 -74.10
C CYS A 1126 15.85 24.38 -73.80
N ASP A 1127 15.47 25.63 -73.55
CA ASP A 1127 16.37 26.66 -73.02
C ASP A 1127 16.22 26.86 -71.52
N VAL A 1128 15.26 26.18 -70.91
CA VAL A 1128 14.93 26.34 -69.51
C VAL A 1128 15.23 25.11 -68.66
N VAL A 1129 15.14 23.91 -69.22
CA VAL A 1129 15.45 22.71 -68.44
C VAL A 1129 16.94 22.62 -68.18
N ILE A 1130 17.31 22.42 -66.91
CA ILE A 1130 18.71 22.34 -66.49
C ILE A 1130 19.14 20.90 -66.65
N GLY A 1131 20.07 20.65 -67.57
CA GLY A 1131 20.63 19.34 -67.80
C GLY A 1131 20.05 18.56 -68.94
N ILE A 1132 19.32 19.21 -69.86
CA ILE A 1132 18.71 18.50 -70.98
C ILE A 1132 19.80 17.98 -71.91
N VAL A 1133 19.46 16.94 -72.67
CA VAL A 1133 20.41 16.25 -73.55
C VAL A 1133 19.80 16.11 -74.93
N ASN A 1134 20.65 16.24 -75.95
CA ASN A 1134 20.22 16.08 -77.34
C ASN A 1134 20.04 14.62 -77.68
N ASN A 1135 19.01 14.35 -78.48
CA ASN A 1135 18.77 13.02 -79.00
C ASN A 1135 17.60 13.09 -79.97
N THR A 1136 17.42 12.04 -80.75
CA THR A 1136 16.37 11.96 -81.74
C THR A 1136 15.20 11.18 -81.18
N VAL A 1137 13.99 11.72 -81.34
CA VAL A 1137 12.77 11.11 -80.83
C VAL A 1137 12.08 10.47 -82.02
N TYR A 1138 12.05 9.14 -82.05
CA TYR A 1138 11.46 8.42 -83.16
C TYR A 1138 9.98 8.76 -83.30
N ASP A 1139 9.57 9.06 -84.54
CA ASP A 1139 8.18 9.34 -84.85
C ASP A 1139 7.57 8.15 -85.56
N PRO A 1140 6.76 7.31 -84.88
CA PRO A 1140 6.22 6.10 -85.50
C PRO A 1140 4.97 6.34 -86.34
N LEU A 1141 4.99 7.47 -87.12
CA LEU A 1141 4.14 7.55 -88.30
C LEU A 1141 4.94 7.28 -89.57
N GLN A 1142 5.99 8.06 -89.70
CA GLN A 1142 6.47 8.39 -91.02
C GLN A 1142 6.71 7.13 -91.82
N PRO A 1143 7.36 6.11 -91.29
CA PRO A 1143 7.51 4.87 -92.06
C PRO A 1143 6.16 4.24 -92.41
N GLU A 1144 5.11 4.55 -91.64
CA GLU A 1144 3.77 4.09 -92.00
C GLU A 1144 3.22 4.84 -93.21
N LEU A 1145 3.54 6.14 -93.34
CA LEU A 1145 3.21 6.86 -94.57
C LEU A 1145 3.94 6.27 -95.75
N ASP A 1146 5.23 6.00 -95.58
CA ASP A 1146 6.02 5.38 -96.63
C ASP A 1146 5.60 3.94 -96.83
N GLN B 14 15.22 55.22 42.30
CA GLN B 14 14.09 56.14 42.28
C GLN B 14 13.74 56.41 40.81
N CYS B 15 12.46 56.63 40.55
CA CYS B 15 11.93 57.00 39.25
C CYS B 15 11.09 58.27 39.32
N VAL B 16 11.17 59.05 38.26
CA VAL B 16 10.33 60.22 38.03
C VAL B 16 9.62 60.04 36.69
N ASN B 17 8.32 60.29 36.71
CA ASN B 17 7.44 60.31 35.55
C ASN B 17 7.52 61.68 34.95
N LEU B 18 7.94 61.77 33.67
CA LEU B 18 8.42 62.99 33.10
C LEU B 18 7.18 63.69 32.80
N THR B 19 7.15 64.96 32.87
CA THR B 19 6.07 65.62 32.22
C THR B 19 6.58 66.51 31.07
N THR B 20 5.73 67.41 30.60
CA THR B 20 5.94 68.14 29.38
C THR B 20 6.03 67.15 28.22
N ARG B 21 4.90 66.51 27.91
CA ARG B 21 4.75 65.56 26.82
C ARG B 21 3.36 65.74 26.21
N THR B 22 3.36 66.18 24.96
CA THR B 22 2.11 66.43 24.26
C THR B 22 1.53 65.08 23.84
N GLN B 23 0.20 65.03 23.84
CA GLN B 23 -0.56 63.88 23.41
C GLN B 23 -1.07 64.06 21.99
N LEU B 24 -0.77 63.08 21.15
CA LEU B 24 -1.21 63.01 19.82
C LEU B 24 -1.97 61.68 19.76
N PRO B 25 -2.67 61.42 18.67
CA PRO B 25 -3.30 60.11 18.51
C PRO B 25 -2.31 58.97 18.62
N PRO B 26 -2.66 57.77 18.15
CA PRO B 26 -1.60 57.00 17.50
C PRO B 26 -1.44 57.24 16.00
N ALA B 27 -0.24 57.02 15.54
CA ALA B 27 0.10 56.97 14.14
C ALA B 27 0.34 55.54 13.67
N TYR B 28 0.25 55.37 12.36
CA TYR B 28 0.52 54.13 11.66
C TYR B 28 1.20 54.39 10.30
N THR B 29 1.94 53.38 9.84
CA THR B 29 2.54 53.40 8.53
C THR B 29 2.42 52.01 7.89
N ASN B 30 2.89 51.91 6.64
CA ASN B 30 2.88 50.69 5.83
C ASN B 30 4.31 50.13 5.80
N SER B 31 4.41 48.82 5.97
CA SER B 31 5.67 48.10 5.93
C SER B 31 5.69 47.32 4.62
N PHE B 32 6.67 47.61 3.78
CA PHE B 32 6.79 47.02 2.45
C PHE B 32 7.82 45.92 2.52
N THR B 33 7.37 44.67 2.36
CA THR B 33 8.24 43.51 2.37
C THR B 33 9.34 43.64 3.42
N ARG B 34 8.91 43.74 4.67
CA ARG B 34 9.82 43.85 5.81
C ARG B 34 9.46 42.82 6.86
N GLY B 35 10.45 42.44 7.65
CA GLY B 35 10.24 41.41 8.65
C GLY B 35 10.37 40.01 8.08
N VAL B 36 11.47 39.76 7.37
CA VAL B 36 11.80 38.43 6.86
C VAL B 36 13.15 38.04 7.45
N TYR B 37 13.19 36.84 8.01
CA TYR B 37 14.39 36.30 8.60
C TYR B 37 14.64 34.90 8.05
N TYR B 38 15.66 34.25 8.57
CA TYR B 38 15.95 32.87 8.23
C TYR B 38 15.17 32.00 9.21
N PRO B 39 14.15 31.26 8.75
CA PRO B 39 13.34 30.49 9.68
C PRO B 39 14.15 29.47 10.45
N ASP B 40 15.16 28.89 9.82
CA ASP B 40 15.98 27.78 10.26
C ASP B 40 17.44 28.08 9.96
N LYS B 41 18.29 27.23 10.52
CA LYS B 41 19.73 27.38 10.47
C LYS B 41 20.38 26.55 9.39
N VAL B 42 19.61 26.22 8.36
CA VAL B 42 19.95 25.23 7.35
C VAL B 42 20.27 26.00 6.08
N PHE B 43 21.52 25.79 5.55
CA PHE B 43 22.02 26.64 4.50
C PHE B 43 21.37 25.99 3.23
N ARG B 44 20.74 26.82 2.38
CA ARG B 44 20.18 26.52 1.07
C ARG B 44 20.60 27.60 0.07
N SER B 45 20.98 27.15 -1.17
CA SER B 45 21.70 27.92 -2.18
C SER B 45 21.02 27.67 -3.53
N SER B 46 20.38 28.73 -4.04
CA SER B 46 19.75 28.77 -5.37
C SER B 46 18.40 28.08 -5.43
N VAL B 47 17.68 28.12 -4.31
CA VAL B 47 16.53 27.27 -4.08
C VAL B 47 15.34 28.17 -3.82
N LEU B 48 14.14 27.66 -4.18
CA LEU B 48 12.85 28.31 -3.93
C LEU B 48 12.09 27.53 -2.84
N HIS B 49 12.36 27.88 -1.60
CA HIS B 49 11.86 27.15 -0.46
C HIS B 49 10.55 27.74 0.03
N SER B 50 9.58 26.87 0.25
CA SER B 50 8.37 27.19 1.00
C SER B 50 8.60 26.88 2.47
N THR B 51 8.18 27.79 3.34
CA THR B 51 8.29 27.60 4.77
C THR B 51 7.08 28.24 5.42
N GLN B 52 6.47 27.54 6.37
CA GLN B 52 5.39 28.08 7.17
C GLN B 52 5.96 28.46 8.53
N ASP B 53 5.88 29.73 8.89
CA ASP B 53 6.30 30.18 10.22
C ASP B 53 5.75 31.58 10.45
N LEU B 54 6.04 32.10 11.63
CA LEU B 54 5.57 33.39 12.08
C LEU B 54 6.35 34.48 11.36
N PHE B 55 5.68 35.20 10.45
CA PHE B 55 6.29 36.28 9.69
C PHE B 55 5.46 37.55 9.82
N LEU B 56 6.02 38.65 9.32
CA LEU B 56 5.33 39.92 9.24
C LEU B 56 4.75 40.11 7.85
N PRO B 57 3.42 40.17 7.67
CA PRO B 57 2.89 40.02 6.33
C PRO B 57 3.40 41.16 5.47
N PHE B 58 3.55 40.91 4.19
CA PHE B 58 3.96 41.98 3.29
C PHE B 58 2.88 43.04 3.24
N PHE B 59 3.32 44.30 3.04
CA PHE B 59 2.43 45.43 2.89
C PHE B 59 1.48 45.52 4.06
N SER B 60 2.05 45.31 5.25
CA SER B 60 1.34 45.37 6.50
C SER B 60 1.41 46.79 7.07
N ASN B 61 0.55 47.06 8.05
CA ASN B 61 0.56 48.31 8.78
C ASN B 61 1.16 48.14 10.19
N VAL B 62 2.14 48.98 10.49
CA VAL B 62 2.97 48.87 11.66
C VAL B 62 2.82 50.17 12.43
N THR B 63 2.91 50.11 13.76
CA THR B 63 2.62 51.29 14.59
C THR B 63 3.85 52.18 14.67
N TRP B 64 3.65 53.46 14.42
CA TRP B 64 4.74 54.42 14.29
C TRP B 64 4.84 55.24 15.56
N PHE B 65 6.07 55.33 16.13
CA PHE B 65 6.36 56.10 17.36
C PHE B 65 7.50 57.10 17.25
N HIS B 66 7.35 58.33 17.78
CA HIS B 66 8.27 59.12 17.04
C HIS B 66 9.05 59.53 18.29
N ALA B 67 10.23 60.26 18.16
CA ALA B 67 10.99 60.98 19.23
C ALA B 67 11.70 62.12 18.52
N ILE B 68 11.10 63.28 18.52
CA ILE B 68 11.50 64.45 17.75
C ILE B 68 11.59 65.63 18.71
N HIS B 69 12.60 66.49 18.50
CA HIS B 69 12.88 67.68 19.29
C HIS B 69 11.80 68.74 19.10
N VAL B 70 11.69 69.24 17.86
CA VAL B 70 10.91 70.37 17.38
C VAL B 70 11.10 71.58 18.33
N THR B 76 6.27 69.79 22.93
CA THR B 76 5.86 68.43 22.56
C THR B 76 6.90 67.42 23.01
N LYS B 77 7.94 67.21 22.21
CA LYS B 77 9.09 66.36 22.53
C LYS B 77 8.69 64.89 22.40
N ARG B 78 7.44 64.67 22.00
CA ARG B 78 6.95 63.45 21.38
C ARG B 78 7.62 62.19 21.90
N PHE B 79 7.73 62.09 23.23
CA PHE B 79 8.48 61.00 23.87
C PHE B 79 7.58 59.77 23.98
N ASP B 80 7.76 58.84 23.06
CA ASP B 80 6.91 57.66 22.94
C ASP B 80 7.62 56.48 23.55
N ASN B 81 6.98 55.87 24.56
CA ASN B 81 7.46 54.62 25.10
C ASN B 81 6.29 53.88 25.75
N PRO B 82 5.21 53.64 25.01
CA PRO B 82 4.04 53.02 25.61
C PRO B 82 4.27 51.52 25.85
N VAL B 83 3.30 50.91 26.55
CA VAL B 83 3.37 49.51 26.93
C VAL B 83 2.61 48.67 25.91
N LEU B 84 3.29 48.09 25.01
CA LEU B 84 2.66 47.42 23.91
C LEU B 84 2.45 45.94 24.19
N PRO B 85 1.39 45.34 23.66
CA PRO B 85 1.20 43.90 23.82
C PRO B 85 2.34 43.15 23.14
N PHE B 86 2.38 41.83 23.40
CA PHE B 86 3.32 40.88 22.77
C PHE B 86 2.56 39.58 22.50
N ASN B 87 1.93 39.50 21.32
CA ASN B 87 1.01 38.38 21.08
C ASN B 87 1.79 37.10 20.80
N ASP B 88 2.52 37.07 19.68
CA ASP B 88 3.25 35.88 19.26
C ASP B 88 4.64 36.21 18.72
N GLY B 89 5.12 37.44 18.93
CA GLY B 89 6.32 37.94 18.28
C GLY B 89 6.14 39.36 17.81
N VAL B 90 7.27 40.08 17.76
CA VAL B 90 7.27 41.47 17.36
C VAL B 90 8.43 41.72 16.41
N TYR B 91 8.14 42.48 15.36
CA TYR B 91 9.17 43.04 14.48
C TYR B 91 9.34 44.50 14.87
N PHE B 92 10.58 44.89 15.15
CA PHE B 92 10.88 46.21 15.70
C PHE B 92 11.94 46.87 14.83
N ALA B 93 11.55 47.93 14.12
CA ALA B 93 12.47 48.69 13.30
C ALA B 93 12.68 50.08 13.91
N SER B 94 13.91 50.57 13.74
CA SER B 94 14.33 51.83 14.33
C SER B 94 15.14 52.59 13.30
N THR B 95 14.68 53.77 12.91
CA THR B 95 15.48 54.67 12.09
C THR B 95 16.11 55.70 13.03
N GLU B 96 17.43 55.58 13.26
CA GLU B 96 18.10 56.39 14.26
C GLU B 96 19.36 57.01 13.70
N LYS B 97 19.84 58.00 14.47
CA LYS B 97 20.92 58.89 14.09
C LYS B 97 21.92 59.06 15.22
N SER B 98 21.44 59.03 16.46
CA SER B 98 22.21 59.32 17.67
C SER B 98 21.98 58.25 18.73
N ASN B 99 21.50 57.09 18.33
CA ASN B 99 21.30 55.96 19.23
C ASN B 99 20.40 56.36 20.40
N ILE B 100 19.18 56.74 20.06
CA ILE B 100 18.20 57.16 21.06
C ILE B 100 17.55 55.94 21.71
N ILE B 101 17.08 54.99 20.90
CA ILE B 101 16.55 53.75 21.44
C ILE B 101 17.70 52.90 21.96
N ARG B 102 17.55 52.39 23.18
CA ARG B 102 18.63 51.70 23.86
C ARG B 102 18.35 50.23 24.15
N GLY B 103 17.09 49.83 24.32
CA GLY B 103 16.80 48.46 24.68
C GLY B 103 15.31 48.20 24.78
N TRP B 104 14.98 47.10 25.45
CA TRP B 104 13.60 46.65 25.56
C TRP B 104 13.40 45.93 26.90
N ILE B 105 12.14 45.86 27.27
CA ILE B 105 11.72 45.14 28.47
C ILE B 105 10.49 44.33 28.11
N PHE B 106 10.42 43.10 28.62
CA PHE B 106 9.38 42.13 28.33
C PHE B 106 9.00 41.42 29.63
N GLY B 107 7.72 41.08 29.72
CA GLY B 107 7.17 40.60 30.97
C GLY B 107 5.72 40.18 30.87
N THR B 108 5.10 40.17 32.04
CA THR B 108 3.65 40.08 32.16
C THR B 108 3.09 41.24 32.98
N THR B 109 3.65 41.55 34.14
CA THR B 109 3.20 42.58 35.06
C THR B 109 4.19 43.70 35.26
N LEU B 110 5.49 43.47 35.07
CA LEU B 110 6.61 44.42 35.10
C LEU B 110 6.88 45.02 36.47
N ASP B 111 6.32 44.42 37.53
CA ASP B 111 6.40 44.96 38.88
C ASP B 111 6.99 43.98 39.89
N SER B 112 7.93 43.16 39.43
CA SER B 112 8.63 42.15 40.24
C SER B 112 7.72 41.06 40.80
N LYS B 113 6.44 41.05 40.43
CA LYS B 113 5.56 39.99 40.87
C LYS B 113 5.83 38.72 40.08
N THR B 114 6.21 38.91 38.80
CA THR B 114 6.42 37.95 37.74
C THR B 114 7.74 38.29 37.12
N GLN B 115 8.41 37.24 36.61
CA GLN B 115 9.75 37.36 36.04
C GLN B 115 9.73 38.09 34.70
N SER B 116 10.50 39.18 34.62
CA SER B 116 10.60 39.98 33.42
C SER B 116 11.97 39.80 32.83
N LEU B 117 12.10 40.35 31.61
CA LEU B 117 13.35 40.43 30.87
C LEU B 117 13.69 41.85 30.48
N LEU B 118 14.99 42.21 30.53
CA LEU B 118 15.36 43.49 29.96
C LEU B 118 16.66 43.31 29.18
N ILE B 119 16.72 43.98 28.03
CA ILE B 119 17.91 44.05 27.19
C ILE B 119 18.26 45.52 27.02
N VAL B 120 19.41 45.92 27.55
CA VAL B 120 19.81 47.33 27.51
C VAL B 120 21.19 47.43 26.88
N ASN B 121 21.44 48.59 26.25
CA ASN B 121 22.73 48.93 25.65
C ASN B 121 23.13 50.30 26.17
N ASN B 122 23.72 50.33 27.36
CA ASN B 122 24.18 51.57 27.95
C ASN B 122 25.48 52.00 27.26
N ALA B 123 26.06 53.07 27.77
CA ALA B 123 27.22 53.68 27.13
C ALA B 123 28.43 52.76 27.07
N THR B 124 28.47 51.73 27.90
CA THR B 124 29.65 50.88 28.05
C THR B 124 29.43 49.43 27.63
N ASN B 125 28.32 48.84 28.03
CA ASN B 125 28.08 47.40 27.99
C ASN B 125 26.75 47.13 27.30
N VAL B 126 26.51 45.86 26.99
CA VAL B 126 25.19 45.34 26.64
C VAL B 126 24.76 44.38 27.73
N VAL B 127 23.74 44.79 28.45
CA VAL B 127 23.21 44.04 29.57
C VAL B 127 22.03 43.24 29.04
N ILE B 128 21.92 41.99 29.49
CA ILE B 128 20.72 41.18 29.26
C ILE B 128 20.44 40.44 30.57
N LYS B 129 19.36 40.84 31.21
CA LYS B 129 19.02 40.29 32.51
C LYS B 129 17.66 39.65 32.35
N VAL B 130 17.44 38.52 32.98
CA VAL B 130 16.10 38.01 33.21
C VAL B 130 15.98 37.96 34.72
N CYS B 131 15.28 38.97 35.20
CA CYS B 131 15.21 39.22 36.61
C CYS B 131 13.86 39.84 36.97
N GLU B 132 13.57 39.83 38.27
CA GLU B 132 12.32 40.28 38.81
C GLU B 132 12.57 41.75 39.13
N PHE B 133 12.38 42.57 38.11
CA PHE B 133 12.51 44.00 38.22
C PHE B 133 11.18 44.62 38.65
N GLN B 134 11.29 45.66 39.46
CA GLN B 134 10.16 46.47 39.81
C GLN B 134 10.21 47.63 38.81
N PHE B 135 9.76 47.33 37.60
CA PHE B 135 9.78 48.31 36.54
C PHE B 135 8.79 49.42 36.87
N CYS B 136 9.24 50.64 36.72
CA CYS B 136 8.45 51.80 37.02
C CYS B 136 7.70 52.19 35.76
N ASN B 137 6.88 53.23 35.86
CA ASN B 137 5.97 53.51 34.76
C ASN B 137 6.72 54.04 33.55
N ASP B 138 7.77 54.84 33.78
CA ASP B 138 8.52 55.47 32.70
C ASP B 138 9.99 55.09 32.83
N PRO B 139 10.34 53.88 32.41
CA PRO B 139 11.75 53.53 32.32
C PRO B 139 12.45 54.27 31.17
N PHE B 140 13.66 54.72 31.42
CA PHE B 140 14.42 55.39 30.37
C PHE B 140 15.89 55.53 30.72
N LEU B 141 16.68 56.25 29.81
CA LEU B 141 18.05 56.31 30.35
C LEU B 141 18.20 57.90 30.09
N GLY B 142 19.20 58.51 30.74
CA GLY B 142 19.47 59.89 30.53
C GLY B 142 20.91 60.26 30.24
N VAL B 143 21.16 60.96 29.11
CA VAL B 143 22.49 61.40 28.71
C VAL B 143 22.65 62.87 29.09
N TYR B 144 23.84 63.23 29.58
CA TYR B 144 24.15 64.59 29.97
C TYR B 144 25.21 65.17 29.02
N TYR B 145 24.93 66.37 28.52
CA TYR B 145 25.81 67.05 27.58
C TYR B 145 26.47 68.23 28.29
N HIS B 146 27.79 68.36 28.10
CA HIS B 146 28.59 69.37 28.78
C HIS B 146 28.98 70.45 27.79
N LYS B 147 28.61 71.69 28.09
CA LYS B 147 29.01 72.81 27.24
C LYS B 147 30.43 73.25 27.54
N ASN B 148 30.85 73.14 28.80
CA ASN B 148 32.21 73.53 29.17
C ASN B 148 33.22 72.82 28.29
N ASN B 149 33.08 71.50 28.17
CA ASN B 149 33.70 70.73 27.10
C ASN B 149 32.62 69.84 26.50
N LYS B 150 32.38 70.01 25.21
CA LYS B 150 31.35 69.26 24.51
C LYS B 150 31.64 67.77 24.60
N SER B 151 30.80 67.08 25.36
CA SER B 151 30.92 65.66 25.56
C SER B 151 29.57 65.13 26.03
N TRP B 152 29.16 63.99 25.48
CA TRP B 152 27.94 63.31 25.87
C TRP B 152 28.27 61.97 26.50
N MET B 153 27.60 61.67 27.61
CA MET B 153 27.79 60.38 28.25
C MET B 153 26.62 60.08 29.17
N GLU B 154 26.37 58.80 29.38
CA GLU B 154 25.26 58.37 30.20
C GLU B 154 25.38 58.92 31.62
N SER B 155 24.29 59.50 32.11
CA SER B 155 24.22 60.12 33.42
C SER B 155 23.24 59.39 34.34
N GLU B 156 22.08 59.04 33.81
CA GLU B 156 21.00 58.44 34.59
C GLU B 156 20.61 57.12 33.97
N PHE B 157 20.12 56.20 34.82
CA PHE B 157 19.60 54.90 34.40
C PHE B 157 18.38 54.62 35.29
N ARG B 158 17.22 55.11 34.86
CA ARG B 158 15.96 54.97 35.61
C ARG B 158 15.11 53.97 34.85
N VAL B 159 15.09 52.73 35.33
CA VAL B 159 14.22 51.70 34.79
C VAL B 159 13.47 50.94 35.88
N TYR B 160 14.14 50.63 37.01
CA TYR B 160 13.78 49.43 37.73
C TYR B 160 14.13 49.79 39.18
N SER B 161 13.36 49.31 40.14
CA SER B 161 13.62 49.72 41.51
C SER B 161 14.42 48.70 42.28
N SER B 162 14.07 47.42 42.10
CA SER B 162 14.47 46.36 42.99
C SER B 162 14.39 45.04 42.23
N ALA B 163 15.23 44.10 42.67
CA ALA B 163 15.45 42.82 42.00
C ALA B 163 16.20 41.84 42.91
N ASN B 164 15.47 40.82 43.36
CA ASN B 164 15.82 39.97 44.49
C ASN B 164 16.15 38.56 44.04
N ASN B 165 15.22 37.92 43.36
CA ASN B 165 15.32 36.58 42.81
C ASN B 165 15.51 36.72 41.33
N CYS B 166 16.61 36.15 40.85
CA CYS B 166 16.78 35.92 39.41
C CYS B 166 17.98 35.05 39.06
N THR B 167 17.97 34.56 37.81
CA THR B 167 18.64 33.34 37.45
C THR B 167 19.64 33.57 36.30
N PHE B 168 19.26 34.43 35.31
CA PHE B 168 20.00 34.64 34.06
C PHE B 168 20.45 36.08 33.90
N GLU B 169 21.76 36.24 33.77
CA GLU B 169 22.38 37.52 33.51
C GLU B 169 23.38 37.31 32.39
N TYR B 170 23.66 38.38 31.65
CA TYR B 170 24.74 38.43 30.70
C TYR B 170 25.25 39.82 30.51
N VAL B 171 26.56 39.98 30.56
CA VAL B 171 27.11 41.29 30.32
C VAL B 171 28.28 41.16 29.34
N SER B 172 28.24 42.01 28.29
CA SER B 172 29.17 42.04 27.18
C SER B 172 30.38 42.91 27.48
N GLN B 173 31.47 42.59 26.81
CA GLN B 173 32.78 43.17 27.06
C GLN B 173 32.74 44.69 26.86
N PRO B 174 33.17 45.48 27.85
CA PRO B 174 32.93 46.92 27.80
C PRO B 174 33.48 47.52 26.53
N PHE B 175 32.70 48.48 26.02
CA PHE B 175 33.03 49.27 24.85
C PHE B 175 32.73 50.74 25.16
N LEU B 176 33.06 51.60 24.21
CA LEU B 176 32.82 53.04 24.28
C LEU B 176 31.86 53.49 23.16
N MET B 177 30.78 54.16 23.56
CA MET B 177 29.64 54.33 22.71
C MET B 177 29.48 55.83 22.46
N ASP B 178 28.92 56.20 21.31
CA ASP B 178 28.93 57.60 20.88
C ASP B 178 28.17 58.49 21.85
N LEU B 179 26.86 58.29 21.95
CA LEU B 179 25.91 59.02 22.80
C LEU B 179 25.71 60.46 22.38
N GLU B 180 26.41 60.96 21.36
CA GLU B 180 26.32 62.36 20.99
C GLU B 180 25.17 62.55 20.02
N GLY B 181 24.48 63.69 20.15
CA GLY B 181 23.33 64.01 19.35
C GLY B 181 23.67 64.76 18.08
N LYS B 182 23.64 64.06 16.96
CA LYS B 182 23.91 64.67 15.67
C LYS B 182 22.64 65.37 15.19
N GLN B 183 22.86 66.21 14.17
CA GLN B 183 21.85 66.87 13.36
C GLN B 183 21.84 66.39 11.92
N GLY B 184 20.67 66.27 11.30
CA GLY B 184 20.37 65.76 10.00
C GLY B 184 19.23 64.77 9.98
N ASN B 185 19.14 64.06 8.86
CA ASN B 185 18.22 62.96 8.74
C ASN B 185 18.76 61.66 9.35
N PHE B 186 17.86 60.72 9.58
CA PHE B 186 18.19 59.40 10.10
C PHE B 186 19.13 58.65 9.14
N LYS B 187 20.01 57.84 9.73
CA LYS B 187 21.04 57.14 8.98
C LYS B 187 21.01 55.65 9.20
N ASN B 188 20.69 55.19 10.39
CA ASN B 188 20.87 53.79 10.73
C ASN B 188 19.51 53.15 10.90
N LEU B 189 19.30 52.05 10.18
CA LEU B 189 18.12 51.21 10.33
C LEU B 189 18.49 49.96 11.09
N ARG B 190 17.82 49.75 12.21
CA ARG B 190 18.02 48.59 13.04
C ARG B 190 16.71 47.78 13.03
N GLU B 191 16.75 46.57 12.45
CA GLU B 191 15.57 45.70 12.38
C GLU B 191 15.68 44.51 13.28
N PHE B 192 14.57 44.30 14.10
CA PHE B 192 14.96 43.27 15.10
C PHE B 192 13.68 42.43 15.04
N VAL B 193 13.81 41.12 15.31
CA VAL B 193 12.62 40.22 15.42
C VAL B 193 12.71 39.46 16.74
N PHE B 194 11.73 39.67 17.61
CA PHE B 194 11.53 38.95 18.86
C PHE B 194 10.46 37.90 18.75
N LYS B 195 10.79 36.69 19.22
CA LYS B 195 9.88 35.57 19.31
C LYS B 195 10.16 34.81 20.61
N ASN B 196 9.11 34.17 21.10
CA ASN B 196 9.12 33.47 22.38
C ASN B 196 8.37 32.17 22.14
N ILE B 197 9.12 31.07 22.06
CA ILE B 197 8.60 29.78 21.59
C ILE B 197 9.51 28.66 22.11
N ASP B 198 8.88 27.54 22.45
CA ASP B 198 9.54 26.40 23.07
C ASP B 198 10.39 26.84 24.29
N GLY B 199 10.00 27.93 24.93
CA GLY B 199 10.77 28.44 26.05
C GLY B 199 12.07 29.03 25.64
N TYR B 200 12.18 29.42 24.37
CA TYR B 200 13.31 30.11 23.81
C TYR B 200 12.94 31.51 23.28
N PHE B 201 13.66 32.52 23.77
CA PHE B 201 13.52 33.88 23.31
C PHE B 201 14.53 34.08 22.19
N LYS B 202 14.00 34.21 20.97
CA LYS B 202 14.78 34.24 19.75
C LYS B 202 14.83 35.66 19.20
N ILE B 203 16.04 36.20 19.08
CA ILE B 203 16.26 37.58 18.65
C ILE B 203 17.04 37.55 17.34
N TYR B 204 16.40 38.00 16.26
CA TYR B 204 17.01 38.17 14.95
C TYR B 204 17.14 39.67 14.65
N SER B 205 18.30 40.05 14.11
CA SER B 205 18.68 41.46 14.02
C SER B 205 19.38 41.70 12.69
N LYS B 206 19.35 42.96 12.20
CA LYS B 206 20.18 43.36 11.08
C LYS B 206 19.96 44.80 10.67
N HIS B 207 20.91 45.30 9.88
CA HIS B 207 21.28 46.65 10.08
C HIS B 207 22.00 47.27 8.89
N THR B 208 21.53 48.48 8.55
CA THR B 208 21.56 48.96 7.18
C THR B 208 21.61 50.48 7.16
N PRO B 209 22.57 51.03 6.42
CA PRO B 209 22.67 52.48 6.33
C PRO B 209 21.57 52.96 5.41
N ILE B 210 20.88 54.02 5.83
CA ILE B 210 19.78 54.61 5.08
C ILE B 210 20.02 56.11 4.91
N ASN B 211 19.47 56.65 3.83
CA ASN B 211 19.45 58.08 3.55
C ASN B 211 18.08 58.62 3.35
N LEU B 212 17.16 58.31 4.24
CA LEU B 212 15.84 58.85 4.17
C LEU B 212 15.81 60.01 5.16
N VAL B 213 14.66 60.69 5.17
CA VAL B 213 14.34 61.77 6.10
C VAL B 213 13.26 61.36 7.15
N ARG B 214 12.11 60.80 6.71
CA ARG B 214 11.07 60.33 7.65
C ARG B 214 10.19 59.26 6.98
N ASP B 215 10.54 57.98 7.22
CA ASP B 215 9.79 56.84 6.71
C ASP B 215 10.55 55.56 7.06
N LEU B 216 10.06 54.39 6.60
CA LEU B 216 10.81 53.25 7.10
C LEU B 216 11.06 52.66 5.72
N PRO B 217 12.27 52.51 5.22
CA PRO B 217 12.44 52.27 3.78
C PRO B 217 11.55 51.14 3.25
N GLN B 218 11.48 51.04 1.92
CA GLN B 218 10.98 49.84 1.26
C GLN B 218 12.15 48.87 1.16
N GLY B 219 12.02 47.86 0.33
CA GLY B 219 13.15 47.06 -0.01
C GLY B 219 13.05 45.72 0.69
N PHE B 220 14.06 44.92 0.42
CA PHE B 220 14.15 43.61 1.00
C PHE B 220 15.44 43.59 1.82
N SER B 221 15.40 42.90 2.96
CA SER B 221 16.61 42.55 3.68
C SER B 221 16.23 41.45 4.67
N ALA B 222 16.89 40.31 4.56
CA ALA B 222 16.59 39.17 5.41
C ALA B 222 17.36 39.33 6.71
N LEU B 223 16.64 39.26 7.83
CA LEU B 223 17.28 39.30 9.13
C LEU B 223 17.93 37.97 9.44
N GLU B 224 19.08 38.04 10.04
CA GLU B 224 19.73 36.83 10.45
C GLU B 224 19.62 36.66 11.96
N PRO B 225 19.58 35.44 12.46
CA PRO B 225 19.44 35.28 13.90
C PRO B 225 20.69 35.82 14.62
N LEU B 226 20.46 36.40 15.80
CA LEU B 226 21.52 36.93 16.66
C LEU B 226 21.75 36.16 17.95
N VAL B 227 20.67 35.73 18.63
CA VAL B 227 20.82 35.01 19.87
C VAL B 227 19.55 34.21 20.09
N ASP B 228 19.64 33.23 20.99
CA ASP B 228 18.55 32.33 21.35
C ASP B 228 18.74 32.13 22.86
N LEU B 229 18.00 32.92 23.63
CA LEU B 229 18.17 32.89 25.10
C LEU B 229 17.37 31.80 25.83
N PRO B 230 18.00 30.89 26.66
CA PRO B 230 17.08 29.88 26.88
C PRO B 230 16.34 30.37 28.14
N ILE B 231 15.34 31.23 28.06
CA ILE B 231 14.75 31.78 29.28
C ILE B 231 13.49 31.02 29.71
N GLY B 232 12.54 30.88 28.83
CA GLY B 232 11.35 30.15 29.12
C GLY B 232 10.59 30.89 30.20
N ILE B 233 10.14 32.09 29.88
CA ILE B 233 9.21 32.83 30.71
C ILE B 233 7.98 33.09 29.87
N ASN B 234 7.06 33.80 30.47
CA ASN B 234 5.74 34.00 29.93
C ASN B 234 5.65 35.49 29.59
N ILE B 235 5.84 35.84 28.32
CA ILE B 235 5.86 37.22 27.86
C ILE B 235 4.52 37.52 27.18
N THR B 236 3.87 38.60 27.61
CA THR B 236 2.65 39.05 26.97
C THR B 236 2.74 40.53 26.58
N ARG B 237 3.48 41.34 27.34
CA ARG B 237 3.67 42.73 26.99
C ARG B 237 5.14 43.09 27.08
N PHE B 238 5.48 44.19 26.40
CA PHE B 238 6.83 44.70 26.35
C PHE B 238 6.81 46.22 26.20
N GLN B 239 7.97 46.83 26.45
CA GLN B 239 8.18 48.24 26.21
C GLN B 239 9.59 48.48 25.69
N THR B 240 9.75 49.59 24.97
CA THR B 240 11.04 50.03 24.47
C THR B 240 11.64 50.99 25.48
N LEU B 241 12.96 51.14 25.46
CA LEU B 241 13.57 52.13 26.33
C LEU B 241 14.78 52.79 25.70
N LEU B 242 14.71 54.11 25.68
CA LEU B 242 15.40 55.01 24.79
C LEU B 242 15.94 56.15 25.63
N ALA B 243 16.94 56.86 25.10
CA ALA B 243 17.66 57.84 25.89
C ALA B 243 17.11 59.22 25.64
N LEU B 244 17.26 60.09 26.64
CA LEU B 244 16.91 61.49 26.53
C LEU B 244 18.16 62.33 26.77
N HIS B 245 18.11 63.56 26.27
CA HIS B 245 19.23 64.48 26.35
C HIS B 245 18.96 65.52 27.43
N ARG B 246 20.01 65.87 28.17
CA ARG B 246 19.95 66.92 29.18
C ARG B 246 21.26 67.69 29.18
N SER B 247 21.15 68.98 29.46
CA SER B 247 22.32 69.84 29.58
C SER B 247 21.98 71.11 30.37
N GLY B 252 15.84 72.48 33.49
CA GLY B 252 14.48 72.46 33.99
C GLY B 252 14.49 71.64 35.24
N ASP B 253 13.31 71.18 35.67
CA ASP B 253 13.16 70.36 36.86
C ASP B 253 13.52 68.93 36.53
N SER B 254 13.15 68.02 37.43
CA SER B 254 13.46 66.60 37.26
C SER B 254 12.58 65.96 36.19
N SER B 255 11.37 66.49 36.02
CA SER B 255 10.42 66.00 35.03
C SER B 255 10.16 66.98 33.87
N SER B 256 10.92 68.07 33.77
CA SER B 256 10.73 68.98 32.65
C SER B 256 12.03 69.21 31.89
N GLY B 257 13.14 69.31 32.59
CA GLY B 257 14.43 69.47 31.98
C GLY B 257 15.00 68.25 31.28
N TRP B 258 14.49 67.98 30.07
CA TRP B 258 15.01 66.93 29.22
C TRP B 258 14.57 67.17 27.77
N THR B 259 15.44 66.80 26.84
CA THR B 259 15.17 66.84 25.42
C THR B 259 15.00 65.42 24.90
N ALA B 260 14.36 65.28 23.73
CA ALA B 260 14.11 63.98 23.13
C ALA B 260 15.26 63.51 22.24
N GLY B 261 15.57 64.26 21.20
CA GLY B 261 16.50 63.82 20.21
C GLY B 261 15.78 63.10 19.07
N ALA B 262 16.12 63.46 17.83
CA ALA B 262 15.55 62.82 16.66
C ALA B 262 15.65 61.30 16.73
N ALA B 263 14.52 60.63 16.44
CA ALA B 263 14.46 59.16 16.44
C ALA B 263 13.05 58.69 16.13
N ALA B 264 12.96 57.50 15.51
CA ALA B 264 11.68 56.93 15.12
C ALA B 264 11.79 55.42 15.16
N TYR B 265 10.67 54.77 15.50
CA TYR B 265 10.65 53.32 15.60
C TYR B 265 9.21 52.84 15.35
N TYR B 266 9.12 51.66 14.75
CA TYR B 266 7.95 51.06 14.11
C TYR B 266 7.78 49.69 14.71
N VAL B 267 6.55 49.28 15.01
CA VAL B 267 6.29 48.02 15.69
C VAL B 267 5.28 47.18 14.91
N GLY B 268 5.66 45.93 14.65
CA GLY B 268 4.77 44.99 14.00
C GLY B 268 4.72 43.66 14.74
N TYR B 269 3.77 42.86 14.30
CA TYR B 269 3.07 41.83 15.09
C TYR B 269 2.90 40.58 14.28
N LEU B 270 3.75 39.60 14.58
CA LEU B 270 3.96 38.46 13.70
C LEU B 270 2.77 37.51 13.78
N GLN B 271 2.48 36.91 12.63
CA GLN B 271 1.39 35.96 12.47
C GLN B 271 1.83 34.80 11.61
N PRO B 272 1.22 33.62 11.82
CA PRO B 272 1.65 32.40 11.13
C PRO B 272 1.32 32.47 9.64
N ARG B 273 2.35 32.48 8.80
CA ARG B 273 2.18 32.63 7.38
C ARG B 273 3.10 31.69 6.62
N THR B 274 2.62 31.22 5.47
CA THR B 274 3.46 30.73 4.38
C THR B 274 4.08 31.84 3.54
N PHE B 275 5.41 31.74 3.43
CA PHE B 275 6.28 32.57 2.62
C PHE B 275 7.06 31.63 1.71
N LEU B 276 7.38 32.08 0.49
CA LEU B 276 8.15 31.22 -0.40
C LEU B 276 9.41 32.07 -0.59
N LEU B 277 10.49 31.63 0.04
CA LEU B 277 11.77 32.33 0.02
C LEU B 277 12.57 31.92 -1.20
N LYS B 278 13.48 32.82 -1.62
CA LYS B 278 14.47 32.60 -2.67
C LYS B 278 15.84 32.87 -2.07
N TYR B 279 16.71 31.92 -2.26
CA TYR B 279 18.08 32.09 -1.91
C TYR B 279 18.80 32.49 -3.20
N ASN B 280 20.03 32.96 -3.02
CA ASN B 280 20.96 33.28 -4.09
C ASN B 280 21.68 31.99 -4.56
N GLU B 281 22.77 32.11 -5.33
CA GLU B 281 23.84 31.14 -5.40
C GLU B 281 24.58 31.06 -4.08
N ASN B 282 24.44 32.07 -3.23
CA ASN B 282 24.86 32.14 -1.83
C ASN B 282 23.75 31.51 -0.97
N GLY B 283 23.82 31.67 0.34
CA GLY B 283 22.85 31.34 1.36
C GLY B 283 21.94 32.41 1.81
N THR B 284 22.14 33.62 1.32
CA THR B 284 21.40 34.81 1.70
C THR B 284 20.10 34.98 0.93
N ILE B 285 19.07 35.28 1.70
CA ILE B 285 17.68 35.29 1.23
C ILE B 285 17.50 36.63 0.54
N THR B 286 17.39 36.55 -0.81
CA THR B 286 17.27 37.64 -1.76
C THR B 286 15.89 37.91 -2.36
N ASP B 287 14.87 37.10 -2.08
CA ASP B 287 13.51 37.58 -2.29
C ASP B 287 12.51 36.61 -1.67
N ALA B 288 11.39 37.16 -1.21
CA ALA B 288 10.32 36.36 -0.64
C ALA B 288 8.96 36.87 -1.10
N VAL B 289 7.98 35.96 -1.06
CA VAL B 289 6.61 36.24 -1.45
C VAL B 289 5.66 35.63 -0.42
N ASP B 290 4.69 36.42 0.04
CA ASP B 290 3.67 35.97 0.99
C ASP B 290 2.51 35.31 0.23
N CYS B 291 2.31 34.01 0.46
CA CYS B 291 1.31 33.25 -0.28
C CYS B 291 -0.09 33.72 -0.02
N ALA B 292 -0.36 34.33 1.13
CA ALA B 292 -1.71 34.76 1.50
C ALA B 292 -1.95 36.24 1.19
N LEU B 293 -1.07 36.86 0.41
CA LEU B 293 -1.18 38.29 0.12
C LEU B 293 -2.12 38.55 -1.05
N ASP B 294 -1.75 38.10 -2.25
CA ASP B 294 -2.56 38.28 -3.45
C ASP B 294 -2.50 37.08 -4.36
N PRO B 295 -3.43 36.96 -5.30
CA PRO B 295 -3.49 35.76 -6.15
C PRO B 295 -2.23 35.50 -6.93
N LEU B 296 -1.48 36.54 -7.32
CA LEU B 296 -0.35 36.31 -8.21
C LEU B 296 0.75 35.63 -7.39
N SER B 297 0.91 36.06 -6.14
CA SER B 297 1.85 35.40 -5.24
C SER B 297 1.38 33.99 -4.94
N GLU B 298 0.07 33.79 -4.77
CA GLU B 298 -0.42 32.47 -4.41
C GLU B 298 -0.11 31.48 -5.52
N THR B 299 -0.48 31.80 -6.75
CA THR B 299 0.11 31.19 -7.96
C THR B 299 1.64 31.03 -7.95
N LYS B 300 2.40 32.06 -7.56
CA LYS B 300 3.84 31.90 -7.62
C LYS B 300 4.28 30.74 -6.72
N CYS B 301 3.70 30.68 -5.53
CA CYS B 301 4.06 29.59 -4.64
C CYS B 301 3.51 28.27 -5.16
N THR B 302 2.30 28.28 -5.69
CA THR B 302 1.73 27.03 -6.20
C THR B 302 2.65 26.42 -7.24
N LEU B 303 3.30 27.25 -8.06
CA LEU B 303 4.23 26.75 -9.06
C LEU B 303 5.66 26.59 -8.54
N LYS B 304 5.94 27.06 -7.33
CA LYS B 304 7.31 27.23 -6.89
C LYS B 304 8.20 27.74 -8.03
N SER B 305 7.90 28.97 -8.46
CA SER B 305 8.73 29.73 -9.39
C SER B 305 8.24 31.17 -9.45
N PHE B 306 9.18 32.11 -9.39
CA PHE B 306 8.86 33.53 -9.35
C PHE B 306 8.48 34.08 -10.69
N THR B 307 8.59 33.28 -11.75
CA THR B 307 8.23 33.68 -13.10
C THR B 307 7.20 32.72 -13.66
N VAL B 308 6.02 33.30 -13.82
CA VAL B 308 4.74 32.80 -14.30
C VAL B 308 4.52 32.87 -15.80
N GLU B 309 4.28 31.68 -16.38
CA GLU B 309 3.92 31.62 -17.78
C GLU B 309 2.48 32.00 -17.96
N LYS B 310 2.21 32.63 -19.10
CA LYS B 310 0.86 33.03 -19.46
C LYS B 310 -0.05 31.80 -19.58
N GLY B 311 -1.14 31.84 -18.81
CA GLY B 311 -2.11 30.76 -18.80
C GLY B 311 -3.07 30.91 -17.64
N ILE B 312 -3.73 29.80 -17.31
CA ILE B 312 -4.60 29.69 -16.15
C ILE B 312 -4.11 28.52 -15.29
N TYR B 313 -3.91 28.79 -14.00
CA TYR B 313 -3.46 27.78 -13.05
C TYR B 313 -4.46 27.67 -11.92
N GLN B 314 -4.67 26.45 -11.45
CA GLN B 314 -5.70 26.18 -10.45
C GLN B 314 -4.98 26.13 -9.11
N THR B 315 -5.11 27.18 -8.30
CA THR B 315 -4.22 27.41 -7.15
C THR B 315 -4.76 26.80 -5.88
N SER B 316 -6.00 27.10 -5.54
CA SER B 316 -6.60 26.71 -4.30
C SER B 316 -8.08 26.47 -4.56
N ASN B 317 -8.79 26.17 -3.48
CA ASN B 317 -10.20 25.89 -3.48
C ASN B 317 -10.89 26.72 -2.41
N PHE B 318 -11.91 27.47 -2.82
CA PHE B 318 -12.72 28.25 -1.88
C PHE B 318 -13.96 27.53 -1.40
N ARG B 319 -14.01 27.51 -0.08
CA ARG B 319 -15.02 26.94 0.78
C ARG B 319 -15.70 28.07 1.55
N VAL B 320 -16.93 27.92 2.00
CA VAL B 320 -17.53 29.05 2.75
C VAL B 320 -17.44 28.76 4.25
N GLN B 321 -17.20 29.82 5.06
CA GLN B 321 -17.14 29.69 6.51
C GLN B 321 -18.49 30.07 7.10
N PRO B 322 -19.30 29.08 7.53
CA PRO B 322 -20.67 29.38 7.96
C PRO B 322 -20.80 30.60 8.86
N THR B 323 -21.95 31.28 8.80
CA THR B 323 -22.15 32.51 9.54
C THR B 323 -22.57 32.24 11.00
N GLU B 324 -23.70 31.58 11.18
CA GLU B 324 -24.27 31.36 12.52
C GLU B 324 -24.29 29.87 12.86
N SER B 325 -24.56 29.60 14.14
CA SER B 325 -24.70 28.25 14.66
C SER B 325 -26.05 28.13 15.35
N ILE B 326 -26.80 27.07 15.04
CA ILE B 326 -28.14 26.86 15.57
C ILE B 326 -28.25 25.46 16.14
N VAL B 327 -28.94 25.34 17.28
CA VAL B 327 -29.16 24.07 17.96
C VAL B 327 -30.65 23.90 18.21
N ARG B 328 -31.18 22.74 17.86
CA ARG B 328 -32.61 22.43 17.99
C ARG B 328 -32.75 21.05 18.66
N PHE B 329 -33.27 21.04 19.90
CA PHE B 329 -33.16 19.86 20.76
C PHE B 329 -34.48 19.31 21.28
N PRO B 330 -34.47 18.18 21.99
CA PRO B 330 -35.69 17.65 22.59
C PRO B 330 -36.19 18.61 23.67
N ASN B 331 -37.48 18.52 23.95
CA ASN B 331 -38.08 19.25 25.05
C ASN B 331 -38.21 18.28 26.21
N ILE B 332 -37.07 17.96 26.81
CA ILE B 332 -37.04 17.16 28.01
C ILE B 332 -36.51 18.03 29.09
N THR B 333 -37.31 18.19 30.12
CA THR B 333 -36.87 18.81 31.33
C THR B 333 -36.75 17.79 32.45
N ASN B 334 -37.21 16.55 32.20
CA ASN B 334 -37.06 15.48 33.17
C ASN B 334 -35.60 15.07 33.28
N LEU B 335 -35.14 14.95 34.52
CA LEU B 335 -33.80 14.46 34.82
C LEU B 335 -33.86 12.95 35.01
N CYS B 336 -32.93 12.24 34.38
CA CYS B 336 -32.98 10.80 34.40
C CYS B 336 -32.85 10.29 35.85
N PRO B 337 -33.68 9.32 36.26
CA PRO B 337 -33.61 8.84 37.65
C PRO B 337 -32.54 7.78 37.88
N PHE B 338 -31.29 8.23 37.95
CA PHE B 338 -30.18 7.35 38.29
C PHE B 338 -30.11 7.08 39.79
N GLY B 339 -30.81 7.85 40.61
CA GLY B 339 -30.73 7.66 42.05
C GLY B 339 -31.28 6.31 42.48
N GLU B 340 -32.45 5.94 41.96
CA GLU B 340 -33.06 4.68 42.36
C GLU B 340 -32.32 3.47 41.84
N VAL B 341 -31.36 3.66 40.94
CA VAL B 341 -30.53 2.57 40.44
C VAL B 341 -29.21 2.49 41.18
N PHE B 342 -28.50 3.61 41.27
CA PHE B 342 -27.20 3.62 41.94
C PHE B 342 -27.36 3.46 43.45
N ASN B 343 -28.32 4.16 44.04
CA ASN B 343 -28.56 4.12 45.47
C ASN B 343 -29.71 3.19 45.83
N ALA B 344 -29.91 2.13 45.04
CA ALA B 344 -31.02 1.21 45.30
C ALA B 344 -30.87 0.58 46.68
N THR B 345 -32.00 0.43 47.36
CA THR B 345 -31.98 -0.19 48.68
C THR B 345 -31.50 -1.64 48.60
N ARG B 346 -31.92 -2.36 47.57
CA ARG B 346 -31.54 -3.75 47.36
C ARG B 346 -31.04 -3.93 45.95
N PHE B 347 -30.06 -4.81 45.79
CA PHE B 347 -29.45 -5.12 44.50
C PHE B 347 -29.72 -6.58 44.16
N ALA B 348 -30.20 -6.82 42.94
CA ALA B 348 -30.52 -8.17 42.52
C ALA B 348 -29.26 -9.02 42.40
N SER B 349 -29.43 -10.33 42.58
CA SER B 349 -28.32 -11.26 42.46
C SER B 349 -27.83 -11.31 41.01
N VAL B 350 -26.56 -11.71 40.85
CA VAL B 350 -25.95 -11.71 39.53
C VAL B 350 -26.70 -12.69 38.61
N TYR B 351 -27.02 -13.88 39.12
CA TYR B 351 -27.75 -14.84 38.31
C TYR B 351 -29.11 -14.31 37.90
N ALA B 352 -29.62 -13.29 38.59
CA ALA B 352 -30.86 -12.61 38.23
C ALA B 352 -30.61 -11.11 38.13
N TRP B 353 -29.52 -10.75 37.44
CA TRP B 353 -29.19 -9.34 37.25
C TRP B 353 -30.38 -8.60 36.66
N ASN B 354 -30.74 -7.49 37.29
CA ASN B 354 -31.96 -6.76 36.96
C ASN B 354 -31.64 -5.62 36.02
N ARG B 355 -32.33 -5.58 34.88
CA ARG B 355 -32.09 -4.61 33.82
C ARG B 355 -33.26 -3.65 33.74
N LYS B 356 -32.95 -2.35 33.76
CA LYS B 356 -33.97 -1.31 33.74
C LYS B 356 -33.81 -0.44 32.51
N ARG B 357 -34.92 0.19 32.12
CA ARG B 357 -34.97 1.07 30.96
C ARG B 357 -34.98 2.52 31.42
N ILE B 358 -34.21 3.35 30.72
CA ILE B 358 -34.18 4.79 30.96
C ILE B 358 -34.36 5.49 29.63
N SER B 359 -35.37 6.35 29.56
CA SER B 359 -35.65 7.10 28.33
C SER B 359 -36.48 8.33 28.70
N ASN B 360 -36.50 9.29 27.78
CA ASN B 360 -37.28 10.52 27.94
C ASN B 360 -36.85 11.26 29.21
N CYS B 361 -35.58 11.67 29.23
CA CYS B 361 -35.01 12.40 30.35
C CYS B 361 -33.63 12.90 29.92
N VAL B 362 -33.01 13.71 30.78
CA VAL B 362 -31.65 14.20 30.57
C VAL B 362 -30.75 13.50 31.57
N ALA B 363 -29.69 12.86 31.08
CA ALA B 363 -28.73 12.17 31.91
C ALA B 363 -27.47 13.02 32.02
N ASP B 364 -27.15 13.46 33.24
CA ASP B 364 -25.95 14.24 33.50
C ASP B 364 -24.89 13.30 34.05
N TYR B 365 -23.93 12.93 33.19
CA TYR B 365 -22.87 12.00 33.57
C TYR B 365 -21.70 12.69 34.24
N SER B 366 -21.65 14.03 34.23
CA SER B 366 -20.54 14.73 34.86
C SER B 366 -20.51 14.48 36.36
N VAL B 367 -21.67 14.49 37.01
CA VAL B 367 -21.71 14.23 38.45
C VAL B 367 -21.24 12.82 38.75
N LEU B 368 -21.63 11.85 37.93
CA LEU B 368 -21.15 10.49 38.12
C LEU B 368 -19.64 10.42 37.94
N TYR B 369 -19.12 11.11 36.91
CA TYR B 369 -17.68 11.06 36.65
C TYR B 369 -16.89 11.67 37.79
N ASN B 370 -17.34 12.81 38.31
CA ASN B 370 -16.60 13.53 39.34
C ASN B 370 -17.00 13.11 40.76
N SER B 371 -17.91 12.16 40.90
CA SER B 371 -18.30 11.71 42.23
C SER B 371 -17.12 11.13 42.98
N ALA B 372 -16.29 10.36 42.28
CA ALA B 372 -15.09 9.71 42.81
C ALA B 372 -15.42 8.58 43.79
N SER B 373 -16.68 8.20 43.93
CA SER B 373 -17.09 7.16 44.85
C SER B 373 -17.20 5.81 44.19
N PHE B 374 -16.91 5.71 42.90
CA PHE B 374 -17.04 4.46 42.17
C PHE B 374 -15.66 3.84 42.12
N SER B 375 -15.52 2.64 42.66
CA SER B 375 -14.31 1.90 42.35
C SER B 375 -14.10 1.86 40.85
N THR B 376 -15.18 2.08 40.09
CA THR B 376 -15.14 1.78 38.67
C THR B 376 -15.98 2.66 37.79
N PHE B 377 -15.38 3.07 36.67
CA PHE B 377 -16.11 3.78 35.64
C PHE B 377 -15.61 3.45 34.24
N LYS B 378 -15.23 2.19 33.97
CA LYS B 378 -14.58 1.88 32.68
C LYS B 378 -15.62 1.98 31.58
N CYS B 379 -15.40 2.88 30.63
CA CYS B 379 -16.34 3.15 29.55
C CYS B 379 -15.75 2.65 28.24
N TYR B 380 -16.51 1.80 27.55
CA TYR B 380 -16.11 1.23 26.27
C TYR B 380 -16.90 1.85 25.15
N GLY B 381 -16.19 2.35 24.14
CA GLY B 381 -16.82 2.99 23.00
C GLY B 381 -17.14 4.45 23.19
N VAL B 382 -17.12 4.94 24.42
CA VAL B 382 -17.42 6.33 24.71
C VAL B 382 -16.45 6.81 25.79
N SER B 383 -15.86 7.98 25.58
CA SER B 383 -14.99 8.56 26.60
C SER B 383 -15.85 9.02 27.77
N PRO B 384 -15.45 8.75 29.01
CA PRO B 384 -16.32 9.09 30.14
C PRO B 384 -16.70 10.56 30.19
N THR B 385 -15.76 11.45 29.92
CA THR B 385 -16.06 12.89 29.88
C THR B 385 -16.39 13.35 28.46
N LYS B 386 -17.29 12.61 27.81
CA LYS B 386 -17.71 12.95 26.46
C LYS B 386 -19.19 12.70 26.22
N LEU B 387 -19.94 12.25 27.21
CA LEU B 387 -21.35 11.91 27.03
C LEU B 387 -22.27 13.11 27.24
N ASN B 388 -21.75 14.25 27.67
CA ASN B 388 -22.60 15.40 27.93
C ASN B 388 -23.07 16.06 26.64
N ASP B 389 -22.28 15.96 25.57
CA ASP B 389 -22.68 16.50 24.27
C ASP B 389 -23.40 15.49 23.40
N LEU B 390 -23.30 14.21 23.72
CA LEU B 390 -23.91 13.13 22.97
C LEU B 390 -25.30 12.82 23.51
N CYS B 391 -26.02 11.97 22.79
CA CYS B 391 -27.21 11.35 23.37
C CYS B 391 -27.66 10.19 22.50
N PHE B 392 -28.57 9.39 23.06
CA PHE B 392 -28.88 8.06 22.57
C PHE B 392 -30.39 7.88 22.51
N THR B 393 -30.80 6.74 21.93
CA THR B 393 -32.22 6.41 21.89
C THR B 393 -32.72 5.99 23.26
N ASN B 394 -31.95 5.19 23.99
CA ASN B 394 -32.33 4.77 25.32
C ASN B 394 -31.07 4.29 26.05
N VAL B 395 -31.21 4.11 27.37
CA VAL B 395 -30.14 3.61 28.21
C VAL B 395 -30.62 2.36 28.92
N TYR B 396 -29.79 1.32 28.91
CA TYR B 396 -30.09 0.04 29.56
C TYR B 396 -29.18 -0.11 30.76
N ALA B 397 -29.75 -0.06 31.96
CA ALA B 397 -28.99 -0.15 33.19
C ALA B 397 -29.18 -1.55 33.79
N ASP B 398 -28.15 -2.37 33.69
CA ASP B 398 -28.15 -3.72 34.25
C ASP B 398 -27.35 -3.72 35.54
N SER B 399 -28.02 -3.99 36.66
CA SER B 399 -27.42 -3.92 37.97
C SER B 399 -27.32 -5.32 38.59
N PHE B 400 -26.25 -5.56 39.33
CA PHE B 400 -26.01 -6.84 39.98
C PHE B 400 -24.87 -6.65 40.99
N VAL B 401 -24.48 -7.75 41.62
CA VAL B 401 -23.43 -7.75 42.63
C VAL B 401 -22.49 -8.92 42.37
N ILE B 402 -21.20 -8.68 42.52
CA ILE B 402 -20.15 -9.68 42.31
C ILE B 402 -19.05 -9.44 43.32
N ARG B 403 -18.02 -10.28 43.26
CA ARG B 403 -16.81 -10.07 44.05
C ARG B 403 -15.91 -9.05 43.38
N GLY B 404 -15.09 -8.40 44.19
CA GLY B 404 -14.18 -7.39 43.65
C GLY B 404 -13.20 -7.98 42.65
N ASP B 405 -12.70 -9.19 42.91
CA ASP B 405 -11.81 -9.83 41.95
C ASP B 405 -12.53 -10.22 40.67
N GLU B 406 -13.84 -10.42 40.72
CA GLU B 406 -14.62 -10.88 39.57
C GLU B 406 -15.03 -9.74 38.65
N VAL B 407 -14.90 -8.50 39.12
CA VAL B 407 -15.36 -7.40 38.30
C VAL B 407 -14.64 -7.40 36.95
N ARG B 408 -13.42 -7.96 36.88
CA ARG B 408 -12.70 -7.93 35.61
C ARG B 408 -13.44 -8.73 34.54
N GLN B 409 -14.11 -9.81 34.95
CA GLN B 409 -14.81 -10.67 33.99
C GLN B 409 -15.92 -9.93 33.27
N ILE B 410 -16.35 -8.78 33.78
CA ILE B 410 -17.42 -7.99 33.14
C ILE B 410 -16.73 -7.09 32.12
N ALA B 411 -16.51 -7.63 30.92
CA ALA B 411 -15.92 -6.89 29.83
C ALA B 411 -16.11 -7.66 28.53
N PRO B 412 -16.20 -6.98 27.39
CA PRO B 412 -16.42 -7.70 26.13
C PRO B 412 -15.24 -8.62 25.81
N GLY B 413 -15.57 -9.77 25.23
CA GLY B 413 -14.54 -10.72 24.84
C GLY B 413 -13.72 -11.27 25.99
N GLN B 414 -14.22 -11.14 27.22
CA GLN B 414 -13.53 -11.65 28.40
C GLN B 414 -14.11 -13.00 28.78
N THR B 415 -13.25 -13.98 29.03
CA THR B 415 -13.66 -15.34 29.34
C THR B 415 -13.59 -15.56 30.85
N GLY B 416 -14.66 -16.10 31.40
CA GLY B 416 -14.72 -16.39 32.82
C GLY B 416 -16.03 -17.03 33.17
N LYS B 417 -16.09 -17.59 34.38
CA LYS B 417 -17.29 -18.30 34.81
C LYS B 417 -18.50 -17.36 34.83
N ILE B 418 -18.38 -16.23 35.51
CA ILE B 418 -19.48 -15.28 35.59
C ILE B 418 -19.78 -14.69 34.22
N ALA B 419 -18.74 -14.27 33.50
CA ALA B 419 -18.93 -13.65 32.19
C ALA B 419 -19.56 -14.61 31.21
N ASP B 420 -19.46 -15.92 31.43
CA ASP B 420 -19.97 -16.91 30.50
C ASP B 420 -21.32 -17.47 30.88
N TYR B 421 -21.62 -17.60 32.17
CA TYR B 421 -22.85 -18.25 32.60
C TYR B 421 -23.78 -17.36 33.42
N ASN B 422 -23.40 -16.11 33.67
CA ASN B 422 -24.25 -15.19 34.42
C ASN B 422 -24.60 -13.94 33.61
N TYR B 423 -23.61 -13.29 33.01
CA TYR B 423 -23.85 -12.04 32.30
C TYR B 423 -22.73 -11.86 31.27
N LYS B 424 -23.06 -12.04 30.00
CA LYS B 424 -22.10 -11.95 28.91
C LYS B 424 -22.37 -10.69 28.11
N LEU B 425 -21.33 -9.87 27.92
CA LEU B 425 -21.47 -8.68 27.10
C LEU B 425 -21.10 -8.99 25.65
N PRO B 426 -21.68 -8.30 24.68
CA PRO B 426 -21.31 -8.54 23.28
C PRO B 426 -19.91 -8.06 22.99
N ASP B 427 -19.31 -8.66 21.96
CA ASP B 427 -17.95 -8.30 21.58
C ASP B 427 -17.86 -6.84 21.19
N ASP B 428 -18.86 -6.33 20.47
CA ASP B 428 -18.92 -4.93 20.06
C ASP B 428 -19.69 -4.07 21.05
N PHE B 429 -19.68 -4.43 22.33
CA PHE B 429 -20.45 -3.70 23.33
C PHE B 429 -20.05 -2.22 23.34
N THR B 430 -21.06 -1.36 23.37
CA THR B 430 -20.86 0.07 23.56
C THR B 430 -21.63 0.50 24.81
N GLY B 431 -20.95 1.20 25.70
CA GLY B 431 -21.53 1.59 26.97
C GLY B 431 -20.43 1.86 27.98
N CYS B 432 -20.74 1.57 29.25
CA CYS B 432 -19.78 1.81 30.31
C CYS B 432 -20.17 0.98 31.53
N VAL B 433 -19.16 0.41 32.18
CA VAL B 433 -19.34 -0.44 33.35
C VAL B 433 -18.93 0.35 34.58
N ILE B 434 -19.80 0.36 35.59
CA ILE B 434 -19.55 1.03 36.86
C ILE B 434 -19.58 -0.02 37.96
N ALA B 435 -18.57 0.00 38.83
CA ALA B 435 -18.44 -0.91 39.96
C ALA B 435 -17.97 -0.13 41.16
N TRP B 436 -18.65 -0.31 42.28
CA TRP B 436 -18.31 0.39 43.51
C TRP B 436 -18.49 -0.54 44.70
N ASN B 437 -17.57 -0.45 45.66
CA ASN B 437 -17.57 -1.34 46.79
C ASN B 437 -18.73 -1.04 47.73
N SER B 438 -19.38 -2.09 48.21
CA SER B 438 -20.50 -1.99 49.14
C SER B 438 -20.31 -2.94 50.31
N ASN B 439 -19.07 -3.05 50.80
CA ASN B 439 -18.77 -3.97 51.90
C ASN B 439 -19.56 -3.59 53.13
N ASN B 440 -19.60 -2.30 53.45
CA ASN B 440 -20.27 -1.83 54.66
C ASN B 440 -21.78 -2.00 54.59
N LEU B 441 -22.37 -2.01 53.40
CA LEU B 441 -23.80 -2.14 53.23
C LEU B 441 -24.23 -3.56 52.90
N ASP B 442 -23.29 -4.47 52.67
CA ASP B 442 -23.61 -5.83 52.25
C ASP B 442 -22.95 -6.92 53.08
N SER B 443 -21.96 -6.59 53.92
CA SER B 443 -21.26 -7.58 54.73
C SER B 443 -21.73 -7.49 56.17
N LYS B 444 -22.12 -8.62 56.74
CA LYS B 444 -22.57 -8.71 58.12
C LYS B 444 -21.89 -9.88 58.80
N VAL B 445 -21.70 -9.77 60.12
CA VAL B 445 -21.06 -10.83 60.88
C VAL B 445 -21.90 -12.09 60.80
N GLY B 446 -21.25 -13.21 60.51
CA GLY B 446 -21.93 -14.48 60.34
C GLY B 446 -22.06 -14.93 58.90
N GLY B 447 -21.79 -14.05 57.94
CA GLY B 447 -21.82 -14.42 56.53
C GLY B 447 -23.10 -14.03 55.84
N ASN B 448 -23.00 -13.07 54.92
CA ASN B 448 -24.15 -12.61 54.13
C ASN B 448 -24.27 -13.53 52.92
N TYR B 449 -25.17 -14.52 53.01
CA TYR B 449 -25.39 -15.48 51.94
C TYR B 449 -26.54 -15.09 51.02
N ASN B 450 -27.12 -13.90 51.21
CA ASN B 450 -28.23 -13.47 50.37
C ASN B 450 -27.82 -13.37 48.90
N TYR B 451 -26.55 -13.15 48.61
CA TYR B 451 -26.07 -13.01 47.24
C TYR B 451 -25.73 -14.39 46.68
N LEU B 452 -26.31 -14.69 45.52
CA LEU B 452 -26.20 -16.01 44.90
C LEU B 452 -25.83 -15.85 43.43
N TYR B 453 -25.04 -16.78 42.92
CA TYR B 453 -24.59 -16.74 41.54
C TYR B 453 -24.65 -18.13 40.92
N ARG B 454 -25.17 -18.20 39.69
CA ARG B 454 -25.22 -19.46 38.97
C ARG B 454 -23.86 -19.77 38.37
N LEU B 455 -23.47 -21.04 38.42
CA LEU B 455 -22.15 -21.47 37.98
C LEU B 455 -22.20 -22.40 36.78
N PHE B 456 -22.99 -23.47 36.84
CA PHE B 456 -22.98 -24.51 35.83
C PHE B 456 -24.07 -24.25 34.80
N ARG B 457 -23.70 -24.31 33.52
CA ARG B 457 -24.66 -24.21 32.43
C ARG B 457 -24.13 -24.99 31.23
N LYS B 458 -25.04 -25.57 30.46
CA LYS B 458 -24.65 -26.42 29.34
C LYS B 458 -23.90 -25.63 28.28
N SER B 459 -24.38 -24.44 27.96
N SER B 459 -24.38 -24.44 27.96
CA SER B 459 -23.80 -23.62 26.89
CA SER B 459 -23.80 -23.62 26.89
C SER B 459 -23.58 -22.20 27.40
C SER B 459 -23.58 -22.20 27.40
N ASN B 460 -22.58 -21.54 26.81
CA ASN B 460 -22.28 -20.16 27.18
C ASN B 460 -23.44 -19.24 26.79
N LEU B 461 -23.66 -18.23 27.62
CA LEU B 461 -24.77 -17.31 27.39
C LEU B 461 -24.49 -16.37 26.24
N LYS B 462 -25.53 -16.07 25.46
CA LYS B 462 -25.43 -15.07 24.41
C LYS B 462 -25.37 -13.68 25.04
N PRO B 463 -24.92 -12.67 24.28
CA PRO B 463 -24.79 -11.32 24.85
C PRO B 463 -26.11 -10.83 25.43
N PHE B 464 -26.01 -10.20 26.61
CA PHE B 464 -27.18 -9.65 27.30
C PHE B 464 -28.25 -10.70 27.52
N GLU B 465 -27.86 -11.95 27.73
CA GLU B 465 -28.80 -13.04 27.93
C GLU B 465 -28.90 -13.36 29.41
N ARG B 466 -30.10 -13.16 29.97
CA ARG B 466 -30.37 -13.45 31.37
C ARG B 466 -30.98 -14.85 31.51
N ASP B 467 -30.31 -15.70 32.29
CA ASP B 467 -30.74 -17.08 32.47
C ASP B 467 -31.30 -17.23 33.88
N ILE B 468 -32.61 -17.49 33.97
CA ILE B 468 -33.28 -17.70 35.25
C ILE B 468 -33.73 -19.15 35.41
N SER B 469 -33.24 -20.05 34.55
CA SER B 469 -33.63 -21.45 34.65
C SER B 469 -33.17 -22.03 35.98
N THR B 470 -34.05 -22.76 36.64
CA THR B 470 -33.76 -23.42 37.91
C THR B 470 -33.41 -24.89 37.72
N GLU B 471 -33.22 -25.34 36.48
CA GLU B 471 -32.96 -26.74 36.24
C GLU B 471 -31.63 -27.17 36.87
N ILE B 472 -31.61 -28.43 37.31
CA ILE B 472 -30.47 -29.01 38.01
C ILE B 472 -29.44 -29.48 36.99
N TYR B 473 -28.23 -28.92 37.05
CA TYR B 473 -27.21 -29.23 36.04
C TYR B 473 -26.90 -30.73 36.03
N GLN B 474 -26.73 -31.28 34.83
CA GLN B 474 -26.50 -32.70 34.63
C GLN B 474 -25.07 -32.88 34.11
N ALA B 475 -24.18 -33.39 34.95
CA ALA B 475 -22.81 -33.71 34.53
C ALA B 475 -22.59 -35.18 34.23
N GLY B 476 -23.64 -36.00 34.29
CA GLY B 476 -23.51 -37.41 34.06
C GLY B 476 -24.49 -37.89 33.00
N SER B 477 -24.17 -39.04 32.43
CA SER B 477 -25.04 -39.62 31.40
CA SER B 477 -25.04 -39.62 31.40
C SER B 477 -26.40 -39.94 31.98
N THR B 478 -26.45 -40.49 33.18
CA THR B 478 -27.71 -40.86 33.80
C THR B 478 -28.44 -39.61 34.28
N PRO B 479 -29.59 -39.26 33.73
CA PRO B 479 -30.37 -38.18 34.31
C PRO B 479 -30.89 -38.59 35.67
N CYS B 480 -30.88 -37.65 36.61
CA CYS B 480 -31.40 -37.91 37.93
C CYS B 480 -32.89 -37.59 38.04
N ASN B 481 -33.45 -36.92 37.04
CA ASN B 481 -34.87 -36.53 37.06
C ASN B 481 -35.10 -35.45 38.11
N GLY B 482 -33.63 -37.09 40.66
CA GLY B 482 -33.92 -35.74 41.04
C GLY B 482 -33.41 -35.52 42.44
N VAL B 483 -32.70 -36.52 42.93
CA VAL B 483 -32.08 -36.48 44.25
C VAL B 483 -30.67 -35.96 44.03
N GLU B 484 -30.44 -34.69 44.36
CA GLU B 484 -29.12 -34.11 44.20
C GLU B 484 -28.11 -35.03 44.88
N GLY B 485 -26.85 -34.93 44.48
CA GLY B 485 -25.83 -35.69 45.16
C GLY B 485 -24.48 -35.54 44.50
N PHE B 486 -23.68 -36.61 44.54
CA PHE B 486 -22.40 -36.56 43.86
C PHE B 486 -22.62 -36.48 42.36
N ASN B 487 -22.16 -35.38 41.77
CA ASN B 487 -22.17 -35.18 40.32
C ASN B 487 -23.59 -35.03 39.76
N CYS B 488 -24.43 -34.26 40.44
CA CYS B 488 -25.74 -33.87 39.91
C CYS B 488 -26.24 -32.70 40.77
N TYR B 489 -26.65 -31.62 40.09
CA TYR B 489 -26.32 -30.30 40.62
C TYR B 489 -27.44 -29.29 40.63
N PHE B 490 -27.56 -28.69 41.74
CA PHE B 490 -27.79 -27.27 41.82
C PHE B 490 -26.72 -26.52 41.03
N PRO B 491 -27.11 -25.63 40.09
CA PRO B 491 -26.10 -24.83 39.37
C PRO B 491 -25.73 -23.50 40.01
N LEU B 492 -26.09 -23.28 41.27
CA LEU B 492 -25.91 -21.98 41.92
C LEU B 492 -25.13 -22.12 43.21
N GLN B 493 -24.31 -21.11 43.52
CA GLN B 493 -23.49 -21.09 44.72
C GLN B 493 -23.58 -19.71 45.37
N SER B 494 -23.35 -19.66 46.68
CA SER B 494 -23.52 -18.45 47.47
C SER B 494 -22.16 -17.80 47.74
N TYR B 495 -22.14 -16.47 47.69
CA TYR B 495 -20.90 -15.74 47.95
C TYR B 495 -20.48 -15.84 49.41
N GLY B 496 -21.42 -15.68 50.33
CA GLY B 496 -21.11 -15.72 51.74
C GLY B 496 -20.17 -14.61 52.18
N PHE B 497 -20.47 -13.38 51.76
CA PHE B 497 -19.61 -12.25 52.08
C PHE B 497 -19.46 -12.09 53.58
N GLN B 498 -18.23 -11.81 54.02
CA GLN B 498 -17.92 -11.57 55.41
C GLN B 498 -17.37 -10.16 55.59
N PRO B 499 -17.58 -9.55 56.77
CA PRO B 499 -17.03 -8.20 56.98
C PRO B 499 -15.53 -8.14 56.89
N THR B 500 -14.83 -9.21 57.30
CA THR B 500 -13.39 -9.26 57.29
C THR B 500 -12.82 -9.85 56.01
N ASN B 501 -13.67 -10.18 55.04
CA ASN B 501 -13.18 -10.80 53.83
C ASN B 501 -12.21 -9.88 53.12
N GLY B 502 -11.24 -10.50 52.47
CA GLY B 502 -10.27 -9.73 51.73
C GLY B 502 -10.94 -9.02 50.59
N VAL B 503 -10.15 -8.17 49.95
CA VAL B 503 -10.69 -7.35 48.88
C VAL B 503 -11.25 -8.22 47.76
N GLY B 504 -10.48 -9.17 47.27
CA GLY B 504 -10.96 -10.01 46.19
C GLY B 504 -12.31 -10.61 46.52
N TYR B 505 -12.55 -10.85 47.80
CA TYR B 505 -13.79 -11.42 48.29
C TYR B 505 -14.79 -10.38 48.79
N GLN B 506 -14.40 -9.11 48.83
CA GLN B 506 -15.33 -8.09 49.28
C GLN B 506 -16.39 -7.84 48.20
N PRO B 507 -17.64 -7.56 48.60
CA PRO B 507 -18.70 -7.37 47.61
C PRO B 507 -18.50 -6.08 46.80
N TYR B 508 -19.04 -6.10 45.59
CA TYR B 508 -18.99 -4.94 44.70
C TYR B 508 -20.29 -4.88 43.91
N ARG B 509 -20.95 -3.73 43.96
CA ARG B 509 -22.16 -3.51 43.18
C ARG B 509 -21.79 -2.94 41.82
N VAL B 510 -22.31 -3.56 40.76
CA VAL B 510 -21.92 -3.25 39.40
C VAL B 510 -23.17 -2.85 38.61
N VAL B 511 -23.08 -1.74 37.89
CA VAL B 511 -24.13 -1.29 36.99
C VAL B 511 -23.51 -1.11 35.61
N VAL B 512 -24.08 -1.77 34.62
CA VAL B 512 -23.63 -1.68 33.23
C VAL B 512 -24.64 -0.85 32.46
N LEU B 513 -24.19 0.27 31.92
CA LEU B 513 -25.02 1.14 31.10
C LEU B 513 -24.75 0.84 29.64
N SER B 514 -25.78 0.40 28.93
CA SER B 514 -25.68 0.02 27.53
C SER B 514 -26.47 1.00 26.67
N PHE B 515 -25.88 1.38 25.54
CA PHE B 515 -26.49 2.35 24.64
C PHE B 515 -26.65 1.75 23.25
N GLU B 516 -27.72 2.14 22.58
CA GLU B 516 -27.98 1.73 21.20
C GLU B 516 -28.55 2.91 20.43
N LEU B 517 -28.07 3.11 19.21
CA LEU B 517 -28.41 4.28 18.40
C LEU B 517 -29.17 3.82 17.16
N LEU B 518 -30.48 3.68 17.30
CA LEU B 518 -31.34 3.33 16.17
C LEU B 518 -32.77 3.83 16.42
N PRO B 521 -35.22 8.04 16.72
CA PRO B 521 -35.00 9.41 17.17
C PRO B 521 -34.38 9.48 18.55
N ALA B 522 -33.60 10.54 18.80
CA ALA B 522 -33.01 10.72 20.12
C ALA B 522 -34.11 10.97 21.16
N THR B 523 -34.00 10.29 22.30
CA THR B 523 -34.95 10.43 23.39
C THR B 523 -34.32 10.98 24.65
N VAL B 524 -33.21 10.41 25.10
CA VAL B 524 -32.56 10.78 26.35
C VAL B 524 -31.26 11.51 26.00
N CYS B 525 -31.24 12.83 26.18
CA CYS B 525 -30.08 13.65 25.86
C CYS B 525 -29.65 14.49 27.05
N GLY B 526 -28.34 14.62 27.22
CA GLY B 526 -27.75 15.32 28.34
C GLY B 526 -27.94 16.83 28.30
N PRO B 527 -27.08 17.57 29.04
CA PRO B 527 -27.33 19.01 29.33
C PRO B 527 -26.77 20.05 28.33
N LYS B 528 -27.60 20.92 27.70
CA LYS B 528 -27.24 21.94 26.66
C LYS B 528 -28.50 22.70 26.18
N LYS B 529 -28.32 23.86 25.50
CA LYS B 529 -29.42 24.78 25.13
C LYS B 529 -29.75 24.79 23.63
N SER B 530 -30.93 25.36 23.30
CA SER B 530 -31.44 25.51 21.92
C SER B 530 -31.28 26.93 21.37
N THR B 531 -31.61 27.10 20.07
CA THR B 531 -31.53 28.37 19.35
C THR B 531 -32.62 28.47 18.29
N ASN B 532 -32.88 29.70 17.85
CA ASN B 532 -33.86 29.97 16.80
C ASN B 532 -33.35 29.50 15.43
N LEU B 533 -34.28 29.04 14.60
CA LEU B 533 -33.93 28.53 13.27
C LEU B 533 -33.67 29.67 12.30
N VAL B 534 -32.65 29.51 11.46
CA VAL B 534 -32.29 30.48 10.44
C VAL B 534 -32.25 29.77 9.09
N LYS B 535 -32.80 30.42 8.07
CA LYS B 535 -32.94 29.84 6.74
C LYS B 535 -32.20 30.67 5.71
N ASN B 536 -31.83 30.02 4.61
CA ASN B 536 -31.23 30.67 3.45
C ASN B 536 -29.85 31.26 3.77
N LYS B 537 -29.11 30.63 4.69
CA LYS B 537 -27.76 31.07 5.02
C LYS B 537 -26.95 29.86 5.43
N CYS B 538 -25.74 29.75 4.89
CA CYS B 538 -24.84 28.65 5.27
C CYS B 538 -24.51 28.76 6.75
N VAL B 539 -25.02 27.83 7.56
CA VAL B 539 -24.86 27.87 9.00
C VAL B 539 -24.51 26.47 9.50
N ASN B 540 -23.91 26.41 10.68
CA ASN B 540 -23.75 25.15 11.39
C ASN B 540 -25.03 24.83 12.14
N PHE B 541 -25.48 23.59 12.04
CA PHE B 541 -26.73 23.17 12.66
C PHE B 541 -26.52 21.90 13.44
N ASN B 542 -27.26 21.78 14.55
CA ASN B 542 -27.24 20.60 15.42
C ASN B 542 -28.69 20.23 15.71
N PHE B 543 -29.22 19.28 14.95
CA PHE B 543 -30.61 18.84 15.10
C PHE B 543 -30.61 17.54 15.90
N ASN B 544 -30.99 17.63 17.17
CA ASN B 544 -31.09 16.46 18.05
C ASN B 544 -29.78 15.67 18.09
N GLY B 545 -28.66 16.40 18.10
CA GLY B 545 -27.36 15.79 18.11
C GLY B 545 -26.79 15.48 16.74
N LEU B 546 -27.59 15.64 15.68
CA LEU B 546 -27.09 15.46 14.32
C LEU B 546 -26.43 16.75 13.89
N THR B 547 -25.11 16.71 13.73
CA THR B 547 -24.32 17.91 13.43
C THR B 547 -24.07 18.00 11.93
N GLY B 548 -24.05 19.22 11.42
CA GLY B 548 -23.77 19.45 10.02
C GLY B 548 -23.66 20.92 9.72
N THR B 549 -23.38 21.23 8.46
CA THR B 549 -23.25 22.60 7.99
C THR B 549 -23.90 22.71 6.62
N GLY B 550 -24.65 23.79 6.41
CA GLY B 550 -25.28 24.02 5.14
C GLY B 550 -26.41 25.04 5.27
N VAL B 551 -27.21 25.10 4.22
CA VAL B 551 -28.34 26.02 4.14
C VAL B 551 -29.63 25.24 4.40
N LEU B 552 -30.45 25.75 5.32
CA LEU B 552 -31.73 25.15 5.64
C LEU B 552 -32.84 25.96 4.99
N THR B 553 -33.72 25.28 4.27
CA THR B 553 -34.84 25.92 3.58
C THR B 553 -36.11 25.14 3.85
N GLU B 554 -37.24 25.83 3.72
CA GLU B 554 -38.53 25.15 3.82
C GLU B 554 -38.65 24.13 2.69
N SER B 555 -39.15 22.95 3.03
CA SER B 555 -39.18 21.82 2.11
C SER B 555 -40.62 21.41 1.82
N ASN B 556 -40.83 20.91 0.60
CA ASN B 556 -42.14 20.45 0.16
C ASN B 556 -42.30 18.94 0.22
N LYS B 557 -41.23 18.20 0.43
CA LYS B 557 -41.34 16.75 0.54
C LYS B 557 -42.15 16.38 1.77
N LYS B 558 -42.91 15.29 1.67
CA LYS B 558 -43.80 14.87 2.73
C LYS B 558 -43.11 13.78 3.56
N PHE B 559 -42.98 14.03 4.85
CA PHE B 559 -42.51 13.03 5.79
C PHE B 559 -43.71 12.40 6.48
N LEU B 560 -43.73 11.07 6.51
CA LEU B 560 -44.78 10.39 7.25
C LEU B 560 -44.54 10.59 8.75
N PRO B 561 -45.61 10.62 9.55
CA PRO B 561 -45.45 10.96 10.98
C PRO B 561 -44.33 10.22 11.68
N PHE B 562 -43.98 9.02 11.24
CA PHE B 562 -42.97 8.21 11.91
C PHE B 562 -41.54 8.54 11.48
N GLN B 563 -41.37 9.34 10.43
CA GLN B 563 -40.04 9.66 9.92
C GLN B 563 -39.53 10.95 10.55
N GLN B 564 -38.21 11.01 10.73
CA GLN B 564 -37.53 12.17 11.29
C GLN B 564 -36.64 12.87 10.29
N PHE B 565 -35.69 12.15 9.70
CA PHE B 565 -34.75 12.73 8.74
C PHE B 565 -34.69 11.87 7.49
N GLY B 566 -34.51 12.53 6.35
CA GLY B 566 -34.42 11.86 5.07
C GLY B 566 -33.00 11.92 4.54
N ARG B 567 -32.50 10.76 4.11
CA ARG B 567 -31.13 10.61 3.63
C ARG B 567 -31.15 10.26 2.16
N ASP B 568 -30.34 10.98 1.37
CA ASP B 568 -30.18 10.70 -0.05
C ASP B 568 -29.02 9.72 -0.24
N ILE B 569 -28.59 9.54 -1.49
CA ILE B 569 -27.47 8.67 -1.77
C ILE B 569 -26.24 9.18 -1.02
N ALA B 570 -25.34 8.25 -0.70
CA ALA B 570 -24.09 8.49 0.03
C ALA B 570 -24.33 8.60 1.53
N ASP B 571 -25.54 8.29 2.01
CA ASP B 571 -25.85 8.28 3.43
C ASP B 571 -25.65 9.64 4.08
N THR B 572 -25.65 10.71 3.30
CA THR B 572 -25.55 12.06 3.84
C THR B 572 -26.96 12.62 4.02
N THR B 573 -27.23 13.13 5.23
CA THR B 573 -28.56 13.64 5.52
C THR B 573 -28.93 14.77 4.57
N ASP B 574 -30.13 14.69 4.02
CA ASP B 574 -30.62 15.69 3.07
C ASP B 574 -31.75 16.55 3.62
N ALA B 575 -32.64 15.97 4.43
CA ALA B 575 -33.73 16.71 5.04
C ALA B 575 -33.86 16.31 6.51
N VAL B 576 -34.36 17.24 7.32
CA VAL B 576 -34.50 17.01 8.75
C VAL B 576 -35.74 17.75 9.23
N ARG B 577 -36.42 17.16 10.22
CA ARG B 577 -37.59 17.77 10.82
C ARG B 577 -37.21 19.03 11.62
N ILE B 584 -40.69 20.48 7.91
CA ILE B 584 -39.62 19.78 7.21
C ILE B 584 -38.63 20.79 6.65
N LEU B 585 -37.34 20.46 6.74
CA LEU B 585 -36.26 21.35 6.32
C LEU B 585 -35.38 20.64 5.31
N ASP B 586 -35.08 21.33 4.21
CA ASP B 586 -34.13 20.82 3.22
C ASP B 586 -32.75 21.36 3.51
N ILE B 587 -31.75 20.47 3.54
CA ILE B 587 -30.37 20.83 3.79
C ILE B 587 -29.62 20.82 2.47
N THR B 588 -28.91 21.91 2.18
CA THR B 588 -28.14 22.05 0.96
C THR B 588 -26.72 22.49 1.30
N PRO B 589 -25.69 21.82 0.80
CA PRO B 589 -24.31 22.32 0.99
C PRO B 589 -24.15 23.67 0.30
N CYS B 590 -23.65 24.66 1.03
CA CYS B 590 -23.76 26.01 0.47
C CYS B 590 -22.93 26.24 -0.79
N SER B 591 -21.61 26.38 -0.69
CA SER B 591 -20.84 26.73 -1.87
C SER B 591 -19.35 26.49 -1.67
N PHE B 592 -18.78 25.69 -2.58
CA PHE B 592 -17.34 25.54 -2.58
C PHE B 592 -16.94 25.21 -4.01
N GLY B 593 -15.67 25.42 -4.30
CA GLY B 593 -15.18 25.14 -5.63
C GLY B 593 -13.81 25.75 -5.83
N GLY B 594 -13.23 25.45 -6.99
CA GLY B 594 -11.87 25.85 -7.28
C GLY B 594 -11.71 27.31 -7.70
N VAL B 595 -10.68 27.90 -7.10
CA VAL B 595 -9.88 29.02 -7.64
C VAL B 595 -8.72 28.67 -8.56
N SER B 596 -8.93 29.13 -9.80
CA SER B 596 -7.98 29.28 -10.88
C SER B 596 -7.61 30.75 -11.03
N VAL B 597 -6.34 30.98 -11.32
CA VAL B 597 -5.78 32.32 -11.42
C VAL B 597 -5.36 32.48 -12.87
N ILE B 598 -5.85 33.53 -13.53
CA ILE B 598 -5.53 33.79 -14.94
C ILE B 598 -4.51 34.92 -15.02
N THR B 599 -3.34 34.59 -15.53
CA THR B 599 -2.26 35.54 -15.61
C THR B 599 -1.83 35.66 -17.07
N PRO B 600 -1.56 36.87 -17.57
CA PRO B 600 -0.91 37.02 -18.88
C PRO B 600 0.60 36.77 -18.86
N GLY B 601 1.15 36.40 -17.72
CA GLY B 601 2.59 36.27 -17.52
C GLY B 601 3.20 37.42 -16.72
N THR B 602 3.81 37.11 -15.59
CA THR B 602 4.64 38.11 -14.93
C THR B 602 5.44 38.89 -15.96
N ASN B 603 6.03 38.21 -16.94
CA ASN B 603 6.83 38.90 -17.93
C ASN B 603 6.13 40.09 -18.52
N THR B 604 4.83 39.96 -18.80
CA THR B 604 4.04 40.99 -19.49
C THR B 604 3.41 42.00 -18.55
N SER B 605 2.80 41.52 -17.47
CA SER B 605 2.15 42.37 -16.50
C SER B 605 1.77 41.55 -15.27
N ASN B 606 1.74 42.24 -14.13
CA ASN B 606 1.43 41.63 -12.86
C ASN B 606 -0.07 41.57 -12.60
N GLN B 607 -0.90 42.07 -13.52
CA GLN B 607 -2.35 42.03 -13.36
C GLN B 607 -2.87 40.60 -13.56
N VAL B 608 -3.84 40.24 -12.71
CA VAL B 608 -4.32 38.86 -12.62
C VAL B 608 -5.83 38.86 -12.75
N ALA B 609 -6.40 37.66 -13.00
CA ALA B 609 -7.82 37.41 -12.82
C ALA B 609 -8.11 36.06 -12.16
N VAL B 610 -8.97 36.16 -11.14
CA VAL B 610 -9.74 35.05 -10.54
C VAL B 610 -11.06 34.67 -11.20
N LEU B 611 -11.14 33.34 -11.37
CA LEU B 611 -12.26 32.52 -11.79
C LEU B 611 -12.64 31.60 -10.63
N TYR B 612 -13.80 31.84 -10.04
CA TYR B 612 -14.36 30.94 -9.05
C TYR B 612 -15.27 29.95 -9.75
N GLN B 613 -14.90 28.66 -9.71
CA GLN B 613 -15.48 27.66 -10.60
C GLN B 613 -16.71 27.00 -9.98
N ASP B 614 -17.80 27.00 -10.75
CA ASP B 614 -19.08 26.43 -10.32
C ASP B 614 -19.54 27.05 -9.01
N VAL B 615 -19.25 28.35 -8.86
CA VAL B 615 -19.68 29.14 -7.71
C VAL B 615 -20.50 30.33 -8.20
N ASN B 616 -21.70 30.46 -7.64
CA ASN B 616 -22.48 31.69 -7.77
C ASN B 616 -21.86 32.74 -6.85
N CYS B 617 -21.15 33.68 -7.45
CA CYS B 617 -20.33 34.63 -6.73
C CYS B 617 -21.12 35.82 -6.20
N THR B 618 -22.44 35.72 -6.17
CA THR B 618 -23.16 36.56 -5.23
C THR B 618 -22.80 36.21 -3.80
N GLU B 619 -22.29 34.99 -3.58
CA GLU B 619 -21.82 34.54 -2.28
C GLU B 619 -20.29 34.61 -2.20
N VAL B 620 -19.73 35.80 -2.26
CA VAL B 620 -18.30 36.00 -2.05
C VAL B 620 -18.07 37.25 -1.20
N ASN B 641 -15.83 44.20 -11.65
CA ASN B 641 -15.99 43.62 -12.97
C ASN B 641 -16.39 42.14 -12.91
N VAL B 642 -17.20 41.79 -11.92
CA VAL B 642 -17.67 40.41 -11.72
C VAL B 642 -18.50 40.02 -12.93
N PHE B 643 -18.12 38.93 -13.61
CA PHE B 643 -18.84 38.63 -14.84
C PHE B 643 -19.14 37.15 -14.72
N GLN B 644 -20.36 36.74 -15.05
CA GLN B 644 -20.83 35.38 -14.80
C GLN B 644 -20.73 34.53 -16.05
N THR B 645 -20.16 33.34 -15.89
CA THR B 645 -20.00 32.40 -16.98
C THR B 645 -20.39 31.02 -16.52
N ARG B 646 -20.59 30.12 -17.51
CA ARG B 646 -21.01 28.76 -17.22
C ARG B 646 -19.94 27.97 -16.49
N ALA B 647 -18.71 28.46 -16.48
CA ALA B 647 -17.61 27.85 -15.74
C ALA B 647 -17.51 28.37 -14.33
N GLY B 648 -18.34 29.33 -13.94
CA GLY B 648 -18.27 29.98 -12.65
C GLY B 648 -18.51 31.47 -12.78
N CYS B 649 -17.68 32.27 -12.11
CA CYS B 649 -17.61 33.70 -12.38
C CYS B 649 -16.15 34.09 -12.55
N LEU B 650 -15.92 35.16 -13.28
CA LEU B 650 -14.61 35.77 -13.40
C LEU B 650 -14.61 37.15 -12.76
N ILE B 651 -13.57 37.43 -11.99
CA ILE B 651 -13.37 38.72 -11.34
C ILE B 651 -12.06 39.29 -11.85
N GLY B 652 -12.01 40.60 -11.99
CA GLY B 652 -10.84 41.28 -12.49
C GLY B 652 -10.69 41.37 -13.99
N ALA B 653 -11.56 40.72 -14.76
CA ALA B 653 -11.46 40.68 -16.22
C ALA B 653 -12.68 41.32 -16.86
N GLU B 654 -12.42 42.30 -17.73
CA GLU B 654 -13.49 43.07 -18.34
C GLU B 654 -14.16 42.24 -19.43
N HIS B 655 -15.48 42.09 -19.32
CA HIS B 655 -16.27 41.64 -20.45
C HIS B 655 -16.31 42.43 -21.70
N VAL B 656 -16.00 41.72 -22.82
CA VAL B 656 -16.14 42.40 -24.08
C VAL B 656 -16.94 41.44 -24.95
N ASN B 657 -17.63 42.02 -25.94
CA ASN B 657 -18.46 41.38 -26.95
C ASN B 657 -17.77 41.09 -28.27
N ASN B 658 -16.47 41.20 -28.33
CA ASN B 658 -15.79 41.30 -29.60
C ASN B 658 -15.78 39.80 -29.96
N SER B 659 -14.88 39.28 -30.81
CA SER B 659 -14.49 37.87 -30.71
C SER B 659 -13.14 37.61 -31.39
N TYR B 660 -12.14 37.22 -30.61
CA TYR B 660 -10.80 36.94 -31.07
C TYR B 660 -10.56 35.44 -31.06
N GLU B 661 -9.36 35.04 -31.50
CA GLU B 661 -8.85 33.70 -31.23
C GLU B 661 -8.64 33.50 -29.74
N CYS B 662 -8.90 32.29 -29.25
CA CYS B 662 -8.70 31.99 -27.83
C CYS B 662 -7.23 32.09 -27.44
N ASP B 663 -6.97 32.81 -26.34
CA ASP B 663 -5.61 32.93 -25.84
C ASP B 663 -5.46 32.08 -24.59
N ILE B 664 -6.18 32.42 -23.52
CA ILE B 664 -6.20 31.66 -22.29
C ILE B 664 -7.58 31.02 -22.19
N PRO B 665 -7.69 29.70 -22.27
CA PRO B 665 -9.01 29.06 -22.29
C PRO B 665 -9.60 28.99 -20.89
N ILE B 666 -10.71 29.72 -20.65
CA ILE B 666 -11.43 29.53 -19.41
C ILE B 666 -12.46 28.41 -19.45
N GLY B 667 -13.27 28.26 -20.50
CA GLY B 667 -14.23 27.18 -20.49
C GLY B 667 -15.61 27.61 -20.90
N ALA B 668 -16.44 26.66 -21.31
CA ALA B 668 -17.80 26.95 -21.74
C ALA B 668 -17.80 27.91 -22.91
N GLY B 669 -16.71 27.95 -23.65
CA GLY B 669 -16.60 28.86 -24.75
C GLY B 669 -16.21 30.26 -24.39
N ILE B 670 -15.73 30.50 -23.22
CA ILE B 670 -15.03 31.74 -22.95
C ILE B 670 -13.58 31.59 -22.64
N CYS B 671 -12.83 32.55 -23.12
CA CYS B 671 -11.41 32.67 -23.10
C CYS B 671 -11.07 34.09 -22.62
N ALA B 672 -9.83 34.24 -22.19
CA ALA B 672 -9.32 35.52 -21.72
C ALA B 672 -8.10 35.88 -22.54
N SER B 673 -7.73 37.16 -22.47
CA SER B 673 -6.60 37.71 -23.19
C SER B 673 -6.25 39.09 -22.64
N TYR B 674 -5.06 39.55 -22.97
CA TYR B 674 -4.52 40.77 -22.41
C TYR B 674 -4.51 41.85 -23.47
N SER B 691 -5.25 45.69 -19.74
CA SER B 691 -6.31 45.09 -18.93
C SER B 691 -6.72 43.74 -19.47
N ILE B 692 -7.13 42.83 -18.58
CA ILE B 692 -7.42 41.46 -18.94
C ILE B 692 -8.87 41.41 -19.37
N ILE B 693 -9.11 40.95 -20.62
CA ILE B 693 -10.43 40.95 -21.23
C ILE B 693 -10.92 39.52 -21.42
N ALA B 694 -12.20 39.31 -21.09
CA ALA B 694 -12.86 38.02 -21.26
C ALA B 694 -13.94 38.11 -22.33
N TYR B 695 -13.78 37.31 -23.40
CA TYR B 695 -14.66 37.31 -24.56
C TYR B 695 -15.13 35.89 -24.86
N THR B 696 -15.71 35.69 -26.06
CA THR B 696 -16.28 34.43 -26.48
C THR B 696 -15.54 33.98 -27.72
N MET B 697 -14.74 32.92 -27.61
CA MET B 697 -13.71 32.68 -28.62
C MET B 697 -14.37 32.64 -30.01
N SER B 698 -13.65 33.12 -31.03
CA SER B 698 -14.06 33.05 -32.41
C SER B 698 -13.35 31.90 -33.05
N LEU B 699 -14.14 31.01 -33.50
CA LEU B 699 -13.98 29.94 -34.42
C LEU B 699 -13.16 29.99 -35.65
N GLY B 700 -12.98 31.23 -36.16
CA GLY B 700 -12.10 31.59 -37.24
C GLY B 700 -12.79 32.41 -38.26
N ALA B 701 -11.95 32.90 -39.16
CA ALA B 701 -12.40 33.74 -40.27
C ALA B 701 -13.53 33.03 -41.01
N GLU B 702 -14.63 33.73 -41.18
CA GLU B 702 -15.84 33.15 -41.75
C GLU B 702 -15.89 33.60 -43.21
N ASN B 703 -15.34 32.76 -44.09
CA ASN B 703 -15.26 33.06 -45.51
C ASN B 703 -16.13 32.07 -46.27
N SER B 704 -16.99 32.58 -47.14
CA SER B 704 -17.86 31.75 -47.95
C SER B 704 -17.17 31.49 -49.28
N VAL B 705 -17.01 30.21 -49.61
CA VAL B 705 -16.37 29.84 -50.86
C VAL B 705 -17.32 30.15 -52.02
N ALA B 706 -16.77 30.75 -53.08
CA ALA B 706 -17.58 31.18 -54.22
C ALA B 706 -17.98 30.01 -55.11
N TYR B 707 -18.88 29.16 -54.62
CA TYR B 707 -19.26 27.94 -55.32
C TYR B 707 -20.34 28.21 -56.39
N SER B 708 -20.34 27.39 -57.45
CA SER B 708 -21.41 27.39 -58.45
C SER B 708 -21.48 26.02 -59.12
N ASN B 709 -22.70 25.55 -59.45
CA ASN B 709 -22.78 24.23 -60.11
C ASN B 709 -22.01 24.17 -61.41
N ASN B 710 -21.49 25.29 -61.88
CA ASN B 710 -20.62 25.31 -63.04
C ASN B 710 -19.46 26.26 -62.82
N SER B 711 -18.86 26.22 -61.62
CA SER B 711 -17.74 27.06 -61.30
C SER B 711 -16.69 26.27 -60.53
N ILE B 712 -15.43 26.40 -60.94
CA ILE B 712 -14.32 25.77 -60.25
C ILE B 712 -13.26 26.85 -59.99
N ALA B 713 -12.43 26.57 -58.98
CA ALA B 713 -11.33 27.46 -58.62
C ALA B 713 -10.06 26.64 -58.75
N ILE B 714 -9.10 27.12 -59.57
CA ILE B 714 -7.85 26.40 -59.80
C ILE B 714 -6.67 27.26 -59.38
N PRO B 715 -5.67 26.71 -58.65
CA PRO B 715 -4.51 27.51 -58.27
C PRO B 715 -3.53 27.73 -59.41
N THR B 716 -2.96 28.94 -59.46
CA THR B 716 -2.05 29.38 -60.53
C THR B 716 -0.59 29.48 -60.09
N ASN B 717 -0.37 29.61 -58.77
CA ASN B 717 0.83 29.44 -57.96
C ASN B 717 0.76 28.41 -56.85
N PHE B 718 1.97 28.14 -56.34
CA PHE B 718 2.19 27.21 -55.27
C PHE B 718 3.23 27.77 -54.32
N THR B 719 3.33 27.11 -53.18
CA THR B 719 4.24 27.40 -52.10
C THR B 719 4.80 26.14 -51.48
N ILE B 720 6.12 26.17 -51.24
CA ILE B 720 6.85 25.06 -50.65
C ILE B 720 6.97 25.37 -49.16
N SER B 721 6.12 24.75 -48.37
CA SER B 721 6.02 25.00 -46.95
C SER B 721 6.75 23.91 -46.19
N VAL B 722 7.61 24.32 -45.26
CA VAL B 722 8.37 23.42 -44.41
C VAL B 722 7.85 23.56 -42.98
N THR B 723 7.30 22.48 -42.44
CA THR B 723 6.83 22.44 -41.06
C THR B 723 7.73 21.54 -40.24
N THR B 724 7.61 21.66 -38.92
CA THR B 724 8.37 20.85 -37.98
C THR B 724 7.39 20.08 -37.11
N GLU B 725 7.57 18.77 -37.03
CA GLU B 725 6.77 17.93 -36.14
C GLU B 725 7.69 17.29 -35.12
N ILE B 726 7.44 17.53 -33.82
CA ILE B 726 8.33 16.93 -32.83
C ILE B 726 7.55 15.78 -32.20
N LEU B 727 8.22 14.65 -32.00
CA LEU B 727 7.60 13.45 -31.44
C LEU B 727 8.54 12.86 -30.40
N PRO B 728 8.13 12.70 -29.14
CA PRO B 728 8.99 12.00 -28.19
C PRO B 728 9.17 10.54 -28.59
N VAL B 729 10.41 10.09 -28.47
CA VAL B 729 10.80 8.69 -28.56
C VAL B 729 11.06 8.05 -27.19
N SER B 730 11.79 8.68 -26.27
CA SER B 730 12.42 7.91 -25.23
C SER B 730 12.42 8.72 -23.95
N MET B 731 12.49 8.02 -22.83
CA MET B 731 12.49 8.65 -21.52
C MET B 731 13.76 8.23 -20.80
N THR B 732 14.05 8.95 -19.72
CA THR B 732 15.19 8.60 -18.90
C THR B 732 15.03 7.19 -18.36
N LYS B 733 16.10 6.40 -18.47
CA LYS B 733 16.13 5.05 -17.93
C LYS B 733 16.54 5.12 -16.47
N THR B 734 15.58 4.92 -15.56
CA THR B 734 15.83 4.89 -14.12
C THR B 734 15.62 3.49 -13.54
N SER B 735 16.50 3.14 -12.62
CA SER B 735 16.59 1.95 -11.79
C SER B 735 16.61 2.36 -10.35
N VAL B 736 15.92 1.62 -9.48
CA VAL B 736 15.79 2.02 -8.09
C VAL B 736 16.13 0.81 -7.24
N ASP B 737 17.10 0.96 -6.35
CA ASP B 737 17.42 -0.12 -5.43
C ASP B 737 16.38 -0.06 -4.32
N CYS B 738 15.40 -0.97 -4.40
CA CYS B 738 14.28 -0.94 -3.47
C CYS B 738 14.76 -1.09 -2.02
N THR B 739 15.63 -2.07 -1.78
CA THR B 739 16.18 -2.25 -0.45
C THR B 739 16.75 -0.96 0.10
N MET B 740 17.62 -0.30 -0.66
CA MET B 740 18.41 0.73 -0.04
C MET B 740 17.48 1.96 0.16
N TYR B 741 16.51 2.13 -0.76
CA TYR B 741 15.83 3.34 -0.93
C TYR B 741 14.88 3.34 0.26
N ILE B 742 14.25 2.08 0.59
CA ILE B 742 13.35 1.81 1.72
C ILE B 742 14.09 1.85 3.04
N CYS B 743 15.23 1.16 3.12
CA CYS B 743 16.05 1.10 4.33
C CYS B 743 17.21 2.08 4.28
N GLY B 744 18.09 1.93 3.31
CA GLY B 744 19.28 2.75 3.26
C GLY B 744 20.32 2.27 4.25
N ASP B 745 20.84 1.08 4.02
CA ASP B 745 21.89 0.51 4.87
C ASP B 745 21.38 0.30 6.30
N SER B 746 20.31 -0.47 6.43
CA SER B 746 19.79 -0.89 7.72
C SER B 746 19.43 -2.37 7.66
N THR B 747 20.25 -3.18 8.31
CA THR B 747 20.02 -4.62 8.26
C THR B 747 18.65 -5.01 8.80
N GLU B 748 18.22 -4.43 9.93
CA GLU B 748 16.94 -4.85 10.52
C GLU B 748 15.76 -4.40 9.66
N CYS B 749 15.86 -3.22 9.03
CA CYS B 749 14.84 -2.87 8.03
C CYS B 749 14.86 -3.87 6.87
N SER B 750 16.05 -4.37 6.53
CA SER B 750 16.13 -5.31 5.42
C SER B 750 15.42 -6.61 5.78
N ASN B 751 15.65 -7.12 7.00
CA ASN B 751 15.00 -8.36 7.41
C ASN B 751 13.50 -8.20 7.51
N LEU B 752 13.04 -7.07 8.05
CA LEU B 752 11.61 -6.73 7.93
C LEU B 752 11.08 -6.75 6.49
N LEU B 753 11.79 -6.12 5.55
CA LEU B 753 11.15 -6.06 4.24
C LEU B 753 11.23 -7.40 3.50
N LEU B 754 12.32 -8.15 3.68
CA LEU B 754 12.33 -9.47 3.08
C LEU B 754 11.28 -10.34 3.69
N GLN B 755 11.07 -10.20 4.99
CA GLN B 755 9.96 -10.83 5.68
C GLN B 755 8.62 -10.27 5.23
N TYR B 756 8.60 -9.23 4.38
CA TYR B 756 7.32 -8.64 4.06
C TYR B 756 6.80 -9.20 2.72
N GLY B 757 7.67 -9.89 1.95
CA GLY B 757 7.36 -10.43 0.63
C GLY B 757 8.46 -10.18 -0.38
N SER B 758 8.14 -10.25 -1.67
CA SER B 758 9.11 -10.08 -2.75
C SER B 758 8.72 -8.95 -3.70
N PHE B 759 8.34 -7.79 -3.15
CA PHE B 759 7.96 -6.62 -3.97
C PHE B 759 9.16 -6.01 -4.69
N CYS B 760 10.34 -6.14 -4.12
CA CYS B 760 11.51 -5.52 -4.72
C CYS B 760 11.82 -6.12 -6.09
N THR B 761 11.89 -7.45 -6.21
CA THR B 761 11.86 -8.03 -7.54
C THR B 761 10.85 -7.42 -8.47
N GLN B 762 9.56 -7.44 -8.18
CA GLN B 762 8.68 -6.95 -9.23
C GLN B 762 9.06 -5.55 -9.65
N LEU B 763 9.34 -4.65 -8.68
CA LEU B 763 9.57 -3.26 -9.03
C LEU B 763 10.83 -3.13 -9.87
N ASN B 764 11.88 -3.81 -9.43
CA ASN B 764 13.07 -3.83 -10.22
C ASN B 764 12.73 -4.29 -11.62
N ARG B 765 11.82 -5.27 -11.78
CA ARG B 765 12.20 -6.07 -12.91
C ARG B 765 11.32 -5.40 -13.99
N ALA B 766 10.25 -4.67 -13.54
CA ALA B 766 9.47 -3.70 -14.36
C ALA B 766 10.31 -2.51 -14.80
N LEU B 767 11.05 -1.93 -13.84
CA LEU B 767 12.10 -0.93 -14.13
C LEU B 767 13.06 -1.33 -15.24
N THR B 768 13.74 -2.46 -15.12
CA THR B 768 14.30 -3.08 -16.32
C THR B 768 13.37 -3.10 -17.52
N GLY B 769 12.29 -3.87 -17.49
CA GLY B 769 11.46 -3.96 -18.67
C GLY B 769 11.30 -2.61 -19.33
N ILE B 770 11.32 -1.55 -18.54
CA ILE B 770 10.74 -0.32 -19.04
C ILE B 770 11.90 0.41 -19.72
N ALA B 771 13.13 0.18 -19.18
CA ALA B 771 14.36 0.67 -19.79
C ALA B 771 14.58 -0.02 -21.11
N VAL B 772 14.41 -1.34 -21.15
CA VAL B 772 15.01 -2.04 -22.26
C VAL B 772 14.03 -1.74 -23.39
N GLU B 773 12.74 -1.41 -22.98
CA GLU B 773 11.73 -0.82 -23.86
C GLU B 773 12.12 0.57 -24.37
N GLN B 774 12.77 1.38 -23.55
CA GLN B 774 13.27 2.68 -24.04
C GLN B 774 14.34 2.49 -25.13
N ASP B 775 15.27 1.59 -24.85
CA ASP B 775 16.32 1.30 -25.82
C ASP B 775 15.71 0.81 -27.12
N LYS B 776 14.72 -0.07 -27.01
CA LYS B 776 13.96 -0.54 -28.17
C LYS B 776 13.09 0.63 -28.92
N ASN B 777 12.62 1.64 -28.19
CA ASN B 777 12.01 2.69 -28.98
C ASN B 777 13.05 3.32 -29.85
N THR B 778 14.19 3.65 -29.26
CA THR B 778 15.19 4.39 -30.04
C THR B 778 15.66 3.55 -31.22
N GLN B 779 16.05 2.30 -30.95
CA GLN B 779 16.56 1.44 -32.00
C GLN B 779 15.54 1.29 -33.11
N GLU B 780 14.28 1.12 -32.77
CA GLU B 780 13.30 1.03 -33.82
C GLU B 780 13.27 2.33 -34.63
N VAL B 781 13.34 3.50 -33.98
CA VAL B 781 12.70 4.59 -34.72
C VAL B 781 13.72 5.01 -35.71
N PHE B 782 15.01 4.96 -35.28
CA PHE B 782 16.17 5.54 -35.94
C PHE B 782 17.00 4.55 -36.76
N ALA B 783 17.03 3.27 -36.39
CA ALA B 783 17.95 2.31 -37.00
C ALA B 783 17.28 1.54 -38.13
N GLN B 784 16.47 2.23 -38.94
CA GLN B 784 15.77 1.56 -40.02
C GLN B 784 16.74 1.12 -41.12
N VAL B 785 17.77 1.92 -41.39
CA VAL B 785 18.68 1.63 -42.48
C VAL B 785 19.91 1.01 -41.83
N LYS B 786 20.48 -0.03 -42.44
CA LYS B 786 21.66 -0.72 -41.92
C LYS B 786 22.96 -0.29 -42.59
N GLN B 787 22.90 0.66 -43.51
CA GLN B 787 24.06 1.15 -44.23
C GLN B 787 24.14 2.65 -44.05
N ILE B 788 25.33 3.14 -43.72
CA ILE B 788 25.55 4.55 -43.43
C ILE B 788 25.96 5.21 -44.74
N TYR B 789 25.05 6.00 -45.28
CA TYR B 789 25.29 6.71 -46.52
C TYR B 789 25.97 8.05 -46.22
N LYS B 790 26.86 8.45 -47.13
CA LYS B 790 27.65 9.66 -46.98
C LYS B 790 27.27 10.64 -48.08
N THR B 791 27.17 11.92 -47.72
CA THR B 791 26.65 12.85 -48.71
C THR B 791 27.85 13.06 -49.63
N PRO B 792 27.69 13.54 -50.85
CA PRO B 792 28.88 13.66 -51.68
C PRO B 792 29.73 14.75 -51.04
N PRO B 793 31.03 14.89 -51.41
CA PRO B 793 31.70 16.16 -51.09
C PRO B 793 31.16 17.33 -51.89
N ILE B 794 30.76 17.06 -53.12
CA ILE B 794 30.09 18.00 -54.01
C ILE B 794 28.57 18.02 -53.86
N LYS B 795 28.11 19.20 -53.45
CA LYS B 795 26.73 19.53 -53.09
C LYS B 795 26.14 20.31 -54.25
N ASP B 796 25.67 19.58 -55.25
CA ASP B 796 25.00 20.17 -56.41
C ASP B 796 23.66 19.47 -56.48
N PHE B 797 22.68 20.04 -55.77
CA PHE B 797 21.33 19.49 -55.68
C PHE B 797 20.30 20.36 -56.40
N GLY B 798 20.70 20.99 -57.50
CA GLY B 798 19.75 21.76 -58.27
C GLY B 798 19.33 23.05 -57.62
N GLY B 799 20.19 23.65 -56.80
CA GLY B 799 19.87 24.86 -56.10
C GLY B 799 19.45 24.66 -54.67
N PHE B 800 18.91 23.50 -54.33
CA PHE B 800 18.50 23.25 -52.96
C PHE B 800 19.72 23.20 -52.07
N ASN B 801 19.64 23.89 -50.94
CA ASN B 801 20.76 24.10 -50.04
C ASN B 801 20.48 23.24 -48.84
N PHE B 802 21.30 22.21 -48.56
CA PHE B 802 21.04 21.61 -47.28
C PHE B 802 22.30 21.50 -46.44
N SER B 803 22.97 22.63 -46.32
CA SER B 803 23.99 22.87 -45.30
C SER B 803 23.43 22.93 -43.88
N GLN B 804 22.17 23.38 -43.71
CA GLN B 804 21.61 23.58 -42.39
C GLN B 804 21.17 22.30 -41.73
N ILE B 805 20.93 21.24 -42.50
CA ILE B 805 20.49 19.96 -41.96
C ILE B 805 21.53 18.88 -42.13
N LEU B 806 22.61 19.14 -42.87
CA LEU B 806 23.56 18.13 -43.26
C LEU B 806 24.67 18.20 -42.20
N PRO B 807 25.43 17.13 -41.97
CA PRO B 807 26.40 17.15 -40.87
C PRO B 807 27.40 18.29 -41.02
N ASP B 808 27.69 18.94 -39.91
CA ASP B 808 28.65 20.03 -39.90
C ASP B 808 30.06 19.46 -39.79
N PRO B 809 30.95 19.72 -40.75
CA PRO B 809 32.33 19.24 -40.61
C PRO B 809 33.04 19.82 -39.40
N SER B 810 32.53 20.92 -38.87
CA SER B 810 33.14 21.49 -37.68
C SER B 810 33.01 20.62 -36.46
N LYS B 811 32.26 19.49 -36.52
CA LYS B 811 32.32 18.68 -35.32
C LYS B 811 31.84 19.40 -34.06
N PRO B 812 30.61 19.93 -34.08
CA PRO B 812 29.88 20.17 -32.82
C PRO B 812 29.13 18.92 -32.39
N SER B 813 29.89 17.87 -32.12
CA SER B 813 29.37 16.51 -32.10
C SER B 813 28.86 16.09 -33.47
N LYS B 814 29.35 16.61 -34.62
CA LYS B 814 28.74 16.05 -35.87
C LYS B 814 27.20 16.20 -35.95
N ARG B 815 26.69 17.32 -35.46
CA ARG B 815 25.27 17.55 -35.56
C ARG B 815 24.97 18.76 -36.44
N SER B 816 23.90 18.67 -37.24
CA SER B 816 23.52 19.78 -38.09
C SER B 816 23.10 20.99 -37.25
N PHE B 817 22.97 22.13 -37.91
CA PHE B 817 22.83 23.35 -37.11
C PHE B 817 21.41 23.51 -36.53
N ILE B 818 20.43 23.05 -37.26
CA ILE B 818 19.16 22.59 -36.69
C ILE B 818 19.34 21.69 -35.47
N GLU B 819 20.14 20.63 -35.56
CA GLU B 819 20.23 19.70 -34.44
C GLU B 819 20.89 20.34 -33.22
N ASP B 820 21.95 21.13 -33.42
CA ASP B 820 22.56 21.85 -32.31
C ASP B 820 21.56 22.76 -31.60
N LEU B 821 20.91 23.62 -32.37
CA LEU B 821 19.72 24.37 -32.00
C LEU B 821 18.71 23.60 -31.18
N LEU B 822 18.21 22.45 -31.69
CA LEU B 822 17.28 21.67 -30.90
C LEU B 822 17.89 21.19 -29.59
N PHE B 823 19.15 20.74 -29.61
CA PHE B 823 19.75 20.20 -28.40
C PHE B 823 19.96 21.27 -27.34
N ASN B 824 20.25 22.51 -27.76
CA ASN B 824 20.55 23.54 -26.77
C ASN B 824 19.28 24.34 -26.44
N LYS B 825 18.16 23.98 -27.05
CA LYS B 825 16.86 24.53 -26.71
C LYS B 825 16.14 23.74 -25.63
N VAL B 826 16.70 22.60 -25.21
CA VAL B 826 16.10 21.76 -24.16
C VAL B 826 17.10 21.67 -23.02
N THR B 827 16.64 22.03 -21.81
CA THR B 827 17.49 22.09 -20.63
C THR B 827 17.23 20.87 -19.75
N LEU B 828 18.16 19.92 -19.75
CA LEU B 828 18.09 18.79 -18.85
C LEU B 828 18.38 19.22 -17.42
N PHE B 855 21.50 8.51 -5.20
CA PHE B 855 21.83 8.88 -3.82
C PHE B 855 21.07 8.05 -2.78
N ASN B 856 19.79 7.81 -3.06
CA ASN B 856 18.92 6.96 -2.26
C ASN B 856 18.53 5.71 -3.04
N GLY B 857 19.47 5.19 -3.84
CA GLY B 857 19.22 4.04 -4.67
C GLY B 857 18.61 4.34 -6.03
N LEU B 858 18.45 5.61 -6.38
CA LEU B 858 17.92 6.03 -7.67
C LEU B 858 19.10 6.43 -8.55
N THR B 859 19.34 5.71 -9.64
CA THR B 859 20.53 6.00 -10.38
C THR B 859 19.83 6.51 -11.63
N VAL B 860 20.57 6.72 -12.69
CA VAL B 860 20.12 6.85 -14.04
C VAL B 860 20.98 5.99 -14.96
N LEU B 861 20.36 5.12 -15.74
CA LEU B 861 21.21 4.42 -16.68
C LEU B 861 21.41 5.22 -17.96
N PRO B 862 22.54 5.04 -18.63
CA PRO B 862 22.78 5.73 -19.88
C PRO B 862 22.07 5.00 -21.03
N PRO B 863 21.64 5.73 -22.06
CA PRO B 863 21.03 5.07 -23.22
C PRO B 863 22.06 4.25 -23.97
N LEU B 864 21.59 3.23 -24.67
CA LEU B 864 22.49 2.41 -25.47
C LEU B 864 23.07 3.21 -26.62
N LEU B 865 22.25 3.97 -27.33
CA LEU B 865 22.69 4.73 -28.47
C LEU B 865 23.03 6.15 -27.99
N THR B 866 24.28 6.55 -28.17
CA THR B 866 24.69 7.89 -27.78
C THR B 866 24.10 8.91 -28.72
N ASP B 867 24.16 10.17 -28.30
CA ASP B 867 23.68 11.25 -29.15
C ASP B 867 24.49 11.29 -30.43
N GLU B 868 25.79 11.01 -30.35
CA GLU B 868 26.64 11.02 -31.55
C GLU B 868 26.18 9.95 -32.55
N MET B 869 25.85 8.69 -32.09
CA MET B 869 25.66 7.74 -33.20
C MET B 869 24.16 8.02 -33.67
N ILE B 870 23.19 8.56 -32.79
CA ILE B 870 21.86 8.95 -33.27
C ILE B 870 22.01 9.99 -34.36
N ALA B 871 22.87 10.97 -34.15
CA ALA B 871 23.09 11.99 -35.16
C ALA B 871 23.61 11.35 -36.43
N GLN B 872 24.54 10.42 -36.30
CA GLN B 872 25.05 9.71 -37.47
C GLN B 872 23.95 8.94 -38.19
N TYR B 873 23.03 8.29 -37.45
CA TYR B 873 21.90 7.60 -38.07
C TYR B 873 21.06 8.58 -38.87
N THR B 874 20.72 9.71 -38.26
CA THR B 874 19.93 10.71 -38.96
C THR B 874 20.67 11.21 -40.19
N SER B 875 21.99 11.35 -40.09
CA SER B 875 22.77 11.79 -41.24
C SER B 875 22.74 10.77 -42.36
N ALA B 876 22.93 9.48 -42.05
CA ALA B 876 22.82 8.47 -43.08
C ALA B 876 21.45 8.52 -43.71
N LEU B 877 20.43 8.49 -42.88
CA LEU B 877 19.07 8.66 -43.40
C LEU B 877 18.91 9.89 -44.29
N LEU B 878 19.44 11.01 -43.89
CA LEU B 878 19.08 12.20 -44.60
C LEU B 878 19.81 12.23 -45.94
N ALA B 879 21.07 11.77 -45.95
CA ALA B 879 21.85 11.64 -47.17
C ALA B 879 21.24 10.62 -48.13
N GLY B 880 20.76 9.49 -47.61
CA GLY B 880 20.10 8.52 -48.47
C GLY B 880 18.83 9.08 -49.07
N THR B 881 18.15 9.95 -48.33
CA THR B 881 17.02 10.65 -48.93
C THR B 881 17.47 11.60 -50.04
N ILE B 882 18.52 12.38 -49.81
CA ILE B 882 18.89 13.36 -50.85
C ILE B 882 19.35 12.64 -52.11
N THR B 883 20.36 11.76 -52.01
CA THR B 883 20.71 10.90 -53.15
C THR B 883 19.59 10.05 -53.75
N SER B 884 18.86 9.25 -53.00
CA SER B 884 18.15 8.17 -53.66
C SER B 884 16.65 8.26 -53.50
N GLY B 885 16.18 9.12 -52.62
CA GLY B 885 14.76 9.28 -52.45
C GLY B 885 14.17 8.14 -51.67
N TRP B 886 13.48 7.22 -52.34
CA TRP B 886 12.73 6.32 -51.50
C TRP B 886 13.33 4.92 -51.71
N THR B 887 14.03 4.75 -52.85
CA THR B 887 14.69 3.49 -53.24
C THR B 887 15.90 3.11 -52.38
N PHE B 888 16.35 3.94 -51.43
CA PHE B 888 17.24 3.38 -50.41
C PHE B 888 16.47 2.69 -49.30
N GLY B 889 15.14 2.83 -49.26
CA GLY B 889 14.33 2.19 -48.24
C GLY B 889 13.74 0.86 -48.70
N ALA B 890 13.71 0.64 -50.02
CA ALA B 890 13.16 -0.57 -50.59
C ALA B 890 14.23 -1.60 -50.96
N GLY B 891 15.48 -1.34 -50.61
CA GLY B 891 16.59 -2.16 -51.05
C GLY B 891 17.90 -1.41 -51.07
N ALA B 892 18.58 -1.46 -52.21
CA ALA B 892 19.84 -0.77 -52.40
C ALA B 892 19.58 0.64 -52.91
N ALA B 893 20.35 1.60 -52.41
CA ALA B 893 20.17 2.97 -52.83
C ALA B 893 20.56 3.13 -54.29
N LEU B 894 19.75 3.88 -55.02
CA LEU B 894 20.00 4.25 -56.40
C LEU B 894 20.11 5.77 -56.49
N GLN B 895 21.19 6.26 -57.07
CA GLN B 895 21.37 7.69 -57.18
C GLN B 895 20.35 8.27 -58.15
N ILE B 896 20.08 9.56 -57.99
CA ILE B 896 19.23 10.32 -58.90
C ILE B 896 19.50 11.81 -58.69
N PRO B 897 19.52 12.63 -59.75
CA PRO B 897 20.05 13.99 -59.62
C PRO B 897 19.36 14.90 -58.60
N PHE B 898 18.22 14.46 -58.04
CA PHE B 898 17.39 15.14 -57.04
C PHE B 898 16.48 16.20 -57.67
N ALA B 899 16.79 16.62 -58.89
CA ALA B 899 15.82 17.42 -59.63
C ALA B 899 14.72 16.57 -60.28
N MET B 900 15.10 15.57 -61.05
CA MET B 900 14.28 14.39 -61.17
C MET B 900 13.65 13.81 -59.95
N GLN B 901 14.31 13.66 -58.88
CA GLN B 901 13.56 13.15 -57.80
C GLN B 901 12.47 13.98 -57.34
N MET B 902 12.67 15.32 -57.38
CA MET B 902 11.61 16.20 -57.04
C MET B 902 10.53 16.22 -58.15
N ALA B 903 10.89 16.02 -59.42
CA ALA B 903 9.90 15.86 -60.47
C ALA B 903 9.04 14.62 -60.19
N TYR B 904 9.66 13.51 -59.77
CA TYR B 904 8.88 12.32 -59.41
C TYR B 904 7.93 12.57 -58.23
N ARG B 905 8.44 13.25 -57.18
CA ARG B 905 7.56 13.63 -56.12
C ARG B 905 6.36 14.43 -56.62
N PHE B 906 6.64 15.46 -57.41
CA PHE B 906 5.56 16.29 -57.93
C PHE B 906 4.59 15.41 -58.67
N ASN B 907 5.11 14.44 -59.43
CA ASN B 907 4.27 13.56 -60.24
C ASN B 907 3.33 12.83 -59.30
N GLY B 908 3.91 12.37 -58.19
CA GLY B 908 3.16 11.63 -57.19
C GLY B 908 2.07 12.48 -56.59
N ILE B 909 2.30 13.79 -56.57
CA ILE B 909 1.52 14.57 -55.66
C ILE B 909 0.20 14.60 -56.44
N GLY B 910 0.37 14.73 -57.77
CA GLY B 910 -0.60 15.08 -58.83
C GLY B 910 -0.28 16.34 -59.65
N VAL B 911 1.00 16.71 -59.74
CA VAL B 911 1.66 17.57 -60.74
C VAL B 911 2.65 16.97 -61.70
N THR B 912 2.54 17.48 -62.92
CA THR B 912 3.36 17.11 -64.02
C THR B 912 4.77 17.65 -63.82
N GLN B 913 5.74 17.00 -64.46
CA GLN B 913 7.14 17.31 -64.23
C GLN B 913 7.51 18.71 -64.73
N ASN B 914 6.90 19.13 -65.83
CA ASN B 914 7.20 20.45 -66.38
C ASN B 914 6.98 21.54 -65.35
N VAL B 915 6.02 21.36 -64.46
CA VAL B 915 5.77 22.37 -63.45
C VAL B 915 7.03 22.58 -62.63
N LEU B 916 7.72 21.51 -62.26
CA LEU B 916 8.97 21.66 -61.53
C LEU B 916 10.08 22.19 -62.41
N TYR B 917 10.33 21.54 -63.55
CA TYR B 917 11.51 21.87 -64.35
C TYR B 917 11.46 23.29 -64.88
N GLU B 918 10.26 23.80 -65.09
CA GLU B 918 10.12 25.18 -65.48
C GLU B 918 10.27 26.10 -64.30
N ASN B 919 10.31 25.59 -63.08
CA ASN B 919 9.98 26.51 -62.04
C ASN B 919 11.10 26.38 -61.02
N GLN B 920 12.17 25.65 -61.44
CA GLN B 920 13.11 24.98 -60.53
C GLN B 920 13.84 25.96 -59.62
N LYS B 921 14.35 27.05 -60.18
CA LYS B 921 14.80 28.14 -59.32
C LYS B 921 13.73 28.50 -58.30
N LEU B 922 12.56 28.94 -58.74
CA LEU B 922 11.61 29.46 -57.77
C LEU B 922 11.44 28.49 -56.61
N ILE B 923 11.19 27.21 -56.91
CA ILE B 923 11.00 26.20 -55.88
C ILE B 923 12.23 26.12 -54.98
N ALA B 924 13.43 26.23 -55.56
CA ALA B 924 14.63 26.16 -54.75
C ALA B 924 14.77 27.36 -53.81
N ASN B 925 14.61 28.57 -54.35
CA ASN B 925 14.58 29.78 -53.52
C ASN B 925 13.68 29.56 -52.35
N GLN B 926 12.54 28.98 -52.66
CA GLN B 926 11.39 28.93 -51.78
C GLN B 926 11.67 27.99 -50.60
N PHE B 927 12.37 26.88 -50.89
CA PHE B 927 12.51 25.77 -49.96
C PHE B 927 13.69 26.23 -49.04
N ASN B 928 14.70 26.97 -49.64
CA ASN B 928 15.76 27.65 -48.86
C ASN B 928 15.15 28.60 -47.84
N SER B 929 14.24 29.42 -48.31
CA SER B 929 13.63 30.41 -47.45
C SER B 929 12.88 29.75 -46.32
N ALA B 930 12.14 28.68 -46.64
CA ALA B 930 11.40 27.96 -45.61
C ALA B 930 12.36 27.36 -44.59
N ILE B 931 13.50 26.83 -45.04
CA ILE B 931 14.49 26.31 -44.10
C ILE B 931 15.03 27.42 -43.20
N GLY B 932 15.26 28.60 -43.78
CA GLY B 932 15.69 29.73 -42.98
C GLY B 932 14.65 30.17 -41.96
N LYS B 933 13.38 30.10 -42.35
CA LYS B 933 12.31 30.44 -41.42
C LYS B 933 12.20 29.43 -40.29
N ILE B 934 12.41 28.15 -40.59
CA ILE B 934 12.52 27.20 -39.51
C ILE B 934 13.69 27.56 -38.62
N GLN B 935 14.77 28.06 -39.23
CA GLN B 935 15.97 28.41 -38.47
C GLN B 935 15.72 29.55 -37.49
N ASP B 936 15.07 30.64 -37.94
CA ASP B 936 14.74 31.70 -36.98
C ASP B 936 13.77 31.19 -35.93
N SER B 937 12.70 30.50 -36.36
CA SER B 937 11.68 30.12 -35.39
C SER B 937 12.26 29.28 -34.28
N LEU B 938 13.12 28.32 -34.61
CA LEU B 938 13.75 27.52 -33.57
C LEU B 938 14.88 28.25 -32.87
N SER B 939 15.38 29.36 -33.43
CA SER B 939 16.46 30.11 -32.79
C SER B 939 15.94 31.11 -31.76
N SER B 940 14.91 31.88 -32.10
CA SER B 940 14.39 32.94 -31.24
C SER B 940 13.15 32.50 -30.48
N THR B 941 12.11 32.11 -31.20
CA THR B 941 10.88 31.73 -30.53
C THR B 941 11.14 30.52 -29.63
N PRO B 942 10.65 30.61 -28.40
CA PRO B 942 10.81 29.57 -27.40
C PRO B 942 9.56 28.68 -27.40
N SER B 943 9.56 27.70 -26.50
CA SER B 943 8.44 26.77 -26.33
C SER B 943 8.18 25.92 -27.56
N ALA B 944 9.15 25.85 -28.48
CA ALA B 944 8.98 25.04 -29.68
C ALA B 944 9.12 23.56 -29.43
N LEU B 945 9.83 23.16 -28.38
CA LEU B 945 10.02 21.75 -28.02
C LEU B 945 9.23 21.41 -26.76
N GLY B 946 8.00 21.89 -26.71
CA GLY B 946 7.20 21.73 -25.51
C GLY B 946 6.93 20.28 -25.16
N LYS B 947 6.77 19.43 -26.18
CA LYS B 947 6.50 18.01 -25.93
C LYS B 947 7.67 17.36 -25.21
N LEU B 948 8.88 17.49 -25.78
CA LEU B 948 10.05 16.86 -25.18
C LEU B 948 10.33 17.44 -23.81
N GLN B 949 10.22 18.77 -23.70
CA GLN B 949 10.37 19.37 -22.39
C GLN B 949 9.36 18.78 -21.43
N ASP B 950 8.10 18.66 -21.84
CA ASP B 950 7.08 18.21 -20.90
C ASP B 950 7.44 16.81 -20.40
N VAL B 951 7.89 15.95 -21.31
CA VAL B 951 8.30 14.61 -20.91
C VAL B 951 9.40 14.68 -19.86
N VAL B 952 10.43 15.49 -20.13
CA VAL B 952 11.57 15.59 -19.19
C VAL B 952 11.11 16.12 -17.84
N ASN B 953 10.31 17.19 -17.86
CA ASN B 953 9.68 17.70 -16.65
C ASN B 953 8.96 16.60 -15.89
N GLN B 954 8.19 15.77 -16.60
CA GLN B 954 7.17 15.02 -15.86
C GLN B 954 7.92 13.88 -15.18
N ASN B 955 8.97 13.37 -15.86
CA ASN B 955 9.89 12.39 -15.26
C ASN B 955 10.65 12.98 -14.07
N ALA B 956 11.30 14.13 -14.28
CA ALA B 956 12.10 14.73 -13.21
C ALA B 956 11.24 14.97 -11.98
N GLN B 957 9.97 15.29 -12.21
CA GLN B 957 9.09 15.65 -11.12
C GLN B 957 8.54 14.41 -10.41
N ALA B 958 8.34 13.32 -11.16
CA ALA B 958 8.04 12.06 -10.49
C ALA B 958 9.17 11.68 -9.53
N LEU B 959 10.43 11.67 -10.00
CA LEU B 959 11.55 11.55 -9.07
C LEU B 959 11.56 12.54 -7.91
N ASN B 960 11.40 13.82 -8.18
CA ASN B 960 11.50 14.73 -7.04
C ASN B 960 10.43 14.43 -6.02
N THR B 961 9.22 14.11 -6.46
CA THR B 961 8.31 13.43 -5.56
C THR B 961 8.96 12.27 -4.82
N LEU B 962 9.59 11.31 -5.48
CA LEU B 962 9.39 10.02 -4.85
C LEU B 962 10.42 10.13 -3.69
N VAL B 963 11.59 10.77 -4.02
CA VAL B 963 12.56 11.36 -3.07
C VAL B 963 11.93 12.11 -1.93
N LYS B 964 11.08 13.04 -2.23
CA LYS B 964 10.44 13.89 -1.24
C LYS B 964 9.42 13.15 -0.39
N GLN B 965 8.87 12.10 -0.94
CA GLN B 965 8.17 11.11 -0.14
C GLN B 965 9.11 10.38 0.80
N LEU B 966 10.37 10.19 0.41
CA LEU B 966 11.24 9.32 1.20
C LEU B 966 11.43 9.89 2.60
N SER B 967 10.96 11.12 2.86
CA SER B 967 11.13 11.82 4.12
C SER B 967 9.79 12.13 4.80
N SER B 968 8.90 11.13 4.86
CA SER B 968 7.60 11.25 5.49
C SER B 968 7.47 10.23 6.60
N ASN B 969 6.56 10.51 7.52
CA ASN B 969 6.68 9.88 8.81
C ASN B 969 5.71 8.69 8.84
N PHE B 970 4.68 8.76 8.00
CA PHE B 970 3.69 7.71 7.78
C PHE B 970 3.09 7.19 9.08
N GLY B 971 3.13 8.00 10.14
CA GLY B 971 2.63 7.63 11.44
C GLY B 971 3.72 7.33 12.45
N ALA B 972 4.97 7.23 12.00
CA ALA B 972 6.05 6.84 12.88
C ALA B 972 6.47 8.03 13.74
N ILE B 973 7.39 7.78 14.66
CA ILE B 973 7.89 8.84 15.52
C ILE B 973 8.73 9.83 14.70
N SER B 974 9.51 9.32 13.75
CA SER B 974 10.37 10.14 12.91
C SER B 974 10.60 9.48 11.56
N SER B 975 11.04 10.26 10.58
CA SER B 975 11.24 9.79 9.22
C SER B 975 12.65 9.31 8.92
N VAL B 976 13.54 9.31 9.93
CA VAL B 976 14.93 8.90 9.78
C VAL B 976 15.08 7.59 10.53
N LEU B 977 15.45 6.50 9.84
CA LEU B 977 15.15 5.28 10.53
C LEU B 977 16.29 5.09 11.54
N ASN B 978 17.43 5.85 11.35
CA ASN B 978 18.53 5.85 12.29
C ASN B 978 18.12 6.39 13.66
N ASP B 979 17.25 7.41 13.72
CA ASP B 979 16.91 7.97 15.03
C ASP B 979 15.96 7.04 15.81
N ILE B 980 15.05 6.40 15.09
CA ILE B 980 14.32 5.21 15.57
C ILE B 980 15.16 3.97 15.89
N LEU B 981 16.23 3.69 15.18
CA LEU B 981 17.10 2.65 15.72
C LEU B 981 17.81 3.12 16.97
N SER B 982 18.24 4.38 17.01
CA SER B 982 19.04 4.90 18.10
C SER B 982 18.22 5.34 19.30
N ARG B 983 16.88 5.38 19.20
CA ARG B 983 16.02 5.85 20.29
C ARG B 983 15.17 4.73 20.91
N LEU B 984 14.97 3.63 20.20
CA LEU B 984 14.07 2.57 20.63
C LEU B 984 14.74 1.20 20.56
N ASP B 985 14.21 0.31 21.36
CA ASP B 985 14.62 -1.08 21.50
C ASP B 985 13.76 -1.98 20.61
N PRO B 986 14.22 -3.20 20.35
CA PRO B 986 13.78 -3.92 19.16
C PRO B 986 12.28 -3.84 18.94
N PRO B 987 11.42 -4.25 19.89
CA PRO B 987 9.99 -4.44 19.54
C PRO B 987 9.33 -3.20 18.92
N GLU B 988 9.35 -2.08 19.63
CA GLU B 988 8.72 -0.87 19.09
C GLU B 988 9.56 -0.27 17.96
N ALA B 989 10.86 -0.57 17.93
CA ALA B 989 11.65 -0.21 16.77
C ALA B 989 11.06 -0.84 15.50
N GLU B 990 10.85 -2.16 15.53
CA GLU B 990 10.34 -2.86 14.38
C GLU B 990 8.94 -2.41 14.02
N VAL B 991 8.06 -2.26 15.00
CA VAL B 991 6.82 -1.48 14.82
C VAL B 991 6.99 -0.21 14.01
N GLN B 992 7.76 0.74 14.48
CA GLN B 992 7.84 2.00 13.74
C GLN B 992 8.44 1.78 12.34
N ILE B 993 9.44 0.91 12.27
CA ILE B 993 10.09 0.65 11.00
C ILE B 993 9.08 0.04 10.03
N ASP B 994 8.25 -0.89 10.53
CA ASP B 994 7.21 -1.52 9.73
C ASP B 994 6.32 -0.47 9.13
N ARG B 995 5.94 0.53 9.94
CA ARG B 995 5.13 1.61 9.39
C ARG B 995 5.86 2.36 8.27
N LEU B 996 7.13 2.63 8.47
CA LEU B 996 7.88 3.36 7.44
C LEU B 996 7.96 2.61 6.12
N ILE B 997 8.34 1.38 6.22
CA ILE B 997 8.31 0.44 5.12
C ILE B 997 6.94 0.23 4.48
N THR B 998 5.83 0.18 5.23
CA THR B 998 4.54 0.21 4.52
C THR B 998 4.43 1.47 3.69
N GLY B 999 4.77 2.64 4.27
CA GLY B 999 4.59 3.89 3.55
C GLY B 999 5.48 4.04 2.32
N ARG B 1000 6.74 3.68 2.49
CA ARG B 1000 7.73 3.78 1.43
C ARG B 1000 7.41 2.81 0.31
N LEU B 1001 6.84 1.66 0.67
CA LEU B 1001 6.63 0.61 -0.29
C LEU B 1001 5.48 1.06 -1.18
N GLN B 1002 4.43 1.60 -0.53
CA GLN B 1002 3.33 2.30 -1.22
C GLN B 1002 3.84 3.35 -2.19
N SER B 1003 4.73 4.23 -1.72
CA SER B 1003 5.27 5.28 -2.59
C SER B 1003 6.06 4.71 -3.78
N LEU B 1004 6.91 3.72 -3.54
CA LEU B 1004 7.67 3.18 -4.66
C LEU B 1004 6.72 2.68 -5.73
N GLN B 1005 5.64 2.07 -5.27
CA GLN B 1005 4.80 1.20 -6.11
C GLN B 1005 3.88 2.08 -6.96
N THR B 1006 3.27 3.10 -6.32
CA THR B 1006 2.86 4.31 -7.04
C THR B 1006 3.85 4.78 -8.08
N TYR B 1007 5.08 5.06 -7.68
CA TYR B 1007 5.98 5.59 -8.67
C TYR B 1007 6.07 4.63 -9.85
N VAL B 1008 6.05 3.31 -9.60
CA VAL B 1008 6.64 2.48 -10.62
C VAL B 1008 5.58 2.32 -11.66
N THR B 1009 4.35 2.08 -11.16
CA THR B 1009 3.10 2.17 -11.91
C THR B 1009 2.93 3.46 -12.72
N GLN B 1010 3.14 4.62 -12.14
CA GLN B 1010 3.00 5.81 -12.96
C GLN B 1010 4.03 5.79 -14.11
N GLN B 1011 5.23 5.32 -13.79
CA GLN B 1011 6.29 5.25 -14.78
C GLN B 1011 5.94 4.30 -15.91
N LEU B 1012 5.57 3.09 -15.56
CA LEU B 1012 4.79 2.27 -16.49
C LEU B 1012 3.77 2.98 -17.32
N ILE B 1013 2.81 3.69 -16.70
CA ILE B 1013 1.77 4.20 -17.60
C ILE B 1013 2.39 5.08 -18.68
N ARG B 1014 3.19 6.00 -18.27
CA ARG B 1014 4.00 6.79 -19.19
C ARG B 1014 4.80 5.95 -20.19
N ALA B 1015 5.44 4.89 -19.73
CA ALA B 1015 6.28 4.15 -20.67
C ALA B 1015 5.42 3.60 -21.79
N ALA B 1016 4.20 3.19 -21.46
CA ALA B 1016 3.25 2.80 -22.51
C ALA B 1016 2.92 3.98 -23.42
N GLU B 1017 2.68 5.16 -22.84
CA GLU B 1017 2.38 6.34 -23.66
C GLU B 1017 3.52 6.66 -24.65
N ILE B 1018 4.75 6.71 -24.14
CA ILE B 1018 5.96 7.00 -24.89
C ILE B 1018 6.18 5.92 -25.95
N ARG B 1019 5.90 4.64 -25.61
CA ARG B 1019 6.04 3.59 -26.62
C ARG B 1019 5.07 3.81 -27.76
N ALA B 1020 3.83 4.19 -27.44
CA ALA B 1020 2.90 4.58 -28.50
C ALA B 1020 3.45 5.73 -29.32
N SER B 1021 4.01 6.74 -28.67
CA SER B 1021 4.49 7.91 -29.41
C SER B 1021 5.67 7.53 -30.28
N ALA B 1022 6.54 6.68 -29.75
CA ALA B 1022 7.69 6.21 -30.51
C ALA B 1022 7.27 5.37 -31.69
N ASN B 1023 6.21 4.54 -31.56
CA ASN B 1023 5.88 3.76 -32.75
C ASN B 1023 5.18 4.62 -33.77
N LEU B 1024 4.48 5.66 -33.33
CA LEU B 1024 4.04 6.66 -34.30
C LEU B 1024 5.23 7.30 -35.00
N ALA B 1025 6.29 7.61 -34.25
CA ALA B 1025 7.47 8.23 -34.84
C ALA B 1025 8.16 7.28 -35.82
N ALA B 1026 8.20 5.99 -35.49
CA ALA B 1026 8.79 5.02 -36.41
C ALA B 1026 7.98 4.93 -37.68
N THR B 1027 6.65 4.93 -37.56
CA THR B 1027 5.82 4.94 -38.76
C THR B 1027 6.10 6.20 -39.59
N LYS B 1028 6.23 7.34 -38.93
CA LYS B 1028 6.55 8.58 -39.63
C LYS B 1028 7.88 8.52 -40.36
N MET B 1029 8.99 8.11 -39.69
CA MET B 1029 10.16 7.77 -40.51
C MET B 1029 9.74 7.03 -41.71
N SER B 1030 9.13 5.89 -41.45
CA SER B 1030 9.23 4.81 -42.41
C SER B 1030 8.54 5.26 -43.69
N GLU B 1031 7.41 5.94 -43.54
CA GLU B 1031 6.57 6.40 -44.63
C GLU B 1031 6.95 7.78 -45.14
N CYS B 1032 7.08 8.78 -44.26
CA CYS B 1032 7.34 10.13 -44.73
C CYS B 1032 8.76 10.30 -45.25
N VAL B 1033 9.75 9.65 -44.62
CA VAL B 1033 11.13 9.98 -44.89
C VAL B 1033 11.66 9.04 -45.96
N LEU B 1034 11.50 7.73 -45.74
CA LEU B 1034 11.86 6.72 -46.73
C LEU B 1034 10.84 6.58 -47.85
N GLY B 1035 9.85 7.47 -47.91
CA GLY B 1035 8.93 7.45 -49.03
C GLY B 1035 8.04 8.67 -49.01
N GLN B 1036 7.17 8.75 -50.01
CA GLN B 1036 6.23 9.83 -50.15
C GLN B 1036 4.86 9.35 -49.68
N SER B 1037 4.25 10.10 -48.76
CA SER B 1037 3.01 9.67 -48.12
C SER B 1037 1.79 10.26 -48.79
N LYS B 1038 0.80 9.41 -49.04
CA LYS B 1038 -0.51 9.79 -49.58
C LYS B 1038 -1.50 10.17 -48.49
N ARG B 1039 -1.07 10.10 -47.24
CA ARG B 1039 -1.92 10.21 -46.05
C ARG B 1039 -2.10 11.60 -45.50
N VAL B 1040 -3.36 12.07 -45.47
CA VAL B 1040 -3.48 13.48 -45.81
C VAL B 1040 -3.12 14.07 -44.46
N ASP B 1041 -2.29 15.08 -44.41
CA ASP B 1041 -1.89 15.66 -43.12
C ASP B 1041 -1.05 14.70 -42.26
N PHE B 1042 -0.77 13.48 -42.71
CA PHE B 1042 0.06 12.59 -41.90
C PHE B 1042 1.47 13.13 -41.79
N CYS B 1043 2.02 13.61 -42.88
CA CYS B 1043 3.39 14.09 -42.94
C CYS B 1043 3.37 15.58 -43.21
N GLY B 1044 2.55 16.30 -42.46
CA GLY B 1044 2.47 17.73 -42.58
C GLY B 1044 1.25 18.18 -43.36
N LYS B 1045 0.89 19.43 -43.14
CA LYS B 1045 -0.14 20.10 -43.91
C LYS B 1045 0.24 20.38 -45.35
N GLY B 1046 -0.68 20.02 -46.24
CA GLY B 1046 -0.55 20.17 -47.67
C GLY B 1046 -0.26 18.84 -48.33
N TYR B 1047 0.07 18.91 -49.61
CA TYR B 1047 0.45 17.71 -50.35
C TYR B 1047 1.90 17.40 -50.03
N HIS B 1048 2.12 16.32 -49.29
CA HIS B 1048 3.47 15.91 -48.92
C HIS B 1048 4.36 15.88 -50.15
N LEU B 1049 5.57 16.42 -49.99
CA LEU B 1049 6.66 16.24 -50.94
C LEU B 1049 7.78 15.42 -50.33
N MET B 1050 8.33 15.86 -49.17
CA MET B 1050 9.25 14.96 -48.48
C MET B 1050 9.30 15.43 -47.03
N SER B 1051 10.23 14.81 -46.30
CA SER B 1051 10.51 15.07 -44.89
C SER B 1051 11.96 14.75 -44.63
N PHE B 1052 12.54 15.46 -43.65
CA PHE B 1052 13.92 15.23 -43.21
C PHE B 1052 13.91 14.96 -41.71
N PRO B 1053 14.62 13.95 -41.23
CA PRO B 1053 14.68 13.71 -39.78
C PRO B 1053 15.85 14.40 -39.10
N GLN B 1054 15.56 14.89 -37.90
CA GLN B 1054 16.58 15.51 -37.06
C GLN B 1054 16.44 14.96 -35.65
N SER B 1055 17.58 14.75 -35.00
CA SER B 1055 17.59 14.21 -33.66
C SER B 1055 17.29 15.30 -32.63
N ALA B 1056 16.85 14.87 -31.47
CA ALA B 1056 16.59 15.76 -30.35
C ALA B 1056 16.98 15.04 -29.08
N PRO B 1057 17.00 15.73 -27.93
CA PRO B 1057 17.43 15.08 -26.69
C PRO B 1057 16.66 13.81 -26.52
N HIS B 1058 15.33 13.86 -26.61
CA HIS B 1058 14.73 12.60 -26.28
C HIS B 1058 13.56 12.39 -27.19
N GLY B 1059 13.79 12.59 -28.49
CA GLY B 1059 12.78 12.49 -29.52
C GLY B 1059 13.36 12.83 -30.88
N VAL B 1060 12.46 12.95 -31.86
CA VAL B 1060 12.84 13.24 -33.24
C VAL B 1060 12.05 14.45 -33.71
N VAL B 1061 12.62 15.19 -34.66
CA VAL B 1061 11.97 16.32 -35.29
C VAL B 1061 11.96 16.08 -36.79
N PHE B 1062 10.77 16.05 -37.37
CA PHE B 1062 10.62 15.90 -38.82
C PHE B 1062 10.33 17.27 -39.41
N LEU B 1063 11.15 17.69 -40.37
CA LEU B 1063 10.91 18.92 -41.13
C LEU B 1063 10.16 18.52 -42.39
N HIS B 1064 8.85 18.75 -42.49
CA HIS B 1064 8.26 18.18 -43.68
C HIS B 1064 8.01 19.33 -44.66
N VAL B 1065 8.67 19.27 -45.81
CA VAL B 1065 8.12 19.74 -47.10
C VAL B 1065 6.81 19.10 -47.55
N THR B 1066 5.95 20.04 -47.92
CA THR B 1066 4.68 19.87 -48.56
C THR B 1066 4.48 20.99 -49.57
N TYR B 1067 3.63 20.71 -50.54
CA TYR B 1067 3.27 21.63 -51.60
C TYR B 1067 1.90 22.20 -51.29
N VAL B 1068 1.79 23.52 -51.27
CA VAL B 1068 0.53 24.19 -50.93
C VAL B 1068 0.13 25.08 -52.09
N PRO B 1069 -0.99 24.80 -52.76
CA PRO B 1069 -1.42 25.68 -53.85
C PRO B 1069 -1.77 27.07 -53.32
N ALA B 1070 -1.71 28.05 -54.21
CA ALA B 1070 -2.01 29.43 -53.86
C ALA B 1070 -2.30 30.21 -55.12
N GLN B 1071 -2.81 31.43 -54.92
CA GLN B 1071 -3.18 32.35 -56.01
C GLN B 1071 -4.27 31.74 -56.91
N GLU B 1072 -5.43 31.60 -56.31
CA GLU B 1072 -6.56 30.95 -56.96
C GLU B 1072 -7.11 31.81 -58.11
N LYS B 1073 -7.98 31.19 -58.88
CA LYS B 1073 -8.62 31.61 -60.13
C LYS B 1073 -9.70 30.64 -60.61
N ASN B 1074 -10.88 31.23 -60.77
CA ASN B 1074 -12.07 30.53 -61.17
C ASN B 1074 -12.17 30.36 -62.65
N PHE B 1075 -13.17 29.59 -63.04
CA PHE B 1075 -13.24 29.12 -64.38
C PHE B 1075 -14.61 28.45 -64.47
N THR B 1076 -15.26 28.56 -65.59
CA THR B 1076 -16.49 27.82 -65.76
C THR B 1076 -16.12 26.44 -66.29
N THR B 1077 -16.73 25.41 -65.70
CA THR B 1077 -16.42 24.02 -66.01
C THR B 1077 -17.61 23.36 -66.72
N ALA B 1078 -17.38 22.13 -67.20
CA ALA B 1078 -18.40 21.34 -67.91
C ALA B 1078 -18.00 19.88 -67.80
N PRO B 1079 -18.89 18.98 -67.34
CA PRO B 1079 -18.35 17.69 -66.97
C PRO B 1079 -17.69 17.07 -68.20
N ALA B 1080 -18.25 17.38 -69.39
CA ALA B 1080 -17.86 16.83 -70.68
C ALA B 1080 -18.00 17.88 -71.78
N ILE B 1081 -17.79 17.43 -73.02
CA ILE B 1081 -17.90 18.25 -74.22
C ILE B 1081 -18.62 17.46 -75.32
N CYS B 1082 -19.66 18.07 -75.89
CA CYS B 1082 -20.33 17.52 -77.06
C CYS B 1082 -19.52 17.87 -78.31
N HIS B 1083 -19.14 16.85 -79.07
CA HIS B 1083 -18.53 17.05 -80.37
C HIS B 1083 -18.91 15.89 -81.28
N ASP B 1084 -19.47 16.23 -82.44
CA ASP B 1084 -19.94 15.21 -83.38
C ASP B 1084 -20.97 14.31 -82.71
N GLY B 1085 -21.78 14.91 -81.83
CA GLY B 1085 -22.79 14.17 -81.12
C GLY B 1085 -22.27 13.21 -80.08
N LYS B 1086 -21.07 13.42 -79.56
CA LYS B 1086 -20.42 12.42 -78.75
C LYS B 1086 -19.85 13.16 -77.55
N ALA B 1087 -19.82 12.49 -76.39
CA ALA B 1087 -19.40 13.15 -75.15
C ALA B 1087 -17.92 12.92 -74.89
N HIS B 1088 -17.18 14.00 -74.59
CA HIS B 1088 -15.76 13.93 -74.26
C HIS B 1088 -15.53 14.50 -72.85
N PHE B 1089 -14.63 13.85 -72.11
CA PHE B 1089 -14.30 13.55 -70.72
C PHE B 1089 -12.79 13.62 -70.50
N PRO B 1090 -12.29 14.50 -69.62
CA PRO B 1090 -10.84 14.66 -69.51
C PRO B 1090 -10.17 13.38 -69.05
N ARG B 1091 -9.09 13.08 -69.73
CA ARG B 1091 -8.48 11.76 -69.69
C ARG B 1091 -7.74 11.73 -68.34
N GLU B 1092 -7.15 12.91 -68.02
CA GLU B 1092 -6.60 13.37 -66.73
C GLU B 1092 -6.61 14.90 -66.78
N GLY B 1093 -7.60 15.54 -66.15
CA GLY B 1093 -7.66 16.99 -66.07
C GLY B 1093 -9.09 17.47 -65.95
N VAL B 1094 -9.29 18.78 -66.14
CA VAL B 1094 -10.61 19.39 -66.07
C VAL B 1094 -10.80 20.34 -67.23
N PHE B 1095 -12.04 20.43 -67.71
CA PHE B 1095 -12.42 21.40 -68.72
C PHE B 1095 -12.73 22.73 -68.05
N VAL B 1096 -12.05 23.78 -68.48
CA VAL B 1096 -12.21 25.12 -67.93
C VAL B 1096 -12.25 26.14 -69.06
N SER B 1097 -12.92 27.25 -68.79
CA SER B 1097 -13.05 28.31 -69.79
C SER B 1097 -12.68 29.62 -69.13
N ASN B 1098 -11.87 30.44 -69.82
CA ASN B 1098 -11.50 31.74 -69.25
C ASN B 1098 -12.65 32.74 -69.37
N GLY B 1099 -13.07 33.05 -70.58
CA GLY B 1099 -14.36 33.66 -70.77
C GLY B 1099 -15.15 33.12 -71.95
N THR B 1100 -14.45 32.58 -72.95
CA THR B 1100 -15.07 32.24 -74.23
C THR B 1100 -14.58 30.89 -74.73
N HIS B 1101 -13.33 30.58 -74.40
CA HIS B 1101 -12.50 29.45 -74.80
C HIS B 1101 -12.35 28.34 -73.76
N TRP B 1102 -12.31 27.11 -74.27
CA TRP B 1102 -12.47 25.90 -73.47
C TRP B 1102 -11.15 25.16 -73.58
N PHE B 1103 -10.43 25.12 -72.47
CA PHE B 1103 -9.19 24.41 -72.23
C PHE B 1103 -9.38 23.26 -71.27
N VAL B 1104 -8.49 22.28 -71.39
CA VAL B 1104 -8.40 21.17 -70.46
C VAL B 1104 -7.08 21.30 -69.73
N THR B 1105 -7.19 21.53 -68.44
CA THR B 1105 -6.13 21.60 -67.46
C THR B 1105 -6.23 20.44 -66.58
N GLN B 1106 -5.09 20.33 -65.96
CA GLN B 1106 -4.86 19.61 -64.79
C GLN B 1106 -5.35 20.31 -63.43
N ARG B 1107 -5.59 19.49 -62.46
CA ARG B 1107 -6.48 19.90 -61.33
C ARG B 1107 -5.75 20.83 -60.40
N ASN B 1108 -4.47 20.56 -60.11
CA ASN B 1108 -3.73 21.19 -59.02
C ASN B 1108 -2.85 22.35 -59.48
N PHE B 1109 -2.97 22.76 -60.75
CA PHE B 1109 -2.14 23.82 -61.29
C PHE B 1109 -2.74 24.28 -62.61
N TYR B 1110 -3.03 25.57 -62.72
CA TYR B 1110 -3.62 26.13 -63.93
C TYR B 1110 -2.58 25.97 -65.04
N GLU B 1111 -2.82 25.07 -66.00
CA GLU B 1111 -1.95 24.99 -67.19
C GLU B 1111 -2.87 24.65 -68.36
N PRO B 1112 -3.52 25.65 -68.94
CA PRO B 1112 -4.57 25.37 -69.94
C PRO B 1112 -4.00 24.89 -71.26
N GLN B 1113 -4.82 24.15 -72.03
CA GLN B 1113 -4.08 23.48 -73.06
C GLN B 1113 -5.22 23.08 -74.03
N ILE B 1114 -5.07 23.28 -75.35
CA ILE B 1114 -6.20 23.08 -76.28
C ILE B 1114 -6.85 21.71 -76.07
N ILE B 1115 -8.18 21.65 -76.24
CA ILE B 1115 -8.86 20.35 -76.17
C ILE B 1115 -8.54 19.56 -77.43
N THR B 1116 -8.16 18.31 -77.23
CA THR B 1116 -7.56 17.34 -78.15
C THR B 1116 -8.01 15.93 -77.85
N THR B 1117 -8.12 15.15 -78.93
CA THR B 1117 -8.50 13.75 -78.87
C THR B 1117 -7.46 12.91 -78.14
N ASP B 1118 -6.24 13.44 -77.96
CA ASP B 1118 -5.17 12.77 -77.22
C ASP B 1118 -5.37 12.83 -75.71
N ASN B 1119 -6.02 13.89 -75.27
CA ASN B 1119 -6.13 14.30 -73.87
C ASN B 1119 -7.61 14.39 -73.46
N THR B 1120 -8.49 13.76 -74.24
CA THR B 1120 -9.86 13.46 -73.88
C THR B 1120 -10.20 12.07 -74.42
N PHE B 1121 -11.21 11.42 -73.84
CA PHE B 1121 -11.67 10.12 -74.30
C PHE B 1121 -13.19 10.14 -74.45
N VAL B 1122 -13.71 9.43 -75.46
CA VAL B 1122 -15.11 9.66 -75.83
C VAL B 1122 -15.85 8.55 -75.12
N SER B 1123 -17.07 8.82 -74.66
CA SER B 1123 -17.90 7.75 -74.11
C SER B 1123 -19.35 8.06 -74.41
N GLY B 1124 -19.83 7.55 -75.54
CA GLY B 1124 -21.23 7.63 -75.88
C GLY B 1124 -21.63 9.00 -76.36
N ASN B 1125 -22.94 9.16 -76.55
CA ASN B 1125 -23.57 10.40 -76.96
C ASN B 1125 -23.68 11.32 -75.77
N CYS B 1126 -24.22 12.52 -76.00
CA CYS B 1126 -24.37 13.52 -74.93
C CYS B 1126 -25.82 13.94 -74.68
N ASP B 1127 -26.72 12.96 -74.65
CA ASP B 1127 -28.10 13.12 -74.20
C ASP B 1127 -28.31 12.69 -72.75
N VAL B 1128 -27.28 12.15 -72.11
CA VAL B 1128 -27.36 11.59 -70.78
C VAL B 1128 -26.52 12.34 -69.75
N VAL B 1129 -25.41 12.96 -70.15
CA VAL B 1129 -24.61 13.72 -69.19
C VAL B 1129 -25.33 15.00 -68.81
N ILE B 1130 -25.44 15.24 -67.50
CA ILE B 1130 -26.13 16.42 -66.98
C ILE B 1130 -25.11 17.54 -66.91
N GLY B 1131 -25.31 18.58 -67.71
CA GLY B 1131 -24.46 19.75 -67.72
C GLY B 1131 -23.40 19.80 -68.79
N ILE B 1132 -23.52 18.99 -69.84
CA ILE B 1132 -22.51 18.97 -70.88
C ILE B 1132 -22.56 20.29 -71.64
N VAL B 1133 -21.43 20.63 -72.29
CA VAL B 1133 -21.28 21.90 -73.00
C VAL B 1133 -20.73 21.63 -74.39
N ASN B 1134 -21.20 22.44 -75.35
CA ASN B 1134 -20.73 22.34 -76.72
C ASN B 1134 -19.37 22.98 -76.88
N ASN B 1135 -18.55 22.33 -77.71
CA ASN B 1135 -17.25 22.88 -78.07
C ASN B 1135 -16.64 21.96 -79.12
N THR B 1136 -15.59 22.45 -79.76
CA THR B 1136 -14.91 21.73 -80.82
C THR B 1136 -13.66 21.05 -80.25
N VAL B 1137 -13.50 19.77 -80.56
CA VAL B 1137 -12.38 18.97 -80.07
C VAL B 1137 -11.39 18.86 -81.20
N TYR B 1138 -10.24 19.52 -81.06
CA TYR B 1138 -9.23 19.53 -82.11
C TYR B 1138 -8.75 18.12 -82.41
N ASP B 1139 -8.69 17.78 -83.70
CA ASP B 1139 -8.20 16.49 -84.15
C ASP B 1139 -6.80 16.67 -84.73
N PRO B 1140 -5.72 16.31 -84.01
CA PRO B 1140 -4.37 16.55 -84.50
C PRO B 1140 -3.87 15.47 -85.45
N LEU B 1141 -4.77 15.03 -86.38
CA LEU B 1141 -4.32 14.43 -87.63
C LEU B 1141 -4.39 15.40 -88.78
N GLN B 1142 -5.60 15.92 -88.93
CA GLN B 1142 -6.03 16.34 -90.24
C GLN B 1142 -5.01 17.29 -90.85
N PRO B 1143 -4.52 18.30 -90.14
CA PRO B 1143 -3.47 19.15 -90.72
C PRO B 1143 -2.22 18.37 -91.07
N GLU B 1144 -2.01 17.21 -90.44
CA GLU B 1144 -0.89 16.35 -90.84
C GLU B 1144 -1.15 15.66 -92.18
N LEU B 1145 -2.41 15.29 -92.46
CA LEU B 1145 -2.75 14.82 -93.78
C LEU B 1145 -2.54 15.91 -94.82
N ASP B 1146 -2.99 17.12 -94.52
CA ASP B 1146 -2.79 18.25 -95.42
C ASP B 1146 -1.32 18.64 -95.45
N GLN C 14 -62.15 -17.02 35.44
CA GLN C 14 -62.41 -18.43 35.17
C GLN C 14 -62.34 -18.63 33.65
N CYS C 15 -61.89 -19.82 33.25
CA CYS C 15 -61.84 -20.25 31.86
C CYS C 15 -62.56 -21.59 31.67
N VAL C 16 -63.17 -21.73 30.50
CA VAL C 16 -63.77 -22.96 30.01
C VAL C 16 -63.14 -23.29 28.66
N ASN C 17 -62.74 -24.54 28.53
CA ASN C 17 -62.24 -25.15 27.31
C ASN C 17 -63.40 -25.62 26.51
N LEU C 18 -63.59 -25.10 25.28
CA LEU C 18 -64.82 -25.16 24.57
C LEU C 18 -64.79 -26.52 24.06
N THR C 19 -65.90 -27.15 23.92
CA THR C 19 -65.90 -28.30 23.10
C THR C 19 -66.82 -28.10 21.87
N THR C 20 -67.15 -29.18 21.19
CA THR C 20 -67.78 -29.15 19.89
C THR C 20 -66.85 -28.44 18.92
N ARG C 21 -65.73 -29.08 18.61
CA ARG C 21 -64.73 -28.58 17.66
C ARG C 21 -64.15 -29.80 16.91
N THR C 22 -64.42 -29.81 15.61
CA THR C 22 -63.97 -30.90 14.76
C THR C 22 -62.49 -30.72 14.51
N GLN C 23 -61.80 -31.85 14.39
CA GLN C 23 -60.39 -31.91 14.07
C GLN C 23 -60.18 -32.22 12.60
N LEU C 24 -59.39 -31.37 11.95
CA LEU C 24 -59.00 -31.52 10.61
C LEU C 24 -57.48 -31.56 10.69
N PRO C 25 -56.81 -31.88 9.60
CA PRO C 25 -55.35 -31.79 9.58
C PRO C 25 -54.84 -30.41 9.95
N PRO C 26 -53.59 -30.09 9.64
CA PRO C 26 -53.37 -28.69 9.22
C PRO C 26 -53.51 -28.45 7.72
N ALA C 27 -53.86 -27.22 7.41
CA ALA C 27 -53.85 -26.70 6.06
C ALA C 27 -52.69 -25.75 5.85
N TYR C 28 -52.37 -25.55 4.56
CA TYR C 28 -51.36 -24.63 4.10
C TYR C 28 -51.79 -23.95 2.79
N THR C 29 -51.24 -22.76 2.56
CA THR C 29 -51.42 -22.03 1.32
C THR C 29 -50.09 -21.39 0.89
N ASN C 30 -50.12 -20.75 -0.29
CA ASN C 30 -48.99 -20.06 -0.91
C ASN C 30 -49.18 -18.55 -0.72
N SER C 31 -48.09 -17.88 -0.33
CA SER C 31 -48.08 -16.44 -0.15
C SER C 31 -47.29 -15.86 -1.31
N PHE C 32 -47.94 -15.01 -2.09
CA PHE C 32 -47.36 -14.43 -3.30
C PHE C 32 -46.91 -13.02 -2.97
N THR C 33 -45.59 -12.81 -2.97
CA THR C 33 -44.99 -11.52 -2.72
C THR C 33 -45.72 -10.78 -1.60
N ARG C 34 -45.73 -11.39 -0.42
CA ARG C 34 -46.36 -10.83 0.76
C ARG C 34 -45.37 -10.82 1.91
N GLY C 35 -45.60 -9.91 2.84
CA GLY C 35 -44.69 -9.76 3.97
C GLY C 35 -43.49 -8.90 3.63
N VAL C 36 -43.73 -7.73 3.07
CA VAL C 36 -42.69 -6.74 2.81
C VAL C 36 -43.04 -5.47 3.57
N TYR C 37 -42.08 -4.96 4.30
CA TYR C 37 -42.24 -3.76 5.07
C TYR C 37 -41.09 -2.80 4.76
N TYR C 38 -41.06 -1.69 5.47
CA TYR C 38 -39.97 -0.75 5.39
C TYR C 38 -38.92 -1.17 6.41
N PRO C 39 -37.74 -1.64 5.96
CA PRO C 39 -36.76 -2.12 6.93
C PRO C 39 -36.33 -1.06 7.92
N ASP C 40 -36.27 0.18 7.48
CA ASP C 40 -35.73 1.34 8.16
C ASP C 40 -36.67 2.53 7.95
N LYS C 41 -36.38 3.57 8.70
CA LYS C 41 -37.21 4.77 8.76
C LYS C 41 -36.70 5.89 7.89
N VAL C 42 -35.95 5.53 6.86
CA VAL C 42 -35.16 6.44 6.05
C VAL C 42 -35.87 6.56 4.71
N PHE C 43 -36.23 7.82 4.33
CA PHE C 43 -37.13 8.03 3.22
C PHE C 43 -36.13 7.96 2.01
N ARG C 44 -36.48 7.15 0.99
CA ARG C 44 -35.82 7.02 -0.31
C ARG C 44 -36.88 7.02 -1.42
N SER C 45 -36.56 7.76 -2.53
CA SER C 45 -37.48 8.17 -3.58
C SER C 45 -36.82 7.90 -4.93
N SER C 46 -37.39 6.94 -5.66
CA SER C 46 -37.01 6.58 -7.04
C SER C 46 -35.74 5.72 -7.11
N VAL C 47 -35.54 4.91 -6.07
CA VAL C 47 -34.26 4.28 -5.82
C VAL C 47 -34.49 2.77 -5.81
N LEU C 48 -33.43 2.01 -6.20
CA LEU C 48 -33.40 0.55 -6.17
C LEU C 48 -32.45 0.08 -5.06
N HIS C 49 -33.00 -0.03 -3.86
CA HIS C 49 -32.23 -0.30 -2.68
C HIS C 49 -32.16 -1.79 -2.41
N SER C 50 -30.94 -2.27 -2.14
CA SER C 50 -30.71 -3.59 -1.56
C SER C 50 -30.67 -3.47 -0.04
N THR C 51 -31.35 -4.40 0.63
CA THR C 51 -31.37 -4.42 2.08
C THR C 51 -31.40 -5.89 2.50
N GLN C 52 -30.59 -6.23 3.49
CA GLN C 52 -30.61 -7.55 4.09
C GLN C 52 -31.33 -7.43 5.43
N ASP C 53 -32.43 -8.15 5.58
CA ASP C 53 -33.14 -8.19 6.86
C ASP C 53 -34.12 -9.36 6.82
N LEU C 54 -34.82 -9.54 7.93
CA LEU C 54 -35.76 -10.62 8.13
C LEU C 54 -37.01 -10.34 7.33
N PHE C 55 -37.24 -11.11 6.27
CA PHE C 55 -38.41 -10.96 5.40
C PHE C 55 -39.12 -12.30 5.27
N LEU C 56 -40.30 -12.25 4.66
CA LEU C 56 -41.09 -13.44 4.32
C LEU C 56 -40.83 -13.81 2.87
N PRO C 57 -40.24 -14.98 2.57
CA PRO C 57 -39.72 -15.16 1.22
C PRO C 57 -40.89 -15.12 0.25
N PHE C 58 -40.63 -14.67 -0.97
CA PHE C 58 -41.69 -14.67 -1.96
C PHE C 58 -42.08 -16.10 -2.29
N PHE C 59 -43.37 -16.28 -2.63
CA PHE C 59 -43.92 -17.56 -3.03
C PHE C 59 -43.64 -18.61 -1.98
N SER C 60 -43.84 -18.20 -0.72
CA SER C 60 -43.66 -19.04 0.43
C SER C 60 -44.98 -19.71 0.78
N ASN C 61 -44.88 -20.74 1.62
CA ASN C 61 -46.06 -21.43 2.16
C ASN C 61 -46.31 -21.05 3.62
N VAL C 62 -47.55 -20.64 3.88
CA VAL C 62 -47.96 -20.03 5.13
C VAL C 62 -49.09 -20.89 5.67
N THR C 63 -49.20 -20.99 7.00
CA THR C 63 -50.15 -21.91 7.61
C THR C 63 -51.53 -21.27 7.66
N TRP C 64 -52.54 -22.01 7.22
CA TRP C 64 -53.89 -21.48 7.02
C TRP C 64 -54.77 -21.97 8.17
N PHE C 65 -55.49 -21.04 8.83
CA PHE C 65 -56.40 -21.33 9.94
C PHE C 65 -57.82 -20.78 9.79
N HIS C 66 -58.86 -21.57 10.11
CA HIS C 66 -59.93 -21.03 9.34
C HIS C 66 -60.77 -20.72 10.58
N ALA C 67 -61.96 -20.02 10.46
CA ALA C 67 -63.05 -19.86 11.48
C ALA C 67 -64.33 -19.65 10.67
N ILE C 68 -65.06 -20.73 10.43
CA ILE C 68 -66.20 -20.80 9.54
C ILE C 68 -67.36 -21.42 10.30
N HIS C 69 -68.57 -20.91 10.06
CA HIS C 69 -69.82 -21.35 10.68
C HIS C 69 -70.20 -22.76 10.23
N VAL C 70 -70.47 -22.89 8.93
CA VAL C 70 -71.04 -24.03 8.21
C VAL C 70 -72.27 -24.55 8.97
N THR C 76 -68.79 -28.65 13.33
CA THR C 76 -67.38 -28.32 13.13
C THR C 76 -67.04 -27.00 13.83
N LYS C 77 -67.29 -25.87 13.16
CA LYS C 77 -67.12 -24.54 13.72
C LYS C 77 -65.65 -24.18 13.78
N ARG C 78 -64.81 -25.10 13.31
CA ARG C 78 -63.46 -24.86 12.84
C ARG C 78 -62.73 -23.76 13.60
N PHE C 79 -62.81 -23.82 14.94
CA PHE C 79 -62.28 -22.78 15.80
C PHE C 79 -60.78 -23.00 16.01
N ASP C 80 -59.98 -22.26 15.26
CA ASP C 80 -58.54 -22.43 15.24
C ASP C 80 -57.90 -21.36 16.09
N ASN C 81 -57.15 -21.78 17.12
CA ASN C 81 -56.34 -20.86 17.89
C ASN C 81 -55.19 -21.65 18.53
N PRO C 82 -54.40 -22.36 17.75
CA PRO C 82 -53.33 -23.18 18.33
C PRO C 82 -52.17 -22.32 18.80
N VAL C 83 -51.24 -22.98 19.50
CA VAL C 83 -50.08 -22.33 20.09
C VAL C 83 -48.88 -22.45 19.14
N LEU C 84 -48.63 -21.44 18.42
CA LEU C 84 -47.65 -21.52 17.37
C LEU C 84 -46.28 -21.05 17.86
N PRO C 85 -45.20 -21.61 17.32
CA PRO C 85 -43.88 -21.13 17.68
C PRO C 85 -43.69 -19.69 17.24
N PHE C 86 -42.59 -19.07 17.70
CA PHE C 86 -42.17 -17.71 17.31
C PHE C 86 -40.64 -17.72 17.17
N ASN C 87 -40.16 -18.05 15.97
CA ASN C 87 -38.72 -18.30 15.81
C ASN C 87 -37.96 -16.99 15.80
N ASP C 88 -38.18 -16.15 14.77
CA ASP C 88 -37.46 -14.90 14.61
C ASP C 88 -38.37 -13.77 14.15
N GLY C 89 -39.68 -13.95 14.22
CA GLY C 89 -40.63 -13.04 13.62
C GLY C 89 -41.75 -13.78 12.92
N VAL C 90 -42.91 -13.13 12.86
CA VAL C 90 -44.10 -13.71 12.27
C VAL C 90 -44.79 -12.67 11.40
N TYR C 91 -45.22 -13.11 10.21
CA TYR C 91 -46.12 -12.35 9.36
C TYR C 91 -47.51 -12.94 9.54
N PHE C 92 -48.48 -12.08 9.87
CA PHE C 92 -49.82 -12.52 10.24
C PHE C 92 -50.83 -11.78 9.38
N ALA C 93 -51.50 -12.49 8.48
CA ALA C 93 -52.53 -11.93 7.64
C ALA C 93 -53.90 -12.48 8.04
N SER C 94 -54.90 -11.61 7.92
CA SER C 94 -56.26 -11.92 8.35
C SER C 94 -57.22 -11.41 7.30
N THR C 95 -57.98 -12.32 6.68
CA THR C 95 -59.09 -11.90 5.81
C THR C 95 -60.37 -11.98 6.64
N GLU C 96 -60.93 -10.82 7.00
CA GLU C 96 -62.04 -10.76 7.93
C GLU C 96 -63.14 -9.87 7.41
N LYS C 97 -64.30 -10.02 8.04
CA LYS C 97 -65.56 -9.44 7.64
C LYS C 97 -66.30 -8.82 8.82
N SER C 98 -66.15 -9.41 10.00
CA SER C 98 -66.88 -9.07 11.21
C SER C 98 -65.95 -8.93 12.40
N ASN C 99 -64.65 -8.75 12.15
CA ASN C 99 -63.65 -8.54 13.18
C ASN C 99 -63.68 -9.68 14.19
N ILE C 100 -63.39 -10.88 13.68
CA ILE C 100 -63.36 -12.07 14.52
C ILE C 100 -62.05 -12.17 15.28
N ILE C 101 -60.92 -12.01 14.58
CA ILE C 101 -59.63 -11.98 15.25
C ILE C 101 -59.50 -10.66 16.00
N ARG C 102 -59.09 -10.75 17.27
CA ARG C 102 -59.07 -9.58 18.15
C ARG C 102 -57.68 -9.19 18.61
N GLY C 103 -56.75 -10.12 18.73
CA GLY C 103 -55.44 -9.79 19.26
C GLY C 103 -54.50 -10.98 19.27
N TRP C 104 -53.44 -10.86 20.07
CA TRP C 104 -52.40 -11.87 20.12
C TRP C 104 -51.80 -11.91 21.52
N ILE C 105 -51.16 -13.04 21.80
CA ILE C 105 -50.44 -13.26 23.04
C ILE C 105 -49.11 -13.89 22.68
N PHE C 106 -48.05 -13.46 23.38
CA PHE C 106 -46.67 -13.86 23.15
C PHE C 106 -46.00 -14.07 24.50
N GLY C 107 -45.09 -15.03 24.53
CA GLY C 107 -44.52 -15.48 25.78
C GLY C 107 -43.44 -16.54 25.61
N THR C 108 -43.24 -17.26 26.70
CA THR C 108 -42.47 -18.49 26.70
C THR C 108 -43.28 -19.65 27.28
N THR C 109 -43.92 -19.48 28.42
CA THR C 109 -44.70 -20.50 29.14
C THR C 109 -46.17 -20.17 29.26
N LEU C 110 -46.58 -18.92 29.22
CA LEU C 110 -47.94 -18.40 29.20
C LEU C 110 -48.72 -18.64 30.49
N ASP C 111 -48.02 -19.02 31.57
CA ASP C 111 -48.66 -19.40 32.82
C ASP C 111 -48.17 -18.58 34.01
N SER C 112 -47.87 -17.31 33.77
CA SER C 112 -47.40 -16.37 34.79
C SER C 112 -46.07 -16.73 35.43
N LYS C 113 -45.41 -17.78 34.95
CA LYS C 113 -44.10 -18.12 35.47
C LYS C 113 -43.04 -17.17 34.89
N THR C 114 -43.29 -16.73 33.64
CA THR C 114 -42.44 -15.95 32.76
C THR C 114 -43.32 -14.86 32.22
N GLN C 115 -42.70 -13.71 31.94
CA GLN C 115 -43.39 -12.51 31.49
C GLN C 115 -43.89 -12.65 30.05
N SER C 116 -45.20 -12.48 29.88
CA SER C 116 -45.84 -12.59 28.60
C SER C 116 -46.30 -11.22 28.17
N LEU C 117 -46.74 -11.17 26.89
CA LEU C 117 -47.33 -10.01 26.27
C LEU C 117 -48.71 -10.31 25.70
N LEU C 118 -49.64 -9.35 25.82
CA LEU C 118 -50.89 -9.54 25.09
C LEU C 118 -51.28 -8.20 24.48
N ILE C 119 -51.80 -8.28 23.24
CA ILE C 119 -52.35 -7.15 22.51
C ILE C 119 -53.78 -7.50 22.16
N VAL C 120 -54.74 -6.78 22.72
CA VAL C 120 -56.16 -7.08 22.51
C VAL C 120 -56.86 -5.83 22.00
N ASN C 121 -57.93 -6.05 21.23
CA ASN C 121 -58.80 -4.99 20.69
C ASN C 121 -60.23 -5.37 21.04
N ASN C 122 -60.65 -5.05 22.26
CA ASN C 122 -61.99 -5.32 22.69
C ASN C 122 -62.94 -4.28 22.06
N ALA C 123 -64.21 -4.35 22.46
CA ALA C 123 -65.23 -3.53 21.84
C ALA C 123 -65.00 -2.03 22.04
N THR C 124 -64.20 -1.65 23.02
CA THR C 124 -64.04 -0.25 23.41
C THR C 124 -62.65 0.31 23.18
N ASN C 125 -61.62 -0.45 23.57
CA ASN C 125 -60.25 0.02 23.72
C ASN C 125 -59.31 -0.91 22.96
N VAL C 126 -58.06 -0.48 22.84
CA VAL C 126 -56.95 -1.34 22.44
C VAL C 126 -56.00 -1.42 23.63
N VAL C 127 -55.93 -2.60 24.18
CA VAL C 127 -55.11 -2.90 25.34
C VAL C 127 -53.80 -3.47 24.84
N ILE C 128 -52.70 -3.05 25.46
CA ILE C 128 -51.41 -3.69 25.25
C ILE C 128 -50.74 -3.79 26.62
N LYS C 129 -50.63 -5.01 27.10
CA LYS C 129 -50.10 -5.25 28.42
C LYS C 129 -48.87 -6.11 28.24
N VAL C 130 -47.82 -5.88 29.01
CA VAL C 130 -46.76 -6.84 29.20
C VAL C 130 -46.79 -7.16 30.67
N CYS C 131 -47.38 -8.31 30.94
CA CYS C 131 -47.70 -8.71 32.28
C CYS C 131 -47.62 -10.22 32.41
N GLU C 132 -47.57 -10.67 33.65
CA GLU C 132 -47.42 -12.05 34.02
C GLU C 132 -48.85 -12.57 34.12
N PHE C 133 -49.38 -12.96 32.97
CA PHE C 133 -50.71 -13.53 32.88
C PHE C 133 -50.65 -15.04 33.08
N GLN C 134 -51.67 -15.56 33.73
CA GLN C 134 -51.87 -16.98 33.85
C GLN C 134 -52.81 -17.32 32.70
N PHE C 135 -52.23 -17.39 31.51
CA PHE C 135 -52.99 -17.67 30.31
C PHE C 135 -53.50 -19.09 30.38
N CYS C 136 -54.78 -19.25 30.09
CA CYS C 136 -55.43 -20.53 30.14
C CYS C 136 -55.30 -21.16 28.77
N ASN C 137 -55.82 -22.37 28.63
CA ASN C 137 -55.53 -23.14 27.42
C ASN C 137 -56.25 -22.53 26.23
N ASP C 138 -57.45 -22.03 26.42
CA ASP C 138 -58.28 -21.51 25.34
C ASP C 138 -58.66 -20.07 25.65
N PRO C 139 -57.74 -19.13 25.45
CA PRO C 139 -58.11 -17.72 25.55
C PRO C 139 -58.98 -17.30 24.37
N PHE C 140 -59.99 -16.48 24.66
CA PHE C 140 -60.84 -15.98 23.60
C PHE C 140 -61.71 -14.82 24.06
N LEU C 141 -62.63 -14.32 23.11
CA LEU C 141 -63.40 -13.23 23.76
C LEU C 141 -64.83 -13.80 23.28
N GLY C 142 -65.89 -13.32 23.91
CA GLY C 142 -67.21 -13.69 23.53
C GLY C 142 -68.21 -12.57 23.32
N VAL C 143 -68.83 -12.51 22.14
CA VAL C 143 -69.82 -11.49 21.79
C VAL C 143 -71.21 -12.09 21.95
N TYR C 144 -72.14 -11.30 22.49
CA TYR C 144 -73.52 -11.71 22.70
C TYR C 144 -74.44 -10.93 21.76
N TYR C 145 -75.32 -11.64 21.07
CA TYR C 145 -76.25 -11.06 20.12
C TYR C 145 -77.66 -11.13 20.70
N HIS C 146 -78.39 -10.03 20.61
CA HIS C 146 -79.71 -9.90 21.20
C HIS C 146 -80.76 -9.91 20.10
N LYS C 147 -81.69 -10.86 20.17
CA LYS C 147 -82.78 -10.91 19.20
C LYS C 147 -83.87 -9.91 19.56
N ASN C 148 -84.08 -9.68 20.86
CA ASN C 148 -85.11 -8.74 21.28
C ASN C 148 -84.90 -7.39 20.62
N ASN C 149 -83.68 -6.89 20.69
CA ASN C 149 -83.22 -5.82 19.81
C ASN C 149 -81.87 -6.25 19.26
N LYS C 150 -81.78 -6.35 17.94
CA LYS C 150 -80.57 -6.78 17.28
C LYS C 150 -79.42 -5.85 17.61
N SER C 151 -78.48 -6.39 18.38
CA SER C 151 -77.31 -5.64 18.81
C SER C 151 -76.24 -6.64 19.23
N TRP C 152 -75.00 -6.38 18.83
CA TRP C 152 -73.86 -7.20 19.20
C TRP C 152 -72.92 -6.39 20.07
N MET C 153 -72.42 -6.99 21.14
CA MET C 153 -71.45 -6.32 21.97
C MET C 153 -70.71 -7.35 22.82
N GLU C 154 -69.49 -6.99 23.20
CA GLU C 154 -68.65 -7.90 23.98
C GLU C 154 -69.32 -8.26 25.30
N SER C 155 -69.35 -9.56 25.59
CA SER C 155 -69.97 -10.11 26.79
C SER C 155 -68.94 -10.77 27.70
N GLU C 156 -68.03 -11.53 27.13
CA GLU C 156 -67.06 -12.30 27.89
C GLU C 156 -65.65 -11.95 27.44
N PHE C 157 -64.70 -12.07 28.37
CA PHE C 157 -63.27 -11.85 28.11
C PHE C 157 -62.52 -12.92 28.92
N ARG C 158 -62.35 -14.09 28.32
CA ARG C 158 -61.68 -15.24 28.95
C ARG C 158 -60.34 -15.40 28.29
N VAL C 159 -59.30 -14.91 28.94
CA VAL C 159 -57.92 -15.11 28.49
C VAL C 159 -57.00 -15.57 29.61
N TYR C 160 -57.15 -15.02 30.83
CA TYR C 160 -56.00 -14.88 31.69
C TYR C 160 -56.62 -14.97 33.09
N SER C 161 -55.91 -15.56 34.04
CA SER C 161 -56.51 -15.73 35.36
C SER C 161 -56.08 -14.68 36.34
N SER C 162 -54.78 -14.37 36.33
CA SER C 162 -54.14 -13.66 37.40
C SER C 162 -52.88 -13.00 36.84
N ALA C 163 -52.51 -11.89 37.50
CA ALA C 163 -51.44 -11.00 37.06
C ALA C 163 -51.02 -10.03 38.16
N ASN C 164 -49.81 -10.25 38.70
CA ASN C 164 -49.35 -9.73 39.97
C ASN C 164 -48.24 -8.72 39.77
N ASN C 165 -47.18 -9.12 39.11
CA ASN C 165 -46.01 -8.34 38.79
C ASN C 165 -46.09 -7.99 37.32
N CYS C 166 -46.06 -6.71 37.03
CA CYS C 166 -45.83 -6.23 35.68
C CYS C 166 -45.62 -4.72 35.58
N THR C 167 -45.07 -4.31 34.41
CA THR C 167 -44.30 -3.10 34.31
C THR C 167 -44.88 -2.16 33.24
N PHE C 168 -45.35 -2.74 32.11
CA PHE C 168 -45.78 -2.01 30.89
C PHE C 168 -47.24 -2.26 30.57
N GLU C 169 -47.99 -1.17 30.53
CA GLU C 169 -49.39 -1.20 30.14
C GLU C 169 -49.59 -0.05 29.16
N TYR C 170 -50.59 -0.18 28.30
CA TYR C 170 -51.06 0.88 27.45
C TYR C 170 -52.50 0.70 27.10
N VAL C 171 -53.28 1.76 27.26
CA VAL C 171 -54.66 1.66 26.86
C VAL C 171 -55.03 2.90 26.03
N SER C 172 -55.66 2.63 24.87
CA SER C 172 -56.02 3.59 23.84
C SER C 172 -57.40 4.19 24.13
N GLN C 173 -57.58 5.40 23.61
CA GLN C 173 -58.75 6.22 23.89
C GLN C 173 -60.03 5.52 23.46
N PRO C 174 -61.01 5.37 24.35
CA PRO C 174 -62.15 4.50 24.06
C PRO C 174 -62.82 4.89 22.77
N PHE C 175 -63.25 3.85 22.04
CA PHE C 175 -63.98 3.95 20.81
C PHE C 175 -65.15 2.96 20.87
N LEU C 176 -65.98 2.98 19.82
CA LEU C 176 -67.12 2.09 19.64
C LEU C 176 -66.95 1.22 18.40
N MET C 177 -67.05 -0.10 18.59
CA MET C 177 -66.57 -1.05 17.61
C MET C 177 -67.77 -1.84 17.13
N ASP C 178 -67.73 -2.32 15.88
CA ASP C 178 -68.91 -2.91 15.26
C ASP C 178 -69.41 -4.14 16.01
N LEU C 179 -68.61 -5.20 16.01
CA LEU C 179 -68.87 -6.48 16.65
C LEU C 179 -69.99 -7.27 15.99
N GLU C 180 -70.67 -6.73 14.98
CA GLU C 180 -71.81 -7.41 14.40
C GLU C 180 -71.34 -8.36 13.31
N GLY C 181 -72.01 -9.50 13.20
CA GLY C 181 -71.66 -10.53 12.26
C GLY C 181 -72.36 -10.40 10.92
N LYS C 182 -71.64 -9.93 9.92
CA LYS C 182 -72.19 -9.78 8.59
C LYS C 182 -72.13 -11.13 7.89
N GLN C 183 -72.88 -11.18 6.78
CA GLN C 183 -72.89 -12.24 5.79
C GLN C 183 -72.35 -11.79 4.44
N GLY C 184 -71.63 -12.66 3.75
CA GLY C 184 -70.92 -12.49 2.51
C GLY C 184 -69.50 -13.03 2.54
N ASN C 185 -68.74 -12.60 1.55
CA ASN C 185 -67.32 -12.86 1.51
C ASN C 185 -66.51 -11.89 2.36
N PHE C 186 -65.28 -12.27 2.64
CA PHE C 186 -64.33 -11.44 3.39
C PHE C 186 -64.05 -10.12 2.65
N LYS C 187 -63.82 -9.07 3.43
CA LYS C 187 -63.63 -7.74 2.89
C LYS C 187 -62.34 -7.09 3.33
N ASN C 188 -61.89 -7.34 4.55
CA ASN C 188 -60.79 -6.59 5.10
C ASN C 188 -59.59 -7.50 5.25
N LEU C 189 -58.47 -7.06 4.69
CA LEU C 189 -57.19 -7.73 4.85
C LEU C 189 -56.34 -6.93 5.83
N ARG C 190 -55.93 -7.59 6.89
CA ARG C 190 -55.09 -7.01 7.91
C ARG C 190 -53.76 -7.76 7.90
N GLU C 191 -52.66 -7.07 7.52
CA GLU C 191 -51.34 -7.69 7.48
C GLU C 191 -50.43 -7.19 8.55
N PHE C 192 -49.79 -8.18 9.29
CA PHE C 192 -49.17 -7.50 10.47
C PHE C 192 -47.81 -8.22 10.41
N VAL C 193 -46.76 -7.54 10.89
CA VAL C 193 -45.41 -8.18 11.04
C VAL C 193 -44.91 -7.95 12.46
N PHE C 194 -44.69 -9.02 13.19
CA PHE C 194 -44.09 -9.05 14.50
C PHE C 194 -42.64 -9.49 14.46
N LYS C 195 -41.80 -8.71 15.15
CA LYS C 195 -40.38 -8.98 15.32
C LYS C 195 -39.98 -8.59 16.73
N ASN C 196 -38.96 -9.29 17.22
CA ASN C 196 -38.48 -9.15 18.58
C ASN C 196 -36.95 -9.16 18.47
N ILE C 197 -36.35 -7.98 18.64
CA ILE C 197 -34.94 -7.75 18.32
C ILE C 197 -34.45 -6.52 19.08
N ASP C 198 -33.19 -6.60 19.53
CA ASP C 198 -32.58 -5.59 20.38
C ASP C 198 -33.47 -5.23 21.58
N GLY C 199 -34.31 -6.19 22.02
CA GLY C 199 -35.21 -5.93 23.11
C GLY C 199 -36.32 -5.01 22.74
N TYR C 200 -36.59 -4.89 21.44
CA TYR C 200 -37.69 -4.15 20.89
C TYR C 200 -38.67 -5.03 20.13
N PHE C 201 -39.95 -4.95 20.51
CA PHE C 201 -41.03 -5.65 19.84
C PHE C 201 -41.59 -4.68 18.81
N LYS C 202 -41.34 -5.02 17.53
CA LYS C 202 -41.63 -4.16 16.41
C LYS C 202 -42.84 -4.69 15.64
N ILE C 203 -43.88 -3.87 15.56
CA ILE C 203 -45.15 -4.27 14.94
C ILE C 203 -45.39 -3.37 13.74
N TYR C 204 -45.37 -3.97 12.54
CA TYR C 204 -45.71 -3.32 11.29
C TYR C 204 -47.04 -3.86 10.77
N SER C 205 -47.89 -2.95 10.29
CA SER C 205 -49.28 -3.26 10.02
C SER C 205 -49.71 -2.57 8.73
N LYS C 206 -50.75 -3.10 8.08
CA LYS C 206 -51.42 -2.37 6.98
C LYS C 206 -52.51 -3.18 6.34
N HIS C 207 -53.33 -2.46 5.57
CA HIS C 207 -54.70 -2.81 5.59
C HIS C 207 -55.49 -2.29 4.40
N THR C 208 -56.28 -3.20 3.83
CA THR C 208 -56.59 -3.18 2.42
C THR C 208 -57.94 -3.85 2.16
N PRO C 209 -58.81 -3.17 1.44
CA PRO C 209 -60.12 -3.74 1.14
C PRO C 209 -59.92 -4.78 0.06
N ILE C 210 -60.57 -5.94 0.25
CA ILE C 210 -60.48 -7.06 -0.67
C ILE C 210 -61.88 -7.52 -1.04
N ASN C 211 -62.00 -8.09 -2.25
CA ASN C 211 -63.20 -8.72 -2.75
C ASN C 211 -62.99 -10.14 -3.16
N LEU C 212 -62.36 -10.93 -2.32
CA LEU C 212 -62.19 -12.33 -2.59
C LEU C 212 -63.27 -13.05 -1.79
N VAL C 213 -63.30 -14.36 -1.99
CA VAL C 213 -64.18 -15.30 -1.26
C VAL C 213 -63.40 -16.20 -0.27
N ARG C 214 -62.31 -16.87 -0.72
CA ARG C 214 -61.49 -17.70 0.17
C ARG C 214 -60.07 -17.87 -0.40
N ASP C 215 -59.15 -17.01 0.06
CA ASP C 215 -57.74 -17.05 -0.34
C ASP C 215 -57.03 -15.85 0.27
N LEU C 216 -55.73 -15.66 -0.04
CA LEU C 216 -55.15 -14.55 0.69
C LEU C 216 -54.62 -13.85 -0.56
N PRO C 217 -55.04 -12.64 -0.91
CA PRO C 217 -54.78 -12.16 -2.27
C PRO C 217 -53.32 -12.33 -2.71
N GLN C 218 -53.08 -12.13 -4.01
CA GLN C 218 -51.73 -11.92 -4.51
C GLN C 218 -51.45 -10.42 -4.37
N GLY C 219 -50.43 -9.93 -5.03
CA GLY C 219 -50.23 -8.53 -5.15
C GLY C 219 -49.09 -8.10 -4.26
N PHE C 220 -48.86 -6.81 -4.32
CA PHE C 220 -47.80 -6.19 -3.54
C PHE C 220 -48.48 -5.20 -2.59
N SER C 221 -47.96 -5.08 -1.38
CA SER C 221 -48.31 -3.99 -0.50
C SER C 221 -47.26 -3.95 0.60
N ALA C 222 -46.57 -2.83 0.72
CA ALA C 222 -45.51 -2.68 1.70
C ALA C 222 -46.14 -2.30 3.03
N LEU C 223 -45.83 -3.06 4.07
CA LEU C 223 -46.29 -2.72 5.40
C LEU C 223 -45.47 -1.58 5.97
N GLU C 224 -46.15 -0.71 6.66
CA GLU C 224 -45.44 0.37 7.31
C GLU C 224 -45.37 0.12 8.81
N PRO C 225 -44.33 0.57 9.48
CA PRO C 225 -44.26 0.31 10.92
C PRO C 225 -45.39 1.03 11.65
N LEU C 226 -45.89 0.38 12.71
CA LEU C 226 -46.95 0.92 13.58
C LEU C 226 -46.50 1.28 14.98
N VAL C 227 -45.68 0.45 15.62
CA VAL C 227 -45.21 0.72 16.96
C VAL C 227 -43.93 -0.05 17.18
N ASP C 228 -43.19 0.35 18.22
CA ASP C 228 -41.93 -0.23 18.61
C ASP C 228 -41.98 -0.22 20.14
N LEU C 229 -42.37 -1.35 20.72
CA LEU C 229 -42.57 -1.41 22.18
C LEU C 229 -41.30 -1.71 22.99
N PRO C 230 -40.89 -0.85 24.00
CA PRO C 230 -39.58 -1.23 24.29
C PRO C 230 -39.76 -2.29 25.39
N ILE C 231 -40.02 -3.54 25.08
CA ILE C 231 -40.33 -4.51 26.15
C ILE C 231 -39.09 -5.32 26.58
N GLY C 232 -38.43 -5.95 25.64
CA GLY C 232 -37.26 -6.69 25.94
C GLY C 232 -37.63 -7.85 26.81
N ILE C 233 -38.43 -8.77 26.27
CA ILE C 233 -38.70 -10.04 26.88
C ILE C 233 -38.27 -11.11 25.91
N ASN C 234 -38.49 -12.33 26.31
CA ASN C 234 -37.99 -13.49 25.62
C ASN C 234 -39.20 -14.22 25.06
N ILE C 235 -39.48 -14.02 23.77
CA ILE C 235 -40.66 -14.58 23.10
C ILE C 235 -40.21 -15.78 22.27
N THR C 236 -40.88 -16.91 22.47
CA THR C 236 -40.63 -18.08 21.66
C THR C 236 -41.91 -18.64 21.06
N ARG C 237 -43.05 -18.49 21.74
CA ARG C 237 -44.32 -18.92 21.21
C ARG C 237 -45.36 -17.81 21.38
N PHE C 238 -46.41 -17.93 20.57
CA PHE C 238 -47.52 -16.98 20.57
C PHE C 238 -48.81 -17.68 20.18
N GLN C 239 -49.92 -17.00 20.45
CA GLN C 239 -51.23 -17.44 20.02
C GLN C 239 -52.07 -16.24 19.60
N THR C 240 -53.05 -16.51 18.74
CA THR C 240 -54.01 -15.51 18.29
C THR C 240 -55.22 -15.59 19.20
N LEU C 241 -55.99 -14.51 19.28
CA LEU C 241 -57.23 -14.57 20.04
C LEU C 241 -58.33 -13.72 19.43
N LEU C 242 -59.45 -14.40 19.20
CA LEU C 242 -60.48 -14.08 18.26
C LEU C 242 -61.81 -14.27 18.95
N ALA C 243 -62.86 -13.65 18.43
CA ALA C 243 -64.13 -13.60 19.12
C ALA C 243 -65.07 -14.69 18.60
N LEU C 244 -65.97 -15.12 19.47
CA LEU C 244 -67.02 -16.06 19.11
C LEU C 244 -68.37 -15.41 19.34
N HIS C 245 -69.37 -15.94 18.66
CA HIS C 245 -70.72 -15.41 18.70
C HIS C 245 -71.59 -16.28 19.58
N ARG C 246 -72.47 -15.64 20.34
CA ARG C 246 -73.45 -16.34 21.17
C ARG C 246 -74.76 -15.57 21.18
N SER C 247 -75.86 -16.31 21.24
CA SER C 247 -77.16 -15.71 21.35
C SER C 247 -78.19 -16.71 21.89
N GLY C 252 -76.70 -23.18 24.19
CA GLY C 252 -76.08 -24.43 24.56
C GLY C 252 -75.48 -24.24 25.92
N ASP C 253 -74.55 -25.11 26.31
CA ASP C 253 -73.87 -25.05 27.59
C ASP C 253 -72.77 -24.02 27.50
N SER C 254 -71.87 -24.05 28.51
CA SER C 254 -70.77 -23.09 28.58
C SER C 254 -69.69 -23.40 27.54
N SER C 255 -69.55 -24.67 27.17
CA SER C 255 -68.58 -25.13 26.20
C SER C 255 -69.20 -25.61 24.88
N SER C 256 -70.52 -25.45 24.69
CA SER C 256 -71.11 -25.88 23.43
C SER C 256 -71.87 -24.74 22.76
N GLY C 257 -72.56 -23.91 23.55
CA GLY C 257 -73.27 -22.78 23.04
C GLY C 257 -72.42 -21.60 22.59
N TRP C 258 -71.82 -21.74 21.39
CA TRP C 258 -71.08 -20.66 20.76
C TRP C 258 -70.95 -20.93 19.26
N THR C 259 -70.96 -19.86 18.48
CA THR C 259 -70.74 -19.90 17.04
C THR C 259 -69.36 -19.30 16.74
N ALA C 260 -68.85 -19.62 15.55
CA ALA C 260 -67.53 -19.13 15.12
C ALA C 260 -67.59 -17.77 14.44
N GLY C 261 -68.31 -17.70 13.33
CA GLY C 261 -68.28 -16.53 12.50
C GLY C 261 -67.20 -16.64 11.43
N ALA C 262 -67.57 -16.32 10.19
CA ALA C 262 -66.63 -16.35 9.07
C ALA C 262 -65.36 -15.57 9.38
N ALA C 263 -64.20 -16.19 9.10
CA ALA C 263 -62.91 -15.55 9.32
C ALA C 263 -61.77 -16.51 8.96
N ALA C 264 -60.65 -15.94 8.52
CA ALA C 264 -59.50 -16.73 8.11
C ALA C 264 -58.23 -15.95 8.38
N TYR C 265 -57.16 -16.66 8.72
CA TYR C 265 -55.88 -16.03 9.03
C TYR C 265 -54.76 -17.01 8.72
N TYR C 266 -53.63 -16.44 8.31
CA TYR C 266 -52.49 -17.09 7.66
C TYR C 266 -51.26 -16.69 8.44
N VAL C 267 -50.34 -17.62 8.68
CA VAL C 267 -49.18 -17.37 9.52
C VAL C 267 -47.90 -17.73 8.80
N GLY C 268 -46.97 -16.78 8.76
CA GLY C 268 -45.66 -17.01 8.18
C GLY C 268 -44.54 -16.56 9.12
N TYR C 269 -43.34 -16.94 8.71
CA TYR C 269 -42.19 -17.19 9.58
C TYR C 269 -40.94 -16.63 8.96
N LEU C 270 -40.52 -15.48 9.49
CA LEU C 270 -39.54 -14.64 8.82
C LEU C 270 -38.15 -15.23 8.92
N GLN C 271 -37.38 -15.03 7.85
CA GLN C 271 -36.02 -15.52 7.75
C GLN C 271 -35.14 -14.46 7.11
N PRO C 272 -33.84 -14.48 7.44
CA PRO C 272 -32.92 -13.43 6.99
C PRO C 272 -32.69 -13.52 5.49
N ARG C 273 -33.12 -12.49 4.76
CA ARG C 273 -33.04 -12.50 3.31
C ARG C 273 -32.60 -11.13 2.79
N THR C 274 -31.84 -11.16 1.70
CA THR C 274 -31.73 -10.04 0.77
C THR C 274 -32.91 -9.88 -0.17
N PHE C 275 -33.46 -8.66 -0.15
CA PHE C 275 -34.53 -8.16 -1.00
C PHE C 275 -34.02 -6.91 -1.66
N LEU C 276 -34.44 -6.65 -2.90
CA LEU C 276 -33.99 -5.45 -3.58
C LEU C 276 -35.32 -4.70 -3.78
N LEU C 277 -35.52 -3.66 -2.99
CA LEU C 277 -36.74 -2.87 -3.00
C LEU C 277 -36.67 -1.79 -4.06
N LYS C 278 -37.84 -1.35 -4.53
CA LYS C 278 -38.04 -0.23 -5.44
C LYS C 278 -38.99 0.75 -4.76
N TYR C 279 -38.56 1.97 -4.72
CA TYR C 279 -39.40 3.04 -4.28
C TYR C 279 -39.98 3.67 -5.55
N ASN C 280 -41.01 4.49 -5.33
CA ASN C 280 -41.63 5.33 -6.34
C ASN C 280 -40.81 6.63 -6.54
N GLU C 281 -41.37 7.63 -7.23
CA GLU C 281 -41.03 9.04 -7.04
C GLU C 281 -41.45 9.51 -5.66
N ASN C 282 -42.33 8.79 -4.98
CA ASN C 282 -42.71 8.91 -3.59
C ASN C 282 -41.71 8.09 -2.75
N GLY C 283 -42.01 7.89 -1.48
CA GLY C 283 -41.34 7.05 -0.51
C GLY C 283 -41.87 5.68 -0.31
N THR C 284 -42.97 5.38 -0.96
CA THR C 284 -43.69 4.11 -0.84
C THR C 284 -43.14 3.02 -1.75
N ILE C 285 -42.99 1.85 -1.12
CA ILE C 285 -42.28 0.72 -1.73
C ILE C 285 -43.29 0.04 -2.62
N THR C 286 -43.06 0.19 -3.94
CA THR C 286 -43.86 -0.29 -5.06
C THR C 286 -43.37 -1.52 -5.81
N ASP C 287 -42.21 -2.08 -5.50
CA ASP C 287 -41.94 -3.45 -5.92
C ASP C 287 -40.68 -3.95 -5.25
N ALA C 288 -40.67 -5.25 -4.98
CA ALA C 288 -39.50 -5.91 -4.40
C ALA C 288 -39.25 -7.25 -5.06
N VAL C 289 -37.98 -7.69 -4.96
CA VAL C 289 -37.53 -8.96 -5.51
C VAL C 289 -36.63 -9.66 -4.50
N ASP C 290 -36.90 -10.95 -4.26
CA ASP C 290 -36.09 -11.77 -3.35
C ASP C 290 -34.90 -12.36 -4.10
N CYS C 291 -33.68 -11.97 -3.69
CA CYS C 291 -32.47 -12.36 -4.40
C CYS C 291 -32.22 -13.85 -4.35
N ALA C 292 -32.74 -14.55 -3.33
CA ALA C 292 -32.50 -15.97 -3.15
C ALA C 292 -33.64 -16.83 -3.69
N LEU C 293 -34.53 -16.22 -4.49
CA LEU C 293 -35.70 -16.95 -5.00
C LEU C 293 -35.37 -17.71 -6.28
N ASP C 294 -35.04 -16.98 -7.35
CA ASP C 294 -34.71 -17.61 -8.64
C ASP C 294 -33.61 -16.84 -9.34
N PRO C 295 -32.96 -17.45 -10.34
CA PRO C 295 -31.82 -16.82 -10.99
C PRO C 295 -32.13 -15.47 -11.60
N LEU C 296 -33.37 -15.25 -12.08
CA LEU C 296 -33.62 -14.01 -12.81
C LEU C 296 -33.63 -12.87 -11.82
N SER C 297 -34.20 -13.12 -10.63
CA SER C 297 -34.15 -12.14 -9.57
C SER C 297 -32.73 -11.93 -9.08
N GLU C 298 -31.94 -13.01 -9.02
CA GLU C 298 -30.59 -12.88 -8.51
C GLU C 298 -29.78 -11.97 -9.41
N THR C 299 -29.76 -12.25 -10.72
CA THR C 299 -29.40 -11.27 -11.74
C THR C 299 -30.01 -9.86 -11.57
N LYS C 300 -31.30 -9.74 -11.28
CA LYS C 300 -31.86 -8.40 -11.17
C LYS C 300 -31.14 -7.62 -10.08
N CYS C 301 -30.91 -8.27 -8.96
CA CYS C 301 -30.21 -7.60 -7.88
C CYS C 301 -28.75 -7.38 -8.23
N THR C 302 -28.12 -8.36 -8.87
CA THR C 302 -26.73 -8.18 -9.23
C THR C 302 -26.55 -6.94 -10.08
N LEU C 303 -27.51 -6.64 -10.95
CA LEU C 303 -27.43 -5.43 -11.78
C LEU C 303 -28.02 -4.21 -11.11
N LYS C 304 -28.68 -4.36 -9.97
CA LYS C 304 -29.53 -3.31 -9.44
C LYS C 304 -30.29 -2.60 -10.54
N SER C 305 -31.18 -3.36 -11.18
CA SER C 305 -32.16 -2.86 -12.14
C SER C 305 -33.17 -3.96 -12.46
N PHE C 306 -34.46 -3.58 -12.48
CA PHE C 306 -35.55 -4.52 -12.66
C PHE C 306 -35.72 -4.91 -14.12
N THR C 307 -34.97 -4.28 -15.01
CA THR C 307 -35.04 -4.57 -16.44
C THR C 307 -33.65 -4.93 -16.93
N VAL C 308 -33.57 -6.20 -17.30
CA VAL C 308 -32.48 -7.01 -17.81
C VAL C 308 -32.28 -7.01 -19.31
N GLU C 309 -31.08 -6.58 -19.73
CA GLU C 309 -30.73 -6.64 -21.13
C GLU C 309 -30.36 -8.05 -21.50
N LYS C 310 -30.67 -8.41 -22.73
CA LYS C 310 -30.33 -9.71 -23.28
C LYS C 310 -28.82 -9.92 -23.29
N GLY C 311 -28.39 -11.00 -22.64
CA GLY C 311 -26.98 -11.34 -22.55
C GLY C 311 -26.76 -12.42 -21.51
N ILE C 312 -25.50 -12.53 -21.10
CA ILE C 312 -25.10 -13.41 -20.01
C ILE C 312 -24.39 -12.57 -18.94
N TYR C 313 -24.84 -12.73 -17.70
CA TYR C 313 -24.26 -12.01 -16.57
C TYR C 313 -23.78 -13.00 -15.52
N GLN C 314 -22.66 -12.69 -14.90
CA GLN C 314 -22.01 -13.61 -13.97
C GLN C 314 -22.44 -13.17 -12.58
N THR C 315 -23.37 -13.89 -11.96
CA THR C 315 -24.09 -13.40 -10.79
C THR C 315 -23.41 -13.78 -9.48
N SER C 316 -23.12 -15.06 -9.32
CA SER C 316 -22.60 -15.59 -8.08
C SER C 316 -21.65 -16.72 -8.43
N ASN C 317 -21.15 -17.37 -7.39
CA ASN C 317 -20.21 -18.47 -7.49
C ASN C 317 -20.70 -19.62 -6.63
N PHE C 318 -20.83 -20.80 -7.24
CA PHE C 318 -21.20 -22.01 -6.50
C PHE C 318 -20.02 -22.83 -6.04
N ARG C 319 -20.10 -23.06 -4.73
CA ARG C 319 -19.20 -23.82 -3.90
C ARG C 319 -19.91 -25.05 -3.37
N VAL C 320 -19.10 -26.05 -3.23
CA VAL C 320 -19.36 -27.31 -2.59
C VAL C 320 -18.81 -27.07 -1.19
N GLN C 321 -19.12 -27.95 -0.29
CA GLN C 321 -18.73 -27.70 1.08
C GLN C 321 -18.22 -29.03 1.61
N PRO C 322 -17.41 -29.05 2.66
CA PRO C 322 -16.94 -30.34 3.17
C PRO C 322 -18.03 -31.08 3.91
N THR C 323 -18.10 -32.38 3.70
CA THR C 323 -18.94 -33.26 4.50
C THR C 323 -18.07 -34.41 4.98
N GLU C 324 -18.43 -34.99 6.12
CA GLU C 324 -17.70 -36.12 6.68
C GLU C 324 -16.25 -35.74 6.95
N SER C 325 -16.06 -34.79 7.87
CA SER C 325 -14.73 -34.38 8.27
C SER C 325 -13.98 -35.55 8.88
N ILE C 326 -12.67 -35.62 8.61
CA ILE C 326 -11.84 -36.75 9.01
C ILE C 326 -10.50 -36.25 9.53
N VAL C 327 -9.97 -36.97 10.53
CA VAL C 327 -8.63 -36.71 11.08
C VAL C 327 -7.88 -38.04 11.13
N ARG C 328 -6.64 -38.05 10.65
CA ARG C 328 -5.85 -39.28 10.51
C ARG C 328 -4.42 -39.06 10.98
N PHE C 329 -4.05 -39.75 12.12
CA PHE C 329 -2.74 -39.76 12.77
C PHE C 329 -2.21 -41.20 12.77
N PRO C 330 -0.91 -41.41 12.92
CA PRO C 330 -0.29 -42.62 12.36
C PRO C 330 -0.55 -43.92 13.11
N ASN C 331 -0.27 -45.03 12.40
CA ASN C 331 -0.46 -46.39 12.88
C ASN C 331 0.18 -46.63 14.23
N ILE C 332 -0.44 -47.52 15.01
CA ILE C 332 -0.07 -47.72 16.40
C ILE C 332 0.29 -49.19 16.66
N THR C 333 2.71 -44.67 20.20
CA THR C 333 3.26 -45.89 20.76
C THR C 333 4.32 -45.61 21.83
N ASN C 334 4.20 -44.45 22.48
CA ASN C 334 5.12 -44.04 23.54
C ASN C 334 4.28 -43.42 24.66
N LEU C 335 3.84 -44.25 25.59
CA LEU C 335 2.92 -43.85 26.65
C LEU C 335 3.68 -43.67 27.95
N CYS C 336 3.25 -42.68 28.74
CA CYS C 336 3.87 -42.43 30.03
C CYS C 336 3.62 -43.61 30.98
N PRO C 337 4.56 -43.91 31.87
CA PRO C 337 4.41 -45.07 32.77
C PRO C 337 3.59 -44.74 34.02
N PHE C 338 2.34 -44.35 33.82
CA PHE C 338 1.45 -44.11 34.95
C PHE C 338 1.19 -45.41 35.72
N GLY C 339 1.08 -46.53 35.01
CA GLY C 339 0.87 -47.80 35.68
C GLY C 339 2.01 -48.15 36.62
N GLU C 340 3.25 -47.83 36.22
CA GLU C 340 4.39 -48.09 37.08
C GLU C 340 4.32 -47.31 38.38
N VAL C 341 3.52 -46.26 38.43
CA VAL C 341 3.34 -45.47 39.65
C VAL C 341 2.11 -45.92 40.43
N PHE C 342 1.01 -46.23 39.73
CA PHE C 342 -0.23 -46.59 40.40
C PHE C 342 -0.20 -48.03 40.90
N ASN C 343 0.03 -48.98 39.99
CA ASN C 343 0.08 -50.39 40.37
C ASN C 343 1.27 -50.73 41.24
N ALA C 344 2.25 -49.82 41.37
CA ALA C 344 3.47 -50.08 42.13
C ALA C 344 3.16 -50.73 43.47
N THR C 345 3.81 -51.86 43.73
CA THR C 345 3.56 -52.62 44.95
C THR C 345 3.98 -51.84 46.18
N ARG C 346 5.13 -51.19 46.13
CA ARG C 346 5.72 -50.54 47.30
C ARG C 346 5.54 -49.04 47.22
N PHE C 347 4.96 -48.47 48.28
CA PHE C 347 4.88 -47.02 48.45
C PHE C 347 5.62 -46.63 49.72
N ALA C 348 6.23 -45.44 49.68
CA ALA C 348 6.97 -44.94 50.82
C ALA C 348 6.02 -44.35 51.86
N SER C 349 6.58 -43.98 53.02
CA SER C 349 5.79 -43.40 54.08
C SER C 349 5.31 -42.00 53.70
N VAL C 350 4.31 -41.52 54.45
CA VAL C 350 3.77 -40.19 54.17
C VAL C 350 4.85 -39.14 54.34
N TYR C 351 5.67 -39.25 55.39
CA TYR C 351 6.77 -38.32 55.57
C TYR C 351 7.89 -38.57 54.56
N ALA C 352 7.95 -39.77 53.98
CA ALA C 352 8.95 -40.13 52.98
C ALA C 352 8.32 -40.27 51.60
N TRP C 353 7.37 -39.41 51.28
CA TRP C 353 6.67 -39.48 50.00
C TRP C 353 7.66 -39.57 48.84
N ASN C 354 7.41 -40.52 47.95
CA ASN C 354 8.30 -40.79 46.82
C ASN C 354 7.92 -39.92 45.63
N ARG C 355 8.92 -39.32 45.01
CA ARG C 355 8.73 -38.41 43.90
C ARG C 355 9.31 -39.02 42.62
N LYS C 356 8.55 -38.92 41.53
CA LYS C 356 8.98 -39.39 40.22
C LYS C 356 8.73 -38.30 39.19
N ARG C 357 9.56 -38.29 38.15
CA ARG C 357 9.48 -37.32 37.07
C ARG C 357 9.07 -38.02 35.78
N ILE C 358 8.12 -37.42 35.07
CA ILE C 358 7.61 -37.95 33.82
C ILE C 358 7.75 -36.89 32.73
N SER C 359 8.36 -37.27 31.61
CA SER C 359 8.51 -36.37 30.48
C SER C 359 8.80 -37.20 29.24
N ASN C 360 8.62 -36.58 28.08
CA ASN C 360 8.89 -37.21 26.79
C ASN C 360 8.05 -38.47 26.62
N CYS C 361 6.74 -38.28 26.65
CA CYS C 361 5.78 -39.37 26.46
C CYS C 361 4.42 -38.74 26.22
N VAL C 362 3.40 -39.59 26.12
CA VAL C 362 2.02 -39.15 25.94
C VAL C 362 1.19 -39.71 27.08
N ALA C 363 0.42 -38.85 27.73
CA ALA C 363 -0.39 -39.21 28.89
C ALA C 363 -1.86 -39.23 28.50
N ASP C 364 -2.52 -40.34 28.80
CA ASP C 364 -3.96 -40.50 28.54
C ASP C 364 -4.65 -40.54 29.90
N TYR C 365 -5.12 -39.37 30.35
CA TYR C 365 -5.80 -39.25 31.62
C TYR C 365 -7.25 -39.73 31.57
N SER C 366 -7.79 -39.97 30.38
CA SER C 366 -9.16 -40.44 30.27
C SER C 366 -9.34 -41.79 30.94
N VAL C 367 -8.38 -42.70 30.77
CA VAL C 367 -8.49 -44.01 31.38
C VAL C 367 -8.49 -43.89 32.90
N LEU C 368 -7.62 -43.03 33.45
CA LEU C 368 -7.59 -42.84 34.90
C LEU C 368 -8.90 -42.24 35.40
N TYR C 369 -9.38 -41.18 34.73
CA TYR C 369 -10.58 -40.51 35.20
C TYR C 369 -11.79 -41.43 35.14
N ASN C 370 -11.93 -42.18 34.04
CA ASN C 370 -13.04 -43.11 33.87
C ASN C 370 -12.58 -44.53 34.24
N SER C 371 -12.44 -44.75 35.54
CA SER C 371 -12.01 -46.03 36.08
C SER C 371 -12.96 -46.57 37.14
N ALA C 372 -13.52 -45.69 37.98
CA ALA C 372 -14.45 -46.03 39.06
C ALA C 372 -13.78 -46.78 40.20
N SER C 373 -12.49 -47.07 40.11
CA SER C 373 -11.77 -47.77 41.17
C SER C 373 -11.11 -46.83 42.15
N PHE C 374 -11.18 -45.52 41.92
CA PHE C 374 -10.58 -44.52 42.79
C PHE C 374 -11.68 -43.66 43.40
N SER C 375 -11.58 -43.43 44.70
CA SER C 375 -12.58 -42.65 45.44
C SER C 375 -12.16 -41.20 45.62
N THR C 376 -11.05 -40.78 45.02
CA THR C 376 -10.52 -39.43 45.19
C THR C 376 -10.03 -38.92 43.85
N PHE C 377 -10.74 -37.93 43.29
CA PHE C 377 -10.40 -37.31 42.00
C PHE C 377 -10.62 -35.81 42.16
N LYS C 378 -9.55 -35.09 42.50
CA LYS C 378 -9.62 -33.64 42.72
C LYS C 378 -8.55 -32.96 41.89
N CYS C 379 -8.95 -32.34 40.79
CA CYS C 379 -8.06 -31.60 39.91
C CYS C 379 -8.26 -30.11 40.14
N TYR C 380 -7.18 -29.41 40.48
CA TYR C 380 -7.20 -27.98 40.74
C TYR C 380 -6.29 -27.27 39.74
N GLY C 381 -6.77 -26.17 39.18
CA GLY C 381 -6.03 -25.44 38.18
C GLY C 381 -6.54 -25.72 36.78
N VAL C 382 -6.89 -26.98 36.52
CA VAL C 382 -7.46 -27.39 35.24
C VAL C 382 -8.64 -28.32 35.52
N SER C 383 -9.53 -28.42 34.54
CA SER C 383 -10.70 -29.28 34.69
C SER C 383 -10.27 -30.75 34.73
N PRO C 384 -10.98 -31.58 35.51
CA PRO C 384 -10.64 -33.01 35.50
C PRO C 384 -10.72 -33.64 34.13
N THR C 385 -11.70 -33.21 33.31
CA THR C 385 -11.81 -33.66 31.93
C THR C 385 -10.95 -32.76 31.04
N LYS C 386 -11.06 -32.95 29.73
CA LYS C 386 -10.36 -32.14 28.74
C LYS C 386 -8.87 -31.98 29.08
N LEU C 387 -8.32 -32.97 29.80
CA LEU C 387 -6.89 -32.98 30.09
C LEU C 387 -6.07 -33.48 28.92
N ASN C 388 -6.72 -34.11 27.93
CA ASN C 388 -6.02 -34.60 26.74
C ASN C 388 -5.64 -33.48 25.79
N ASP C 389 -6.15 -32.26 26.00
CA ASP C 389 -5.84 -31.12 25.15
C ASP C 389 -4.73 -30.25 25.69
N LEU C 390 -4.11 -30.63 26.81
CA LEU C 390 -3.06 -29.84 27.45
C LEU C 390 -1.74 -30.58 27.37
N CYS C 391 -0.67 -29.85 27.04
CA CYS C 391 0.67 -30.39 26.96
C CYS C 391 1.59 -29.55 27.85
N PHE C 392 2.37 -30.22 28.69
CA PHE C 392 3.24 -29.58 29.65
C PHE C 392 4.68 -30.05 29.46
N THR C 393 5.61 -29.30 30.08
CA THR C 393 7.02 -29.67 29.96
C THR C 393 7.36 -30.88 30.82
N ASN C 394 6.84 -30.93 32.05
CA ASN C 394 7.18 -32.00 32.97
C ASN C 394 5.99 -32.32 33.86
N VAL C 395 5.99 -33.52 34.42
CA VAL C 395 5.00 -33.97 35.38
C VAL C 395 5.73 -34.55 36.58
N TYR C 396 5.31 -34.15 37.78
CA TYR C 396 5.89 -34.64 39.03
C TYR C 396 4.82 -35.43 39.77
N ALA C 397 5.11 -36.70 40.05
CA ALA C 397 4.20 -37.59 40.75
C ALA C 397 4.74 -37.84 42.16
N ASP C 398 4.00 -37.37 43.15
CA ASP C 398 4.35 -37.57 44.56
C ASP C 398 3.35 -38.58 45.14
N SER C 399 3.85 -39.76 45.47
CA SER C 399 3.02 -40.87 45.92
C SER C 399 3.36 -41.22 47.37
N PHE C 400 2.34 -41.61 48.13
CA PHE C 400 2.51 -42.02 49.51
C PHE C 400 1.23 -42.71 49.97
N VAL C 401 1.20 -43.11 51.23
CA VAL C 401 0.06 -43.82 51.81
C VAL C 401 -0.28 -43.17 53.15
N ILE C 402 -1.58 -42.99 53.39
CA ILE C 402 -2.08 -42.43 54.64
C ILE C 402 -3.27 -43.26 55.07
N ARG C 403 -3.93 -42.86 56.16
CA ARG C 403 -5.18 -43.46 56.57
C ARG C 403 -6.35 -42.60 56.10
N GLY C 404 -7.51 -43.23 55.96
CA GLY C 404 -8.64 -42.58 55.30
C GLY C 404 -9.02 -41.26 55.95
N ASP C 405 -8.99 -41.20 57.28
CA ASP C 405 -9.41 -39.99 57.97
C ASP C 405 -8.58 -38.78 57.58
N GLU C 406 -7.37 -38.98 57.07
CA GLU C 406 -6.46 -37.89 56.73
C GLU C 406 -6.48 -37.55 55.24
N VAL C 407 -7.39 -38.15 54.46
CA VAL C 407 -7.47 -37.83 53.04
C VAL C 407 -7.96 -36.41 52.80
N ARG C 408 -8.57 -35.78 53.81
CA ARG C 408 -9.16 -34.47 53.61
C ARG C 408 -8.10 -33.37 53.53
N GLN C 409 -7.04 -33.49 54.32
CA GLN C 409 -6.09 -32.40 54.48
C GLN C 409 -5.27 -32.12 53.22
N ILE C 410 -5.30 -33.00 52.22
CA ILE C 410 -4.52 -32.82 51.00
C ILE C 410 -5.35 -31.95 50.07
N ALA C 411 -5.19 -30.63 50.21
CA ALA C 411 -5.85 -29.65 49.36
C ALA C 411 -5.31 -28.26 49.71
N PRO C 412 -5.33 -27.31 48.78
CA PRO C 412 -4.78 -25.99 49.07
C PRO C 412 -5.57 -25.27 50.15
N GLY C 413 -4.85 -24.51 50.97
CA GLY C 413 -5.46 -23.69 51.99
C GLY C 413 -5.89 -24.41 53.25
N GLN C 414 -5.60 -25.70 53.36
CA GLN C 414 -5.99 -26.49 54.53
C GLN C 414 -4.82 -26.64 55.50
N THR C 415 -5.18 -26.99 56.73
CA THR C 415 -4.20 -27.21 57.80
C THR C 415 -4.49 -28.53 58.48
N GLY C 416 -3.44 -29.16 58.99
CA GLY C 416 -3.59 -30.43 59.69
C GLY C 416 -2.24 -31.00 60.01
N LYS C 417 -2.27 -32.10 60.78
CA LYS C 417 -1.03 -32.75 61.21
C LYS C 417 -0.23 -33.23 60.00
N ILE C 418 -0.86 -34.00 59.12
CA ILE C 418 -0.15 -34.56 57.98
C ILE C 418 0.35 -33.45 57.07
N ALA C 419 -0.51 -32.48 56.76
CA ALA C 419 -0.12 -31.41 55.85
C ALA C 419 1.02 -30.59 56.42
N ASP C 420 0.94 -30.25 57.71
CA ASP C 420 1.92 -29.35 58.30
C ASP C 420 3.25 -30.04 58.61
N TYR C 421 3.22 -31.31 58.99
CA TYR C 421 4.42 -31.99 59.47
C TYR C 421 4.97 -33.06 58.55
N ASN C 422 4.15 -33.61 57.64
CA ASN C 422 4.56 -34.72 56.79
C ASN C 422 4.65 -34.35 55.32
N TYR C 423 3.64 -33.67 54.77
CA TYR C 423 3.61 -33.37 53.34
C TYR C 423 2.82 -32.09 53.13
N LYS C 424 3.51 -30.98 52.94
CA LYS C 424 2.90 -29.70 52.65
C LYS C 424 3.00 -29.39 51.17
N LEU C 425 1.89 -28.93 50.58
CA LEU C 425 1.81 -28.66 49.16
C LEU C 425 1.61 -27.17 48.92
N PRO C 426 1.99 -26.66 47.75
CA PRO C 426 1.82 -25.23 47.47
C PRO C 426 0.36 -24.84 47.44
N ASP C 427 0.09 -23.61 47.85
CA ASP C 427 -1.29 -23.12 47.88
C ASP C 427 -1.88 -23.00 46.49
N ASP C 428 -1.08 -22.57 45.51
CA ASP C 428 -1.56 -22.27 44.16
C ASP C 428 -0.97 -23.25 43.14
N PHE C 429 -0.88 -24.53 43.50
CA PHE C 429 -0.39 -25.53 42.57
C PHE C 429 -1.40 -25.79 41.46
N THR C 430 -0.89 -26.16 40.29
CA THR C 430 -1.71 -26.51 39.14
C THR C 430 -1.49 -28.00 38.87
N GLY C 431 -2.44 -28.82 39.31
CA GLY C 431 -2.33 -30.25 39.15
C GLY C 431 -3.59 -31.00 39.55
N CYS C 432 -3.44 -32.24 40.00
CA CYS C 432 -4.58 -33.05 40.40
C CYS C 432 -4.12 -34.11 41.38
N VAL C 433 -4.95 -34.36 42.40
CA VAL C 433 -4.68 -35.37 43.41
C VAL C 433 -5.61 -36.54 43.17
N ILE C 434 -5.03 -37.74 43.08
CA ILE C 434 -5.79 -38.98 42.95
C ILE C 434 -5.48 -39.83 44.17
N ALA C 435 -6.49 -40.58 44.62
CA ALA C 435 -6.28 -41.48 45.75
C ALA C 435 -7.41 -42.49 45.79
N TRP C 436 -7.15 -43.60 46.48
CA TRP C 436 -8.09 -44.71 46.55
C TRP C 436 -7.76 -45.56 47.76
N ASN C 437 -8.80 -46.19 48.31
CA ASN C 437 -8.60 -47.12 49.42
C ASN C 437 -7.73 -48.29 48.98
N SER C 438 -6.83 -48.70 49.86
CA SER C 438 -5.88 -49.78 49.60
C SER C 438 -5.84 -50.76 50.77
N ASN C 439 -7.02 -51.13 51.28
CA ASN C 439 -7.08 -52.05 52.41
C ASN C 439 -6.47 -53.40 52.04
N ASN C 440 -6.90 -53.98 50.91
CA ASN C 440 -6.44 -55.31 50.55
C ASN C 440 -4.95 -55.35 50.24
N LEU C 441 -4.33 -54.21 49.97
CA LEU C 441 -2.92 -54.15 49.61
C LEU C 441 -2.02 -53.61 50.70
N ASP C 442 -2.57 -52.94 51.71
CA ASP C 442 -1.76 -52.34 52.77
C ASP C 442 -2.12 -52.82 54.17
N SER C 443 -3.12 -53.69 54.30
CA SER C 443 -3.53 -54.21 55.60
C SER C 443 -2.93 -55.60 55.79
N LYS C 444 -2.31 -55.82 56.95
CA LYS C 444 -1.70 -57.09 57.28
C LYS C 444 -2.15 -57.53 58.67
N VAL C 445 -2.30 -58.84 58.85
CA VAL C 445 -2.72 -59.37 60.13
C VAL C 445 -1.65 -59.04 61.18
N GLY C 446 -2.11 -58.58 62.34
CA GLY C 446 -1.21 -58.20 63.42
C GLY C 446 -0.71 -56.77 63.34
N GLY C 447 -1.07 -56.03 62.30
CA GLY C 447 -0.66 -54.64 62.17
C GLY C 447 0.48 -54.45 61.19
N ASN C 448 0.24 -53.67 60.14
CA ASN C 448 1.28 -53.32 59.16
C ASN C 448 1.92 -52.02 59.62
N TYR C 449 3.04 -52.13 60.31
CA TYR C 449 3.70 -50.98 60.93
C TYR C 449 4.79 -50.38 60.06
N ASN C 450 4.97 -50.88 58.82
CA ASN C 450 6.01 -50.33 57.96
C ASN C 450 5.72 -48.87 57.61
N TYR C 451 4.46 -48.45 57.65
CA TYR C 451 4.10 -47.08 57.35
C TYR C 451 4.29 -46.20 58.58
N LEU C 452 5.01 -45.10 58.41
CA LEU C 452 5.32 -44.17 59.48
C LEU C 452 4.87 -42.77 59.10
N TYR C 453 4.63 -41.94 60.12
CA TYR C 453 4.23 -40.56 59.90
C TYR C 453 4.77 -39.70 61.02
N ARG C 454 5.36 -38.56 60.67
CA ARG C 454 5.95 -37.68 61.67
C ARG C 454 4.86 -36.92 62.44
N LEU C 455 5.06 -36.80 63.75
CA LEU C 455 4.11 -36.12 64.62
C LEU C 455 4.60 -34.72 65.02
N PHE C 456 5.80 -34.62 65.57
CA PHE C 456 6.27 -33.39 66.22
C PHE C 456 7.42 -32.76 65.44
N ARG C 457 7.32 -31.45 65.18
CA ARG C 457 8.37 -30.65 64.57
C ARG C 457 8.00 -29.18 64.69
N LYS C 458 9.00 -28.30 64.73
CA LYS C 458 8.86 -26.95 65.32
C LYS C 458 8.27 -25.89 64.39
N SER C 459 9.01 -25.55 63.33
CA SER C 459 8.67 -24.61 62.26
C SER C 459 7.38 -24.86 61.48
N ASN C 460 7.36 -24.51 60.20
CA ASN C 460 6.56 -25.27 59.24
C ASN C 460 7.44 -25.68 58.05
N LEU C 461 6.95 -26.69 57.32
CA LEU C 461 7.61 -27.19 56.11
C LEU C 461 7.25 -26.30 54.93
N LYS C 462 8.25 -25.93 54.13
CA LYS C 462 8.01 -25.08 52.97
C LYS C 462 7.61 -25.92 51.76
N PRO C 463 7.05 -25.30 50.72
CA PRO C 463 6.56 -26.07 49.58
C PRO C 463 7.65 -26.94 48.96
N PHE C 464 7.28 -28.16 48.62
CA PHE C 464 8.17 -29.12 47.96
C PHE C 464 9.46 -29.31 48.77
N GLU C 465 9.27 -29.69 50.03
CA GLU C 465 10.38 -30.00 50.93
C GLU C 465 10.28 -31.45 51.37
N ARG C 466 11.40 -32.16 51.27
CA ARG C 466 11.51 -33.55 51.68
C ARG C 466 12.49 -33.63 52.85
N ASP C 467 11.98 -33.94 54.04
CA ASP C 467 12.78 -34.01 55.25
C ASP C 467 12.82 -35.45 55.75
N ILE C 468 14.03 -35.96 55.97
CA ILE C 468 14.25 -37.32 56.46
C ILE C 468 14.89 -37.33 57.84
N SER C 469 15.12 -36.17 58.45
CA SER C 469 15.80 -36.12 59.74
C SER C 469 15.04 -36.95 60.77
N THR C 470 15.79 -37.72 61.56
CA THR C 470 15.21 -38.58 62.60
C THR C 470 15.64 -38.15 63.99
N GLU C 471 16.06 -36.91 64.16
CA GLU C 471 16.48 -36.42 65.47
C GLU C 471 15.31 -36.46 66.43
N ILE C 472 15.59 -36.84 67.68
CA ILE C 472 14.54 -36.97 68.69
C ILE C 472 13.95 -35.60 68.97
N TYR C 473 12.62 -35.51 68.92
CA TYR C 473 11.94 -34.26 69.17
C TYR C 473 12.12 -33.83 70.63
N GLN C 474 12.38 -32.55 70.83
CA GLN C 474 12.56 -31.98 72.16
C GLN C 474 11.29 -31.30 72.61
N ALA C 475 10.87 -31.59 73.84
CA ALA C 475 9.71 -30.95 74.46
C ALA C 475 10.11 -30.16 75.70
N GLY C 476 11.40 -30.15 76.04
CA GLY C 476 11.95 -29.19 76.97
C GLY C 476 12.15 -29.66 78.39
N SER C 477 13.37 -30.13 78.68
CA SER C 477 14.06 -29.87 79.92
C SER C 477 15.48 -29.42 79.68
N THR C 478 16.13 -29.98 78.67
CA THR C 478 17.44 -29.64 78.15
C THR C 478 17.49 -30.30 76.79
N PRO C 479 18.39 -29.94 75.88
CA PRO C 479 18.42 -30.62 74.59
C PRO C 479 18.61 -32.13 74.76
N CYS C 480 17.95 -32.89 73.88
CA CYS C 480 18.08 -34.33 73.95
C CYS C 480 19.53 -34.77 73.77
N ASN C 481 20.25 -34.10 72.87
CA ASN C 481 21.66 -34.42 72.61
C ASN C 481 21.82 -35.89 72.26
N GLY C 482 20.89 -36.40 71.45
CA GLY C 482 20.88 -37.82 71.13
C GLY C 482 20.61 -38.70 72.33
N VAL C 483 19.84 -38.20 73.30
CA VAL C 483 19.47 -38.96 74.49
C VAL C 483 18.01 -38.69 74.78
N GLU C 484 17.27 -39.75 75.10
CA GLU C 484 15.84 -39.66 75.34
C GLU C 484 15.57 -39.67 76.84
N GLY C 485 14.29 -39.72 77.20
CA GLY C 485 13.89 -39.69 78.60
C GLY C 485 12.77 -38.69 78.83
N PHE C 486 12.96 -37.79 79.80
CA PHE C 486 11.97 -36.77 80.08
C PHE C 486 12.05 -35.67 79.03
N ASN C 487 10.90 -35.30 78.47
CA ASN C 487 10.81 -34.20 77.52
C ASN C 487 11.67 -34.46 76.29
N CYS C 488 11.70 -35.72 75.85
CA CYS C 488 12.37 -36.12 74.62
C CYS C 488 11.58 -37.27 74.02
N TYR C 489 10.86 -37.00 72.94
CA TYR C 489 9.95 -37.97 72.34
C TYR C 489 10.32 -38.24 70.88
N PHE C 490 10.10 -39.47 70.45
CA PHE C 490 10.41 -39.84 69.07
C PHE C 490 9.45 -39.11 68.12
N PRO C 491 9.97 -38.42 67.09
CA PRO C 491 9.09 -37.56 66.29
C PRO C 491 7.95 -38.29 65.59
N LEU C 492 8.17 -39.52 65.13
CA LEU C 492 7.25 -40.19 64.21
C LEU C 492 6.63 -41.42 64.86
N GLN C 493 5.45 -41.79 64.36
CA GLN C 493 4.65 -42.88 64.90
C GLN C 493 4.17 -43.76 63.77
N SER C 494 3.86 -45.01 64.09
CA SER C 494 3.43 -46.00 63.11
C SER C 494 1.92 -46.10 63.07
N TYR C 495 1.37 -46.18 61.85
CA TYR C 495 -0.06 -46.34 61.69
C TYR C 495 -0.52 -47.72 62.16
N GLY C 496 0.18 -48.77 61.75
CA GLY C 496 -0.18 -50.12 62.13
C GLY C 496 -1.52 -50.56 61.57
N PHE C 497 -1.60 -50.71 60.26
CA PHE C 497 -2.85 -51.07 59.61
C PHE C 497 -3.16 -52.56 59.81
N GLN C 498 -4.44 -52.86 60.00
CA GLN C 498 -4.93 -54.20 60.20
C GLN C 498 -6.05 -54.49 59.21
N PRO C 499 -6.32 -55.77 58.93
CA PRO C 499 -7.42 -56.08 57.98
C PRO C 499 -8.77 -55.58 58.44
N THR C 500 -9.02 -55.50 59.75
CA THR C 500 -10.30 -55.08 60.29
C THR C 500 -10.38 -53.57 60.51
N ASN C 501 -9.61 -52.79 59.75
CA ASN C 501 -9.61 -51.35 59.91
C ASN C 501 -10.97 -50.77 59.55
N GLY C 502 -11.34 -49.68 60.24
CA GLY C 502 -12.52 -48.93 59.88
C GLY C 502 -12.29 -48.12 58.61
N VAL C 503 -13.39 -47.62 58.05
CA VAL C 503 -13.30 -46.87 56.80
C VAL C 503 -12.39 -45.67 56.97
N GLY C 504 -12.53 -44.95 58.08
CA GLY C 504 -11.65 -43.81 58.32
C GLY C 504 -10.21 -44.21 58.53
N TYR C 505 -9.98 -45.29 59.28
CA TYR C 505 -8.63 -45.74 59.60
C TYR C 505 -8.03 -46.67 58.55
N GLN C 506 -8.83 -47.10 57.56
CA GLN C 506 -8.31 -47.98 56.53
C GLN C 506 -7.26 -47.25 55.70
N PRO C 507 -6.26 -47.97 55.18
CA PRO C 507 -5.21 -47.30 54.39
C PRO C 507 -5.74 -46.75 53.08
N TYR C 508 -5.11 -45.67 52.62
CA TYR C 508 -5.46 -45.02 51.37
C TYR C 508 -4.18 -44.63 50.64
N ARG C 509 -4.07 -45.00 49.38
CA ARG C 509 -2.94 -44.61 48.54
C ARG C 509 -3.26 -43.28 47.88
N VAL C 510 -2.31 -42.35 47.93
CA VAL C 510 -2.49 -40.99 47.41
C VAL C 510 -1.34 -40.69 46.46
N VAL C 511 -1.67 -40.13 45.29
CA VAL C 511 -0.69 -39.70 44.31
C VAL C 511 -1.10 -38.31 43.82
N VAL C 512 -0.19 -37.34 43.93
CA VAL C 512 -0.42 -35.98 43.47
C VAL C 512 0.41 -35.76 42.22
N LEU C 513 -0.27 -35.40 41.13
CA LEU C 513 0.37 -35.14 39.84
C LEU C 513 0.39 -33.64 39.60
N SER C 514 1.59 -33.05 39.60
CA SER C 514 1.77 -31.63 39.37
C SER C 514 2.36 -31.42 37.99
N PHE C 515 1.75 -30.51 37.22
CA PHE C 515 2.17 -30.23 35.86
C PHE C 515 3.01 -28.95 35.85
N GLU C 516 4.23 -29.05 35.31
CA GLU C 516 5.15 -27.93 35.25
C GLU C 516 5.30 -27.51 33.78
N LEU C 517 5.05 -26.23 33.51
CA LEU C 517 5.20 -25.67 32.18
C LEU C 517 5.95 -24.35 32.28
N LEU C 518 6.91 -24.15 31.39
CA LEU C 518 7.69 -22.92 31.36
C LEU C 518 7.79 -22.38 29.94
N PRO C 521 9.98 -25.86 25.89
CA PRO C 521 9.19 -26.67 24.97
C PRO C 521 8.48 -27.83 25.67
N ALA C 522 7.15 -27.85 25.60
CA ALA C 522 6.39 -28.92 26.24
C ALA C 522 6.79 -30.28 25.66
N THR C 523 6.97 -31.25 26.56
CA THR C 523 7.45 -32.57 26.17
C THR C 523 6.39 -33.66 26.25
N VAL C 524 5.47 -33.57 27.21
CA VAL C 524 4.42 -34.56 27.38
C VAL C 524 3.09 -33.94 26.95
N CYS C 525 2.51 -34.46 25.89
CA CYS C 525 1.27 -33.96 25.31
C CYS C 525 0.16 -35.01 25.47
N GLY C 526 -1.00 -34.70 24.93
CA GLY C 526 -2.16 -35.56 25.05
C GLY C 526 -2.14 -36.68 24.03
N PRO C 527 -3.05 -37.65 24.22
CA PRO C 527 -3.08 -38.83 23.34
C PRO C 527 -3.14 -38.44 21.88
N LYS C 528 -4.05 -41.94 19.60
CA LYS C 528 -4.15 -41.30 18.30
C LYS C 528 -4.86 -42.19 17.31
N LYS C 529 -7.58 -41.38 18.96
CA LYS C 529 -8.51 -42.01 18.02
C LYS C 529 -8.67 -41.22 16.73
N SER C 530 -7.76 -41.51 15.81
CA SER C 530 -7.91 -41.19 14.40
C SER C 530 -9.27 -41.66 13.90
N THR C 531 -9.68 -41.19 12.72
CA THR C 531 -10.95 -41.60 12.14
C THR C 531 -10.70 -42.40 10.86
N ASN C 532 -11.77 -42.73 10.15
CA ASN C 532 -11.66 -43.50 8.93
C ASN C 532 -11.49 -42.57 7.72
N LEU C 533 -10.99 -43.15 6.64
CA LEU C 533 -10.72 -42.42 5.41
C LEU C 533 -11.88 -42.59 4.44
N VAL C 534 -12.35 -41.47 3.89
CA VAL C 534 -13.40 -41.46 2.89
C VAL C 534 -12.90 -40.71 1.66
N LYS C 535 -13.22 -41.22 0.48
CA LYS C 535 -12.71 -40.69 -0.77
C LYS C 535 -13.85 -40.28 -1.68
N ASN C 536 -13.53 -39.39 -2.63
CA ASN C 536 -14.45 -38.99 -3.69
C ASN C 536 -15.57 -38.09 -3.17
N LYS C 537 -15.30 -37.33 -2.12
CA LYS C 537 -16.27 -36.37 -1.60
C LYS C 537 -15.52 -35.16 -1.06
N CYS C 538 -16.15 -34.00 -1.17
CA CYS C 538 -15.60 -32.79 -0.54
C CYS C 538 -15.56 -33.01 0.96
N VAL C 539 -14.36 -33.10 1.52
CA VAL C 539 -14.16 -33.46 2.91
C VAL C 539 -13.16 -32.50 3.54
N ASN C 540 -13.41 -32.16 4.80
CA ASN C 540 -12.45 -31.40 5.60
C ASN C 540 -11.55 -32.40 6.30
N PHE C 541 -10.27 -32.41 5.92
CA PHE C 541 -9.34 -33.44 6.35
C PHE C 541 -8.22 -32.82 7.19
N ASN C 542 -7.70 -33.63 8.12
CA ASN C 542 -6.56 -33.24 8.95
C ASN C 542 -5.58 -34.41 8.99
N PHE C 543 -4.46 -34.27 8.29
CA PHE C 543 -3.41 -35.29 8.24
C PHE C 543 -2.19 -34.76 8.98
N ASN C 544 -2.00 -35.23 10.21
CA ASN C 544 -0.82 -34.88 11.01
C ASN C 544 -0.60 -33.38 11.03
N GLY C 545 -1.60 -32.66 11.55
CA GLY C 545 -1.54 -31.22 11.66
C GLY C 545 -1.81 -30.46 10.38
N LEU C 546 -1.70 -31.11 9.23
CA LEU C 546 -1.98 -30.47 7.95
C LEU C 546 -3.49 -30.49 7.72
N THR C 547 -4.13 -29.33 7.87
CA THR C 547 -5.57 -29.21 7.73
C THR C 547 -5.91 -28.62 6.36
N GLY C 548 -6.96 -29.16 5.75
CA GLY C 548 -7.37 -28.68 4.44
C GLY C 548 -8.77 -29.16 4.11
N THR C 549 -9.26 -28.71 2.96
CA THR C 549 -10.56 -29.09 2.45
C THR C 549 -10.42 -29.52 1.00
N GLY C 550 -11.10 -30.59 0.64
CA GLY C 550 -11.04 -31.11 -0.71
C GLY C 550 -11.43 -32.56 -0.74
N VAL C 551 -11.32 -33.14 -1.94
CA VAL C 551 -11.66 -34.53 -2.18
C VAL C 551 -10.38 -35.34 -2.33
N LEU C 552 -10.32 -36.47 -1.63
CA LEU C 552 -9.17 -37.37 -1.68
C LEU C 552 -9.44 -38.48 -2.66
N THR C 553 -8.48 -38.74 -3.55
CA THR C 553 -8.61 -39.77 -4.56
C THR C 553 -7.32 -40.58 -4.64
N GLU C 554 -7.43 -41.81 -5.14
CA GLU C 554 -6.25 -42.63 -5.35
C GLU C 554 -5.31 -41.94 -6.33
N SER C 555 -4.01 -42.03 -6.04
CA SER C 555 -2.99 -41.31 -6.79
C SER C 555 -1.95 -42.27 -7.33
N ASN C 556 -1.44 -41.98 -8.51
CA ASN C 556 -0.35 -42.74 -9.11
C ASN C 556 1.02 -42.24 -8.68
N LYS C 557 1.09 -41.10 -7.99
CA LYS C 557 2.38 -40.58 -7.54
C LYS C 557 3.02 -41.53 -6.55
N LYS C 558 4.34 -41.60 -6.59
CA LYS C 558 5.14 -42.46 -5.72
C LYS C 558 5.99 -41.57 -4.82
N PHE C 559 5.67 -41.56 -3.53
CA PHE C 559 6.42 -40.79 -2.56
C PHE C 559 7.60 -41.59 -2.02
N LEU C 560 8.65 -40.88 -1.63
CA LEU C 560 9.76 -41.54 -0.97
C LEU C 560 9.38 -41.95 0.44
N PRO C 561 10.11 -42.91 1.03
CA PRO C 561 9.74 -43.37 2.38
C PRO C 561 9.70 -42.26 3.41
N PHE C 562 10.55 -41.24 3.28
CA PHE C 562 10.66 -40.18 4.27
C PHE C 562 9.80 -38.96 3.94
N GLN C 563 9.06 -38.98 2.84
CA GLN C 563 8.23 -37.85 2.44
C GLN C 563 6.78 -38.12 2.80
N GLN C 564 6.13 -37.14 3.44
CA GLN C 564 4.76 -37.29 3.89
C GLN C 564 3.77 -36.74 2.85
N PHE C 565 3.88 -35.46 2.53
CA PHE C 565 2.96 -34.80 1.62
C PHE C 565 3.72 -34.09 0.51
N GLY C 566 3.08 -33.98 -0.65
CA GLY C 566 3.68 -33.37 -1.82
C GLY C 566 2.96 -32.10 -2.22
N ARG C 567 3.73 -31.08 -2.56
CA ARG C 567 3.21 -29.77 -2.90
C ARG C 567 3.42 -29.51 -4.38
N ASP C 568 2.36 -29.08 -5.06
CA ASP C 568 2.46 -28.65 -6.43
C ASP C 568 3.21 -27.31 -6.49
N ILE C 569 3.53 -26.89 -7.71
CA ILE C 569 4.14 -25.58 -7.90
C ILE C 569 3.30 -24.54 -7.15
N ALA C 570 3.98 -23.54 -6.59
CA ALA C 570 3.40 -22.50 -5.74
C ALA C 570 3.19 -22.99 -4.31
N ASP C 571 3.73 -24.14 -3.95
CA ASP C 571 3.72 -24.64 -2.57
C ASP C 571 2.30 -24.91 -2.07
N THR C 572 1.35 -25.17 -2.97
CA THR C 572 0.02 -25.57 -2.57
C THR C 572 -0.03 -27.08 -2.45
N THR C 573 -0.59 -27.56 -1.33
CA THR C 573 -0.63 -29.00 -1.09
C THR C 573 -1.36 -29.70 -2.24
N ASP C 574 -0.76 -30.78 -2.73
CA ASP C 574 -1.30 -31.52 -3.86
C ASP C 574 -1.58 -32.98 -3.54
N ALA C 575 -0.77 -33.62 -2.69
CA ALA C 575 -1.00 -34.99 -2.29
C ALA C 575 -0.54 -35.15 -0.85
N VAL C 576 -1.09 -36.15 -0.18
CA VAL C 576 -0.78 -36.42 1.23
C VAL C 576 -0.76 -37.93 1.43
N ARG C 577 0.18 -38.40 2.25
CA ARG C 577 0.29 -39.80 2.61
C ARG C 577 -0.40 -39.99 3.96
N ASP C 578 -1.44 -40.81 3.99
CA ASP C 578 -2.14 -41.05 5.24
C ASP C 578 -1.24 -41.89 6.15
N PRO C 579 -0.85 -41.39 7.32
CA PRO C 579 0.17 -42.11 8.11
C PRO C 579 -0.26 -43.50 8.55
N GLN C 580 -1.56 -43.75 8.74
CA GLN C 580 -1.99 -45.01 9.32
C GLN C 580 -1.63 -46.19 8.42
N THR C 581 -1.85 -46.07 7.12
CA THR C 581 -1.55 -47.15 6.18
C THR C 581 -0.61 -46.71 5.07
N LEU C 582 -0.06 -45.50 5.15
CA LEU C 582 0.97 -45.04 4.21
C LEU C 582 0.45 -45.00 2.78
N GLU C 583 -0.85 -44.79 2.61
CA GLU C 583 -1.44 -44.65 1.28
C GLU C 583 -1.32 -43.21 0.81
N ILE C 584 -0.86 -43.02 -0.41
CA ILE C 584 -0.69 -41.70 -0.99
C ILE C 584 -2.00 -41.33 -1.70
N LEU C 585 -2.57 -40.20 -1.33
CA LEU C 585 -3.86 -39.75 -1.85
C LEU C 585 -3.69 -38.37 -2.46
N ASP C 586 -4.21 -38.20 -3.67
CA ASP C 586 -4.21 -36.89 -4.32
C ASP C 586 -5.36 -36.06 -3.77
N ILE C 587 -5.05 -34.83 -3.37
CA ILE C 587 -6.06 -33.89 -2.89
C ILE C 587 -6.47 -32.98 -4.02
N THR C 588 -7.76 -32.95 -4.33
CA THR C 588 -8.29 -32.04 -5.32
C THR C 588 -9.31 -31.13 -4.65
N PRO C 589 -9.25 -29.82 -4.88
CA PRO C 589 -10.28 -28.94 -4.33
C PRO C 589 -11.63 -29.37 -4.85
N CYS C 590 -12.53 -29.72 -3.93
CA CYS C 590 -13.87 -30.10 -4.34
C CYS C 590 -14.49 -28.96 -5.12
N SER C 591 -15.24 -29.31 -6.16
CA SER C 591 -15.60 -28.34 -7.18
C SER C 591 -16.18 -27.06 -6.60
N PHE C 592 -15.99 -25.98 -7.35
CA PHE C 592 -16.55 -24.66 -7.20
C PHE C 592 -16.33 -23.94 -8.52
N GLY C 593 -17.10 -22.89 -8.73
CA GLY C 593 -16.97 -22.13 -9.94
C GLY C 593 -18.15 -21.19 -10.11
N GLY C 594 -18.06 -20.37 -11.15
CA GLY C 594 -19.04 -19.33 -11.37
C GLY C 594 -20.35 -19.81 -11.99
N VAL C 595 -21.42 -19.27 -11.40
CA VAL C 595 -22.73 -19.01 -12.03
C VAL C 595 -22.90 -17.70 -12.77
N SER C 596 -23.09 -17.90 -14.08
CA SER C 596 -23.57 -16.99 -15.08
C SER C 596 -25.03 -17.31 -15.41
N VAL C 597 -25.81 -16.26 -15.61
CA VAL C 597 -27.24 -16.40 -15.87
C VAL C 597 -27.46 -15.88 -17.28
N ILE C 598 -28.08 -16.70 -18.14
CA ILE C 598 -28.33 -16.33 -19.54
C ILE C 598 -29.79 -15.95 -19.69
N THR C 599 -30.03 -14.70 -20.03
CA THR C 599 -31.38 -14.19 -20.17
C THR C 599 -31.55 -13.65 -21.58
N PRO C 600 -32.69 -13.89 -22.23
CA PRO C 600 -33.01 -13.20 -23.48
C PRO C 600 -33.52 -11.77 -23.30
N GLY C 601 -33.58 -11.30 -22.05
CA GLY C 601 -34.17 -10.02 -21.70
C GLY C 601 -35.54 -10.15 -21.04
N THR C 602 -35.66 -9.62 -19.81
CA THR C 602 -37.00 -9.49 -19.25
C THR C 602 -37.97 -8.98 -20.30
N ASN C 603 -37.57 -8.01 -21.12
CA ASN C 603 -38.47 -7.47 -22.12
C ASN C 603 -39.12 -8.55 -22.95
N THR C 604 -38.36 -9.58 -23.33
CA THR C 604 -38.81 -10.64 -24.23
C THR C 604 -39.47 -11.81 -23.52
N SER C 605 -38.85 -12.27 -22.44
CA SER C 605 -39.37 -13.40 -21.67
C SER C 605 -38.59 -13.54 -20.37
N ASN C 606 -39.26 -14.05 -19.36
CA ASN C 606 -38.70 -14.23 -18.05
C ASN C 606 -37.95 -15.55 -17.91
N GLN C 607 -37.90 -16.37 -18.98
CA GLN C 607 -37.19 -17.64 -18.94
C GLN C 607 -35.68 -17.41 -18.97
N VAL C 608 -34.97 -18.20 -18.18
CA VAL C 608 -33.54 -18.00 -17.92
C VAL C 608 -32.80 -19.29 -18.18
N ALA C 609 -31.45 -19.19 -18.30
CA ALA C 609 -30.56 -20.33 -18.21
C ALA C 609 -29.31 -20.05 -17.37
N VAL C 610 -29.08 -21.01 -16.46
CA VAL C 610 -27.80 -21.26 -15.79
C VAL C 610 -26.77 -22.13 -16.50
N LEU C 611 -25.55 -21.54 -16.47
CA LEU C 611 -24.26 -22.08 -16.86
C LEU C 611 -23.38 -22.16 -15.62
N TYR C 612 -23.09 -23.37 -15.18
CA TYR C 612 -22.12 -23.60 -14.11
C TYR C 612 -20.75 -23.82 -14.74
N GLN C 613 -19.81 -22.90 -14.47
CA GLN C 613 -18.58 -22.80 -15.24
C GLN C 613 -17.47 -23.66 -14.65
N ASP C 614 -16.87 -24.50 -15.50
CA ASP C 614 -15.79 -25.40 -15.11
C ASP C 614 -16.23 -26.30 -13.96
N VAL C 615 -17.51 -26.68 -13.99
CA VAL C 615 -18.10 -27.59 -13.01
C VAL C 615 -18.70 -28.79 -13.75
N ASN C 616 -18.29 -29.99 -13.33
CA ASN C 616 -18.97 -31.21 -13.71
C ASN C 616 -20.27 -31.31 -12.91
N CYS C 617 -21.38 -31.04 -13.59
CA CYS C 617 -22.67 -30.87 -12.93
C CYS C 617 -23.36 -32.19 -12.68
N THR C 618 -22.65 -33.30 -12.75
CA THR C 618 -23.11 -34.47 -12.02
C THR C 618 -23.11 -34.21 -10.53
N GLU C 619 -22.32 -33.24 -10.08
CA GLU C 619 -22.27 -32.82 -8.69
C GLU C 619 -23.07 -31.53 -8.47
N VAL C 620 -24.38 -31.59 -8.67
CA VAL C 620 -25.25 -30.46 -8.35
C VAL C 620 -26.54 -30.97 -7.70
N ASN C 641 -32.73 -30.66 -18.83
CA ASN C 641 -32.03 -30.33 -20.05
C ASN C 641 -30.55 -29.99 -19.81
N VAL C 642 -29.94 -30.69 -18.85
CA VAL C 642 -28.54 -30.49 -18.49
C VAL C 642 -27.69 -30.84 -19.69
N PHE C 643 -26.86 -29.89 -20.17
CA PHE C 643 -26.14 -30.19 -21.40
C PHE C 643 -24.71 -29.77 -21.09
N GLN C 644 -23.74 -30.61 -21.46
CA GLN C 644 -22.36 -30.42 -21.04
C GLN C 644 -21.55 -29.75 -22.14
N THR C 645 -20.80 -28.72 -21.75
CA THR C 645 -19.96 -27.96 -22.66
C THR C 645 -18.59 -27.73 -22.04
N ARG C 646 -17.64 -27.34 -22.89
CA ARG C 646 -16.28 -27.11 -22.44
C ARG C 646 -16.17 -25.92 -21.50
N ALA C 647 -17.20 -25.08 -21.45
CA ALA C 647 -17.25 -23.96 -20.54
C ALA C 647 -17.89 -24.32 -19.20
N GLY C 648 -18.35 -25.56 -19.06
CA GLY C 648 -19.06 -26.00 -17.87
C GLY C 648 -20.24 -26.88 -18.25
N CYS C 649 -21.40 -26.64 -17.63
CA CYS C 649 -22.66 -27.20 -18.11
C CYS C 649 -23.67 -26.08 -18.21
N LEU C 650 -24.66 -26.27 -19.07
CA LEU C 650 -25.82 -25.39 -19.16
C LEU C 650 -27.08 -26.14 -18.73
N ILE C 651 -27.89 -25.48 -17.92
CA ILE C 651 -29.16 -26.01 -17.46
C ILE C 651 -30.25 -25.06 -17.93
N GLY C 652 -31.41 -25.60 -18.27
CA GLY C 652 -32.52 -24.81 -18.75
C GLY C 652 -32.53 -24.51 -20.23
N ALA C 653 -31.47 -24.83 -20.97
CA ALA C 653 -31.36 -24.51 -22.39
C ALA C 653 -31.26 -25.76 -23.23
N GLU C 654 -32.17 -25.88 -24.21
CA GLU C 654 -32.27 -27.06 -25.03
C GLU C 654 -31.13 -27.09 -26.03
N HIS C 655 -30.37 -28.19 -26.03
CA HIS C 655 -29.49 -28.49 -27.13
C HIS C 655 -30.05 -28.71 -28.50
N VAL C 656 -29.48 -27.94 -29.47
CA VAL C 656 -29.89 -28.17 -30.82
C VAL C 656 -28.60 -28.29 -31.60
N ASN C 657 -28.68 -29.02 -32.72
CA ASN C 657 -27.63 -29.28 -33.70
C ASN C 657 -27.58 -28.35 -34.89
N ASN C 658 -28.30 -27.24 -34.85
CA ASN C 658 -28.61 -26.51 -36.04
C ASN C 658 -27.27 -25.75 -36.17
N SER C 659 -27.17 -24.60 -36.85
CA SER C 659 -26.15 -23.61 -36.50
C SER C 659 -26.51 -22.21 -37.01
N TYR C 660 -26.72 -21.28 -36.08
CA TYR C 660 -27.09 -19.91 -36.37
C TYR C 660 -25.89 -18.99 -36.12
N GLU C 661 -26.08 -17.70 -36.37
CA GLU C 661 -25.18 -16.67 -35.85
C GLU C 661 -25.24 -16.64 -34.33
N CYS C 662 -24.11 -16.36 -33.69
CA CYS C 662 -24.07 -16.26 -32.24
C CYS C 662 -24.90 -15.10 -31.73
N ASP C 663 -25.75 -15.37 -30.75
CA ASP C 663 -26.55 -14.32 -30.14
C ASP C 663 -26.00 -13.98 -28.76
N ILE C 664 -26.05 -14.93 -27.84
CA ILE C 664 -25.49 -14.78 -26.51
C ILE C 664 -24.27 -15.70 -26.44
N PRO C 665 -23.06 -15.16 -26.32
CA PRO C 665 -21.86 -16.03 -26.36
C PRO C 665 -21.65 -16.73 -25.03
N ILE C 666 -21.77 -18.07 -25.01
CA ILE C 666 -21.37 -18.80 -23.83
C ILE C 666 -19.89 -19.16 -23.79
N GLY C 667 -19.27 -19.63 -24.88
CA GLY C 667 -17.87 -19.97 -24.79
C GLY C 667 -17.54 -21.32 -25.39
N ALA C 668 -16.27 -21.53 -25.72
CA ALA C 668 -15.84 -22.78 -26.32
C ALA C 668 -16.57 -23.05 -27.61
N GLY C 669 -17.06 -21.99 -28.24
CA GLY C 669 -17.82 -22.17 -29.46
C GLY C 669 -19.25 -22.53 -29.27
N ILE C 670 -19.80 -22.40 -28.11
CA ILE C 670 -21.24 -22.41 -27.99
C ILE C 670 -21.84 -21.13 -27.51
N CYS C 671 -23.00 -20.85 -28.07
CA CYS C 671 -23.79 -19.67 -27.93
C CYS C 671 -25.22 -20.10 -27.65
N ALA C 672 -25.99 -19.17 -27.14
CA ALA C 672 -27.39 -19.38 -26.82
C ALA C 672 -28.22 -18.36 -27.56
N SER C 673 -29.53 -18.65 -27.65
CA SER C 673 -30.49 -17.81 -28.35
C SER C 673 -31.90 -18.25 -27.98
N TYR C 674 -32.85 -17.37 -28.27
CA TYR C 674 -34.22 -17.55 -27.85
C TYR C 674 -35.07 -17.88 -29.06
N SER C 691 -38.40 -20.89 -26.04
CA SER C 691 -37.44 -21.66 -25.26
C SER C 691 -36.02 -21.30 -25.62
N ILE C 692 -35.12 -21.37 -24.64
CA ILE C 692 -33.73 -20.93 -24.81
C ILE C 692 -32.96 -22.11 -25.37
N ILE C 693 -32.33 -21.91 -26.54
CA ILE C 693 -31.64 -22.96 -27.26
C ILE C 693 -30.14 -22.69 -27.28
N ALA C 694 -29.37 -23.76 -27.04
CA ALA C 694 -27.91 -23.72 -27.07
C ALA C 694 -27.38 -24.53 -28.25
N TYR C 695 -26.65 -23.85 -29.15
CA TYR C 695 -26.12 -24.44 -30.39
C TYR C 695 -24.63 -24.15 -30.50
N THR C 696 -24.09 -24.37 -31.71
CA THR C 696 -22.66 -24.22 -31.97
C THR C 696 -22.52 -23.16 -33.06
N MET C 697 -21.99 -22.00 -32.71
CA MET C 697 -22.19 -20.84 -33.58
C MET C 697 -21.71 -21.19 -35.00
N SER C 698 -22.38 -20.62 -36.00
CA SER C 698 -21.99 -20.73 -37.40
C SER C 698 -21.29 -19.47 -37.78
N LEU C 699 -20.09 -19.68 -38.16
CA LEU C 699 -19.15 -18.91 -38.89
C LEU C 699 -19.48 -18.02 -40.04
N GLY C 700 -20.60 -18.37 -40.71
CA GLY C 700 -21.24 -17.60 -41.74
C GLY C 700 -21.54 -18.42 -42.93
N ALA C 701 -22.32 -17.86 -43.87
CA ALA C 701 -22.71 -18.58 -45.10
C ALA C 701 -21.46 -19.09 -45.81
N GLU C 702 -21.33 -20.42 -45.90
CA GLU C 702 -20.16 -21.05 -46.50
C GLU C 702 -20.41 -21.20 -47.99
N ASN C 703 -19.67 -20.46 -48.80
CA ASN C 703 -19.83 -20.43 -50.24
C ASN C 703 -18.48 -20.61 -50.90
N SER C 704 -18.42 -21.48 -51.90
CA SER C 704 -17.19 -21.72 -52.65
C SER C 704 -17.19 -20.85 -53.89
N VAL C 705 -16.12 -20.09 -54.08
CA VAL C 705 -16.01 -19.20 -55.23
C VAL C 705 -15.74 -20.04 -56.46
N ALA C 706 -16.48 -19.76 -57.54
CA ALA C 706 -16.34 -20.52 -58.78
C ALA C 706 -15.03 -20.12 -59.46
N TYR C 707 -13.94 -20.61 -58.90
CA TYR C 707 -12.62 -20.31 -59.44
C TYR C 707 -12.33 -21.09 -60.71
N SER C 708 -11.80 -20.39 -61.71
CA SER C 708 -11.21 -21.01 -62.89
C SER C 708 -10.09 -20.08 -63.41
N ASN C 709 -8.86 -20.61 -63.66
CA ASN C 709 -7.61 -19.96 -64.11
C ASN C 709 -7.81 -19.06 -65.32
N ASN C 710 -9.00 -19.06 -65.90
CA ASN C 710 -9.34 -18.13 -66.97
C ASN C 710 -10.74 -17.59 -66.78
N SER C 711 -11.10 -17.23 -65.55
CA SER C 711 -12.41 -16.70 -65.25
C SER C 711 -12.29 -15.55 -64.28
N ILE C 712 -12.98 -14.44 -64.58
CA ILE C 712 -13.03 -13.28 -63.71
C ILE C 712 -14.49 -12.91 -63.51
N ALA C 713 -14.76 -12.21 -62.41
CA ALA C 713 -16.08 -11.72 -62.09
C ALA C 713 -15.98 -10.21 -61.98
N ILE C 714 -16.78 -9.48 -62.76
CA ILE C 714 -16.72 -8.01 -62.76
C ILE C 714 -18.09 -7.44 -62.37
N PRO C 715 -18.15 -6.44 -61.49
CA PRO C 715 -19.45 -5.85 -61.11
C PRO C 715 -20.01 -4.93 -62.19
N THR C 716 -21.35 -4.98 -62.37
CA THR C 716 -22.06 -4.23 -63.40
C THR C 716 -22.89 -3.08 -62.85
N ASN C 717 -23.23 -3.15 -61.56
CA ASN C 717 -23.72 -2.15 -60.61
C ASN C 717 -22.90 -1.90 -59.37
N PHE C 718 -23.30 -0.80 -58.72
CA PHE C 718 -22.68 -0.33 -57.50
C PHE C 718 -23.76 0.17 -56.56
N THR C 719 -23.33 0.38 -55.32
CA THR C 719 -24.13 0.87 -54.23
C THR C 719 -23.36 1.85 -53.38
N ILE C 720 -24.04 2.95 -53.03
CA ILE C 720 -23.47 4.01 -52.20
C ILE C 720 -23.94 3.75 -50.77
N SER C 721 -23.06 3.17 -49.99
CA SER C 721 -23.36 2.74 -48.64
C SER C 721 -22.83 3.78 -47.65
N VAL C 722 -23.68 4.19 -46.72
CA VAL C 722 -23.33 5.14 -45.67
C VAL C 722 -23.34 4.41 -44.34
N THR C 723 -22.18 4.36 -43.69
CA THR C 723 -22.04 3.74 -42.37
C THR C 723 -21.77 4.84 -41.34
N THR C 724 -21.93 4.46 -40.07
CA THR C 724 -21.68 5.35 -38.95
C THR C 724 -20.61 4.72 -38.08
N GLU C 725 -19.57 5.48 -37.78
CA GLU C 725 -18.53 5.04 -36.85
C GLU C 725 -18.51 5.98 -35.66
N ILE C 726 -18.71 5.46 -34.44
CA ILE C 726 -18.71 6.36 -33.29
C ILE C 726 -17.38 6.12 -32.57
N LEU C 727 -16.74 7.20 -32.14
CA LEU C 727 -15.45 7.14 -31.46
C LEU C 727 -15.48 8.07 -30.27
N PRO C 728 -15.26 7.59 -29.04
CA PRO C 728 -15.14 8.53 -27.93
C PRO C 728 -13.92 9.42 -28.07
N VAL C 729 -14.15 10.69 -27.78
CA VAL C 729 -13.11 11.70 -27.60
C VAL C 729 -12.80 12.02 -26.15
N SER C 730 -13.78 12.21 -25.27
CA SER C 730 -13.51 12.96 -24.06
C SER C 730 -14.33 12.39 -22.93
N MET C 731 -13.85 12.60 -21.71
CA MET C 731 -14.52 12.11 -20.53
C MET C 731 -14.82 13.29 -19.64
N THR C 732 -15.69 13.05 -18.66
CA THR C 732 -16.01 14.08 -17.69
C THR C 732 -14.75 14.52 -16.95
N LYS C 733 -14.57 15.83 -16.85
CA LYS C 733 -13.46 16.40 -16.11
C LYS C 733 -13.84 16.50 -14.64
N THR C 734 -13.28 15.62 -13.80
CA THR C 734 -13.51 15.64 -12.36
C THR C 734 -12.24 16.01 -11.59
N SER C 735 -12.45 16.80 -10.56
CA SER C 735 -11.52 17.31 -9.55
C SER C 735 -12.02 16.92 -8.18
N VAL C 736 -11.12 16.53 -7.29
CA VAL C 736 -11.53 16.01 -5.99
C VAL C 736 -10.73 16.74 -4.94
N ASP C 737 -11.40 17.38 -4.00
CA ASP C 737 -10.70 18.02 -2.90
C ASP C 737 -10.35 16.91 -1.92
N CYS C 738 -9.08 16.49 -1.94
CA CYS C 738 -8.64 15.36 -1.13
C CYS C 738 -8.87 15.63 0.36
N THR C 739 -8.47 16.81 0.83
CA THR C 739 -8.68 17.16 2.22
C THR C 739 -10.13 16.98 2.60
N MET C 740 -11.07 17.55 1.83
CA MET C 740 -12.39 17.65 2.37
C MET C 740 -13.04 16.24 2.29
N TYR C 741 -12.64 15.46 1.28
CA TYR C 741 -13.35 14.32 0.85
C TYR C 741 -13.00 13.31 1.93
N ILE C 742 -11.63 13.30 2.40
CA ILE C 742 -11.05 12.47 3.48
C ILE C 742 -11.58 12.90 4.83
N CYS C 743 -11.52 14.20 5.12
CA CYS C 743 -11.97 14.76 6.39
C CYS C 743 -13.39 15.32 6.31
N GLY C 744 -13.60 16.31 5.45
CA GLY C 744 -14.88 16.97 5.39
C GLY C 744 -15.05 17.94 6.54
N ASP C 745 -14.24 18.99 6.53
CA ASP C 745 -14.33 20.03 7.55
C ASP C 745 -14.03 19.47 8.94
N SER C 746 -12.85 18.89 9.08
CA SER C 746 -12.35 18.42 10.38
C SER C 746 -10.88 18.81 10.51
N THR C 747 -10.63 19.80 11.36
CA THR C 747 -9.26 20.28 11.50
C THR C 747 -8.30 19.19 11.96
N GLU C 748 -8.71 18.36 12.95
CA GLU C 748 -7.78 17.36 13.47
C GLU C 748 -7.52 16.24 12.45
N CYS C 749 -8.54 15.88 11.65
CA CYS C 749 -8.27 15.00 10.53
C CYS C 749 -7.30 15.65 9.54
N SER C 750 -7.41 16.97 9.39
CA SER C 750 -6.52 17.65 8.46
C SER C 750 -5.08 17.58 8.94
N ASN C 751 -4.85 17.83 10.23
CA ASN C 751 -3.50 17.79 10.77
C ASN C 751 -2.94 16.38 10.71
N LEU C 752 -3.74 15.36 11.03
CA LEU C 752 -3.34 13.99 10.72
C LEU C 752 -2.95 13.76 9.26
N LEU C 753 -3.74 14.22 8.30
CA LEU C 753 -3.36 13.84 6.94
C LEU C 753 -2.17 14.65 6.44
N LEU C 754 -2.05 15.91 6.82
CA LEU C 754 -0.86 16.64 6.42
C LEU C 754 0.36 16.03 7.06
N GLN C 755 0.21 15.58 8.31
CA GLN C 755 1.23 14.81 8.98
C GLN C 755 1.44 13.45 8.33
N TYR C 756 0.61 13.07 7.33
CA TYR C 756 0.76 11.74 6.80
C TYR C 756 1.62 11.75 5.52
N GLY C 757 1.86 12.94 4.96
CA GLY C 757 2.59 13.13 3.72
C GLY C 757 1.94 14.13 2.77
N SER C 758 2.27 14.08 1.48
CA SER C 758 1.74 15.01 0.49
C SER C 758 1.03 14.30 -0.65
N PHE C 759 0.17 13.33 -0.32
CA PHE C 759 -0.59 12.58 -1.34
C PHE C 759 -1.65 13.45 -2.03
N CYS C 760 -2.16 14.46 -1.33
CA CYS C 760 -3.21 15.29 -1.92
C CYS C 760 -2.70 16.04 -3.16
N THR C 761 -1.57 16.73 -3.05
CA THR C 761 -0.93 17.19 -4.28
C THR C 761 -0.90 16.17 -5.38
N GLN C 762 -0.28 15.01 -5.22
CA GLN C 762 -0.19 14.18 -6.40
C GLN C 762 -1.55 13.91 -6.99
N LEU C 763 -2.55 13.59 -6.15
CA LEU C 763 -3.85 13.19 -6.69
C LEU C 763 -4.49 14.36 -7.42
N ASN C 764 -4.45 15.53 -6.79
CA ASN C 764 -4.94 16.69 -7.45
C ASN C 764 -4.24 16.83 -8.78
N ARG C 765 -2.95 16.52 -8.88
CA ARG C 765 -2.32 17.39 -9.83
C ARG C 765 -2.39 16.48 -11.08
N ALA C 766 -2.54 15.14 -10.85
CA ALA C 766 -2.94 14.12 -11.87
C ALA C 766 -4.35 14.38 -12.40
N LEU C 767 -5.29 14.60 -11.49
CA LEU C 767 -6.64 15.09 -11.82
C LEU C 767 -6.66 16.29 -12.77
N THR C 768 -6.01 17.39 -12.42
CA THR C 768 -5.63 18.36 -13.45
C THR C 768 -5.06 17.73 -14.71
N GLY C 769 -3.87 17.14 -14.66
CA GLY C 769 -3.29 16.66 -15.89
C GLY C 769 -4.32 15.98 -16.77
N ILE C 770 -5.33 15.39 -16.15
CA ILE C 770 -6.07 14.39 -16.88
C ILE C 770 -7.22 15.16 -17.55
N ALA C 771 -7.65 16.25 -16.87
CA ALA C 771 -8.61 17.20 -17.43
C ALA C 771 -8.00 17.91 -18.62
N VAL C 772 -6.77 18.37 -18.46
CA VAL C 772 -6.35 19.40 -19.38
C VAL C 772 -6.03 18.58 -20.64
N GLU C 773 -5.74 17.24 -20.40
CA GLU C 773 -5.68 16.22 -21.45
C GLU C 773 -7.04 15.98 -22.13
N GLN C 774 -8.14 16.06 -21.39
CA GLN C 774 -9.46 15.96 -22.03
C GLN C 774 -9.71 17.13 -22.96
N ASP C 775 -9.40 18.33 -22.47
CA ASP C 775 -9.57 19.53 -23.28
C ASP C 775 -8.74 19.43 -24.54
N LYS C 776 -7.50 18.96 -24.38
CA LYS C 776 -6.62 18.69 -25.53
C LYS C 776 -7.16 17.51 -26.52
N ASN C 777 -7.87 16.51 -26.01
CA ASN C 777 -8.42 15.61 -27.00
C ASN C 777 -9.38 16.36 -27.86
N THR C 778 -10.28 17.10 -27.22
CA THR C 778 -11.33 17.75 -28.01
C THR C 778 -10.73 18.73 -29.00
N GLN C 779 -9.85 19.62 -28.50
CA GLN C 779 -9.25 20.63 -29.36
C GLN C 779 -8.54 19.98 -30.52
N GLU C 780 -7.80 18.90 -30.27
CA GLU C 780 -7.16 18.25 -31.40
C GLU C 780 -8.20 17.75 -32.39
N VAL C 781 -9.32 17.16 -31.92
CA VAL C 781 -9.90 16.21 -32.86
C VAL C 781 -10.67 17.06 -33.83
N PHE C 782 -11.27 18.13 -33.26
CA PHE C 782 -12.29 18.97 -33.90
C PHE C 782 -11.75 20.29 -34.47
N ALA C 783 -10.68 20.85 -33.92
CA ALA C 783 -10.23 22.19 -34.29
C ALA C 783 -9.14 22.15 -35.35
N GLN C 784 -9.28 21.24 -36.31
CA GLN C 784 -8.26 21.11 -37.35
C GLN C 784 -8.25 22.33 -38.27
N VAL C 785 -9.42 22.89 -38.56
CA VAL C 785 -9.51 23.99 -39.51
C VAL C 785 -9.62 25.26 -38.66
N LYS C 786 -8.93 26.33 -39.05
CA LYS C 786 -8.94 27.59 -38.32
C LYS C 786 -9.88 28.63 -38.93
N GLN C 787 -10.59 28.27 -39.99
CA GLN C 787 -11.52 29.16 -40.67
C GLN C 787 -12.89 28.50 -40.70
N ILE C 788 -13.91 29.27 -40.35
CA ILE C 788 -15.27 28.76 -40.26
C ILE C 788 -15.93 29.01 -41.60
N TYR C 789 -16.13 27.93 -42.35
CA TYR C 789 -16.75 28.01 -43.66
C TYR C 789 -18.27 27.93 -43.50
N LYS C 790 -18.97 28.65 -44.37
CA LYS C 790 -20.42 28.76 -44.34
C LYS C 790 -20.99 28.13 -45.60
N THR C 791 -22.09 27.40 -45.46
CA THR C 791 -22.57 26.66 -46.60
C THR C 791 -23.25 27.75 -47.44
N PRO C 792 -23.47 27.58 -48.74
CA PRO C 792 -24.09 28.68 -49.46
C PRO C 792 -25.49 28.82 -48.91
N PRO C 793 -26.20 29.93 -49.19
CA PRO C 793 -27.66 29.89 -49.00
C PRO C 793 -28.35 29.00 -50.01
N ILE C 794 -27.82 28.96 -51.23
CA ILE C 794 -28.24 28.08 -52.29
C ILE C 794 -27.53 26.72 -52.31
N LYS C 795 -28.37 25.69 -52.11
CA LYS C 795 -28.02 24.29 -51.93
C LYS C 795 -28.31 23.58 -53.25
N ASP C 796 -27.36 23.68 -54.17
CA ASP C 796 -27.44 22.99 -55.46
C ASP C 796 -26.18 22.16 -55.55
N PHE C 797 -26.27 20.93 -55.03
CA PHE C 797 -25.15 20.00 -54.97
C PHE C 797 -25.35 18.81 -55.90
N GLY C 798 -25.99 19.03 -57.05
CA GLY C 798 -26.14 17.97 -58.02
C GLY C 798 -27.12 16.90 -57.62
N GLY C 799 -28.13 17.23 -56.83
CA GLY C 799 -29.09 16.29 -56.35
C GLY C 799 -28.84 15.79 -54.94
N PHE C 800 -27.60 15.82 -54.48
CA PHE C 800 -27.31 15.36 -53.13
C PHE C 800 -27.94 16.31 -52.13
N ASN C 801 -28.60 15.74 -51.14
CA ASN C 801 -29.40 16.48 -50.18
C ASN C 801 -28.62 16.46 -48.89
N PHE C 802 -28.15 17.61 -48.39
CA PHE C 802 -27.61 17.47 -47.06
C PHE C 802 -28.20 18.50 -46.10
N SER C 803 -29.52 18.53 -46.08
CA SER C 803 -30.32 19.15 -45.04
C SER C 803 -30.22 18.41 -43.69
N GLN C 804 -30.03 17.09 -43.72
CA GLN C 804 -30.05 16.30 -42.49
C GLN C 804 -28.77 16.41 -41.69
N ILE C 805 -27.67 16.80 -42.32
CA ILE C 805 -26.39 16.93 -41.63
C ILE C 805 -25.93 18.38 -41.53
N LEU C 806 -26.63 19.31 -42.20
CA LEU C 806 -26.17 20.66 -42.34
C LEU C 806 -26.86 21.44 -41.21
N PRO C 807 -26.30 22.57 -40.75
CA PRO C 807 -26.89 23.23 -39.57
C PRO C 807 -28.36 23.60 -39.81
N ASP C 808 -29.17 23.38 -38.79
CA ASP C 808 -30.57 23.71 -38.86
C ASP C 808 -30.77 25.18 -38.53
N PRO C 809 -31.33 25.98 -39.44
CA PRO C 809 -31.59 27.39 -39.09
C PRO C 809 -32.55 27.55 -37.93
N SER C 810 -33.31 26.51 -37.61
CA SER C 810 -34.21 26.60 -36.49
C SER C 810 -33.50 26.69 -35.16
N LYS C 811 -32.14 26.57 -35.11
CA LYS C 811 -31.57 26.82 -33.80
C LYS C 811 -32.08 25.87 -32.72
N PRO C 812 -31.96 24.56 -32.94
CA PRO C 812 -31.93 23.62 -31.81
C PRO C 812 -30.51 23.48 -31.27
N SER C 813 -29.99 24.59 -30.77
CA SER C 813 -28.55 24.77 -30.58
C SER C 813 -27.82 24.74 -31.91
N LYS C 814 -28.40 25.10 -33.08
CA LYS C 814 -27.51 25.02 -34.27
C LYS C 814 -26.89 23.61 -34.53
N ARG C 815 -27.67 22.58 -34.25
CA ARG C 815 -27.16 21.24 -34.51
C ARG C 815 -28.01 20.55 -35.60
N SER C 816 -27.34 19.79 -36.47
CA SER C 816 -28.04 19.07 -37.51
C SER C 816 -28.96 18.01 -36.90
N PHE C 817 -29.85 17.47 -37.74
CA PHE C 817 -30.91 16.66 -37.15
C PHE C 817 -30.42 15.26 -36.74
N ILE C 818 -29.47 14.72 -37.47
CA ILE C 818 -28.52 13.75 -36.96
C ILE C 818 -27.93 14.13 -35.60
N GLU C 819 -27.39 15.34 -35.46
CA GLU C 819 -26.71 15.68 -34.21
C GLU C 819 -27.70 15.76 -33.05
N ASP C 820 -28.89 16.35 -33.27
CA ASP C 820 -29.90 16.38 -32.23
C ASP C 820 -30.27 14.97 -31.76
N LEU C 821 -30.65 14.14 -32.71
CA LEU C 821 -30.75 12.70 -32.57
C LEU C 821 -29.67 12.04 -31.73
N LEU C 822 -28.40 12.22 -32.10
CA LEU C 822 -27.33 11.65 -31.30
C LEU C 822 -27.32 12.21 -29.87
N PHE C 823 -27.54 13.50 -29.72
CA PHE C 823 -27.46 14.10 -28.38
C PHE C 823 -28.59 13.62 -27.48
N ASN C 824 -29.77 13.37 -28.05
CA ASN C 824 -30.90 12.99 -27.21
C ASN C 824 -31.02 11.47 -27.13
N LYS C 825 -30.10 10.75 -27.77
CA LYS C 825 -30.00 9.31 -27.65
C LYS C 825 -29.05 8.88 -26.53
N VAL C 826 -28.37 9.83 -25.89
CA VAL C 826 -27.45 9.55 -24.79
C VAL C 826 -27.95 10.28 -23.55
N THR C 827 -28.15 9.54 -22.47
CA THR C 827 -28.72 10.07 -21.24
C THR C 827 -27.61 10.27 -20.21
N LEU C 828 -27.24 11.52 -19.98
CA LEU C 828 -26.30 11.85 -18.92
C LEU C 828 -26.94 11.67 -17.56
N PHE C 855 -20.21 17.51 -3.60
CA PHE C 855 -20.80 17.42 -2.27
C PHE C 855 -19.82 16.99 -1.20
N ASN C 856 -18.97 16.02 -1.56
CA ASN C 856 -17.88 15.54 -0.72
C ASN C 856 -16.53 15.91 -1.34
N GLY C 857 -16.46 17.08 -1.95
CA GLY C 857 -15.26 17.53 -2.62
C GLY C 857 -15.10 17.06 -4.06
N LEU C 858 -16.10 16.39 -4.61
CA LEU C 858 -16.09 15.93 -6.00
C LEU C 858 -16.93 16.90 -6.82
N THR C 859 -16.32 17.61 -7.75
CA THR C 859 -17.09 18.64 -8.43
C THR C 859 -17.08 17.98 -9.79
N VAL C 860 -17.53 18.69 -10.79
CA VAL C 860 -17.29 18.45 -12.20
C VAL C 860 -16.88 19.73 -12.88
N LEU C 861 -15.75 19.72 -13.57
CA LEU C 861 -15.46 20.93 -14.31
C LEU C 861 -16.15 20.93 -15.68
N PRO C 862 -16.48 22.10 -16.20
CA PRO C 862 -17.07 22.18 -17.53
C PRO C 862 -16.00 22.08 -18.60
N PRO C 863 -16.34 21.52 -19.77
CA PRO C 863 -15.36 21.48 -20.86
C PRO C 863 -15.08 22.88 -21.39
N LEU C 864 -13.89 23.04 -21.96
CA LEU C 864 -13.54 24.33 -22.54
C LEU C 864 -14.43 24.65 -23.74
N LEU C 865 -14.62 23.69 -24.63
CA LEU C 865 -15.40 23.89 -25.83
C LEU C 865 -16.84 23.45 -25.55
N THR C 866 -17.77 24.38 -25.67
CA THR C 866 -19.16 24.05 -25.44
C THR C 866 -19.69 23.20 -26.58
N ASP C 867 -20.86 22.60 -26.35
CA ASP C 867 -21.50 21.82 -27.39
C ASP C 867 -21.80 22.69 -28.59
N GLU C 868 -22.19 23.95 -28.34
CA GLU C 868 -22.50 24.87 -29.46
C GLU C 868 -21.26 25.12 -30.31
N MET C 869 -20.05 25.36 -29.69
CA MET C 869 -19.02 25.80 -30.67
C MET C 869 -18.50 24.43 -31.31
N ILE C 870 -18.58 23.20 -30.61
CA ILE C 870 -18.23 21.94 -31.27
C ILE C 870 -19.12 21.74 -32.48
N ALA C 871 -20.42 22.00 -32.35
CA ALA C 871 -21.31 21.88 -33.48
C ALA C 871 -20.90 22.83 -34.59
N GLN C 872 -20.54 24.05 -34.22
CA GLN C 872 -20.06 25.00 -35.22
C GLN C 872 -18.80 24.52 -35.92
N TYR C 873 -17.85 23.90 -35.17
CA TYR C 873 -16.65 23.33 -35.79
C TYR C 873 -17.02 22.27 -36.80
N THR C 874 -17.90 21.35 -36.40
CA THR C 874 -18.33 20.31 -37.32
C THR C 874 -19.02 20.90 -38.54
N SER C 875 -19.78 21.97 -38.35
CA SER C 875 -20.44 22.63 -39.46
C SER C 875 -19.44 23.25 -40.41
N ALA C 876 -18.43 23.96 -39.89
CA ALA C 876 -17.40 24.50 -40.76
C ALA C 876 -16.73 23.38 -41.51
N LEU C 877 -16.28 22.38 -40.78
CA LEU C 877 -15.73 21.20 -41.44
C LEU C 877 -16.64 20.62 -42.53
N LEU C 878 -17.91 20.50 -42.25
CA LEU C 878 -18.71 19.73 -43.18
C LEU C 878 -18.97 20.56 -44.43
N ALA C 879 -19.17 21.87 -44.24
CA ALA C 879 -19.33 22.80 -45.36
C ALA C 879 -18.06 22.89 -46.20
N GLY C 880 -16.90 22.93 -45.56
CA GLY C 880 -15.65 22.95 -46.32
C GLY C 880 -15.47 21.67 -47.11
N THR C 881 -15.96 20.55 -46.58
CA THR C 881 -15.99 19.32 -47.37
C THR C 881 -16.92 19.45 -48.57
N ILE C 882 -18.13 19.96 -48.38
CA ILE C 882 -19.06 19.99 -49.51
C ILE C 882 -18.54 20.92 -50.60
N THR C 883 -18.28 22.20 -50.28
CA THR C 883 -17.60 23.08 -51.23
C THR C 883 -16.27 22.60 -51.80
N SER C 884 -15.28 22.21 -51.00
CA SER C 884 -13.94 22.20 -51.56
C SER C 884 -13.31 20.83 -51.55
N GLY C 885 -13.93 19.88 -50.86
CA GLY C 885 -13.39 18.54 -50.85
C GLY C 885 -12.17 18.44 -49.97
N TRP C 886 -10.97 18.38 -50.54
CA TRP C 886 -9.90 18.01 -49.64
C TRP C 886 -8.95 19.21 -49.58
N THR C 887 -9.04 20.08 -50.61
CA THR C 887 -8.23 21.30 -50.74
C THR C 887 -8.55 22.40 -49.73
N PHE C 888 -9.59 22.26 -48.89
CA PHE C 888 -9.61 23.14 -47.71
C PHE C 888 -8.74 22.62 -46.58
N GLY C 889 -8.24 21.40 -46.69
CA GLY C 889 -7.37 20.83 -45.67
C GLY C 889 -5.89 20.99 -45.96
N ALA C 890 -5.56 21.28 -47.22
CA ALA C 890 -4.18 21.45 -47.67
C ALA C 890 -3.77 22.92 -47.77
N GLY C 891 -4.64 23.84 -47.36
CA GLY C 891 -4.42 25.26 -47.56
C GLY C 891 -5.71 26.05 -47.57
N ALA C 892 -5.88 26.84 -48.62
CA ALA C 892 -7.08 27.64 -48.80
C ALA C 892 -8.13 26.83 -49.54
N ALA C 893 -9.38 26.98 -49.12
CA ALA C 893 -10.45 26.25 -49.76
C ALA C 893 -10.66 26.74 -51.19
N LEU C 894 -10.85 25.79 -52.09
CA LEU C 894 -11.16 26.06 -53.48
C LEU C 894 -12.53 25.46 -53.80
N GLN C 895 -13.43 26.27 -54.34
CA GLN C 895 -14.75 25.77 -54.66
C GLN C 895 -14.68 24.75 -55.79
N ILE C 896 -15.69 23.89 -55.85
CA ILE C 896 -15.86 22.94 -56.93
C ILE C 896 -17.31 22.44 -56.93
N PRO C 897 -17.93 22.24 -58.10
CA PRO C 897 -19.39 22.05 -58.13
C PRO C 897 -19.94 20.87 -57.33
N PHE C 898 -19.07 20.00 -56.82
CA PHE C 898 -19.34 18.81 -56.01
C PHE C 898 -19.76 17.62 -56.87
N ALA C 899 -20.17 17.87 -58.12
CA ALA C 899 -20.34 16.78 -59.06
C ALA C 899 -19.01 16.30 -59.66
N MET C 900 -18.25 17.22 -60.23
CA MET C 900 -16.82 17.08 -60.25
C MET C 900 -16.12 16.60 -59.02
N GLN C 901 -16.39 17.10 -57.88
CA GLN C 901 -15.70 16.51 -56.81
C GLN C 901 -15.93 15.10 -56.58
N MET C 902 -17.20 14.67 -56.81
CA MET C 902 -17.47 13.28 -56.72
C MET C 902 -16.87 12.48 -57.90
N ALA C 903 -16.76 13.09 -59.09
CA ALA C 903 -16.04 12.47 -60.18
C ALA C 903 -14.58 12.26 -59.80
N TYR C 904 -13.95 13.25 -59.16
CA TYR C 904 -12.58 13.07 -58.70
C TYR C 904 -12.44 11.95 -57.66
N ARG C 905 -13.37 11.92 -56.69
CA ARG C 905 -13.36 10.80 -55.79
C ARG C 905 -13.44 9.47 -56.50
N PHE C 906 -14.41 9.35 -57.41
CA PHE C 906 -14.57 8.11 -58.15
C PHE C 906 -13.25 7.78 -58.83
N ASN C 907 -12.60 8.80 -59.40
CA ASN C 907 -11.35 8.61 -60.12
C ASN C 907 -10.34 7.98 -59.18
N GLY C 908 -10.32 8.52 -57.95
CA GLY C 908 -9.41 8.06 -56.93
C GLY C 908 -9.68 6.63 -56.58
N ILE C 909 -10.93 6.21 -56.73
CA ILE C 909 -11.32 5.02 -56.02
C ILE C 909 -10.64 3.99 -56.92
N GLY C 910 -10.71 4.28 -58.24
CA GLY C 910 -10.46 3.44 -59.41
C GLY C 910 -11.64 3.25 -60.39
N VAL C 911 -12.56 4.21 -60.41
CA VAL C 911 -13.55 4.54 -61.46
C VAL C 911 -13.42 5.83 -62.23
N THR C 912 -13.70 5.68 -63.51
CA THR C 912 -13.67 6.74 -64.48
C THR C 912 -14.84 7.68 -64.22
N GLN C 913 -14.68 8.92 -64.67
CA GLN C 913 -15.65 9.97 -64.36
C GLN C 913 -17.00 9.72 -65.04
N ASN C 914 -16.97 9.15 -66.24
CA ASN C 914 -18.21 8.89 -66.95
C ASN C 914 -19.16 8.03 -66.13
N VAL C 915 -18.60 7.14 -65.31
CA VAL C 915 -19.46 6.30 -64.50
C VAL C 915 -20.33 7.16 -63.59
N LEU C 916 -19.76 8.21 -63.01
CA LEU C 916 -20.55 9.12 -62.20
C LEU C 916 -21.48 9.98 -63.05
N TYR C 917 -20.93 10.68 -64.05
CA TYR C 917 -21.72 11.67 -64.77
C TYR C 917 -22.88 11.04 -65.51
N GLU C 918 -22.73 9.79 -65.91
CA GLU C 918 -23.83 9.09 -66.51
C GLU C 918 -24.80 8.60 -65.48
N ASN C 919 -24.48 8.70 -64.19
CA ASN C 919 -25.22 7.81 -63.35
C ASN C 919 -25.74 8.69 -62.22
N GLN C 920 -25.59 10.03 -62.42
CA GLN C 920 -25.54 11.03 -61.34
C GLN C 920 -26.82 11.07 -60.52
N LYS C 921 -27.97 11.10 -61.20
CA LYS C 921 -29.21 10.84 -60.47
C LYS C 921 -29.11 9.58 -59.63
N LEU C 922 -28.89 8.43 -60.24
CA LEU C 922 -28.98 7.21 -59.44
C LEU C 922 -28.14 7.32 -58.17
N ILE C 923 -26.88 7.76 -58.30
CA ILE C 923 -26.00 7.91 -57.15
C ILE C 923 -26.60 8.88 -56.13
N ALA C 924 -27.23 9.96 -56.62
CA ALA C 924 -27.82 10.92 -55.69
C ALA C 924 -29.01 10.33 -54.94
N ASN C 925 -29.95 9.71 -55.67
CA ASN C 925 -31.05 8.99 -55.05
C ASN C 925 -30.54 8.13 -53.93
N GLN C 926 -29.45 7.46 -54.25
CA GLN C 926 -28.94 6.35 -53.49
C GLN C 926 -28.35 6.84 -52.17
N PHE C 927 -27.70 8.01 -52.22
CA PHE C 927 -26.88 8.51 -51.11
C PHE C 927 -27.93 9.18 -50.18
N ASN C 928 -29.02 9.79 -50.79
CA ASN C 928 -30.19 10.29 -50.01
C ASN C 928 -30.82 9.17 -49.22
N SER C 929 -31.05 8.07 -49.89
CA SER C 929 -31.70 6.95 -49.24
C SER C 929 -30.85 6.42 -48.11
N ALA C 930 -29.54 6.31 -48.32
CA ALA C 930 -28.65 5.86 -47.27
C ALA C 930 -28.68 6.82 -46.08
N ILE C 931 -28.73 8.13 -46.35
CA ILE C 931 -28.83 9.09 -45.25
C ILE C 931 -30.15 8.89 -44.48
N GLY C 932 -31.23 8.64 -45.22
CA GLY C 932 -32.50 8.36 -44.56
C GLY C 932 -32.47 7.10 -43.72
N LYS C 933 -31.75 6.08 -44.21
CA LYS C 933 -31.63 4.85 -43.45
C LYS C 933 -30.80 5.06 -42.19
N ILE C 934 -29.76 5.87 -42.27
CA ILE C 934 -29.08 6.24 -41.04
C ILE C 934 -30.04 6.96 -40.12
N GLN C 935 -30.94 7.77 -40.69
CA GLN C 935 -31.88 8.53 -39.89
C GLN C 935 -32.85 7.62 -39.13
N ASP C 936 -33.44 6.62 -39.80
CA ASP C 936 -34.30 5.70 -39.04
C ASP C 936 -33.47 4.93 -38.02
N SER C 937 -32.32 4.38 -38.43
CA SER C 937 -31.59 3.52 -37.52
C SER C 937 -31.24 4.25 -36.24
N LEU C 938 -30.78 5.49 -36.35
CA LEU C 938 -30.49 6.27 -35.14
C LEU C 938 -31.74 6.80 -34.46
N SER C 939 -32.89 6.80 -35.14
CA SER C 939 -34.12 7.29 -34.51
C SER C 939 -34.84 6.22 -33.70
N SER C 940 -34.98 5.01 -34.26
CA SER C 940 -35.72 3.94 -33.61
C SER C 940 -34.81 2.94 -32.90
N THR C 941 -33.91 2.32 -33.66
CA THR C 941 -33.04 1.32 -33.06
C THR C 941 -32.20 1.98 -31.96
N PRO C 942 -32.15 1.33 -30.80
CA PRO C 942 -31.40 1.79 -29.66
C PRO C 942 -30.03 1.12 -29.64
N SER C 943 -29.25 1.44 -28.60
CA SER C 943 -27.92 0.88 -28.38
C SER C 943 -26.95 1.22 -29.50
N ALA C 944 -27.27 2.25 -30.30
CA ALA C 944 -26.37 2.65 -31.37
C ALA C 944 -25.17 3.43 -30.89
N LEU C 945 -25.25 4.08 -29.72
CA LEU C 945 -24.16 4.85 -29.15
C LEU C 945 -23.59 4.12 -27.93
N GLY C 946 -23.43 2.81 -28.06
CA GLY C 946 -23.01 2.01 -26.93
C GLY C 946 -21.64 2.40 -26.39
N LYS C 947 -20.73 2.80 -27.27
CA LYS C 947 -19.39 3.20 -26.84
C LYS C 947 -19.45 4.41 -25.93
N LEU C 948 -20.09 5.49 -26.39
CA LEU C 948 -20.16 6.72 -25.59
C LEU C 948 -20.94 6.47 -24.32
N GLN C 949 -22.05 5.74 -24.42
CA GLN C 949 -22.76 5.39 -23.21
C GLN C 949 -21.84 4.65 -22.27
N ASP C 950 -21.09 3.67 -22.77
CA ASP C 950 -20.30 2.84 -21.86
C ASP C 950 -19.29 3.72 -21.13
N VAL C 951 -18.68 4.66 -21.85
CA VAL C 951 -17.74 5.58 -21.21
C VAL C 951 -18.43 6.35 -20.09
N VAL C 952 -19.60 6.91 -20.37
CA VAL C 952 -20.33 7.71 -19.38
C VAL C 952 -20.69 6.85 -18.17
N ASN C 953 -21.24 5.66 -18.41
CA ASN C 953 -21.48 4.69 -17.36
C ASN C 953 -20.24 4.46 -16.52
N GLN C 954 -19.08 4.28 -17.16
CA GLN C 954 -18.02 3.63 -16.41
C GLN C 954 -17.43 4.72 -15.50
N ASN C 955 -17.45 5.96 -15.99
CA ASN C 955 -17.09 7.13 -15.17
C ASN C 955 -18.08 7.34 -14.03
N ALA C 956 -19.37 7.40 -14.34
CA ALA C 956 -20.37 7.66 -13.31
C ALA C 956 -20.28 6.60 -12.21
N GLN C 957 -19.92 5.39 -12.60
CA GLN C 957 -19.91 4.28 -11.67
C GLN C 957 -18.63 4.27 -10.84
N ALA C 958 -17.51 4.72 -11.42
CA ALA C 958 -16.33 4.94 -10.59
C ALA C 958 -16.63 5.97 -9.49
N LEU C 959 -17.20 7.13 -9.83
CA LEU C 959 -17.71 8.03 -8.79
C LEU C 959 -18.68 7.39 -7.81
N ASN C 960 -19.70 6.70 -8.27
CA ASN C 960 -20.64 6.18 -7.29
C ASN C 960 -19.95 5.24 -6.33
N THR C 961 -19.05 4.40 -6.84
CA THR C 961 -18.11 3.79 -5.93
C THR C 961 -17.47 4.78 -4.96
N LEU C 962 -16.88 5.88 -5.41
CA LEU C 962 -15.71 6.20 -4.61
C LEU C 962 -16.41 6.88 -3.39
N VAL C 963 -17.51 7.65 -3.72
CA VAL C 963 -18.57 8.07 -2.77
C VAL C 963 -19.02 7.01 -1.82
N LYS C 964 -19.40 5.86 -2.34
CA LYS C 964 -19.92 4.76 -1.55
C LYS C 964 -18.86 4.09 -0.69
N GLN C 965 -17.62 4.19 -1.13
CA GLN C 965 -16.50 3.92 -0.26
C GLN C 965 -16.41 4.93 0.87
N LEU C 966 -16.81 6.18 0.62
CA LEU C 966 -16.54 7.21 1.62
C LEU C 966 -17.25 6.90 2.92
N SER C 967 -18.11 5.87 2.95
CA SER C 967 -18.93 5.50 4.11
C SER C 967 -18.62 4.09 4.59
N SER C 968 -17.33 3.77 4.73
CA SER C 968 -16.85 2.48 5.21
C SER C 968 -16.00 2.67 6.45
N ASN C 969 -15.89 1.60 7.23
CA ASN C 969 -15.51 1.81 8.61
C ASN C 969 -14.01 1.52 8.73
N PHE C 970 -13.50 0.71 7.80
CA PHE C 970 -12.09 0.37 7.65
C PHE C 970 -11.46 -0.11 8.95
N GLY C 971 -12.29 -0.61 9.87
CA GLY C 971 -11.83 -1.06 11.16
C GLY C 971 -12.19 -0.14 12.30
N ALA C 972 -12.66 1.07 11.99
CA ALA C 972 -12.93 2.06 13.02
C ALA C 972 -14.24 1.74 13.72
N ILE C 973 -14.54 2.51 14.75
CA ILE C 973 -15.80 2.31 15.47
C ILE C 973 -16.99 2.72 14.60
N SER C 974 -16.84 3.78 13.81
CA SER C 974 -17.89 4.27 12.94
C SER C 974 -17.30 4.99 11.73
N SER C 975 -18.12 5.16 10.69
CA SER C 975 -17.67 5.76 9.43
C SER C 975 -17.90 7.27 9.36
N VAL C 976 -18.43 7.87 10.42
CA VAL C 976 -18.73 9.30 10.46
C VAL C 976 -17.72 9.93 11.42
N LEU C 977 -16.89 10.87 10.93
CA LEU C 977 -15.74 11.08 11.78
C LEU C 977 -16.22 12.00 12.90
N ASN C 978 -17.41 12.66 12.71
CA ASN C 978 -18.04 13.48 13.73
C ASN C 978 -18.42 12.66 14.96
N ASP C 979 -18.90 11.41 14.78
CA ASP C 979 -19.34 10.66 15.96
C ASP C 979 -18.14 10.15 16.77
N ILE C 980 -17.07 9.77 16.08
CA ILE C 980 -15.73 9.60 16.67
C ILE C 980 -15.09 10.87 17.25
N LEU C 981 -15.30 12.04 16.69
CA LEU C 981 -14.85 13.20 17.46
C LEU C 981 -15.72 13.41 18.69
N SER C 982 -17.03 13.19 18.57
CA SER C 982 -17.97 13.48 19.64
C SER C 982 -18.07 12.37 20.69
N ARG C 983 -17.44 11.20 20.45
CA ARG C 983 -17.54 10.07 21.37
C ARG C 983 -16.22 9.75 22.08
N LEU C 984 -15.09 10.20 21.53
CA LEU C 984 -13.78 9.84 22.04
C LEU C 984 -12.90 11.07 22.23
N ASP C 985 -11.93 10.91 23.11
CA ASP C 985 -10.94 11.89 23.49
C ASP C 985 -9.65 11.70 22.67
N PRO C 986 -8.78 12.71 22.65
CA PRO C 986 -7.84 12.84 21.54
C PRO C 986 -7.16 11.53 21.16
N PRO C 987 -6.47 10.82 22.09
CA PRO C 987 -5.60 9.73 21.65
C PRO C 987 -6.29 8.67 20.79
N GLU C 988 -7.36 8.04 21.32
CA GLU C 988 -8.05 7.03 20.54
C GLU C 988 -8.88 7.65 19.42
N ALA C 989 -9.25 8.92 19.56
CA ALA C 989 -9.83 9.62 18.44
C ALA C 989 -8.88 9.60 17.22
N GLU C 990 -7.64 10.02 17.43
CA GLU C 990 -6.67 10.08 16.36
C GLU C 990 -6.36 8.71 15.80
N VAL C 991 -6.15 7.71 16.67
CA VAL C 991 -6.22 6.31 16.26
C VAL C 991 -7.33 5.98 15.28
N GLN C 992 -8.58 6.14 15.67
CA GLN C 992 -9.64 5.73 14.76
C GLN C 992 -9.63 6.58 13.48
N ILE C 993 -9.34 7.87 13.62
CA ILE C 993 -9.30 8.74 12.47
C ILE C 993 -8.20 8.31 11.52
N ASP C 994 -7.03 7.94 12.08
CA ASP C 994 -5.92 7.45 11.29
C ASP C 994 -6.36 6.27 10.47
N ARG C 995 -7.11 5.35 11.07
CA ARG C 995 -7.61 4.22 10.28
C ARG C 995 -8.51 4.69 9.13
N LEU C 996 -9.38 5.64 9.41
CA LEU C 996 -10.29 6.11 8.35
C LEU C 996 -9.55 6.73 7.19
N ILE C 997 -8.67 7.62 7.50
CA ILE C 997 -7.74 8.19 6.56
C ILE C 997 -6.83 7.20 5.84
N THR C 998 -6.32 6.14 6.48
CA THR C 998 -5.67 5.11 5.67
C THR C 998 -6.65 4.55 4.63
N GLY C 999 -7.87 4.23 5.05
CA GLY C 999 -8.82 3.59 4.14
C GLY C 999 -9.26 4.48 3.00
N ARG C 1000 -9.57 5.73 3.33
CA ARG C 1000 -10.04 6.71 2.37
C ARG C 1000 -8.94 7.05 1.39
N LEU C 1001 -7.70 7.04 1.86
CA LEU C 1001 -6.59 7.49 1.05
C LEU C 1001 -6.35 6.41 0.01
N GLN C 1002 -6.37 5.15 0.47
CA GLN C 1002 -6.39 3.97 -0.41
C GLN C 1002 -7.46 4.07 -1.49
N SER C 1003 -8.70 4.36 -1.08
CA SER C 1003 -9.80 4.48 -2.04
C SER C 1003 -9.58 5.62 -3.05
N LEU C 1004 -9.15 6.77 -2.59
CA LEU C 1004 -8.95 7.86 -3.54
C LEU C 1004 -7.95 7.44 -4.60
N GLN C 1005 -6.94 6.72 -4.16
CA GLN C 1005 -5.71 6.52 -4.93
C GLN C 1005 -5.95 5.43 -5.98
N THR C 1006 -6.60 4.33 -5.56
CA THR C 1006 -7.39 3.52 -6.50
C THR C 1006 -8.19 4.32 -7.50
N TYR C 1007 -9.05 5.20 -7.04
CA TYR C 1007 -9.86 5.88 -8.01
C TYR C 1007 -8.96 6.60 -9.02
N VAL C 1008 -7.84 7.15 -8.57
CA VAL C 1008 -7.30 8.22 -9.40
C VAL C 1008 -6.56 7.53 -10.49
N THR C 1009 -5.79 6.49 -10.07
CA THR C 1009 -5.21 5.47 -10.95
C THR C 1009 -6.17 4.84 -11.95
N GLN C 1010 -7.34 4.40 -11.53
CA GLN C 1010 -8.23 3.85 -12.54
C GLN C 1010 -8.60 4.93 -13.57
N GLN C 1011 -8.81 6.14 -13.07
CA GLN C 1011 -9.17 7.26 -13.94
C GLN C 1011 -8.07 7.57 -14.94
N LEU C 1012 -6.87 7.75 -14.44
CA LEU C 1012 -5.70 7.60 -15.31
C LEU C 1012 -5.75 6.51 -16.32
N ILE C 1013 -5.96 5.25 -15.92
CA ILE C 1013 -5.83 4.24 -16.97
C ILE C 1013 -6.79 4.53 -18.11
N ARG C 1014 -8.02 4.74 -17.78
CA ARG C 1014 -9.01 5.22 -18.73
C ARG C 1014 -8.57 6.46 -19.50
N ALA C 1015 -7.99 7.45 -18.83
CA ALA C 1015 -7.68 8.66 -19.57
C ALA C 1015 -6.67 8.34 -20.67
N ALA C 1016 -5.76 7.42 -20.40
CA ALA C 1016 -4.87 6.94 -21.45
C ALA C 1016 -5.66 6.24 -22.56
N GLU C 1017 -6.63 5.38 -22.19
CA GLU C 1017 -7.44 4.70 -23.22
C GLU C 1017 -8.17 5.70 -24.12
N ILE C 1018 -8.85 6.66 -23.51
CA ILE C 1018 -9.62 7.70 -24.19
C ILE C 1018 -8.68 8.56 -25.05
N ARG C 1019 -7.48 8.86 -24.54
CA ARG C 1019 -6.54 9.63 -25.36
C ARG C 1019 -6.16 8.86 -26.61
N ALA C 1020 -5.93 7.55 -26.47
CA ALA C 1020 -5.72 6.72 -27.65
C ALA C 1020 -6.91 6.79 -28.59
N SER C 1021 -8.13 6.71 -28.04
CA SER C 1021 -9.30 6.69 -28.91
C SER C 1021 -9.47 8.03 -29.60
N ALA C 1022 -9.18 9.11 -28.87
CA ALA C 1022 -9.27 10.44 -29.43
C ALA C 1022 -8.22 10.65 -30.50
N ASN C 1023 -7.01 10.11 -30.36
CA ASN C 1023 -6.06 10.35 -31.43
C ASN C 1023 -6.37 9.50 -32.64
N LEU C 1024 -6.98 8.33 -32.42
CA LEU C 1024 -7.56 7.62 -33.57
C LEU C 1024 -8.63 8.47 -34.24
N ALA C 1025 -9.47 9.14 -33.45
CA ALA C 1025 -10.53 9.97 -34.03
C ALA C 1025 -9.94 11.17 -34.78
N ALA C 1026 -8.87 11.75 -34.26
CA ALA C 1026 -8.23 12.86 -34.96
C ALA C 1026 -7.65 12.39 -36.28
N THR C 1027 -7.01 11.22 -36.27
CA THR C 1027 -6.52 10.67 -37.53
C THR C 1027 -7.67 10.46 -38.52
N LYS C 1028 -8.79 9.93 -38.04
CA LYS C 1028 -9.95 9.74 -38.88
C LYS C 1028 -10.49 11.04 -39.46
N MET C 1029 -10.72 12.10 -38.64
CA MET C 1029 -10.92 13.40 -39.29
C MET C 1029 -9.97 13.57 -40.40
N SER C 1030 -8.70 13.53 -40.02
CA SER C 1030 -7.72 14.26 -40.79
C SER C 1030 -7.67 13.65 -42.19
N GLU C 1031 -7.72 12.32 -42.25
CA GLU C 1031 -7.63 11.55 -43.47
C GLU C 1031 -8.97 11.31 -44.14
N CYS C 1032 -9.97 10.82 -43.42
CA CYS C 1032 -11.23 10.49 -44.06
C CYS C 1032 -12.03 11.74 -44.46
N VAL C 1033 -11.99 12.80 -43.66
CA VAL C 1033 -12.93 13.89 -43.85
C VAL C 1033 -12.25 14.95 -44.71
N LEU C 1034 -11.06 15.39 -44.30
CA LEU C 1034 -10.26 16.33 -45.10
C LEU C 1034 -9.55 15.67 -46.26
N GLY C 1035 -9.83 14.41 -46.55
CA GLY C 1035 -9.27 13.79 -47.74
C GLY C 1035 -9.91 12.44 -47.99
N GLN C 1036 -9.47 11.81 -49.07
CA GLN C 1036 -9.96 10.49 -49.45
C GLN C 1036 -8.92 9.45 -49.04
N SER C 1037 -9.36 8.43 -48.30
CA SER C 1037 -8.45 7.46 -47.72
C SER C 1037 -8.31 6.21 -48.59
N LYS C 1038 -7.06 5.79 -48.79
CA LYS C 1038 -6.72 4.56 -49.51
C LYS C 1038 -6.67 3.35 -48.59
N ARG C 1039 -6.93 3.57 -47.30
CA ARG C 1039 -6.72 2.60 -46.23
C ARG C 1039 -7.89 1.70 -45.91
N VAL C 1040 -7.70 0.37 -46.08
CA VAL C 1040 -8.83 -0.33 -46.63
C VAL C 1040 -9.65 -0.50 -45.36
N ASP C 1041 -10.94 -0.25 -45.39
CA ASP C 1041 -11.74 -0.37 -44.17
C ASP C 1041 -11.39 0.66 -43.10
N PHE C 1042 -10.43 1.55 -43.33
CA PHE C 1042 -10.12 2.57 -42.33
C PHE C 1042 -11.28 3.52 -42.15
N CYS C 1043 -11.87 3.95 -43.27
CA CYS C 1043 -12.94 4.93 -43.26
C CYS C 1043 -14.20 4.26 -43.76
N GLY C 1044 -14.51 3.10 -43.21
CA GLY C 1044 -15.71 2.38 -43.56
C GLY C 1044 -15.44 1.23 -44.50
N LYS C 1045 -16.38 0.29 -44.50
CA LYS C 1045 -16.40 -0.80 -45.46
C LYS C 1045 -16.68 -0.37 -46.89
N GLY C 1046 -15.85 -0.87 -47.79
CA GLY C 1046 -15.92 -0.61 -49.21
C GLY C 1046 -14.84 0.36 -49.62
N TYR C 1047 -14.93 0.82 -50.87
CA TYR C 1047 -14.02 1.81 -51.39
C TYR C 1047 -14.47 3.17 -50.88
N HIS C 1048 -13.70 3.75 -49.97
CA HIS C 1048 -14.02 5.07 -49.43
C HIS C 1048 -14.32 6.05 -50.54
N LEU C 1049 -15.40 6.82 -50.36
CA LEU C 1049 -15.67 8.01 -51.17
C LEU C 1049 -15.56 9.27 -50.33
N MET C 1050 -16.30 9.37 -49.21
CA MET C 1050 -16.02 10.49 -48.31
C MET C 1050 -16.60 10.09 -46.95
N SER C 1051 -16.56 11.07 -46.05
CA SER C 1051 -17.05 10.97 -44.69
C SER C 1051 -17.49 12.35 -44.23
N PHE C 1052 -18.48 12.38 -43.33
CA PHE C 1052 -18.99 13.61 -42.74
C PHE C 1052 -18.89 13.49 -41.22
N PRO C 1053 -18.39 14.52 -40.52
CA PRO C 1053 -18.34 14.47 -39.07
C PRO C 1053 -19.57 15.05 -38.40
N GLN C 1054 -19.97 14.40 -37.31
CA GLN C 1054 -21.07 14.86 -36.49
C GLN C 1054 -20.65 14.78 -35.03
N SER C 1055 -21.07 15.77 -34.25
CA SER C 1055 -20.73 15.83 -32.85
C SER C 1055 -21.63 14.90 -32.03
N ALA C 1056 -21.14 14.54 -30.85
CA ALA C 1056 -21.89 13.72 -29.92
C ALA C 1056 -21.57 14.20 -28.52
N PRO C 1057 -22.29 13.73 -27.48
CA PRO C 1057 -22.03 14.22 -26.14
C PRO C 1057 -20.57 14.11 -25.84
N HIS C 1058 -19.97 12.94 -26.07
CA HIS C 1058 -18.62 12.95 -25.60
C HIS C 1058 -17.78 12.17 -26.58
N GLY C 1059 -17.95 12.47 -27.87
CA GLY C 1059 -17.28 11.79 -28.95
C GLY C 1059 -17.74 12.35 -30.28
N VAL C 1060 -17.32 11.67 -31.35
CA VAL C 1060 -17.63 12.07 -32.71
C VAL C 1060 -18.25 10.89 -33.45
N VAL C 1061 -19.10 11.19 -34.44
CA VAL C 1061 -19.71 10.19 -35.29
C VAL C 1061 -19.36 10.53 -36.73
N PHE C 1062 -18.72 9.60 -37.41
CA PHE C 1062 -18.38 9.75 -38.82
C PHE C 1062 -19.38 8.95 -39.64
N LEU C 1063 -20.06 9.62 -40.56
CA LEU C 1063 -20.94 8.96 -41.53
C LEU C 1063 -20.12 8.68 -42.78
N HIS C 1064 -19.68 7.44 -43.03
CA HIS C 1064 -18.79 7.39 -44.17
C HIS C 1064 -19.58 6.77 -45.34
N VAL C 1065 -19.74 7.56 -46.39
CA VAL C 1065 -19.77 7.06 -47.79
C VAL C 1065 -18.55 6.29 -48.25
N THR C 1066 -18.93 5.15 -48.84
CA THR C 1066 -18.09 4.22 -49.56
C THR C 1066 -18.89 3.68 -50.74
N TYR C 1067 -18.15 3.22 -51.73
CA TYR C 1067 -18.67 2.63 -52.95
C TYR C 1067 -18.54 1.12 -52.85
N VAL C 1068 -19.64 0.41 -53.05
CA VAL C 1068 -19.64 -1.04 -52.93
C VAL C 1068 -20.11 -1.63 -54.25
N PRO C 1069 -19.28 -2.37 -54.96
CA PRO C 1069 -19.74 -2.99 -56.21
C PRO C 1069 -20.83 -4.02 -55.93
N ALA C 1070 -21.63 -4.29 -56.95
CA ALA C 1070 -22.72 -5.25 -56.84
C ALA C 1070 -23.16 -5.67 -58.23
N GLN C 1071 -23.99 -6.72 -58.27
CA GLN C 1071 -24.51 -7.30 -59.51
C GLN C 1071 -23.37 -7.82 -60.41
N GLU C 1072 -22.74 -8.87 -59.90
CA GLU C 1072 -21.57 -9.43 -60.55
C GLU C 1072 -21.96 -10.14 -61.86
N LYS C 1073 -20.92 -10.51 -62.61
CA LYS C 1073 -20.87 -11.06 -63.95
C LYS C 1073 -19.47 -11.48 -64.38
N ASN C 1074 -19.40 -12.76 -64.73
CA ASN C 1074 -18.17 -13.40 -65.12
C ASN C 1074 -17.85 -13.18 -66.58
N PHE C 1075 -16.66 -13.63 -66.92
CA PHE C 1075 -16.10 -13.27 -68.18
C PHE C 1075 -14.85 -14.13 -68.29
N THR C 1076 -14.53 -14.59 -69.48
CA THR C 1076 -13.27 -15.28 -69.65
C THR C 1076 -12.20 -14.24 -69.91
N THR C 1077 -11.06 -14.38 -69.24
CA THR C 1077 -9.97 -13.41 -69.30
C THR C 1077 -8.75 -14.04 -70.01
N ALA C 1078 -7.75 -13.19 -70.28
CA ALA C 1078 -6.52 -13.60 -70.95
C ALA C 1078 -5.43 -12.58 -70.58
N PRO C 1079 -4.27 -13.01 -70.07
CA PRO C 1079 -3.45 -12.00 -69.46
C PRO C 1079 -3.10 -10.94 -70.52
N ALA C 1080 -3.00 -11.41 -71.78
CA ALA C 1080 -2.59 -10.60 -72.93
C ALA C 1080 -3.34 -11.04 -74.19
N ILE C 1081 -2.93 -10.46 -75.32
CA ILE C 1081 -3.49 -10.75 -76.64
C ILE C 1081 -2.36 -10.84 -77.67
N CYS C 1082 -2.34 -11.93 -78.42
CA CYS C 1082 -1.43 -12.09 -79.55
C CYS C 1082 -2.01 -11.36 -80.75
N HIS C 1083 -1.23 -10.43 -81.30
CA HIS C 1083 -1.58 -9.79 -82.56
C HIS C 1083 -0.32 -9.45 -83.32
N ASP C 1084 -0.23 -9.91 -84.56
CA ASP C 1084 0.97 -9.71 -85.37
C ASP C 1084 2.18 -10.28 -84.67
N GLY C 1085 1.98 -11.40 -83.98
CA GLY C 1085 3.05 -12.05 -83.25
C GLY C 1085 3.54 -11.31 -82.04
N LYS C 1086 2.73 -10.44 -81.45
CA LYS C 1086 3.21 -9.52 -80.44
C LYS C 1086 2.19 -9.57 -79.31
N ALA C 1087 2.64 -9.41 -78.07
CA ALA C 1087 1.76 -9.54 -76.91
C ALA C 1087 1.22 -8.17 -76.48
N HIS C 1088 -0.10 -8.08 -76.28
CA HIS C 1088 -0.75 -6.86 -75.82
C HIS C 1088 -1.48 -7.15 -74.50
N PHE C 1089 -1.43 -6.18 -73.59
CA PHE C 1089 -1.45 -5.96 -72.14
C PHE C 1089 -2.25 -4.71 -71.80
N PRO C 1090 -3.33 -4.82 -71.02
CA PRO C 1090 -4.19 -3.65 -70.81
C PRO C 1090 -3.44 -2.54 -70.10
N ARG C 1091 -3.64 -1.35 -70.63
CA ARG C 1091 -2.79 -0.21 -70.33
C ARG C 1091 -3.24 0.23 -68.92
N GLU C 1092 -4.58 0.16 -68.73
CA GLU C 1092 -5.36 0.22 -67.49
C GLU C 1092 -6.69 -0.50 -67.76
N GLY C 1093 -6.82 -1.75 -67.34
CA GLY C 1093 -8.07 -2.49 -67.48
C GLY C 1093 -7.80 -3.98 -67.58
N VAL C 1094 -8.83 -4.74 -67.98
CA VAL C 1094 -8.73 -6.18 -68.11
C VAL C 1094 -9.37 -6.62 -69.42
N PHE C 1095 -8.79 -7.66 -70.02
CA PHE C 1095 -9.37 -8.30 -71.20
C PHE C 1095 -10.44 -9.28 -70.77
N VAL C 1096 -11.65 -9.11 -71.30
CA VAL C 1096 -12.79 -9.98 -70.97
C VAL C 1096 -13.56 -10.29 -72.24
N SER C 1097 -14.22 -11.45 -72.21
CA SER C 1097 -14.99 -11.90 -73.36
C SER C 1097 -16.38 -12.29 -72.88
N ASN C 1098 -17.42 -11.85 -73.61
CA ASN C 1098 -18.77 -12.23 -73.21
C ASN C 1098 -19.08 -13.67 -73.59
N GLY C 1099 -19.05 -14.00 -74.87
CA GLY C 1099 -18.94 -15.39 -75.26
C GLY C 1099 -17.98 -15.64 -76.41
N THR C 1100 -17.76 -14.62 -77.25
CA THR C 1100 -17.04 -14.81 -78.51
C THR C 1100 -16.06 -13.68 -78.76
N HIS C 1101 -16.42 -12.49 -78.28
CA HIS C 1101 -15.81 -11.17 -78.42
C HIS C 1101 -15.00 -10.69 -77.22
N TRP C 1102 -13.89 -10.01 -77.53
CA TRP C 1102 -12.85 -9.70 -76.57
C TRP C 1102 -12.83 -8.19 -76.43
N PHE C 1103 -13.24 -7.72 -75.27
CA PHE C 1103 -13.25 -6.34 -74.81
C PHE C 1103 -12.22 -6.12 -73.71
N VAL C 1104 -11.80 -4.87 -73.60
CA VAL C 1104 -10.95 -4.41 -72.52
C VAL C 1104 -11.77 -3.44 -71.69
N THR C 1105 -12.02 -3.84 -70.47
CA THR C 1105 -12.69 -3.10 -69.41
C THR C 1105 -11.71 -2.78 -68.38
N GLN C 1106 -12.22 -1.83 -67.65
CA GLN C 1106 -11.81 -1.47 -66.36
C GLN C 1106 -12.31 -2.44 -65.19
N ARG C 1107 -11.57 -2.41 -64.12
CA ARG C 1107 -11.59 -3.55 -63.16
C ARG C 1107 -12.84 -3.50 -62.31
N ASN C 1108 -13.25 -2.30 -61.88
CA ASN C 1108 -14.26 -2.12 -60.83
C ASN C 1108 -15.65 -1.82 -61.38
N PHE C 1109 -15.83 -1.91 -62.69
CA PHE C 1109 -17.11 -1.61 -63.32
C PHE C 1109 -17.10 -2.14 -64.74
N TYR C 1110 -18.07 -2.99 -65.07
CA TYR C 1110 -18.17 -3.56 -66.41
C TYR C 1110 -18.43 -2.41 -67.37
N GLU C 1111 -17.45 -2.05 -68.20
CA GLU C 1111 -17.68 -1.08 -69.28
C GLU C 1111 -16.84 -1.54 -70.47
N PRO C 1112 -17.35 -2.48 -71.25
CA PRO C 1112 -16.50 -3.12 -72.29
C PRO C 1112 -16.25 -2.20 -73.46
N GLN C 1113 -15.13 -2.45 -74.18
CA GLN C 1113 -14.81 -1.34 -75.02
C GLN C 1113 -13.83 -1.98 -76.03
N ILE C 1114 -13.97 -1.74 -77.34
CA ILE C 1114 -13.15 -2.49 -78.33
C ILE C 1114 -11.67 -2.46 -77.97
N ILE C 1115 -10.96 -3.56 -78.24
CA ILE C 1115 -9.51 -3.56 -78.04
C ILE C 1115 -8.86 -2.71 -79.13
N THR C 1116 -7.97 -1.84 -78.71
CA THR C 1116 -7.34 -0.71 -79.41
C THR C 1116 -5.91 -0.49 -78.94
N THR C 1117 -5.08 -0.06 -79.90
CA THR C 1117 -3.68 0.25 -79.67
C THR C 1117 -3.52 1.44 -78.71
N ASP C 1118 -4.59 2.22 -78.51
CA ASP C 1118 -4.58 3.36 -77.59
C ASP C 1118 -4.68 2.92 -76.14
N ASN C 1119 -5.33 1.79 -75.91
CA ASN C 1119 -5.75 1.29 -74.61
C ASN C 1119 -5.16 -0.10 -74.36
N THR C 1120 -4.11 -0.45 -75.11
CA THR C 1120 -3.22 -1.57 -74.83
C THR C 1120 -1.80 -1.13 -75.19
N PHE C 1121 -0.81 -1.81 -74.60
CA PHE C 1121 0.60 -1.52 -74.90
C PHE C 1121 1.32 -2.83 -75.20
N VAL C 1122 2.28 -2.80 -76.13
CA VAL C 1122 2.79 -4.06 -76.66
C VAL C 1122 4.06 -4.31 -75.85
N SER C 1123 4.37 -5.56 -75.56
CA SER C 1123 5.64 -5.87 -74.92
C SER C 1123 6.11 -7.25 -75.41
N GLY C 1124 6.89 -7.24 -76.49
CA GLY C 1124 7.53 -8.45 -76.96
C GLY C 1124 6.55 -9.37 -77.68
N ASN C 1125 7.08 -10.55 -78.01
CA ASN C 1125 6.33 -11.61 -78.66
C ASN C 1125 5.47 -12.33 -77.64
N CYS C 1126 4.70 -13.32 -78.09
CA CYS C 1126 3.81 -14.08 -77.22
C CYS C 1126 4.13 -15.58 -77.16
N ASP C 1127 5.42 -15.90 -77.05
CA ASP C 1127 5.88 -17.25 -76.77
C ASP C 1127 6.24 -17.47 -75.30
N VAL C 1128 6.16 -16.40 -74.50
CA VAL C 1128 6.57 -16.41 -73.11
C VAL C 1128 5.42 -16.19 -72.13
N VAL C 1129 4.37 -15.46 -72.51
CA VAL C 1129 3.24 -15.26 -71.61
C VAL C 1129 2.44 -16.54 -71.50
N ILE C 1130 2.16 -16.95 -70.26
CA ILE C 1130 1.42 -18.18 -69.99
C ILE C 1130 -0.05 -17.82 -69.99
N GLY C 1131 -0.80 -18.37 -70.96
CA GLY C 1131 -2.22 -18.18 -71.07
C GLY C 1131 -2.68 -17.11 -72.03
N ILE C 1132 -1.82 -16.67 -72.95
CA ILE C 1132 -2.19 -15.62 -73.89
C ILE C 1132 -3.25 -16.16 -74.84
N VAL C 1133 -4.04 -15.24 -75.43
CA VAL C 1133 -5.15 -15.58 -76.30
C VAL C 1133 -5.06 -14.77 -77.58
N ASN C 1134 -5.45 -15.41 -78.69
CA ASN C 1134 -5.46 -14.75 -79.98
C ASN C 1134 -6.65 -13.83 -80.12
N ASN C 1135 -6.43 -12.69 -80.76
CA ASN C 1135 -7.49 -11.75 -81.07
C ASN C 1135 -6.89 -10.64 -81.91
N THR C 1136 -7.77 -9.85 -82.51
CA THR C 1136 -7.37 -8.75 -83.38
C THR C 1136 -7.43 -7.44 -82.60
N VAL C 1137 -6.37 -6.65 -82.70
CA VAL C 1137 -6.25 -5.38 -82.00
C VAL C 1137 -6.53 -4.29 -83.00
N TYR C 1138 -7.68 -3.62 -82.86
CA TYR C 1138 -8.07 -2.58 -83.80
C TYR C 1138 -7.05 -1.46 -83.83
N ASP C 1139 -6.67 -1.05 -85.05
CA ASP C 1139 -5.74 0.05 -85.25
C ASP C 1139 -6.53 1.26 -85.72
N PRO C 1140 -6.79 2.26 -84.86
CA PRO C 1140 -7.60 3.41 -85.26
C PRO C 1140 -6.82 4.50 -85.97
N LEU C 1141 -5.91 4.05 -86.91
CA LEU C 1141 -5.50 4.93 -88.00
C LEU C 1141 -6.22 4.57 -89.28
N GLN C 1142 -6.07 3.31 -89.63
CA GLN C 1142 -6.12 2.94 -91.02
C GLN C 1142 -7.37 3.48 -91.67
N PRO C 1143 -8.56 3.32 -91.08
CA PRO C 1143 -9.75 3.93 -91.69
C PRO C 1143 -9.64 5.44 -91.80
N GLU C 1144 -8.79 6.08 -90.98
CA GLU C 1144 -8.54 7.50 -91.14
C GLU C 1144 -7.70 7.80 -92.37
N LEU C 1145 -6.74 6.92 -92.70
CA LEU C 1145 -6.04 7.04 -93.98
C LEU C 1145 -7.00 6.88 -95.15
N ASP C 1146 -7.87 5.88 -95.07
CA ASP C 1146 -8.87 5.67 -96.10
C ASP C 1146 -9.91 6.77 -96.06
N GLN D 1 40.22 -8.71 73.24
CA GLN D 1 40.47 -10.15 73.08
C GLN D 1 41.00 -10.45 71.68
N VAL D 2 41.04 -9.43 70.83
CA VAL D 2 41.47 -9.57 69.45
C VAL D 2 42.62 -8.62 69.18
N GLN D 3 43.69 -9.14 68.57
CA GLN D 3 44.85 -8.35 68.22
C GLN D 3 45.15 -8.50 66.74
N LEU D 4 45.54 -7.41 66.10
CA LEU D 4 46.00 -7.41 64.73
C LEU D 4 47.39 -6.78 64.65
N VAL D 5 48.31 -7.47 63.97
CA VAL D 5 49.68 -7.01 63.82
C VAL D 5 49.99 -6.91 62.33
N GLU D 6 50.49 -5.76 61.91
CA GLU D 6 50.85 -5.52 60.52
C GLU D 6 52.35 -5.65 60.32
N SER D 7 52.73 -6.25 59.20
CA SER D 7 54.14 -6.40 58.85
C SER D 7 54.26 -6.61 57.35
N GLY D 8 55.46 -6.34 56.83
CA GLY D 8 55.74 -6.48 55.42
C GLY D 8 55.99 -5.19 54.67
N GLY D 9 56.03 -4.06 55.37
CA GLY D 9 56.31 -2.80 54.72
C GLY D 9 57.79 -2.62 54.42
N GLY D 10 58.09 -1.52 53.73
CA GLY D 10 59.46 -1.23 53.39
C GLY D 10 59.53 -0.18 52.29
N SER D 11 60.74 0.00 51.79
CA SER D 11 61.02 0.95 50.72
C SER D 11 61.20 0.20 49.41
N VAL D 12 60.48 0.63 48.37
CA VAL D 12 60.53 0.00 47.06
C VAL D 12 60.58 1.08 45.98
N GLN D 13 61.07 0.68 44.81
CA GLN D 13 61.05 1.56 43.65
C GLN D 13 59.64 1.62 43.05
N ALA D 14 59.38 2.68 42.30
CA ALA D 14 58.11 2.80 41.61
C ALA D 14 57.91 1.61 40.67
N GLY D 15 56.73 1.02 40.72
CA GLY D 15 56.45 -0.19 39.98
C GLY D 15 56.83 -1.47 40.68
N GLY D 16 57.41 -1.39 41.87
CA GLY D 16 57.77 -2.56 42.63
C GLY D 16 56.56 -3.18 43.31
N SER D 17 56.82 -4.25 44.05
CA SER D 17 55.77 -4.98 44.73
C SER D 17 56.14 -5.22 46.19
N LEU D 18 55.13 -5.15 47.05
CA LEU D 18 55.26 -5.53 48.44
C LEU D 18 54.05 -6.35 48.84
N ARG D 19 54.20 -7.11 49.91
CA ARG D 19 53.15 -8.02 50.34
C ARG D 19 52.99 -7.85 51.85
N LEU D 20 51.91 -7.18 52.27
CA LEU D 20 51.70 -6.79 53.65
C LEU D 20 50.81 -7.80 54.36
N SER D 21 51.14 -8.09 55.62
CA SER D 21 50.49 -9.13 56.40
C SER D 21 49.75 -8.52 57.59
N CYS D 22 48.56 -9.06 57.85
CA CYS D 22 47.79 -8.75 59.05
C CYS D 22 47.55 -10.05 59.81
N ALA D 23 48.37 -10.30 60.82
CA ALA D 23 48.26 -11.50 61.65
C ALA D 23 47.32 -11.20 62.81
N ALA D 24 46.30 -12.05 62.97
CA ALA D 24 45.29 -11.87 64.00
C ALA D 24 45.46 -12.91 65.10
N SER D 25 45.23 -12.49 66.34
CA SER D 25 45.30 -13.37 67.49
C SER D 25 44.10 -13.11 68.38
N GLY D 26 43.86 -14.03 69.30
CA GLY D 26 42.67 -13.99 70.12
C GLY D 26 41.52 -14.73 69.47
N TYR D 27 40.32 -14.41 69.93
CA TYR D 27 39.11 -15.05 69.41
C TYR D 27 38.52 -14.14 68.34
N THR D 28 39.02 -14.30 67.11
CA THR D 28 38.68 -13.45 65.98
C THR D 28 37.44 -13.92 65.24
N ILE D 29 36.78 -14.99 65.71
CA ILE D 29 35.65 -15.56 64.99
C ILE D 29 34.59 -14.50 64.73
N ASN D 30 34.35 -13.62 65.70
CA ASN D 30 33.29 -12.63 65.56
C ASN D 30 33.54 -11.65 64.43
N THR D 31 34.81 -11.35 64.14
CA THR D 31 35.14 -10.35 63.13
C THR D 31 35.16 -11.00 61.75
N ASP D 32 34.05 -10.86 61.02
CA ASP D 32 33.95 -11.43 59.69
C ASP D 32 34.63 -10.56 58.64
N ALA D 33 34.65 -9.24 58.83
CA ALA D 33 35.16 -8.31 57.85
C ALA D 33 36.51 -7.75 58.29
N VAL D 34 37.46 -7.72 57.35
CA VAL D 34 38.79 -7.17 57.58
C VAL D 34 39.09 -6.17 56.46
N ALA D 35 39.69 -5.05 56.82
CA ALA D 35 40.00 -3.99 55.87
C ALA D 35 41.44 -3.52 56.06
N TRP D 36 42.04 -3.09 54.96
CA TRP D 36 43.34 -2.42 54.98
C TRP D 36 43.13 -0.94 54.73
N PHE D 37 43.66 -0.10 55.61
CA PHE D 37 43.62 1.33 55.41
C PHE D 37 45.01 1.92 55.58
N ARG D 38 45.21 3.08 54.96
CA ARG D 38 46.49 3.75 54.92
C ARG D 38 46.30 5.23 55.24
N GLN D 39 47.32 5.84 55.82
CA GLN D 39 47.30 7.26 56.10
C GLN D 39 48.68 7.84 55.85
N ALA D 40 48.76 8.80 54.93
CA ALA D 40 49.93 9.64 54.79
C ALA D 40 49.93 10.71 55.86
N PRO D 41 51.06 11.35 56.12
CA PRO D 41 51.10 12.37 57.19
C PRO D 41 50.06 13.46 56.98
N GLY D 42 50.12 14.14 55.82
CA GLY D 42 49.25 15.27 55.59
C GLY D 42 47.78 14.88 55.47
N LYS D 43 47.48 13.74 54.87
CA LYS D 43 46.12 13.40 54.48
C LYS D 43 45.41 12.59 55.56
N GLY D 44 44.12 12.35 55.31
CA GLY D 44 43.31 11.58 56.22
C GLY D 44 43.23 10.10 55.86
N ASP D 45 42.50 9.37 56.67
CA ASP D 45 42.36 7.93 56.52
C ASP D 45 41.68 7.57 55.21
N GLU D 46 42.11 6.45 54.62
CA GLU D 46 41.45 5.87 53.45
C GLU D 46 41.54 4.36 53.53
N ARG D 47 40.48 3.68 53.08
CA ARG D 47 40.46 2.21 53.01
C ARG D 47 40.90 1.78 51.62
N VAL D 48 42.04 1.10 51.53
CA VAL D 48 42.49 0.57 50.25
C VAL D 48 41.65 -0.62 49.83
N ALA D 49 41.36 -1.54 50.75
CA ALA D 49 40.61 -2.74 50.41
C ALA D 49 39.96 -3.31 51.66
N VAL D 50 38.94 -4.13 51.44
CA VAL D 50 38.25 -4.85 52.51
C VAL D 50 37.84 -6.20 51.97
N ILE D 51 37.70 -7.18 52.88
CA ILE D 51 37.33 -8.54 52.51
C ILE D 51 36.34 -9.07 53.53
N TYR D 52 35.42 -9.91 53.05
CA TYR D 52 34.51 -10.66 53.91
C TYR D 52 35.04 -12.08 54.05
N THR D 53 35.44 -12.44 55.27
CA THR D 53 36.10 -13.73 55.47
C THR D 53 35.19 -14.89 55.11
N GLY D 54 33.92 -14.82 55.52
CA GLY D 54 33.01 -15.92 55.24
C GLY D 54 32.62 -16.01 53.76
N SER D 55 32.18 -14.88 53.20
CA SER D 55 31.68 -14.88 51.83
C SER D 55 32.81 -14.90 50.81
N GLY D 56 33.86 -14.11 51.04
CA GLY D 56 34.91 -13.91 50.08
C GLY D 56 34.76 -12.67 49.22
N ASN D 57 33.68 -11.91 49.39
CA ASN D 57 33.51 -10.67 48.65
C ASN D 57 34.59 -9.66 49.04
N THR D 58 34.97 -8.84 48.07
CA THR D 58 36.03 -7.87 48.27
C THR D 58 35.63 -6.52 47.70
N ASN D 59 36.22 -5.47 48.26
CA ASN D 59 36.06 -4.11 47.75
C ASN D 59 37.43 -3.45 47.68
N TYR D 60 37.59 -2.58 46.69
CA TYR D 60 38.87 -1.92 46.46
C TYR D 60 38.66 -0.45 46.15
N ALA D 61 39.60 0.36 46.62
CA ALA D 61 39.64 1.76 46.20
C ALA D 61 39.92 1.82 44.71
N ASP D 62 39.29 2.80 44.04
CA ASP D 62 39.43 2.91 42.60
C ASP D 62 40.89 3.04 42.19
N SER D 63 41.70 3.74 42.99
CA SER D 63 43.11 3.90 42.66
C SER D 63 43.84 2.55 42.67
N VAL D 64 43.54 1.71 43.66
CA VAL D 64 44.31 0.47 43.85
C VAL D 64 43.83 -0.67 42.98
N LYS D 65 42.65 -0.56 42.36
CA LYS D 65 42.11 -1.66 41.59
C LYS D 65 43.06 -2.06 40.47
N GLY D 66 43.34 -3.36 40.38
CA GLY D 66 44.27 -3.88 39.40
C GLY D 66 45.64 -4.14 39.99
N ARG D 67 46.09 -3.26 40.88
CA ARG D 67 47.44 -3.38 41.42
C ARG D 67 47.46 -4.10 42.77
N PHE D 68 46.40 -3.95 43.56
CA PHE D 68 46.33 -4.52 44.90
C PHE D 68 45.38 -5.73 44.90
N THR D 69 45.76 -6.76 45.65
CA THR D 69 44.90 -7.92 45.85
C THR D 69 44.90 -8.32 47.32
N ILE D 70 43.71 -8.53 47.86
CA ILE D 70 43.51 -8.91 49.25
C ILE D 70 43.18 -10.40 49.31
N SER D 71 43.85 -11.10 50.20
CA SER D 71 43.62 -12.54 50.37
C SER D 71 43.72 -12.87 51.85
N GLN D 72 43.28 -14.07 52.19
CA GLN D 72 43.32 -14.55 53.56
C GLN D 72 43.82 -15.98 53.60
N ASP D 73 44.49 -16.32 54.70
CA ASP D 73 44.95 -17.68 54.96
C ASP D 73 44.38 -18.09 56.32
N ASN D 74 43.34 -18.94 56.31
CA ASN D 74 42.66 -19.28 57.54
C ASN D 74 43.60 -19.98 58.52
N ALA D 75 44.43 -20.90 58.02
CA ALA D 75 45.38 -21.59 58.90
C ALA D 75 46.32 -20.59 59.57
N LYS D 76 46.83 -19.63 58.79
CA LYS D 76 47.67 -18.59 59.36
C LYS D 76 46.90 -17.60 60.20
N ASN D 77 45.57 -17.55 60.06
CA ASN D 77 44.75 -16.51 60.68
C ASN D 77 45.26 -15.13 60.29
N THR D 78 45.63 -14.99 59.01
CA THR D 78 46.23 -13.77 58.51
C THR D 78 45.49 -13.31 57.25
N VAL D 79 45.39 -12.00 57.11
CA VAL D 79 44.87 -11.38 55.89
C VAL D 79 46.03 -10.68 55.19
N TYR D 80 46.15 -10.91 53.89
CA TYR D 80 47.30 -10.40 53.17
C TYR D 80 46.85 -9.36 52.15
N LEU D 81 47.66 -8.31 51.99
CA LEU D 81 47.48 -7.32 50.94
C LEU D 81 48.68 -7.42 50.01
N GLN D 82 48.42 -7.68 48.73
CA GLN D 82 49.47 -7.74 47.72
C GLN D 82 49.47 -6.44 46.93
N MET D 83 50.59 -5.71 46.99
CA MET D 83 50.74 -4.45 46.26
C MET D 83 51.67 -4.66 45.08
N ASN D 84 51.13 -4.55 43.88
CA ASN D 84 51.90 -4.60 42.66
C ASN D 84 51.81 -3.25 41.96
N SER D 85 52.83 -2.94 41.15
CA SER D 85 52.89 -1.68 40.43
C SER D 85 52.74 -0.51 41.41
N LEU D 86 53.54 -0.55 42.47
CA LEU D 86 53.47 0.48 43.50
C LEU D 86 53.79 1.85 42.91
N LYS D 87 53.10 2.86 43.42
CA LYS D 87 53.21 4.24 42.94
C LYS D 87 53.57 5.14 44.11
N PRO D 88 54.15 6.31 43.82
CA PRO D 88 54.51 7.23 44.90
C PRO D 88 53.32 7.64 45.75
N GLU D 89 52.12 7.70 45.17
CA GLU D 89 50.93 8.01 45.95
C GLU D 89 50.67 6.97 47.02
N ASP D 90 51.19 5.74 46.85
CA ASP D 90 50.95 4.68 47.80
C ASP D 90 51.70 4.89 49.11
N THR D 91 52.67 5.79 49.14
CA THR D 91 53.50 5.97 50.33
C THR D 91 52.68 6.44 51.51
N ALA D 92 52.59 5.59 52.54
CA ALA D 92 51.98 5.96 53.81
C ALA D 92 52.03 4.79 54.78
N LEU D 93 51.59 5.02 56.01
CA LEU D 93 51.48 3.94 56.99
C LEU D 93 50.24 3.11 56.71
N TYR D 94 50.38 1.79 56.79
CA TYR D 94 49.32 0.84 56.48
C TYR D 94 48.95 0.05 57.72
N TYR D 95 47.66 -0.13 57.92
CA TYR D 95 47.12 -0.85 59.07
C TYR D 95 45.91 -1.65 58.64
N CYS D 96 45.60 -2.69 59.41
CA CYS D 96 44.45 -3.54 59.16
C CYS D 96 43.46 -3.43 60.31
N ALA D 97 42.18 -3.29 59.96
CA ALA D 97 41.13 -3.18 60.96
C ALA D 97 40.12 -4.28 60.73
N SER D 98 39.30 -4.53 61.75
CA SER D 98 38.41 -5.68 61.75
C SER D 98 37.12 -5.34 62.47
N GLY D 99 36.01 -5.91 61.98
CA GLY D 99 34.71 -5.64 62.57
C GLY D 99 33.72 -6.74 62.31
N TYR D 100 32.69 -6.79 63.15
CA TYR D 100 31.63 -7.80 62.99
C TYR D 100 30.85 -7.60 61.71
N TYR D 101 30.55 -6.35 61.38
CA TYR D 101 29.63 -6.02 60.30
C TYR D 101 30.23 -4.93 59.42
N GLY D 102 29.74 -4.84 58.18
CA GLY D 102 30.39 -4.01 57.18
C GLY D 102 29.71 -2.71 56.86
N ALA D 103 28.64 -2.36 57.57
CA ALA D 103 27.89 -1.16 57.21
C ALA D 103 28.74 0.10 57.37
N SER D 104 29.61 0.13 58.38
CA SER D 104 30.29 1.37 58.76
C SER D 104 31.79 1.18 58.97
N GLY D 105 32.50 2.30 58.93
CA GLY D 105 33.96 2.28 59.01
C GLY D 105 34.51 2.17 60.42
N TYR D 106 33.67 2.39 61.43
CA TYR D 106 34.17 2.35 62.81
C TYR D 106 34.25 0.95 63.35
N ASP D 107 33.19 0.16 63.19
CA ASP D 107 33.14 -1.14 63.84
C ASP D 107 34.44 -1.91 63.61
N PHE D 108 35.18 -1.59 62.56
CA PHE D 108 36.55 -2.06 62.44
C PHE D 108 37.43 -1.40 63.50
N ASN D 109 38.14 -2.24 64.26
CA ASN D 109 39.07 -1.77 65.27
C ASN D 109 40.18 -2.80 65.37
N ASN D 110 40.95 -2.74 66.46
CA ASN D 110 41.97 -3.74 66.76
C ASN D 110 43.18 -3.63 65.84
N TRP D 111 43.38 -2.48 65.20
CA TRP D 111 44.50 -2.34 64.28
C TRP D 111 45.78 -1.98 65.04
N GLY D 112 46.89 -2.53 64.58
CA GLY D 112 48.14 -2.56 65.31
C GLY D 112 49.03 -1.36 65.04
N GLN D 113 50.33 -1.55 65.27
CA GLN D 113 51.28 -0.46 65.07
C GLN D 113 51.31 0.00 63.61
N GLY D 114 51.00 -0.89 62.68
CA GLY D 114 51.02 -0.60 61.27
C GLY D 114 52.39 -0.80 60.66
N THR D 115 52.43 -0.68 59.33
CA THR D 115 53.65 -0.84 58.56
C THR D 115 53.83 0.36 57.64
N GLN D 116 55.08 0.81 57.52
CA GLN D 116 55.41 1.92 56.64
C GLN D 116 55.82 1.38 55.29
N VAL D 117 55.21 1.91 54.23
CA VAL D 117 55.60 1.64 52.85
C VAL D 117 55.95 2.96 52.21
N THR D 118 57.12 3.02 51.58
CA THR D 118 57.57 4.21 50.88
C THR D 118 57.94 3.82 49.46
N VAL D 119 57.38 4.54 48.48
CA VAL D 119 57.65 4.30 47.07
C VAL D 119 58.43 5.50 46.54
N SER D 120 59.66 5.25 46.11
CA SER D 120 60.51 6.30 45.57
C SER D 120 61.30 5.81 44.38
N GLN E 1 -1.90 -11.83 36.98
CA GLN E 1 -0.44 -11.87 36.86
C GLN E 1 0.21 -10.74 37.64
N VAL E 2 -0.62 -9.85 38.20
CA VAL E 2 -0.15 -8.68 38.93
C VAL E 2 -0.75 -8.70 40.33
N GLN E 3 0.11 -8.51 41.33
CA GLN E 3 -0.31 -8.46 42.72
C GLN E 3 0.15 -7.16 43.35
N LEU E 4 -0.70 -6.58 44.19
CA LEU E 4 -0.36 -5.42 45.00
C LEU E 4 -0.61 -5.72 46.46
N VAL E 5 0.37 -5.43 47.31
CA VAL E 5 0.28 -5.65 48.74
C VAL E 5 0.50 -4.33 49.45
N GLU E 6 -0.40 -3.99 50.36
CA GLU E 6 -0.32 -2.76 51.13
C GLU E 6 0.21 -3.05 52.53
N SER E 7 1.05 -2.15 53.03
CA SER E 7 1.59 -2.27 54.38
C SER E 7 2.06 -0.90 54.84
N GLY E 8 2.17 -0.76 56.16
CA GLY E 8 2.62 0.48 56.76
C GLY E 8 1.56 1.22 57.55
N GLY E 9 0.37 0.65 57.72
CA GLY E 9 -0.67 1.29 58.50
C GLY E 9 -0.43 1.15 59.99
N GLY E 10 -1.29 1.80 60.76
CA GLY E 10 -1.20 1.73 62.20
C GLY E 10 -1.99 2.84 62.85
N SER E 11 -1.81 2.96 64.16
CA SER E 11 -2.47 3.97 64.96
C SER E 11 -1.49 5.09 65.28
N VAL E 12 -1.91 6.32 65.03
CA VAL E 12 -1.07 7.50 65.26
C VAL E 12 -1.91 8.59 65.90
N GLN E 13 -1.23 9.53 66.55
CA GLN E 13 -1.88 10.71 67.10
C GLN E 13 -2.16 11.71 65.99
N ALA E 14 -3.12 12.60 66.24
CA ALA E 14 -3.42 13.66 65.29
C ALA E 14 -2.17 14.49 65.04
N GLY E 15 -1.90 14.76 63.77
CA GLY E 15 -0.69 15.45 63.38
C GLY E 15 0.52 14.56 63.18
N GLY E 16 0.38 13.26 63.43
CA GLY E 16 1.46 12.32 63.22
C GLY E 16 1.66 11.99 61.75
N SER E 17 2.61 11.11 61.49
CA SER E 17 2.95 10.73 60.13
C SER E 17 3.02 9.22 60.02
N LEU E 18 2.58 8.72 58.86
CA LEU E 18 2.74 7.32 58.50
C LEU E 18 3.17 7.25 57.04
N ARG E 19 3.76 6.12 56.68
CA ARG E 19 4.31 5.96 55.34
C ARG E 19 3.86 4.59 54.82
N LEU E 20 2.88 4.59 53.91
CA LEU E 20 2.23 3.37 53.43
C LEU E 20 2.88 2.89 52.14
N SER E 21 3.01 1.56 52.03
CA SER E 21 3.72 0.93 50.93
C SER E 21 2.79 0.09 50.08
N CYS E 22 2.96 0.16 48.77
CA CYS E 22 2.28 -0.71 47.82
C CYS E 22 3.35 -1.47 47.04
N ALA E 23 3.62 -2.70 47.45
CA ALA E 23 4.60 -3.55 46.78
C ALA E 23 3.90 -4.34 45.68
N ALA E 24 4.44 -4.26 44.47
CA ALA E 24 3.85 -4.91 43.30
C ALA E 24 4.72 -6.09 42.87
N SER E 25 4.05 -7.16 42.44
CA SER E 25 4.72 -8.35 41.94
C SER E 25 4.03 -8.79 40.67
N GLY E 26 4.71 -9.68 39.93
CA GLY E 26 4.25 -10.08 38.63
C GLY E 26 4.80 -9.17 37.54
N TYR E 27 4.13 -9.21 36.39
CA TYR E 27 4.53 -8.40 35.24
C TYR E 27 3.70 -7.14 35.24
N THR E 28 4.18 -6.14 36.01
CA THR E 28 3.48 -4.89 36.23
C THR E 28 3.75 -3.85 35.15
N ILE E 29 4.52 -4.18 34.13
CA ILE E 29 4.93 -3.20 33.13
C ILE E 29 3.70 -2.53 32.52
N ASN E 30 2.65 -3.30 32.28
CA ASN E 30 1.47 -2.76 31.60
C ASN E 30 0.78 -1.68 32.42
N THR E 31 0.84 -1.77 33.75
CA THR E 31 0.13 -0.83 34.62
C THR E 31 0.99 0.41 34.82
N ASP E 32 0.71 1.46 34.04
CA ASP E 32 1.45 2.71 34.16
C ASP E 32 0.96 3.57 35.31
N ALA E 33 -0.33 3.49 35.63
CA ALA E 33 -0.94 4.35 36.64
C ALA E 33 -1.23 3.57 37.92
N VAL E 34 -0.88 4.16 39.05
CA VAL E 34 -1.14 3.59 40.37
C VAL E 34 -1.82 4.64 41.23
N ALA E 35 -2.82 4.21 41.99
CA ALA E 35 -3.60 5.11 42.84
C ALA E 35 -3.73 4.53 44.23
N TRP E 36 -3.82 5.42 45.21
CA TRP E 36 -4.15 5.06 46.58
C TRP E 36 -5.58 5.51 46.87
N PHE E 37 -6.40 4.58 47.35
CA PHE E 37 -7.75 4.91 47.76
C PHE E 37 -8.01 4.36 49.16
N ARG E 38 -8.98 4.99 49.82
CA ARG E 38 -9.31 4.69 51.21
C ARG E 38 -10.82 4.58 51.35
N GLN E 39 -11.26 3.76 52.30
CA GLN E 39 -12.68 3.62 52.61
C GLN E 39 -12.86 3.49 54.11
N ALA E 40 -13.60 4.43 54.69
CA ALA E 40 -14.10 4.28 56.04
C ALA E 40 -15.31 3.35 56.04
N PRO E 41 -15.69 2.81 57.19
CA PRO E 41 -16.83 1.88 57.22
C PRO E 41 -18.09 2.50 56.61
N GLY E 42 -18.53 3.62 57.18
CA GLY E 42 -19.78 4.21 56.75
C GLY E 42 -19.75 4.75 55.32
N LYS E 43 -18.62 5.31 54.90
CA LYS E 43 -18.57 6.06 53.66
C LYS E 43 -18.14 5.19 52.48
N GLY E 44 -18.17 5.80 51.29
CA GLY E 44 -17.77 5.12 50.09
C GLY E 44 -16.31 5.35 49.72
N ASP E 45 -15.92 4.75 48.60
CA ASP E 45 -14.55 4.81 48.12
C ASP E 45 -14.15 6.23 47.76
N GLU E 46 -12.88 6.57 48.00
CA GLU E 46 -12.29 7.82 47.55
C GLU E 46 -10.83 7.58 47.19
N ARG E 47 -10.36 8.29 46.16
CA ARG E 47 -8.95 8.22 45.75
C ARG E 47 -8.21 9.37 46.41
N VAL E 48 -7.26 9.03 47.30
CA VAL E 48 -6.45 10.07 47.92
C VAL E 48 -5.43 10.63 46.93
N ALA E 49 -4.77 9.75 46.16
CA ALA E 49 -3.74 10.21 45.24
C ALA E 49 -3.56 9.18 44.14
N VAL E 50 -2.99 9.63 43.02
CA VAL E 50 -2.64 8.76 41.89
C VAL E 50 -1.34 9.28 41.30
N ILE E 51 -0.60 8.38 40.65
CA ILE E 51 0.68 8.72 40.04
C ILE E 51 0.79 8.01 38.69
N TYR E 52 1.45 8.68 37.75
CA TYR E 52 1.80 8.08 36.47
C TYR E 52 3.26 7.66 36.52
N THR E 53 3.51 6.35 36.46
CA THR E 53 4.86 5.84 36.65
C THR E 53 5.81 6.37 35.58
N GLY E 54 5.38 6.37 34.33
CA GLY E 54 6.26 6.83 33.26
C GLY E 54 6.48 8.33 33.29
N SER E 55 5.41 9.10 33.35
CA SER E 55 5.51 10.56 33.26
C SER E 55 5.97 11.17 34.58
N GLY E 56 5.42 10.69 35.69
CA GLY E 56 5.65 11.31 36.99
C GLY E 56 4.56 12.27 37.42
N ASN E 57 3.55 12.50 36.59
CA ASN E 57 2.44 13.36 36.98
C ASN E 57 1.67 12.75 38.15
N THR E 58 1.13 13.62 38.99
CA THR E 58 0.42 13.19 40.19
C THR E 58 -0.87 13.99 40.34
N ASN E 59 -1.83 13.37 41.02
CA ASN E 59 -3.09 14.00 41.39
C ASN E 59 -3.37 13.71 42.85
N TYR E 60 -4.00 14.68 43.52
CA TYR E 60 -4.29 14.56 44.94
C TYR E 60 -5.69 15.06 45.23
N ALA E 61 -6.34 14.39 46.19
CA ALA E 61 -7.58 14.89 46.73
C ALA E 61 -7.34 16.23 47.42
N ASP E 62 -8.31 17.13 47.29
CA ASP E 62 -8.15 18.47 47.85
C ASP E 62 -7.85 18.41 49.34
N SER E 63 -8.46 17.47 50.05
CA SER E 63 -8.22 17.36 51.49
C SER E 63 -6.76 17.01 51.79
N VAL E 64 -6.19 16.09 51.01
CA VAL E 64 -4.86 15.57 51.32
C VAL E 64 -3.73 16.44 50.80
N LYS E 65 -4.02 17.39 49.92
CA LYS E 65 -2.96 18.20 49.32
C LYS E 65 -2.17 18.92 50.40
N GLY E 66 -0.84 18.82 50.31
CA GLY E 66 0.04 19.41 51.30
C GLY E 66 0.51 18.42 52.33
N ARG E 67 -0.36 17.51 52.76
CA ARG E 67 -0.01 16.57 53.81
C ARG E 67 0.45 15.22 53.25
N PHE E 68 -0.07 14.82 52.10
CA PHE E 68 0.23 13.52 51.51
C PHE E 68 1.15 13.69 50.31
N THR E 69 2.12 12.78 50.16
CA THR E 69 2.99 12.77 48.99
C THR E 69 3.12 11.34 48.49
N ILE E 70 2.95 11.17 47.18
CA ILE E 70 3.04 9.88 46.52
C ILE E 70 4.37 9.80 45.78
N SER E 71 5.07 8.68 45.95
CA SER E 71 6.36 8.47 45.31
C SER E 71 6.46 7.00 44.91
N GLN E 72 7.44 6.72 44.07
CA GLN E 72 7.67 5.35 43.60
C GLN E 72 9.15 5.05 43.65
N ASP E 73 9.46 3.77 43.88
CA ASP E 73 10.84 3.26 43.85
C ASP E 73 10.85 2.12 42.84
N ASN E 74 11.42 2.37 41.66
CA ASN E 74 11.39 1.37 40.59
C ASN E 74 12.13 0.10 40.99
N ALA E 75 13.28 0.24 41.65
CA ALA E 75 14.02 -0.95 42.08
C ALA E 75 13.19 -1.78 43.05
N LYS E 76 12.51 -1.12 43.99
CA LYS E 76 11.63 -1.83 44.91
C LYS E 76 10.35 -2.31 44.23
N ASN E 77 10.01 -1.75 43.06
CA ASN E 77 8.72 -2.00 42.43
C ASN E 77 7.58 -1.66 43.38
N THR E 78 7.75 -0.56 44.11
CA THR E 78 6.80 -0.15 45.14
C THR E 78 6.40 1.30 44.93
N VAL E 79 5.14 1.59 45.24
CA VAL E 79 4.63 2.95 45.27
C VAL E 79 4.35 3.31 46.72
N TYR E 80 4.81 4.49 47.13
CA TYR E 80 4.72 4.87 48.52
C TYR E 80 3.79 6.07 48.68
N LEU E 81 3.01 6.05 49.76
CA LEU E 81 2.18 7.19 50.16
C LEU E 81 2.72 7.70 51.48
N GLN E 82 3.12 8.96 51.52
CA GLN E 82 3.59 9.59 52.75
C GLN E 82 2.48 10.46 53.32
N MET E 83 2.04 10.13 54.54
CA MET E 83 0.99 10.87 55.22
C MET E 83 1.61 11.68 56.35
N ASN E 84 1.58 13.01 56.21
CA ASN E 84 2.00 13.92 57.24
C ASN E 84 0.80 14.73 57.72
N SER E 85 0.89 15.21 58.96
CA SER E 85 -0.19 15.98 59.56
C SER E 85 -1.51 15.21 59.49
N LEU E 86 -1.45 13.95 59.92
CA LEU E 86 -2.63 13.09 59.86
C LEU E 86 -3.76 13.67 60.69
N LYS E 87 -4.98 13.49 60.20
CA LYS E 87 -6.19 14.01 60.80
C LYS E 87 -7.16 12.89 61.08
N PRO E 88 -8.10 13.09 62.01
CA PRO E 88 -9.07 12.02 62.30
C PRO E 88 -9.88 11.62 61.09
N GLU E 89 -10.13 12.55 60.16
CA GLU E 89 -10.84 12.20 58.93
C GLU E 89 -10.07 11.17 58.11
N ASP E 90 -8.76 11.08 58.30
CA ASP E 90 -7.94 10.15 57.53
C ASP E 90 -8.19 8.69 57.91
N THR E 91 -8.83 8.44 59.06
CA THR E 91 -9.00 7.08 59.54
C THR E 91 -9.84 6.25 58.58
N ALA E 92 -9.21 5.24 58.00
CA ALA E 92 -9.93 4.25 57.18
C ALA E 92 -8.96 3.21 56.64
N LEU E 93 -9.48 2.19 55.96
CA LEU E 93 -8.64 1.21 55.29
C LEU E 93 -8.09 1.78 53.99
N TYR E 94 -6.80 1.54 53.75
CA TYR E 94 -6.11 2.09 52.59
C TYR E 94 -5.63 0.96 51.69
N TYR E 95 -5.81 1.15 50.38
CA TYR E 95 -5.44 0.17 49.38
C TYR E 95 -4.88 0.88 48.17
N CYS E 96 -4.09 0.15 47.38
CA CYS E 96 -3.51 0.67 46.16
C CYS E 96 -4.05 -0.11 44.96
N ALA E 97 -4.42 0.62 43.92
CA ALA E 97 -4.95 0.02 42.70
C ALA E 97 -4.09 0.45 41.53
N SER E 98 -4.22 -0.29 40.43
CA SER E 98 -3.33 -0.11 39.29
C SER E 98 -4.09 -0.37 37.99
N GLY E 99 -3.73 0.38 36.96
CA GLY E 99 -4.39 0.24 35.67
C GLY E 99 -3.52 0.71 34.52
N TYR E 100 -3.86 0.22 33.33
CA TYR E 100 -3.12 0.61 32.12
C TYR E 100 -3.29 2.08 31.81
N TYR E 101 -4.50 2.60 31.96
CA TYR E 101 -4.85 3.94 31.50
C TYR E 101 -5.62 4.68 32.60
N GLY E 102 -5.60 6.00 32.50
CA GLY E 102 -6.07 6.83 33.62
C GLY E 102 -7.44 7.46 33.44
N ALA E 103 -8.15 7.14 32.35
CA ALA E 103 -9.42 7.82 32.10
C ALA E 103 -10.45 7.51 33.18
N SER E 104 -10.43 6.28 33.72
CA SER E 104 -11.51 5.82 34.58
C SER E 104 -11.01 5.15 35.84
N GLY E 105 -11.91 5.07 36.83
CA GLY E 105 -11.55 4.54 38.13
C GLY E 105 -11.55 3.02 38.22
N TYR E 106 -12.14 2.34 37.24
CA TYR E 106 -12.20 0.88 37.31
C TYR E 106 -10.93 0.22 36.86
N ASP E 107 -10.39 0.64 35.70
CA ASP E 107 -9.28 -0.09 35.12
C ASP E 107 -8.19 -0.34 36.16
N PHE E 108 -8.15 0.47 37.23
CA PHE E 108 -7.36 0.12 38.40
C PHE E 108 -7.94 -1.10 39.09
N ASN E 109 -7.10 -2.11 39.30
CA ASN E 109 -7.49 -3.32 40.01
C ASN E 109 -6.26 -3.84 40.73
N ASN E 110 -6.32 -5.10 41.16
CA ASN E 110 -5.17 -5.78 41.74
C ASN E 110 -4.84 -5.28 43.14
N TRP E 111 -5.78 -4.64 43.81
CA TRP E 111 -5.50 -4.10 45.13
C TRP E 111 -5.67 -5.18 46.20
N GLY E 112 -4.80 -5.13 47.20
CA GLY E 112 -4.59 -6.21 48.14
C GLY E 112 -5.48 -6.13 49.37
N GLN E 113 -5.03 -6.76 50.46
CA GLN E 113 -5.81 -6.76 51.69
C GLN E 113 -6.01 -5.35 52.23
N GLY E 114 -5.07 -4.45 51.95
CA GLY E 114 -5.12 -3.10 52.44
C GLY E 114 -4.50 -2.95 53.82
N THR E 115 -4.38 -1.70 54.25
CA THR E 115 -3.80 -1.35 55.54
C THR E 115 -4.75 -0.44 56.29
N GLN E 116 -4.88 -0.68 57.59
CA GLN E 116 -5.71 0.16 58.45
C GLN E 116 -4.87 1.28 59.05
N VAL E 117 -5.35 2.51 58.93
CA VAL E 117 -4.77 3.66 59.59
C VAL E 117 -5.84 4.29 60.45
N THR E 118 -5.52 4.53 61.72
CA THR E 118 -6.44 5.16 62.65
C THR E 118 -5.74 6.36 63.27
N VAL E 119 -6.40 7.52 63.22
CA VAL E 119 -5.88 8.75 63.79
C VAL E 119 -6.75 9.12 64.98
N SER E 120 -6.15 9.13 66.16
CA SER E 120 -6.87 9.46 67.39
C SER E 120 -5.99 10.31 68.30
#